data_5JMN
#
_entry.id   5JMN
#
_cell.length_a   145.654
_cell.length_b   163.248
_cell.length_c   246.042
_cell.angle_alpha   90.00
_cell.angle_beta   90.00
_cell.angle_gamma   90.00
#
_symmetry.space_group_name_H-M   'P 21 21 21'
#
loop_
_entity.id
_entity.type
_entity.pdbx_description
1 polymer 'Multidrug efflux pump subunit AcrB'
2 polymer DARPin
3 non-polymer 'FUSIDIC ACID'
4 non-polymer DODECYL-BETA-D-MALTOSIDE
5 non-polymer 'SULFATE ION'
6 non-polymer GLYCEROL
7 non-polymer 2-{2-[2-2-(METHOXY-ETHOXY)-ETHOXY]-ETHOXY}-ETHANOL
8 non-polymer HEXANE
9 non-polymer PHOSPHATIDYLETHANOLAMINE
10 non-polymer DODECANE
11 non-polymer N-OCTANE
12 non-polymer 3,6,9,12,15-PENTAOXAHEPTADECANE
13 non-polymer DECANE
14 water water
#
loop_
_entity_poly.entity_id
_entity_poly.type
_entity_poly.pdbx_seq_one_letter_code
_entity_poly.pdbx_strand_id
1 'polypeptide(L)'
;MPNFFIDRPIFAWVIAIIIMLAGGLAILKLPVAQYPTIAPPAVTISASYPGADAKTVQDTVTQVIEQNMNGIDNLMYMSS
NSDSTGTVQITLTFESGTDADIAQVQVQNKLQLAMPLLPQEVQQQGVSVEKSSSSFLMVVGVINTDGTMTQEDISDYVAA
NMKDAISRTSGVGDVQLFGSQYAMRIWMNPNELNKFQLTPVDVITAIKAQNAQVAAGQLGGTPPVKGQQLNASIIAQTRL
TSTEEFGKILLKVNQDGSRVLLRDVAKIELGGENYDIIAEFNGQPASGLGIKLATGANALDTAAAIRAELAKMEPFFPSG
LKIVYPYDTTPFVKISIHEVVKTLVEAIILVFLVMYLFLQNFRATLIPTIAVPVVLLGTFAVLAAFGFSINTLTMFGMVL
AIGLLVDDAIVVVENVERVMAEEGLPPKEATRKSMGQIQGALVGIAMVLSAVFVPMAFFGGSTGAIYRQFSITIVSAMAL
SVLVALILTPALCATMLKPIAKGDHGEGKKGFFGWFNRMFEKSTHHYTDSVGGILRSTGRYLVLYLIIVVGMAYLFVRLP
SSFLPDEDQGVFMTMVQLPAGATQERTQKVLNEVTHYYLTKEKNNVESVFAVNGFGFAGRGQNTGIAFVSLKDWADRPGE
ENKVEAITMRATRAFSQIKDAMVFAFNLPAIVELGTATGFDFELIDQAGLGHEKLTQARNQLLAEAAKHPDMLTSVRPNG
LEDTPQFKIDIDQEKAQALGVSINDINTTLGAAWGGSYVNDFIDRGRVKKVYVMSEAKYRMLPDDIGDWYVRAADGQMVP
FSAFSSSRWEYGSPRLERYNGLPSMEILGQAAPGKSTGEAMELMEQLASKLPTGVGYDWTGMSYQERLSGNQAPSLYAIS
LIVVFLCLAALYESWSIPFSVMLVVPLGVIGALLAATFRGLTNDVYFQVGLLTTIGLSAKNAILIVEFAKDLMDKEGKGL
IEATLDAVRMRLRPILMTSLAFILGVMPLVISTGAGSGAQNAVGTGVMGGMVTATVLAIFFVPVFFVVVRRRFSRKNEDI
EHSHTVDHHLEHHHHHH
;
A,B,C
2 'polypeptide(L)'
;MRGSHHHHHHGSDLGKKLLEAARAGRDDEVRILMANGADVNAADVVGWTPLHLAAYWGHLEIVEVLLKNGADVNAYDTLG
STPLHLAAHFGHLEIVEVLLKNGADVNAKDDNGITPLHLAANRGHLEIVEVLLKYGADVNAQDKFGKTAFDISINNGNED
LAEILQKLN
;
D,E
#
# COMPACT_ATOMS: atom_id res chain seq x y z
N MET A 1 -39.02 -17.35 -22.16
CA MET A 1 -39.09 -17.30 -20.66
C MET A 1 -40.51 -17.08 -20.09
N PRO A 2 -41.28 -16.11 -20.62
CA PRO A 2 -42.64 -15.88 -20.08
C PRO A 2 -43.49 -17.14 -19.98
N ASN A 3 -43.59 -17.91 -21.05
CA ASN A 3 -44.38 -19.15 -21.08
C ASN A 3 -43.96 -20.20 -20.02
N PHE A 4 -42.67 -20.22 -19.68
CA PHE A 4 -42.17 -21.08 -18.61
C PHE A 4 -42.71 -20.65 -17.25
N PHE A 5 -42.61 -19.36 -16.96
CA PHE A 5 -43.01 -18.80 -15.66
C PHE A 5 -44.52 -18.55 -15.48
N ILE A 6 -45.30 -18.64 -16.56
CA ILE A 6 -46.77 -18.65 -16.46
C ILE A 6 -47.20 -19.94 -15.73
N ASP A 7 -46.69 -21.07 -16.20
CA ASP A 7 -47.00 -22.38 -15.60
C ASP A 7 -46.35 -22.59 -14.23
N ARG A 8 -45.28 -21.84 -13.93
CA ARG A 8 -44.62 -21.89 -12.63
C ARG A 8 -44.60 -20.50 -11.95
N PRO A 9 -45.71 -20.11 -11.31
CA PRO A 9 -45.73 -18.84 -10.55
C PRO A 9 -44.78 -18.78 -9.36
N ILE A 10 -44.63 -19.89 -8.64
CA ILE A 10 -43.78 -19.95 -7.45
C ILE A 10 -42.29 -19.79 -7.79
N PHE A 11 -41.85 -20.42 -8.88
CA PHE A 11 -40.48 -20.24 -9.40
C PHE A 11 -40.22 -18.74 -9.62
N ALA A 12 -41.14 -18.08 -10.32
CA ALA A 12 -41.04 -16.64 -10.60
C ALA A 12 -40.92 -15.81 -9.32
N TRP A 13 -41.78 -16.12 -8.35
CA TRP A 13 -41.73 -15.47 -7.02
C TRP A 13 -40.39 -15.68 -6.31
N VAL A 14 -39.86 -16.90 -6.38
CA VAL A 14 -38.58 -17.24 -5.77
C VAL A 14 -37.45 -16.36 -6.32
N ILE A 15 -37.41 -16.24 -7.66
CA ILE A 15 -36.42 -15.38 -8.31
C ILE A 15 -36.57 -13.94 -7.84
N ALA A 16 -37.80 -13.44 -7.80
CA ALA A 16 -38.08 -12.09 -7.32
C ALA A 16 -37.67 -11.90 -5.86
N ILE A 17 -37.90 -12.92 -5.03
CA ILE A 17 -37.53 -12.86 -3.61
C ILE A 17 -36.01 -12.88 -3.42
N ILE A 18 -35.32 -13.81 -4.09
CA ILE A 18 -33.86 -13.94 -3.98
C ILE A 18 -33.14 -12.66 -4.45
N ILE A 19 -33.69 -11.99 -5.47
CA ILE A 19 -33.19 -10.68 -5.90
C ILE A 19 -33.33 -9.66 -4.76
N MET A 20 -34.51 -9.61 -4.16
CA MET A 20 -34.78 -8.70 -3.03
C MET A 20 -33.93 -9.03 -1.81
N LEU A 21 -33.74 -10.33 -1.57
CA LEU A 21 -32.92 -10.79 -0.46
C LEU A 21 -31.45 -10.38 -0.67
N ALA A 22 -30.97 -10.52 -1.90
CA ALA A 22 -29.62 -10.08 -2.28
C ALA A 22 -29.49 -8.56 -2.19
N GLY A 23 -30.50 -7.86 -2.70
CA GLY A 23 -30.58 -6.40 -2.62
C GLY A 23 -30.55 -5.88 -1.20
N GLY A 24 -31.35 -6.50 -0.33
CA GLY A 24 -31.44 -6.12 1.07
C GLY A 24 -30.12 -6.24 1.81
N LEU A 25 -29.46 -7.38 1.66
CA LEU A 25 -28.17 -7.63 2.31
C LEU A 25 -27.02 -6.82 1.67
N ALA A 26 -27.20 -6.37 0.44
CA ALA A 26 -26.29 -5.39 -0.17
C ALA A 26 -26.42 -4.03 0.52
N ILE A 27 -27.66 -3.60 0.76
CA ILE A 27 -27.93 -2.31 1.42
C ILE A 27 -27.32 -2.23 2.83
N LEU A 28 -27.26 -3.35 3.55
CA LEU A 28 -26.67 -3.38 4.89
C LEU A 28 -25.16 -3.13 4.89
N LYS A 29 -24.47 -3.74 3.94
CA LYS A 29 -23.00 -3.74 3.91
C LYS A 29 -22.39 -2.82 2.84
N LEU A 30 -23.22 -2.06 2.11
CA LEU A 30 -22.73 -1.11 1.11
C LEU A 30 -22.21 0.17 1.78
N PRO A 31 -21.08 0.73 1.28
CA PRO A 31 -20.66 2.06 1.75
C PRO A 31 -21.66 3.16 1.40
N VAL A 32 -21.84 4.10 2.32
CA VAL A 32 -22.68 5.28 2.10
C VAL A 32 -21.80 6.52 2.13
N ALA A 33 -22.05 7.44 1.20
CA ALA A 33 -21.30 8.68 1.08
C ALA A 33 -22.15 9.72 0.35
N GLN A 34 -21.70 10.98 0.35
CA GLN A 34 -22.41 12.05 -0.35
C GLN A 34 -22.22 11.92 -1.86
N TYR A 35 -20.95 11.76 -2.27
CA TYR A 35 -20.57 11.57 -3.66
C TYR A 35 -19.44 10.55 -3.74
N PRO A 36 -19.09 10.08 -4.96
CA PRO A 36 -17.83 9.34 -5.10
C PRO A 36 -16.63 10.27 -4.93
N THR A 37 -15.52 9.76 -4.40
CA THR A 37 -14.31 10.57 -4.20
C THR A 37 -13.63 10.83 -5.54
N ILE A 38 -13.73 12.08 -6.00
CA ILE A 38 -13.06 12.56 -7.22
C ILE A 38 -11.82 13.41 -6.93
N ALA A 39 -11.62 13.75 -5.66
CA ALA A 39 -10.52 14.63 -5.25
C ALA A 39 -9.17 13.94 -5.42
N PRO A 40 -8.17 14.65 -5.96
CA PRO A 40 -6.85 14.04 -6.11
C PRO A 40 -6.19 13.79 -4.75
N PRO A 41 -5.55 12.62 -4.55
CA PRO A 41 -4.83 12.36 -3.32
C PRO A 41 -3.73 13.38 -3.05
N ALA A 42 -3.58 13.76 -1.79
CA ALA A 42 -2.56 14.72 -1.38
C ALA A 42 -1.81 14.21 -0.15
N VAL A 43 -0.49 14.06 -0.28
CA VAL A 43 0.38 13.70 0.84
C VAL A 43 1.03 14.98 1.36
N THR A 44 1.02 15.17 2.68
CA THR A 44 1.55 16.39 3.30
C THR A 44 2.69 16.06 4.25
N ILE A 45 3.83 16.74 4.07
CA ILE A 45 4.96 16.67 4.99
C ILE A 45 4.92 17.89 5.88
N SER A 46 4.75 17.69 7.19
CA SER A 46 4.78 18.78 8.18
C SER A 46 6.01 18.67 9.06
N ALA A 47 6.66 19.80 9.29
CA ALA A 47 7.80 19.90 10.21
C ALA A 47 7.73 21.20 11.00
N SER A 48 8.58 21.30 12.02
CA SER A 48 8.50 22.38 13.00
C SER A 48 9.88 22.69 13.59
N TYR A 49 10.29 23.96 13.49
CA TYR A 49 11.58 24.45 13.97
C TYR A 49 11.29 25.55 15.02
N PRO A 50 11.39 25.22 16.33
CA PRO A 50 11.07 26.18 17.40
C PRO A 50 11.87 27.48 17.35
N GLY A 51 11.17 28.61 17.31
CA GLY A 51 11.81 29.94 17.32
C GLY A 51 12.55 30.33 16.04
N ALA A 52 12.27 29.63 14.94
CA ALA A 52 12.89 29.93 13.65
C ALA A 52 11.99 30.84 12.84
N ASP A 53 12.61 31.77 12.11
CA ASP A 53 11.89 32.66 11.18
C ASP A 53 11.62 31.92 9.88
N ALA A 54 10.72 32.49 9.06
CA ALA A 54 10.30 31.88 7.80
C ALA A 54 11.46 31.47 6.89
N LYS A 55 12.47 32.31 6.79
CA LYS A 55 13.61 32.05 5.90
C LYS A 55 14.53 30.95 6.43
N THR A 56 14.88 31.02 7.72
CA THR A 56 15.64 29.94 8.39
C THR A 56 14.98 28.60 8.18
N VAL A 57 13.64 28.58 8.26
CA VAL A 57 12.85 27.39 8.04
C VAL A 57 12.96 26.90 6.59
N GLN A 58 12.78 27.81 5.64
CA GLN A 58 12.89 27.50 4.21
C GLN A 58 14.25 26.94 3.83
N ASP A 59 15.31 27.61 4.28
CA ASP A 59 16.66 27.32 3.81
C ASP A 59 17.36 26.19 4.56
N THR A 60 16.85 25.78 5.73
CA THR A 60 17.39 24.61 6.46
C THR A 60 16.48 23.39 6.43
N VAL A 61 15.22 23.54 6.02
CA VAL A 61 14.26 22.42 6.01
C VAL A 61 13.57 22.26 4.66
N THR A 62 12.74 23.24 4.30
CA THR A 62 11.86 23.13 3.13
C THR A 62 12.60 22.79 1.82
N GLN A 63 13.69 23.50 1.57
CA GLN A 63 14.49 23.29 0.35
C GLN A 63 15.17 21.93 0.37
N VAL A 64 15.76 21.58 1.51
CA VAL A 64 16.44 20.28 1.68
C VAL A 64 15.45 19.12 1.42
N ILE A 65 14.23 19.23 1.94
CA ILE A 65 13.19 18.23 1.71
C ILE A 65 12.77 18.22 0.23
N GLU A 66 12.48 19.38 -0.33
CA GLU A 66 12.04 19.51 -1.73
C GLU A 66 13.05 18.94 -2.73
N GLN A 67 14.33 19.20 -2.50
CA GLN A 67 15.39 18.71 -3.39
C GLN A 67 15.48 17.18 -3.42
N ASN A 68 15.12 16.53 -2.31
CA ASN A 68 15.06 15.06 -2.26
C ASN A 68 13.78 14.45 -2.85
N MET A 69 12.72 15.25 -3.00
CA MET A 69 11.48 14.78 -3.63
C MET A 69 11.68 14.57 -5.13
N ASN A 70 11.95 13.34 -5.51
CA ASN A 70 12.10 12.96 -6.93
C ASN A 70 11.81 11.48 -7.17
N GLY A 71 11.47 11.14 -8.41
CA GLY A 71 11.09 9.78 -8.76
C GLY A 71 9.89 9.31 -7.94
N ILE A 72 8.85 10.14 -7.96
CA ILE A 72 7.62 9.86 -7.24
C ILE A 72 6.52 9.77 -8.28
N ASP A 73 5.88 8.61 -8.35
CA ASP A 73 4.93 8.32 -9.42
C ASP A 73 3.68 9.18 -9.31
N ASN A 74 3.10 9.48 -10.46
CA ASN A 74 1.80 10.15 -10.55
C ASN A 74 1.71 11.53 -9.87
N LEU A 75 2.85 12.20 -9.70
CA LEU A 75 2.89 13.50 -9.03
C LEU A 75 2.48 14.58 -10.03
N MET A 76 1.41 15.33 -9.72
CA MET A 76 0.95 16.45 -10.56
C MET A 76 1.74 17.71 -10.23
N TYR A 77 1.79 18.04 -8.94
CA TYR A 77 2.56 19.21 -8.47
C TYR A 77 2.87 19.14 -6.97
N MET A 78 3.79 20.02 -6.57
CA MET A 78 4.27 20.18 -5.19
C MET A 78 4.21 21.65 -4.81
N SER A 79 3.66 21.96 -3.63
CA SER A 79 3.67 23.32 -3.07
C SER A 79 4.13 23.30 -1.62
N SER A 80 4.66 24.43 -1.13
CA SER A 80 5.07 24.52 0.26
C SER A 80 4.99 25.94 0.85
N ASN A 81 4.72 26.01 2.15
CA ASN A 81 4.78 27.25 2.93
C ASN A 81 5.81 27.10 4.03
N SER A 82 6.71 28.08 4.14
CA SER A 82 7.68 28.15 5.22
C SER A 82 7.36 29.42 5.99
N ASP A 83 6.76 29.30 7.18
CA ASP A 83 6.30 30.48 7.93
C ASP A 83 7.14 30.79 9.18
N SER A 84 6.93 32.00 9.72
CA SER A 84 7.72 32.51 10.86
C SER A 84 7.28 31.99 12.23
N THR A 85 6.22 31.18 12.26
CA THR A 85 5.91 30.40 13.47
C THR A 85 6.81 29.15 13.61
N GLY A 86 7.74 28.95 12.67
CA GLY A 86 8.67 27.84 12.69
C GLY A 86 8.22 26.62 11.91
N THR A 87 7.16 26.76 11.11
CA THR A 87 6.47 25.62 10.52
C THR A 87 6.72 25.50 9.01
N VAL A 88 6.99 24.27 8.57
CA VAL A 88 6.97 23.93 7.15
C VAL A 88 5.73 23.09 6.89
N GLN A 89 5.21 23.20 5.68
CA GLN A 89 4.16 22.31 5.23
C GLN A 89 4.30 22.13 3.73
N ILE A 90 4.79 20.96 3.31
CA ILE A 90 4.96 20.61 1.89
C ILE A 90 3.87 19.64 1.47
N THR A 91 3.04 20.06 0.52
CA THR A 91 1.96 19.25 -0.02
C THR A 91 2.34 18.70 -1.41
N LEU A 92 2.19 17.39 -1.60
CA LEU A 92 2.40 16.77 -2.92
C LEU A 92 1.06 16.22 -3.42
N THR A 93 0.58 16.75 -4.55
CA THR A 93 -0.72 16.38 -5.10
C THR A 93 -0.55 15.39 -6.27
N PHE A 94 -1.34 14.32 -6.24
CA PHE A 94 -1.17 13.17 -7.14
C PHE A 94 -2.33 13.05 -8.12
N GLU A 95 -2.12 12.29 -9.21
CA GLU A 95 -3.17 12.01 -10.19
C GLU A 95 -4.33 11.26 -9.55
N SER A 96 -5.54 11.45 -10.08
CA SER A 96 -6.72 10.70 -9.63
C SER A 96 -6.53 9.21 -9.91
N GLY A 97 -6.94 8.39 -8.94
CA GLY A 97 -6.73 6.95 -9.00
C GLY A 97 -5.40 6.47 -8.44
N THR A 98 -4.57 7.38 -7.92
CA THR A 98 -3.31 6.99 -7.29
C THR A 98 -3.60 6.30 -5.95
N ASP A 99 -2.91 5.20 -5.71
CA ASP A 99 -2.94 4.53 -4.42
C ASP A 99 -2.22 5.44 -3.42
N ALA A 100 -2.96 5.97 -2.45
CA ALA A 100 -2.39 6.87 -1.44
C ALA A 100 -1.38 6.19 -0.51
N ASP A 101 -1.59 4.89 -0.22
CA ASP A 101 -0.62 4.11 0.57
C ASP A 101 0.76 4.08 -0.07
N ILE A 102 0.78 3.95 -1.40
CA ILE A 102 2.04 3.94 -2.15
C ILE A 102 2.62 5.35 -2.24
N ALA A 103 1.76 6.35 -2.48
CA ALA A 103 2.18 7.75 -2.50
C ALA A 103 2.89 8.16 -1.21
N GLN A 104 2.33 7.77 -0.07
CA GLN A 104 2.93 8.03 1.24
C GLN A 104 4.27 7.31 1.40
N VAL A 105 4.33 6.04 0.97
CA VAL A 105 5.56 5.24 1.04
C VAL A 105 6.68 5.88 0.21
N GLN A 106 6.39 6.22 -1.04
CA GLN A 106 7.40 6.79 -1.95
C GLN A 106 7.88 8.15 -1.48
N VAL A 107 6.95 9.00 -1.04
CA VAL A 107 7.27 10.31 -0.48
C VAL A 107 8.15 10.15 0.77
N GLN A 108 7.76 9.25 1.66
CA GLN A 108 8.50 9.05 2.90
C GLN A 108 9.85 8.37 2.71
N ASN A 109 9.99 7.53 1.68
CA ASN A 109 11.29 6.96 1.31
C ASN A 109 12.31 8.05 0.97
N LYS A 110 11.83 9.10 0.29
CA LYS A 110 12.67 10.23 -0.09
C LYS A 110 12.91 11.18 1.08
N LEU A 111 11.90 11.44 1.89
CA LEU A 111 12.05 12.26 3.09
C LEU A 111 13.11 11.72 4.03
N GLN A 112 13.20 10.39 4.11
CA GLN A 112 14.19 9.72 4.96
C GLN A 112 15.63 10.02 4.56
N LEU A 113 15.87 10.27 3.27
CA LEU A 113 17.18 10.70 2.79
C LEU A 113 17.49 12.12 3.25
N ALA A 114 16.47 12.97 3.31
CA ALA A 114 16.61 14.34 3.82
C ALA A 114 16.76 14.43 5.35
N MET A 115 16.12 13.51 6.09
CA MET A 115 16.05 13.60 7.55
C MET A 115 17.39 13.89 8.28
N PRO A 116 18.46 13.11 7.98
CA PRO A 116 19.74 13.36 8.64
C PRO A 116 20.35 14.75 8.37
N LEU A 117 20.02 15.32 7.21
CA LEU A 117 20.50 16.64 6.83
C LEU A 117 19.77 17.76 7.56
N LEU A 118 18.59 17.47 8.09
CA LEU A 118 17.80 18.48 8.81
C LEU A 118 18.41 18.79 10.18
N PRO A 119 18.07 19.97 10.75
CA PRO A 119 18.57 20.29 12.09
C PRO A 119 18.03 19.34 13.17
N GLN A 120 18.85 19.08 14.18
CA GLN A 120 18.50 18.20 15.30
C GLN A 120 17.16 18.59 15.95
N GLU A 121 16.94 19.90 16.08
CA GLU A 121 15.73 20.44 16.69
C GLU A 121 14.47 20.15 15.88
N VAL A 122 14.59 20.07 14.55
CA VAL A 122 13.46 19.76 13.68
C VAL A 122 13.10 18.27 13.77
N GLN A 123 14.13 17.43 13.82
CA GLN A 123 13.95 15.99 13.98
C GLN A 123 13.28 15.65 15.30
N GLN A 124 13.69 16.34 16.36
CA GLN A 124 13.13 16.13 17.70
C GLN A 124 11.68 16.63 17.88
N GLN A 125 11.25 17.61 17.11
CA GLN A 125 9.83 17.99 17.11
C GLN A 125 8.93 16.94 16.43
N GLY A 126 9.52 16.05 15.63
CA GLY A 126 8.78 15.02 14.93
C GLY A 126 8.28 15.59 13.61
N VAL A 127 8.82 15.05 12.52
CA VAL A 127 8.33 15.33 11.18
C VAL A 127 7.24 14.30 10.93
N SER A 128 6.21 14.68 10.18
CA SER A 128 5.08 13.79 9.91
C SER A 128 4.69 13.79 8.43
N VAL A 129 4.38 12.60 7.92
CA VAL A 129 3.87 12.41 6.57
C VAL A 129 2.43 11.93 6.69
N GLU A 130 1.51 12.66 6.07
CA GLU A 130 0.08 12.39 6.22
C GLU A 130 -0.62 12.34 4.87
N LYS A 131 -1.63 11.47 4.77
CA LYS A 131 -2.46 11.35 3.58
C LYS A 131 -3.88 11.62 4.01
N SER A 132 -4.30 12.87 3.90
CA SER A 132 -5.63 13.29 4.32
C SER A 132 -6.21 14.35 3.39
N SER A 133 -7.51 14.52 3.48
CA SER A 133 -8.20 15.62 2.84
C SER A 133 -7.77 16.93 3.52
N SER A 134 -7.83 18.03 2.77
CA SER A 134 -7.49 19.35 3.30
C SER A 134 -8.56 19.88 4.28
N SER A 135 -9.84 19.60 3.99
CA SER A 135 -10.95 20.08 4.80
C SER A 135 -11.24 19.20 6.02
N PHE A 136 -11.79 19.83 7.06
CA PHE A 136 -12.16 19.11 8.29
C PHE A 136 -13.42 18.26 8.09
N LEU A 137 -13.32 16.99 8.48
CA LEU A 137 -14.48 16.08 8.56
C LEU A 137 -15.41 16.53 9.68
N MET A 138 -14.84 16.76 10.87
CA MET A 138 -15.59 17.24 12.04
C MET A 138 -14.67 17.96 13.02
N VAL A 139 -15.28 18.73 13.90
CA VAL A 139 -14.60 19.27 15.07
C VAL A 139 -15.28 18.67 16.30
N VAL A 140 -14.51 17.95 17.12
CA VAL A 140 -14.97 17.46 18.41
C VAL A 140 -14.57 18.50 19.45
N GLY A 141 -15.54 19.25 19.95
CA GLY A 141 -15.29 20.22 21.00
C GLY A 141 -15.30 19.58 22.36
N VAL A 142 -14.62 20.20 23.32
CA VAL A 142 -14.60 19.74 24.71
C VAL A 142 -14.68 20.96 25.63
N ILE A 143 -15.70 21.00 26.48
CA ILE A 143 -15.89 22.08 27.45
C ILE A 143 -16.03 21.50 28.86
N ASN A 144 -16.01 22.40 29.85
CA ASN A 144 -16.30 22.05 31.23
C ASN A 144 -17.54 22.83 31.71
N THR A 145 -18.68 22.13 31.82
CA THR A 145 -19.97 22.77 32.14
C THR A 145 -20.08 23.35 33.56
N ASP A 146 -19.24 22.87 34.47
CA ASP A 146 -19.18 23.41 35.83
C ASP A 146 -18.02 24.41 36.03
N GLY A 147 -17.44 24.91 34.93
CA GLY A 147 -16.35 25.90 34.98
C GLY A 147 -15.12 25.56 35.83
N THR A 148 -14.90 24.26 36.07
CA THR A 148 -13.91 23.79 37.03
C THR A 148 -12.49 23.67 36.44
N MET A 149 -12.40 23.64 35.11
CA MET A 149 -11.11 23.58 34.40
C MET A 149 -11.00 24.73 33.39
N THR A 150 -9.79 25.29 33.29
CA THR A 150 -9.51 26.39 32.37
C THR A 150 -9.32 25.88 30.94
N GLN A 151 -9.17 26.80 29.99
CA GLN A 151 -8.84 26.46 28.59
C GLN A 151 -7.57 25.59 28.52
N GLU A 152 -6.60 25.90 29.38
CA GLU A 152 -5.31 25.21 29.39
C GLU A 152 -5.44 23.80 29.97
N ASP A 153 -6.17 23.66 31.08
CA ASP A 153 -6.48 22.34 31.66
C ASP A 153 -7.22 21.40 30.71
N ILE A 154 -8.24 21.92 30.02
CA ILE A 154 -9.05 21.11 29.11
C ILE A 154 -8.18 20.60 27.95
N SER A 155 -7.45 21.52 27.31
CA SER A 155 -6.58 21.17 26.19
C SER A 155 -5.57 20.09 26.55
N ASP A 156 -4.95 20.20 27.73
CA ASP A 156 -4.05 19.18 28.21
C ASP A 156 -4.74 17.84 28.39
N TYR A 157 -5.93 17.87 29.00
CA TYR A 157 -6.71 16.63 29.17
C TYR A 157 -7.00 15.97 27.82
N VAL A 158 -7.40 16.77 26.83
CA VAL A 158 -7.69 16.24 25.50
C VAL A 158 -6.41 15.62 24.93
N ALA A 159 -5.30 16.35 25.00
CA ALA A 159 -4.02 15.87 24.46
C ALA A 159 -3.49 14.61 25.14
N ALA A 160 -3.69 14.48 26.45
CA ALA A 160 -3.13 13.39 27.23
C ALA A 160 -4.05 12.16 27.35
N ASN A 161 -5.35 12.32 27.13
CA ASN A 161 -6.34 11.24 27.35
C ASN A 161 -7.26 10.88 26.17
N MET A 162 -7.26 11.68 25.11
CA MET A 162 -8.23 11.52 24.01
C MET A 162 -7.60 11.48 22.61
N LYS A 163 -6.74 12.45 22.31
CA LYS A 163 -6.17 12.66 20.98
C LYS A 163 -5.53 11.43 20.33
N ASP A 164 -4.64 10.77 21.07
CA ASP A 164 -3.88 9.63 20.53
C ASP A 164 -4.76 8.49 20.02
N ALA A 165 -5.78 8.12 20.79
CA ALA A 165 -6.72 7.07 20.39
C ALA A 165 -7.55 7.47 19.16
N ILE A 166 -7.94 8.74 19.05
CA ILE A 166 -8.63 9.24 17.85
C ILE A 166 -7.67 9.20 16.64
N SER A 167 -6.43 9.66 16.85
CA SER A 167 -5.38 9.61 15.82
C SER A 167 -5.08 8.21 15.29
N ARG A 168 -5.19 7.19 16.16
CA ARG A 168 -4.96 5.79 15.76
C ARG A 168 -6.16 5.16 15.06
N THR A 169 -7.35 5.76 15.16
CA THR A 169 -8.56 5.22 14.54
C THR A 169 -8.45 5.22 13.01
N SER A 170 -8.90 4.13 12.39
CA SER A 170 -8.80 3.96 10.93
C SER A 170 -9.71 4.96 10.22
N GLY A 171 -9.18 5.59 9.18
CA GLY A 171 -9.87 6.65 8.46
C GLY A 171 -9.50 8.06 8.90
N VAL A 172 -8.86 8.20 10.06
CA VAL A 172 -8.47 9.51 10.57
C VAL A 172 -7.12 9.88 9.99
N GLY A 173 -7.12 10.79 9.02
CA GLY A 173 -5.90 11.19 8.32
C GLY A 173 -4.98 12.08 9.15
N ASP A 174 -5.58 13.04 9.84
CA ASP A 174 -4.85 14.03 10.62
C ASP A 174 -5.75 14.54 11.75
N VAL A 175 -5.14 14.81 12.92
CA VAL A 175 -5.86 15.38 14.07
C VAL A 175 -5.16 16.63 14.56
N GLN A 176 -5.85 17.77 14.42
CA GLN A 176 -5.36 19.06 14.92
C GLN A 176 -5.94 19.35 16.31
N LEU A 177 -5.07 19.49 17.31
CA LEU A 177 -5.47 19.88 18.67
C LEU A 177 -5.66 21.39 18.70
N PHE A 178 -6.86 21.85 19.07
CA PHE A 178 -7.12 23.28 19.18
C PHE A 178 -6.76 23.71 20.59
N GLY A 179 -5.46 23.83 20.80
CA GLY A 179 -4.86 24.01 22.12
C GLY A 179 -3.56 23.25 22.16
N SER A 180 -2.96 23.14 23.34
CA SER A 180 -1.66 22.53 23.50
C SER A 180 -1.62 21.58 24.69
N GLN A 181 -0.92 20.46 24.53
CA GLN A 181 -0.59 19.60 25.66
C GLN A 181 0.33 20.36 26.62
N TYR A 182 0.24 20.05 27.91
CA TYR A 182 1.18 20.63 28.88
C TYR A 182 2.60 20.17 28.60
N ALA A 183 3.54 21.03 28.98
CA ALA A 183 4.95 20.70 29.09
C ALA A 183 5.42 21.32 30.40
N MET A 184 6.56 20.86 30.90
CA MET A 184 7.19 21.52 32.04
C MET A 184 7.83 22.79 31.51
N ARG A 185 7.29 23.94 31.92
CA ARG A 185 7.82 25.24 31.50
C ARG A 185 8.77 25.79 32.55
N ILE A 186 10.03 25.95 32.17
CA ILE A 186 11.03 26.66 32.96
C ILE A 186 11.10 28.07 32.38
N TRP A 187 10.51 29.05 33.07
CA TRP A 187 10.51 30.44 32.63
C TRP A 187 11.68 31.18 33.28
N MET A 188 12.77 31.36 32.53
CA MET A 188 14.02 31.91 33.04
C MET A 188 13.96 33.41 33.33
N ASN A 189 14.71 33.80 34.36
CA ASN A 189 14.88 35.19 34.77
C ASN A 189 16.35 35.57 34.51
N PRO A 190 16.59 36.54 33.60
CA PRO A 190 17.97 36.92 33.26
C PRO A 190 18.71 37.68 34.37
N ASN A 191 17.98 38.44 35.18
CA ASN A 191 18.56 39.20 36.30
C ASN A 191 19.10 38.24 37.35
N GLU A 192 18.27 37.26 37.71
CA GLU A 192 18.65 36.24 38.70
C GLU A 192 19.70 35.28 38.14
N LEU A 193 19.64 35.01 36.83
CA LEU A 193 20.67 34.20 36.16
C LEU A 193 22.05 34.87 36.21
N ASN A 194 22.09 36.16 35.88
CA ASN A 194 23.34 36.93 35.90
C ASN A 194 23.85 37.14 37.33
N LYS A 195 22.93 37.20 38.30
CA LYS A 195 23.29 37.31 39.72
C LYS A 195 24.18 36.15 40.19
N PHE A 196 23.90 34.94 39.73
CA PHE A 196 24.70 33.75 40.11
C PHE A 196 25.71 33.30 39.03
N GLN A 197 26.01 34.20 38.07
CA GLN A 197 26.96 33.94 36.97
C GLN A 197 26.60 32.71 36.13
N LEU A 198 25.31 32.62 35.79
CA LEU A 198 24.75 31.49 35.04
C LEU A 198 24.05 31.95 33.78
N THR A 199 23.94 31.03 32.82
CA THR A 199 23.30 31.29 31.53
C THR A 199 22.26 30.21 31.23
N PRO A 200 21.44 30.42 30.17
CA PRO A 200 20.57 29.35 29.68
C PRO A 200 21.28 28.02 29.33
N VAL A 201 22.55 28.07 28.96
CA VAL A 201 23.32 26.86 28.68
C VAL A 201 23.51 26.03 29.97
N ASP A 202 23.71 26.69 31.11
CA ASP A 202 23.82 26.00 32.40
C ASP A 202 22.49 25.37 32.85
N VAL A 203 21.39 26.06 32.62
CA VAL A 203 20.05 25.54 32.92
C VAL A 203 19.76 24.28 32.10
N ILE A 204 20.07 24.33 30.80
CA ILE A 204 19.83 23.21 29.90
C ILE A 204 20.66 21.97 30.27
N THR A 205 21.93 22.19 30.62
CA THR A 205 22.81 21.09 31.01
C THR A 205 22.34 20.38 32.28
N ALA A 206 21.87 21.16 33.25
CA ALA A 206 21.41 20.62 34.54
C ALA A 206 20.11 19.85 34.42
N ILE A 207 19.19 20.34 33.58
CA ILE A 207 17.94 19.63 33.29
C ILE A 207 18.21 18.30 32.60
N LYS A 208 19.19 18.27 31.70
CA LYS A 208 19.60 17.00 31.08
C LYS A 208 20.25 16.05 32.10
N ALA A 209 21.10 16.60 32.97
CA ALA A 209 21.80 15.81 33.99
C ALA A 209 20.88 15.31 35.11
N GLN A 210 19.91 16.12 35.52
CA GLN A 210 19.10 15.85 36.72
C GLN A 210 17.63 15.53 36.47
N ASN A 211 17.20 15.53 35.20
CA ASN A 211 15.93 14.92 34.79
C ASN A 211 16.28 13.86 33.75
N ALA A 212 16.82 12.75 34.23
CA ALA A 212 17.38 11.68 33.41
C ALA A 212 16.82 10.35 33.85
N GLN A 213 16.71 9.43 32.89
CA GLN A 213 16.24 8.08 33.14
C GLN A 213 17.39 7.14 32.80
N VAL A 214 18.12 6.74 33.84
CA VAL A 214 19.37 6.00 33.70
C VAL A 214 19.13 4.49 33.64
N ALA A 215 19.77 3.83 32.68
CA ALA A 215 19.82 2.37 32.61
C ALA A 215 21.02 1.91 33.45
N ALA A 216 20.76 1.23 34.56
CA ALA A 216 21.80 0.95 35.57
C ALA A 216 22.20 -0.52 35.73
N GLY A 217 21.57 -1.43 34.99
CA GLY A 217 21.92 -2.86 35.06
C GLY A 217 21.24 -3.60 36.19
N GLN A 218 21.89 -4.66 36.68
CA GLN A 218 21.32 -5.52 37.72
C GLN A 218 22.37 -5.99 38.72
N LEU A 219 21.91 -6.23 39.95
CA LEU A 219 22.67 -7.02 40.92
C LEU A 219 22.48 -8.47 40.52
N GLY A 220 23.58 -9.23 40.44
CA GLY A 220 23.53 -10.65 40.08
C GLY A 220 23.12 -10.91 38.63
N GLY A 221 23.49 -9.97 37.76
CA GLY A 221 23.11 -10.04 36.35
C GLY A 221 23.97 -11.00 35.57
N THR A 222 23.47 -11.41 34.41
CA THR A 222 24.16 -12.35 33.54
C THR A 222 25.29 -11.66 32.78
N PRO A 223 26.44 -12.32 32.58
CA PRO A 223 26.76 -13.64 33.13
C PRO A 223 27.15 -13.55 34.61
N PRO A 224 26.52 -14.37 35.49
CA PRO A 224 26.79 -14.25 36.91
C PRO A 224 28.00 -15.05 37.37
N VAL A 225 28.46 -14.79 38.60
CA VAL A 225 29.39 -15.70 39.29
C VAL A 225 28.61 -16.90 39.78
N LYS A 226 29.33 -17.99 40.04
CA LYS A 226 28.70 -19.21 40.56
C LYS A 226 28.25 -19.01 42.02
N GLY A 227 27.08 -19.53 42.34
CA GLY A 227 26.51 -19.44 43.68
C GLY A 227 25.80 -18.14 44.02
N GLN A 228 25.37 -17.40 43.00
CA GLN A 228 24.61 -16.16 43.20
C GLN A 228 23.19 -16.48 43.67
N GLN A 229 22.75 -15.77 44.71
CA GLN A 229 21.38 -15.91 45.24
C GLN A 229 20.48 -14.70 44.94
N LEU A 230 21.07 -13.51 44.90
CA LEU A 230 20.34 -12.26 44.64
C LEU A 230 20.29 -11.91 43.15
N ASN A 231 19.09 -11.60 42.66
CA ASN A 231 18.92 -10.97 41.35
C ASN A 231 17.89 -9.85 41.48
N ALA A 232 18.32 -8.63 41.16
CA ALA A 232 17.46 -7.47 41.29
C ALA A 232 17.93 -6.33 40.40
N SER A 233 16.98 -5.64 39.78
CA SER A 233 17.25 -4.46 38.94
C SER A 233 17.84 -3.33 39.79
N ILE A 234 18.79 -2.59 39.24
CA ILE A 234 19.25 -1.34 39.84
C ILE A 234 18.45 -0.18 39.22
N ILE A 235 17.91 0.67 40.09
CA ILE A 235 17.16 1.87 39.70
C ILE A 235 17.98 3.05 40.19
N ALA A 236 18.47 3.87 39.26
CA ALA A 236 19.19 5.10 39.60
C ALA A 236 18.24 6.28 39.36
N GLN A 237 18.70 7.37 38.74
CA GLN A 237 17.83 8.50 38.45
C GLN A 237 16.66 8.10 37.53
N THR A 238 15.49 8.66 37.82
CA THR A 238 14.32 8.52 36.97
C THR A 238 13.84 9.91 36.58
N ARG A 239 13.02 9.99 35.53
CA ARG A 239 12.45 11.25 35.08
C ARG A 239 11.77 11.96 36.23
N LEU A 240 11.84 13.28 36.25
CA LEU A 240 11.13 14.08 37.24
C LEU A 240 9.65 14.13 36.87
N THR A 241 8.80 14.32 37.88
CA THR A 241 7.35 14.20 37.73
C THR A 241 6.55 15.45 38.12
N SER A 242 7.23 16.50 38.58
CA SER A 242 6.55 17.64 39.21
C SER A 242 7.38 18.91 39.17
N THR A 243 6.68 20.05 39.27
CA THR A 243 7.32 21.36 39.36
C THR A 243 8.25 21.46 40.56
N GLU A 244 7.88 20.82 41.66
CA GLU A 244 8.71 20.81 42.89
CA GLU A 244 8.69 20.83 42.87
C GLU A 244 10.07 20.20 42.62
N GLU A 245 10.07 19.06 41.92
CA GLU A 245 11.31 18.35 41.61
C GLU A 245 12.20 19.11 40.63
N PHE A 246 11.60 19.72 39.61
CA PHE A 246 12.34 20.60 38.70
C PHE A 246 12.88 21.84 39.45
N GLY A 247 12.07 22.38 40.35
CA GLY A 247 12.48 23.50 41.21
C GLY A 247 13.74 23.28 42.02
N LYS A 248 13.90 22.08 42.55
CA LYS A 248 15.07 21.76 43.39
C LYS A 248 16.25 21.17 42.60
N ILE A 249 16.26 21.31 41.27
CA ILE A 249 17.44 20.99 40.46
C ILE A 249 18.58 21.93 40.89
N LEU A 250 19.65 21.34 41.39
CA LEU A 250 20.80 22.10 41.88
C LEU A 250 21.67 22.55 40.69
N LEU A 251 21.65 23.85 40.42
CA LEU A 251 22.45 24.43 39.33
C LEU A 251 23.91 24.56 39.72
N LYS A 252 24.17 25.18 40.87
CA LYS A 252 25.53 25.24 41.41
C LYS A 252 25.55 25.45 42.91
N VAL A 253 26.72 25.15 43.50
CA VAL A 253 26.99 25.41 44.91
C VAL A 253 28.01 26.56 44.95
N ASN A 254 27.70 27.60 45.72
CA ASN A 254 28.57 28.78 45.81
C ASN A 254 29.83 28.50 46.63
N GLN A 255 30.75 29.46 46.61
CA GLN A 255 31.98 29.41 47.41
C GLN A 255 31.70 29.31 48.91
N ASP A 256 30.71 30.08 49.37
CA ASP A 256 30.31 30.10 50.79
C ASP A 256 29.40 28.93 51.23
N GLY A 257 29.08 28.02 50.32
CA GLY A 257 28.33 26.80 50.65
C GLY A 257 26.83 26.81 50.36
N SER A 258 26.29 27.98 49.99
CA SER A 258 24.87 28.09 49.64
C SER A 258 24.57 27.44 48.30
N ARG A 259 23.28 27.17 48.06
CA ARG A 259 22.82 26.42 46.88
C ARG A 259 21.99 27.29 45.96
N VAL A 260 22.34 27.28 44.67
CA VAL A 260 21.53 27.89 43.63
C VAL A 260 20.68 26.79 43.00
N LEU A 261 19.40 26.74 43.38
CA LEU A 261 18.45 25.82 42.77
C LEU A 261 17.86 26.45 41.52
N LEU A 262 17.19 25.65 40.70
CA LEU A 262 16.57 26.15 39.46
C LEU A 262 15.44 27.13 39.75
N ARG A 263 14.69 26.90 40.83
CA ARG A 263 13.63 27.83 41.25
C ARG A 263 14.13 29.23 41.66
N ASP A 264 15.41 29.34 42.03
CA ASP A 264 16.05 30.64 42.33
C ASP A 264 16.33 31.50 41.10
N VAL A 265 16.36 30.90 39.91
CA VAL A 265 16.59 31.64 38.65
C VAL A 265 15.45 31.50 37.62
N ALA A 266 14.34 30.86 37.99
CA ALA A 266 13.23 30.65 37.05
C ALA A 266 11.91 30.33 37.75
N LYS A 267 10.82 30.84 37.19
CA LYS A 267 9.47 30.39 37.57
C LYS A 267 9.19 29.09 36.83
N ILE A 268 8.63 28.14 37.55
CA ILE A 268 8.47 26.77 37.07
C ILE A 268 7.01 26.39 37.15
N GLU A 269 6.43 26.03 36.01
CA GLU A 269 5.01 25.65 35.96
C GLU A 269 4.69 24.71 34.80
N LEU A 270 3.55 24.05 34.94
CA LEU A 270 2.99 23.22 33.90
C LEU A 270 2.29 24.18 32.95
N GLY A 271 2.56 24.06 31.67
CA GLY A 271 1.96 24.96 30.68
C GLY A 271 2.16 24.46 29.27
N GLY A 272 1.42 25.01 28.31
CA GLY A 272 1.41 24.52 26.94
C GLY A 272 2.79 24.37 26.29
N GLU A 273 2.93 23.35 25.44
CA GLU A 273 4.09 23.26 24.54
C GLU A 273 4.21 24.56 23.75
N ASN A 274 3.07 25.02 23.23
CA ASN A 274 2.93 26.36 22.67
C ASN A 274 1.77 27.06 23.34
N TYR A 275 1.66 28.37 23.11
CA TYR A 275 0.54 29.18 23.61
C TYR A 275 -0.12 29.92 22.43
N ASP A 276 -0.16 29.27 21.27
CA ASP A 276 -0.66 29.91 20.04
C ASP A 276 -2.14 29.67 19.77
N ILE A 277 -2.63 28.46 20.07
CA ILE A 277 -4.03 28.11 19.81
C ILE A 277 -4.88 28.24 21.07
N ILE A 278 -5.95 29.04 21.00
CA ILE A 278 -6.88 29.25 22.11
C ILE A 278 -8.31 29.23 21.55
N ALA A 279 -9.14 28.33 22.06
CA ALA A 279 -10.48 28.09 21.51
C ALA A 279 -11.58 28.39 22.50
N GLU A 280 -12.75 28.75 21.95
CA GLU A 280 -13.96 29.01 22.72
C GLU A 280 -15.16 28.35 22.06
N PHE A 281 -16.10 27.87 22.88
CA PHE A 281 -17.38 27.35 22.40
C PHE A 281 -18.50 28.19 23.00
N ASN A 282 -19.21 28.95 22.15
CA ASN A 282 -20.29 29.87 22.59
C ASN A 282 -19.85 30.81 23.70
N GLY A 283 -18.65 31.38 23.55
CA GLY A 283 -18.09 32.32 24.53
C GLY A 283 -17.26 31.72 25.65
N GLN A 284 -17.49 30.45 26.02
CA GLN A 284 -16.82 29.84 27.19
C GLN A 284 -15.56 29.05 26.79
N PRO A 285 -14.60 28.87 27.74
CA PRO A 285 -13.36 28.17 27.44
C PRO A 285 -13.57 26.78 26.86
N ALA A 286 -12.75 26.41 25.88
CA ALA A 286 -12.87 25.13 25.22
C ALA A 286 -11.54 24.67 24.67
N SER A 287 -11.51 23.40 24.30
CA SER A 287 -10.47 22.85 23.44
C SER A 287 -11.20 22.02 22.39
N GLY A 288 -10.46 21.19 21.68
CA GLY A 288 -11.08 20.26 20.75
C GLY A 288 -10.11 19.60 19.78
N LEU A 289 -10.67 18.77 18.91
CA LEU A 289 -9.91 18.03 17.92
C LEU A 289 -10.50 18.28 16.55
N GLY A 290 -9.71 18.90 15.67
CA GLY A 290 -10.05 19.04 14.27
C GLY A 290 -9.58 17.80 13.53
N ILE A 291 -10.54 16.99 13.06
CA ILE A 291 -10.27 15.69 12.46
C ILE A 291 -10.46 15.77 10.95
N LYS A 292 -9.48 15.26 10.22
CA LYS A 292 -9.49 15.24 8.76
C LYS A 292 -9.55 13.79 8.29
N LEU A 293 -10.32 13.57 7.24
CA LEU A 293 -10.56 12.23 6.71
C LEU A 293 -9.35 11.77 5.93
N ALA A 294 -8.87 10.56 6.21
CA ALA A 294 -7.76 9.97 5.48
C ALA A 294 -8.17 9.72 4.04
N THR A 295 -7.23 9.90 3.11
CA THR A 295 -7.48 9.85 1.68
C THR A 295 -8.27 8.59 1.27
N GLY A 296 -9.43 8.79 0.65
CA GLY A 296 -10.25 7.67 0.16
C GLY A 296 -11.05 6.87 1.18
N ALA A 297 -10.98 7.23 2.46
CA ALA A 297 -11.72 6.52 3.50
C ALA A 297 -13.16 7.01 3.51
N ASN A 298 -14.05 6.19 4.09
CA ASN A 298 -15.47 6.52 4.18
C ASN A 298 -15.72 7.49 5.35
N ALA A 299 -16.32 8.63 5.05
CA ALA A 299 -16.62 9.66 6.06
C ALA A 299 -17.53 9.13 7.17
N LEU A 300 -18.64 8.50 6.80
CA LEU A 300 -19.64 8.02 7.78
C LEU A 300 -19.12 6.90 8.70
N ASP A 301 -18.34 5.97 8.15
CA ASP A 301 -17.73 4.90 8.95
C ASP A 301 -16.71 5.42 9.94
N THR A 302 -15.89 6.38 9.49
CA THR A 302 -14.87 7.00 10.35
C THR A 302 -15.53 7.80 11.48
N ALA A 303 -16.53 8.59 11.14
CA ALA A 303 -17.31 9.33 12.15
C ALA A 303 -17.88 8.39 13.20
N ALA A 304 -18.50 7.29 12.75
CA ALA A 304 -19.04 6.26 13.64
C ALA A 304 -17.97 5.67 14.56
N ALA A 305 -16.79 5.41 14.00
CA ALA A 305 -15.64 4.91 14.77
C ALA A 305 -15.14 5.94 15.78
N ILE A 306 -15.15 7.23 15.39
CA ILE A 306 -14.76 8.33 16.28
C ILE A 306 -15.76 8.44 17.44
N ARG A 307 -17.07 8.44 17.10
CA ARG A 307 -18.10 8.53 18.14
CA ARG A 307 -18.17 8.44 18.07
C ARG A 307 -18.08 7.30 19.07
N ALA A 308 -17.66 6.13 18.56
CA ALA A 308 -17.49 4.93 19.40
C ALA A 308 -16.29 5.07 20.34
N GLU A 309 -15.18 5.60 19.82
CA GLU A 309 -13.96 5.78 20.60
C GLU A 309 -14.12 6.84 21.70
N LEU A 310 -14.88 7.89 21.40
CA LEU A 310 -15.23 8.93 22.38
C LEU A 310 -16.12 8.38 23.50
N ALA A 311 -17.03 7.48 23.17
CA ALA A 311 -17.89 6.83 24.15
C ALA A 311 -17.09 6.02 25.19
N LYS A 312 -15.98 5.43 24.78
CA LYS A 312 -15.08 4.73 25.71
C LYS A 312 -14.35 5.65 26.70
N MET A 313 -14.22 6.93 26.36
CA MET A 313 -13.53 7.91 27.20
C MET A 313 -14.46 8.61 28.20
N GLU A 314 -15.69 8.90 27.79
CA GLU A 314 -16.66 9.67 28.60
C GLU A 314 -16.82 9.24 30.06
N PRO A 315 -16.90 7.91 30.34
CA PRO A 315 -17.04 7.45 31.73
C PRO A 315 -15.94 7.87 32.71
N PHE A 316 -14.74 8.12 32.21
CA PHE A 316 -13.58 8.44 33.05
C PHE A 316 -13.18 9.92 33.03
N PHE A 317 -14.05 10.78 32.50
CA PHE A 317 -13.80 12.23 32.54
C PHE A 317 -13.74 12.76 33.97
N PRO A 318 -13.09 13.93 34.18
CA PRO A 318 -13.27 14.64 35.45
C PRO A 318 -14.67 15.24 35.57
N SER A 319 -14.93 15.89 36.71
CA SER A 319 -16.23 16.50 36.96
C SER A 319 -16.42 17.68 36.01
N GLY A 320 -17.56 17.72 35.33
CA GLY A 320 -17.96 18.85 34.49
C GLY A 320 -17.54 18.79 33.04
N LEU A 321 -16.52 17.98 32.72
CA LEU A 321 -16.01 17.89 31.35
C LEU A 321 -17.03 17.21 30.43
N LYS A 322 -17.27 17.82 29.27
CA LYS A 322 -18.36 17.40 28.38
C LYS A 322 -17.93 17.55 26.92
N ILE A 323 -18.28 16.57 26.08
CA ILE A 323 -18.05 16.66 24.64
C ILE A 323 -19.21 17.43 23.99
N VAL A 324 -18.87 18.36 23.11
CA VAL A 324 -19.86 19.07 22.28
C VAL A 324 -19.48 18.90 20.81
N TYR A 325 -20.47 19.10 19.93
CA TYR A 325 -20.33 18.80 18.50
C TYR A 325 -20.63 20.02 17.63
N PRO A 326 -19.71 21.00 17.61
CA PRO A 326 -19.94 22.27 16.92
C PRO A 326 -19.76 22.26 15.41
N TYR A 327 -19.23 21.17 14.85
CA TYR A 327 -19.01 21.09 13.40
C TYR A 327 -18.87 19.64 12.97
N ASP A 328 -19.75 19.20 12.07
CA ASP A 328 -19.73 17.84 11.55
C ASP A 328 -20.35 17.83 10.15
N THR A 329 -19.56 17.38 9.17
CA THR A 329 -20.01 17.33 7.78
C THR A 329 -20.85 16.09 7.46
N THR A 330 -20.78 15.07 8.32
CA THR A 330 -21.43 13.77 8.07
C THR A 330 -22.97 13.72 8.22
N PRO A 331 -23.56 14.42 9.22
CA PRO A 331 -25.02 14.31 9.41
C PRO A 331 -25.87 14.71 8.20
N PHE A 332 -25.42 15.71 7.42
CA PHE A 332 -26.11 16.09 6.19
C PHE A 332 -26.17 14.93 5.19
N VAL A 333 -25.09 14.15 5.10
CA VAL A 333 -25.05 12.98 4.21
C VAL A 333 -26.12 11.99 4.63
N LYS A 334 -26.19 11.70 5.92
CA LYS A 334 -27.17 10.75 6.45
C LYS A 334 -28.62 11.25 6.33
N ILE A 335 -28.83 12.56 6.53
CA ILE A 335 -30.18 13.16 6.45
C ILE A 335 -30.62 13.34 5.00
N SER A 336 -29.72 13.77 4.12
CA SER A 336 -30.06 13.99 2.70
C SER A 336 -30.38 12.68 1.97
N ILE A 337 -29.63 11.63 2.27
CA ILE A 337 -29.92 10.29 1.74
C ILE A 337 -31.26 9.79 2.27
N HIS A 338 -31.54 10.02 3.55
CA HIS A 338 -32.84 9.68 4.15
C HIS A 338 -34.02 10.36 3.43
N GLU A 339 -33.85 11.64 3.07
CA GLU A 339 -34.90 12.37 2.34
C GLU A 339 -35.14 11.80 0.94
N VAL A 340 -34.09 11.29 0.30
CA VAL A 340 -34.21 10.64 -1.02
C VAL A 340 -34.88 9.25 -0.90
N VAL A 341 -34.61 8.54 0.19
CA VAL A 341 -35.29 7.26 0.48
C VAL A 341 -36.80 7.46 0.64
N LYS A 342 -37.19 8.53 1.34
CA LYS A 342 -38.61 8.89 1.49
C LYS A 342 -39.30 9.11 0.15
N THR A 343 -38.66 9.86 -0.75
CA THR A 343 -39.25 10.14 -2.06
C THR A 343 -39.39 8.90 -2.96
N LEU A 344 -38.58 7.87 -2.72
CA LEU A 344 -38.76 6.56 -3.36
C LEU A 344 -40.00 5.86 -2.81
N VAL A 345 -40.07 5.74 -1.49
CA VAL A 345 -41.20 5.07 -0.81
C VAL A 345 -42.53 5.78 -1.10
N GLU A 346 -42.51 7.11 -1.08
CA GLU A 346 -43.68 7.93 -1.45
C GLU A 346 -44.07 7.76 -2.92
N ALA A 347 -43.06 7.69 -3.80
CA ALA A 347 -43.31 7.46 -5.24
C ALA A 347 -43.92 6.08 -5.52
N ILE A 348 -43.55 5.07 -4.73
CA ILE A 348 -44.16 3.74 -4.82
C ILE A 348 -45.65 3.79 -4.42
N ILE A 349 -45.97 4.59 -3.40
CA ILE A 349 -47.35 4.81 -2.96
C ILE A 349 -48.13 5.60 -4.02
N LEU A 350 -47.52 6.67 -4.54
CA LEU A 350 -48.16 7.49 -5.60
C LEU A 350 -48.32 6.76 -6.94
N VAL A 351 -47.55 5.69 -7.17
CA VAL A 351 -47.81 4.77 -8.29
C VAL A 351 -49.06 3.95 -8.01
N PHE A 352 -49.10 3.33 -6.83
CA PHE A 352 -50.25 2.51 -6.38
C PHE A 352 -51.60 3.22 -6.51
N LEU A 353 -51.64 4.53 -6.23
CA LEU A 353 -52.86 5.32 -6.36
C LEU A 353 -53.27 5.51 -7.82
N VAL A 354 -52.30 5.85 -8.68
CA VAL A 354 -52.56 6.03 -10.11
C VAL A 354 -52.86 4.70 -10.81
N MET A 355 -52.21 3.63 -10.37
CA MET A 355 -52.53 2.28 -10.86
C MET A 355 -53.96 1.83 -10.50
N TYR A 356 -54.43 2.22 -9.31
CA TYR A 356 -55.79 1.87 -8.87
C TYR A 356 -56.84 2.62 -9.68
N LEU A 357 -56.58 3.91 -9.94
CA LEU A 357 -57.47 4.74 -10.75
C LEU A 357 -57.81 4.11 -12.11
N PHE A 358 -56.79 3.60 -12.79
CA PHE A 358 -56.94 3.07 -14.16
C PHE A 358 -57.32 1.58 -14.20
N LEU A 359 -56.66 0.75 -13.39
CA LEU A 359 -56.89 -0.71 -13.40
C LEU A 359 -58.13 -1.13 -12.61
N GLN A 360 -58.31 -0.52 -11.43
CA GLN A 360 -59.55 -0.62 -10.63
C GLN A 360 -59.80 -1.96 -9.89
N ASN A 361 -58.83 -2.85 -9.89
CA ASN A 361 -58.87 -4.01 -9.00
C ASN A 361 -57.63 -4.07 -8.17
N PHE A 362 -57.79 -4.50 -6.92
CA PHE A 362 -56.70 -4.44 -5.91
C PHE A 362 -55.47 -5.27 -6.29
N ARG A 363 -55.70 -6.46 -6.85
CA ARG A 363 -54.60 -7.37 -7.20
C ARG A 363 -53.87 -6.94 -8.49
N ALA A 364 -54.62 -6.36 -9.44
CA ALA A 364 -54.04 -5.79 -10.66
C ALA A 364 -53.13 -4.58 -10.37
N THR A 365 -53.54 -3.76 -9.39
CA THR A 365 -52.78 -2.59 -8.94
C THR A 365 -51.41 -2.97 -8.36
N LEU A 366 -51.34 -4.11 -7.65
CA LEU A 366 -50.10 -4.56 -7.02
C LEU A 366 -48.99 -5.00 -7.98
N ILE A 367 -49.33 -5.40 -9.20
CA ILE A 367 -48.34 -6.00 -10.11
C ILE A 367 -47.19 -5.02 -10.45
N PRO A 368 -47.51 -3.76 -10.83
CA PRO A 368 -46.45 -2.74 -10.91
C PRO A 368 -45.87 -2.29 -9.57
N THR A 369 -46.69 -2.25 -8.53
CA THR A 369 -46.25 -1.85 -7.18
C THR A 369 -45.28 -2.87 -6.54
N ILE A 370 -45.34 -4.13 -6.97
CA ILE A 370 -44.38 -5.16 -6.56
C ILE A 370 -43.14 -5.14 -7.48
N ALA A 371 -43.35 -4.89 -8.77
CA ALA A 371 -42.27 -4.91 -9.76
C ALA A 371 -41.16 -3.88 -9.53
N VAL A 372 -41.52 -2.72 -8.94
CA VAL A 372 -40.55 -1.63 -8.73
C VAL A 372 -39.55 -1.93 -7.58
N PRO A 373 -40.06 -2.31 -6.38
CA PRO A 373 -39.16 -2.75 -5.29
C PRO A 373 -38.21 -3.90 -5.64
N VAL A 374 -38.68 -4.85 -6.45
CA VAL A 374 -37.85 -5.98 -6.90
C VAL A 374 -36.65 -5.50 -7.71
N VAL A 375 -36.88 -4.58 -8.63
CA VAL A 375 -35.84 -4.06 -9.52
C VAL A 375 -34.90 -3.09 -8.79
N LEU A 376 -35.45 -2.19 -7.97
CA LEU A 376 -34.65 -1.23 -7.22
C LEU A 376 -33.72 -1.92 -6.22
N LEU A 377 -34.27 -2.85 -5.43
CA LEU A 377 -33.47 -3.66 -4.52
C LEU A 377 -32.41 -4.46 -5.27
N GLY A 378 -32.81 -5.05 -6.40
CA GLY A 378 -31.87 -5.74 -7.30
C GLY A 378 -30.70 -4.87 -7.74
N THR A 379 -30.99 -3.61 -8.07
CA THR A 379 -29.99 -2.65 -8.52
C THR A 379 -28.90 -2.38 -7.47
N PHE A 380 -29.29 -2.34 -6.19
CA PHE A 380 -28.31 -2.23 -5.09
C PHE A 380 -27.30 -3.38 -5.08
N ALA A 381 -27.78 -4.59 -5.33
CA ALA A 381 -26.89 -5.77 -5.46
C ALA A 381 -25.95 -5.67 -6.66
N VAL A 382 -26.45 -5.10 -7.76
CA VAL A 382 -25.63 -4.85 -8.95
C VAL A 382 -24.59 -3.74 -8.68
N LEU A 383 -24.98 -2.71 -7.92
CA LEU A 383 -24.04 -1.66 -7.49
C LEU A 383 -22.93 -2.22 -6.59
N ALA A 384 -23.31 -3.09 -5.66
CA ALA A 384 -22.34 -3.77 -4.79
C ALA A 384 -21.37 -4.65 -5.58
N ALA A 385 -21.88 -5.32 -6.61
CA ALA A 385 -21.07 -6.18 -7.49
C ALA A 385 -20.01 -5.41 -8.25
N PHE A 386 -20.38 -4.26 -8.80
CA PHE A 386 -19.44 -3.38 -9.53
C PHE A 386 -18.72 -2.35 -8.64
N GLY A 387 -18.74 -2.56 -7.32
CA GLY A 387 -17.95 -1.76 -6.38
C GLY A 387 -18.44 -0.35 -6.08
N PHE A 388 -19.66 -0.02 -6.52
CA PHE A 388 -20.20 1.32 -6.34
C PHE A 388 -20.74 1.54 -4.94
N SER A 389 -21.00 2.82 -4.61
CA SER A 389 -21.42 3.25 -3.29
C SER A 389 -22.86 3.77 -3.33
N ILE A 390 -23.57 3.64 -2.21
CA ILE A 390 -24.88 4.27 -2.02
C ILE A 390 -24.62 5.74 -1.75
N ASN A 391 -24.85 6.59 -2.76
CA ASN A 391 -24.62 8.02 -2.62
C ASN A 391 -25.74 8.84 -3.26
N THR A 392 -25.68 10.15 -3.09
CA THR A 392 -26.69 11.08 -3.59
C THR A 392 -27.03 10.82 -5.06
N LEU A 393 -26.01 10.59 -5.89
CA LEU A 393 -26.18 10.44 -7.34
C LEU A 393 -26.76 9.07 -7.71
N THR A 394 -26.29 8.01 -7.07
CA THR A 394 -26.88 6.67 -7.27
C THR A 394 -28.30 6.62 -6.73
N MET A 395 -28.55 7.29 -5.61
CA MET A 395 -29.89 7.35 -5.01
C MET A 395 -30.89 8.15 -5.86
N PHE A 396 -30.45 9.23 -6.51
CA PHE A 396 -31.31 9.93 -7.49
C PHE A 396 -31.42 9.16 -8.80
N GLY A 397 -30.40 8.34 -9.11
CA GLY A 397 -30.50 7.35 -10.17
C GLY A 397 -31.63 6.35 -9.95
N MET A 398 -31.79 5.91 -8.69
CA MET A 398 -32.90 5.04 -8.28
C MET A 398 -34.25 5.72 -8.47
N VAL A 399 -34.33 7.00 -8.11
CA VAL A 399 -35.57 7.79 -8.24
C VAL A 399 -35.96 7.96 -9.72
N LEU A 400 -35.01 8.40 -10.54
CA LEU A 400 -35.24 8.56 -11.98
C LEU A 400 -35.56 7.23 -12.68
N ALA A 401 -34.92 6.15 -12.21
CA ALA A 401 -35.18 4.81 -12.73
C ALA A 401 -36.66 4.39 -12.62
N ILE A 402 -37.34 4.86 -11.57
CA ILE A 402 -38.77 4.51 -11.35
C ILE A 402 -39.64 4.79 -12.58
N GLY A 403 -39.40 5.92 -13.26
CA GLY A 403 -40.07 6.21 -14.52
C GLY A 403 -39.95 5.07 -15.53
N LEU A 404 -38.74 4.55 -15.68
CA LEU A 404 -38.44 3.45 -16.60
C LEU A 404 -38.89 2.09 -16.06
N LEU A 405 -38.81 1.89 -14.73
CA LEU A 405 -39.27 0.65 -14.09
C LEU A 405 -40.79 0.47 -14.16
N VAL A 406 -41.50 1.55 -13.86
CA VAL A 406 -42.98 1.56 -13.88
C VAL A 406 -43.52 1.42 -15.30
N ASP A 407 -42.84 2.00 -16.29
CA ASP A 407 -43.27 1.89 -17.69
C ASP A 407 -43.24 0.43 -18.17
N ASP A 408 -42.15 -0.28 -17.89
CA ASP A 408 -42.06 -1.73 -18.18
C ASP A 408 -43.22 -2.51 -17.57
N ALA A 409 -43.53 -2.22 -16.31
CA ALA A 409 -44.64 -2.87 -15.61
C ALA A 409 -46.00 -2.54 -16.22
N ILE A 410 -46.25 -1.24 -16.43
CA ILE A 410 -47.51 -0.76 -17.05
C ILE A 410 -47.72 -1.38 -18.44
N VAL A 411 -46.69 -1.35 -19.27
CA VAL A 411 -46.76 -1.92 -20.62
C VAL A 411 -47.21 -3.40 -20.56
N VAL A 412 -46.61 -4.17 -19.65
CA VAL A 412 -46.92 -5.60 -19.53
C VAL A 412 -48.34 -5.85 -18.99
N VAL A 413 -48.77 -5.10 -17.97
CA VAL A 413 -50.09 -5.29 -17.37
C VAL A 413 -51.22 -4.70 -18.22
N GLU A 414 -51.04 -3.46 -18.70
CA GLU A 414 -52.05 -2.78 -19.53
C GLU A 414 -52.37 -3.56 -20.81
N ASN A 415 -51.32 -4.05 -21.48
CA ASN A 415 -51.49 -4.78 -22.74
C ASN A 415 -52.27 -6.09 -22.56
N VAL A 416 -52.07 -6.77 -21.43
CA VAL A 416 -52.81 -8.00 -21.11
C VAL A 416 -54.30 -7.70 -20.89
N GLU A 417 -54.60 -6.65 -20.13
CA GLU A 417 -55.99 -6.22 -19.90
C GLU A 417 -56.66 -5.67 -21.18
N ARG A 418 -55.87 -5.11 -22.09
CA ARG A 418 -56.36 -4.68 -23.40
C ARG A 418 -56.75 -5.88 -24.28
N VAL A 419 -55.93 -6.94 -24.23
CA VAL A 419 -56.21 -8.20 -24.95
C VAL A 419 -57.48 -8.88 -24.42
N MET A 420 -57.62 -8.94 -23.09
CA MET A 420 -58.80 -9.54 -22.45
C MET A 420 -60.07 -8.72 -22.69
N ALA A 421 -59.94 -7.40 -22.79
CA ALA A 421 -61.08 -6.52 -23.05
C ALA A 421 -61.63 -6.69 -24.46
N GLU A 422 -60.73 -6.59 -25.45
CA GLU A 422 -61.13 -6.62 -26.87
C GLU A 422 -61.54 -8.02 -27.36
N GLU A 423 -60.77 -9.05 -26.98
CA GLU A 423 -60.97 -10.41 -27.48
C GLU A 423 -61.83 -11.29 -26.57
N GLY A 424 -61.63 -11.18 -25.25
CA GLY A 424 -62.42 -11.93 -24.27
C GLY A 424 -61.85 -13.30 -23.95
N LEU A 425 -60.55 -13.33 -23.67
CA LEU A 425 -59.83 -14.56 -23.30
C LEU A 425 -59.62 -14.62 -21.77
N PRO A 426 -59.30 -15.82 -21.22
CA PRO A 426 -58.97 -15.90 -19.78
C PRO A 426 -57.63 -15.24 -19.43
N PRO A 427 -57.33 -15.07 -18.12
CA PRO A 427 -56.07 -14.42 -17.70
C PRO A 427 -54.78 -15.15 -18.10
N LYS A 428 -54.77 -16.48 -17.97
CA LYS A 428 -53.59 -17.29 -18.28
C LYS A 428 -53.28 -17.32 -19.79
N GLU A 429 -54.32 -17.50 -20.62
CA GLU A 429 -54.16 -17.53 -22.08
C GLU A 429 -53.83 -16.16 -22.68
N ALA A 430 -54.42 -15.10 -22.11
CA ALA A 430 -54.21 -13.72 -22.61
C ALA A 430 -52.77 -13.26 -22.52
N THR A 431 -52.10 -13.62 -21.43
CA THR A 431 -50.69 -13.27 -21.21
C THR A 431 -49.74 -13.90 -22.25
N ARG A 432 -50.05 -15.12 -22.68
CA ARG A 432 -49.27 -15.80 -23.72
C ARG A 432 -49.32 -15.01 -25.03
N LYS A 433 -50.50 -14.51 -25.37
CA LYS A 433 -50.67 -13.60 -26.53
C LYS A 433 -49.97 -12.25 -26.31
N SER A 434 -50.17 -11.64 -25.15
CA SER A 434 -49.61 -10.32 -24.83
C SER A 434 -48.08 -10.33 -24.79
N MET A 435 -47.51 -11.30 -24.07
CA MET A 435 -46.05 -11.44 -23.99
C MET A 435 -45.40 -11.80 -25.32
N GLY A 436 -46.12 -12.52 -26.18
CA GLY A 436 -45.69 -12.77 -27.55
C GLY A 436 -45.56 -11.49 -28.37
N GLN A 437 -46.56 -10.62 -28.25
CA GLN A 437 -46.58 -9.33 -28.96
C GLN A 437 -45.55 -8.31 -28.45
N ILE A 438 -45.20 -8.39 -27.16
CA ILE A 438 -44.44 -7.34 -26.48
C ILE A 438 -42.94 -7.67 -26.21
N GLN A 439 -42.63 -8.91 -25.82
CA GLN A 439 -41.28 -9.27 -25.33
C GLN A 439 -40.12 -8.92 -26.28
N GLY A 440 -40.38 -8.90 -27.58
CA GLY A 440 -39.41 -8.46 -28.57
C GLY A 440 -39.08 -6.98 -28.48
N ALA A 441 -40.12 -6.15 -28.40
CA ALA A 441 -39.95 -4.69 -28.34
C ALA A 441 -39.29 -4.21 -27.05
N LEU A 442 -39.62 -4.83 -25.93
CA LEU A 442 -39.03 -4.47 -24.62
C LEU A 442 -37.53 -4.71 -24.58
N VAL A 443 -37.11 -5.88 -25.06
CA VAL A 443 -35.68 -6.22 -25.16
C VAL A 443 -34.98 -5.25 -26.11
N GLY A 444 -35.63 -4.92 -27.23
CA GLY A 444 -35.12 -3.94 -28.19
C GLY A 444 -35.02 -2.53 -27.64
N ILE A 445 -36.01 -2.11 -26.85
CA ILE A 445 -36.02 -0.78 -26.22
C ILE A 445 -34.87 -0.62 -25.22
N ALA A 446 -34.64 -1.63 -24.37
CA ALA A 446 -33.56 -1.59 -23.37
C ALA A 446 -32.17 -1.35 -23.96
N MET A 447 -31.94 -1.91 -25.15
CA MET A 447 -30.69 -1.67 -25.90
C MET A 447 -30.66 -0.28 -26.55
N VAL A 448 -31.82 0.21 -27.00
CA VAL A 448 -31.96 1.59 -27.50
C VAL A 448 -31.72 2.60 -26.37
N LEU A 449 -32.34 2.36 -25.22
CA LEU A 449 -32.23 3.23 -24.06
C LEU A 449 -30.84 3.22 -23.45
N SER A 450 -30.20 2.05 -23.41
CA SER A 450 -28.82 1.95 -22.89
C SER A 450 -27.84 2.82 -23.69
N ALA A 451 -28.08 2.95 -24.99
CA ALA A 451 -27.33 3.88 -25.85
C ALA A 451 -27.47 5.36 -25.45
N VAL A 452 -28.54 5.71 -24.74
CA VAL A 452 -28.73 7.05 -24.18
C VAL A 452 -27.90 7.24 -22.90
N PHE A 453 -27.88 6.23 -22.04
CA PHE A 453 -27.28 6.33 -20.70
C PHE A 453 -25.82 5.84 -20.59
N VAL A 454 -25.44 4.83 -21.38
CA VAL A 454 -24.07 4.26 -21.33
C VAL A 454 -22.97 5.28 -21.67
N PRO A 455 -23.20 6.17 -22.67
CA PRO A 455 -22.20 7.22 -22.96
C PRO A 455 -21.83 8.17 -21.82
N MET A 456 -22.68 8.31 -20.80
CA MET A 456 -22.33 9.06 -19.57
C MET A 456 -21.17 8.44 -18.76
N ALA A 457 -21.09 7.10 -18.76
CA ALA A 457 -20.00 6.40 -18.07
C ALA A 457 -18.61 6.66 -18.68
N PHE A 458 -18.57 7.05 -19.95
CA PHE A 458 -17.32 7.36 -20.65
C PHE A 458 -16.95 8.86 -20.68
N PHE A 459 -17.50 9.65 -19.75
CA PHE A 459 -16.98 10.99 -19.48
C PHE A 459 -15.65 10.85 -18.74
N GLY A 460 -14.72 11.75 -19.04
CA GLY A 460 -13.38 11.73 -18.44
C GLY A 460 -13.16 12.80 -17.40
N GLY A 461 -12.00 12.74 -16.74
CA GLY A 461 -11.61 13.73 -15.75
C GLY A 461 -12.29 13.56 -14.41
N SER A 462 -12.28 14.62 -13.61
CA SER A 462 -12.88 14.63 -12.28
C SER A 462 -14.40 14.52 -12.35
N THR A 463 -15.01 15.28 -13.25
CA THR A 463 -16.47 15.32 -13.40
C THR A 463 -17.08 14.03 -13.98
N GLY A 464 -16.27 13.21 -14.67
CA GLY A 464 -16.74 11.97 -15.28
C GLY A 464 -17.23 10.89 -14.32
N ALA A 465 -16.64 10.84 -13.13
CA ALA A 465 -17.04 9.88 -12.09
C ALA A 465 -18.45 10.18 -11.55
N ILE A 466 -18.85 11.46 -11.54
CA ILE A 466 -20.21 11.87 -11.11
C ILE A 466 -21.27 11.32 -12.09
N TYR A 467 -21.05 11.53 -13.39
CA TYR A 467 -21.95 11.03 -14.44
C TYR A 467 -22.00 9.50 -14.52
N ARG A 468 -20.88 8.84 -14.21
CA ARG A 468 -20.81 7.38 -14.22
C ARG A 468 -21.70 6.71 -13.14
N GLN A 469 -22.02 7.44 -12.07
CA GLN A 469 -22.91 6.94 -11.02
C GLN A 469 -24.33 6.73 -11.56
N PHE A 470 -24.85 7.75 -12.25
CA PHE A 470 -26.18 7.67 -12.89
C PHE A 470 -26.24 6.64 -14.01
N SER A 471 -25.18 6.59 -14.82
CA SER A 471 -25.11 5.68 -15.96
C SER A 471 -25.26 4.21 -15.55
N ILE A 472 -24.43 3.78 -14.60
CA ILE A 472 -24.42 2.37 -14.15
C ILE A 472 -25.66 2.01 -13.32
N THR A 473 -26.17 2.97 -12.54
CA THR A 473 -27.40 2.75 -11.75
C THR A 473 -28.61 2.53 -12.67
N ILE A 474 -28.80 3.44 -13.63
CA ILE A 474 -29.97 3.42 -14.51
C ILE A 474 -29.90 2.25 -15.49
N VAL A 475 -28.74 2.03 -16.10
CA VAL A 475 -28.56 0.93 -17.07
C VAL A 475 -28.76 -0.45 -16.41
N SER A 476 -28.30 -0.60 -15.16
CA SER A 476 -28.57 -1.82 -14.38
C SER A 476 -30.05 -1.97 -14.03
N ALA A 477 -30.68 -0.86 -13.67
CA ALA A 477 -32.11 -0.85 -13.34
C ALA A 477 -32.98 -1.24 -14.53
N MET A 478 -32.65 -0.74 -15.72
CA MET A 478 -33.35 -1.13 -16.95
C MET A 478 -33.18 -2.61 -17.28
N ALA A 479 -31.95 -3.12 -17.11
CA ALA A 479 -31.64 -4.53 -17.35
C ALA A 479 -32.51 -5.44 -16.49
N LEU A 480 -32.51 -5.20 -15.18
CA LEU A 480 -33.36 -5.96 -14.24
C LEU A 480 -34.86 -5.78 -14.48
N SER A 481 -35.26 -4.59 -14.95
CA SER A 481 -36.68 -4.32 -15.25
C SER A 481 -37.20 -5.17 -16.40
N VAL A 482 -36.42 -5.26 -17.47
CA VAL A 482 -36.75 -6.13 -18.60
C VAL A 482 -36.72 -7.60 -18.17
N LEU A 483 -35.70 -7.97 -17.40
CA LEU A 483 -35.60 -9.32 -16.83
C LEU A 483 -36.84 -9.68 -16.00
N VAL A 484 -37.26 -8.75 -15.14
CA VAL A 484 -38.50 -8.89 -14.34
C VAL A 484 -39.76 -8.90 -15.21
N ALA A 485 -39.76 -8.09 -16.28
CA ALA A 485 -40.88 -8.04 -17.24
C ALA A 485 -41.11 -9.34 -18.02
N LEU A 486 -40.09 -10.20 -18.11
CA LEU A 486 -40.21 -11.52 -18.74
C LEU A 486 -40.42 -12.67 -17.74
N ILE A 487 -39.94 -12.51 -16.51
CA ILE A 487 -40.00 -13.57 -15.49
C ILE A 487 -41.22 -13.40 -14.57
N LEU A 488 -41.25 -12.33 -13.79
CA LEU A 488 -42.24 -12.15 -12.72
C LEU A 488 -43.57 -11.58 -13.23
N THR A 489 -43.51 -10.44 -13.92
CA THR A 489 -44.71 -9.69 -14.34
C THR A 489 -45.71 -10.51 -15.18
N PRO A 490 -45.24 -11.39 -16.09
CA PRO A 490 -46.15 -12.31 -16.77
C PRO A 490 -46.79 -13.35 -15.84
N ALA A 491 -45.98 -13.94 -14.96
CA ALA A 491 -46.45 -14.92 -13.97
C ALA A 491 -47.54 -14.35 -13.05
N LEU A 492 -47.40 -13.10 -12.65
CA LEU A 492 -48.39 -12.42 -11.81
C LEU A 492 -49.65 -12.02 -12.59
N CYS A 493 -49.49 -11.63 -13.85
CA CYS A 493 -50.63 -11.38 -14.74
C CYS A 493 -51.50 -12.63 -14.97
N ALA A 494 -50.87 -13.81 -15.00
CA ALA A 494 -51.59 -15.08 -15.15
C ALA A 494 -52.48 -15.41 -13.96
N THR A 495 -51.95 -15.28 -12.75
CA THR A 495 -52.66 -15.65 -11.51
C THR A 495 -53.53 -14.52 -10.96
N MET A 496 -52.97 -13.32 -10.84
CA MET A 496 -53.60 -12.23 -10.08
C MET A 496 -54.68 -11.44 -10.82
N LEU A 497 -54.58 -11.32 -12.14
CA LEU A 497 -55.56 -10.52 -12.92
C LEU A 497 -56.90 -11.24 -13.03
N LYS A 498 -57.98 -10.46 -12.84
CA LYS A 498 -59.34 -10.98 -12.85
C LYS A 498 -59.82 -11.16 -14.31
N PRO A 499 -60.62 -12.21 -14.59
CA PRO A 499 -61.23 -12.37 -15.92
C PRO A 499 -62.12 -11.17 -16.33
N ILE A 500 -62.01 -10.78 -17.61
CA ILE A 500 -62.76 -9.64 -18.16
C ILE A 500 -63.55 -10.11 -19.40
N ALA A 501 -64.78 -9.65 -19.52
CA ALA A 501 -65.67 -10.03 -20.63
C ALA A 501 -65.29 -9.30 -21.93
N LYS A 502 -65.73 -9.85 -23.05
CA LYS A 502 -65.51 -9.25 -24.38
C LYS A 502 -66.32 -7.97 -24.54
N GLY A 503 -65.63 -6.83 -24.59
CA GLY A 503 -66.25 -5.51 -24.72
C GLY A 503 -66.43 -4.72 -23.42
N ASP A 504 -66.08 -5.34 -22.28
CA ASP A 504 -66.20 -4.69 -20.97
C ASP A 504 -65.02 -3.74 -20.73
N HIS A 505 -65.29 -2.44 -20.82
CA HIS A 505 -64.32 -1.39 -20.48
C HIS A 505 -64.74 -0.71 -19.16
N GLY A 506 -65.22 -1.51 -18.20
CA GLY A 506 -65.88 -1.00 -17.01
C GLY A 506 -67.23 -0.41 -17.37
N GLU A 507 -67.36 0.91 -17.22
CA GLU A 507 -68.55 1.69 -17.64
C GLU A 507 -69.82 1.38 -16.84
N GLY A 508 -70.35 0.16 -16.98
CA GLY A 508 -71.52 -0.29 -16.21
C GLY A 508 -71.19 -0.63 -14.76
N LYS A 509 -70.84 0.39 -13.97
CA LYS A 509 -70.50 0.25 -12.55
C LYS A 509 -70.65 1.63 -11.89
N LYS A 510 -71.71 1.82 -11.11
CA LYS A 510 -72.06 3.13 -10.56
C LYS A 510 -71.00 3.64 -9.56
N GLY A 511 -70.74 4.96 -9.62
CA GLY A 511 -69.76 5.61 -8.74
C GLY A 511 -68.76 6.46 -9.51
N PHE A 512 -67.65 6.80 -8.84
CA PHE A 512 -66.54 7.53 -9.46
C PHE A 512 -65.84 6.71 -10.55
N PHE A 513 -65.76 5.39 -10.34
CA PHE A 513 -65.09 4.48 -11.27
C PHE A 513 -65.82 4.35 -12.61
N GLY A 514 -67.15 4.39 -12.57
CA GLY A 514 -67.97 4.43 -13.79
C GLY A 514 -67.86 5.74 -14.54
N TRP A 515 -67.89 6.85 -13.81
CA TRP A 515 -67.72 8.19 -14.39
C TRP A 515 -66.36 8.37 -15.07
N PHE A 516 -65.32 7.81 -14.45
CA PHE A 516 -63.96 7.86 -15.01
C PHE A 516 -63.86 7.09 -16.33
N ASN A 517 -64.44 5.88 -16.37
CA ASN A 517 -64.40 5.02 -17.56
C ASN A 517 -65.21 5.59 -18.72
N ARG A 518 -66.39 6.13 -18.43
CA ARG A 518 -67.20 6.81 -19.45
C ARG A 518 -66.54 8.10 -19.97
N MET A 519 -65.86 8.82 -19.08
CA MET A 519 -65.06 10.00 -19.46
C MET A 519 -63.85 9.61 -20.31
N PHE A 520 -63.20 8.51 -19.96
CA PHE A 520 -61.99 8.07 -20.65
C PHE A 520 -62.27 7.51 -22.05
N GLU A 521 -63.35 6.74 -22.20
CA GLU A 521 -63.76 6.19 -23.51
C GLU A 521 -64.14 7.29 -24.50
N LYS A 522 -64.89 8.28 -24.03
CA LYS A 522 -65.24 9.47 -24.84
C LYS A 522 -63.99 10.32 -25.15
N SER A 523 -63.06 10.40 -24.19
CA SER A 523 -61.77 11.07 -24.42
C SER A 523 -60.90 10.33 -25.43
N THR A 524 -60.93 9.00 -25.41
CA THR A 524 -60.24 8.18 -26.40
C THR A 524 -60.83 8.36 -27.80
N HIS A 525 -62.16 8.43 -27.88
CA HIS A 525 -62.86 8.72 -29.16
C HIS A 525 -62.65 10.16 -29.63
N HIS A 526 -62.61 11.11 -28.69
CA HIS A 526 -62.19 12.50 -28.98
C HIS A 526 -60.75 12.54 -29.51
N TYR A 527 -59.87 11.76 -28.87
CA TYR A 527 -58.45 11.70 -29.21
C TYR A 527 -58.18 11.09 -30.59
N THR A 528 -58.90 10.04 -30.97
CA THR A 528 -58.76 9.42 -32.29
C THR A 528 -59.22 10.35 -33.43
N ASP A 529 -60.39 10.95 -33.25
CA ASP A 529 -60.96 11.88 -34.23
C ASP A 529 -60.15 13.17 -34.34
N SER A 530 -59.55 13.61 -33.22
CA SER A 530 -58.66 14.78 -33.22
C SER A 530 -57.34 14.51 -33.96
N VAL A 531 -56.75 13.35 -33.70
CA VAL A 531 -55.52 12.92 -34.39
C VAL A 531 -55.78 12.68 -35.89
N GLY A 532 -56.96 12.15 -36.23
CA GLY A 532 -57.39 11.99 -37.62
C GLY A 532 -57.40 13.29 -38.41
N GLY A 533 -57.84 14.38 -37.76
CA GLY A 533 -57.81 15.72 -38.34
C GLY A 533 -56.42 16.31 -38.51
N ILE A 534 -55.52 15.97 -37.59
CA ILE A 534 -54.12 16.43 -37.63
C ILE A 534 -53.35 15.82 -38.82
N LEU A 535 -53.62 14.55 -39.13
CA LEU A 535 -52.96 13.85 -40.25
C LEU A 535 -53.38 14.37 -41.64
N ARG A 536 -54.57 14.97 -41.73
CA ARG A 536 -55.01 15.67 -42.95
C ARG A 536 -54.23 16.97 -43.17
N SER A 537 -53.84 17.64 -42.08
CA SER A 537 -53.02 18.86 -42.14
C SER A 537 -51.57 18.52 -42.52
N THR A 538 -50.91 17.71 -41.69
CA THR A 538 -49.51 17.27 -41.90
C THR A 538 -48.49 18.42 -41.94
N GLY A 539 -48.48 19.18 -43.04
CA GLY A 539 -47.53 20.27 -43.25
C GLY A 539 -47.64 21.43 -42.28
N ARG A 540 -48.83 21.67 -41.75
CA ARG A 540 -49.06 22.74 -40.75
C ARG A 540 -48.39 22.45 -39.41
N TYR A 541 -48.34 21.17 -39.02
CA TYR A 541 -47.69 20.75 -37.77
C TYR A 541 -46.17 20.59 -37.89
N LEU A 542 -45.66 20.41 -39.11
CA LEU A 542 -44.21 20.48 -39.36
C LEU A 542 -43.64 21.88 -39.14
N VAL A 543 -44.44 22.91 -39.42
CA VAL A 543 -44.06 24.31 -39.14
C VAL A 543 -44.14 24.59 -37.64
N LEU A 544 -45.19 24.09 -36.99
CA LEU A 544 -45.33 24.17 -35.53
C LEU A 544 -44.21 23.43 -34.79
N TYR A 545 -43.73 22.32 -35.36
CA TYR A 545 -42.59 21.57 -34.83
C TYR A 545 -41.30 22.40 -34.86
N LEU A 546 -41.06 23.08 -35.99
CA LEU A 546 -39.88 23.94 -36.13
C LEU A 546 -39.91 25.17 -35.23
N ILE A 547 -41.10 25.61 -34.81
CA ILE A 547 -41.24 26.64 -33.77
C ILE A 547 -40.79 26.11 -32.41
N ILE A 548 -41.18 24.86 -32.09
CA ILE A 548 -40.79 24.20 -30.84
C ILE A 548 -39.27 23.98 -30.78
N VAL A 549 -38.65 23.60 -31.90
CA VAL A 549 -37.21 23.39 -31.98
C VAL A 549 -36.42 24.71 -31.86
N VAL A 550 -36.93 25.78 -32.47
CA VAL A 550 -36.33 27.13 -32.35
C VAL A 550 -36.51 27.65 -30.92
N GLY A 551 -37.67 27.40 -30.33
CA GLY A 551 -37.91 27.69 -28.91
C GLY A 551 -36.99 26.92 -27.98
N MET A 552 -36.79 25.63 -28.28
CA MET A 552 -35.86 24.77 -27.55
C MET A 552 -34.42 25.30 -27.66
N ALA A 553 -34.03 25.68 -28.87
CA ALA A 553 -32.70 26.21 -29.15
C ALA A 553 -32.44 27.53 -28.42
N TYR A 554 -33.45 28.40 -28.39
CA TYR A 554 -33.34 29.69 -27.70
C TYR A 554 -33.17 29.50 -26.19
N LEU A 555 -34.06 28.71 -25.59
CA LEU A 555 -34.03 28.47 -24.14
C LEU A 555 -32.77 27.73 -23.65
N PHE A 556 -32.19 26.90 -24.50
CA PHE A 556 -30.95 26.17 -24.17
C PHE A 556 -29.74 27.10 -24.07
N VAL A 557 -29.64 28.05 -24.99
CA VAL A 557 -28.52 29.02 -25.01
C VAL A 557 -28.68 30.08 -23.91
N ARG A 558 -29.93 30.48 -23.62
CA ARG A 558 -30.24 31.42 -22.54
C ARG A 558 -29.92 30.86 -21.15
N LEU A 559 -30.31 29.60 -20.92
CA LEU A 559 -30.16 28.94 -19.62
C LEU A 559 -28.68 28.67 -19.27
N PRO A 560 -28.13 29.39 -18.26
CA PRO A 560 -26.70 29.26 -17.95
C PRO A 560 -26.41 27.99 -17.13
N SER A 561 -25.30 27.32 -17.44
CA SER A 561 -24.98 26.02 -16.85
C SER A 561 -24.17 26.11 -15.55
N SER A 562 -24.19 25.01 -14.80
CA SER A 562 -23.37 24.82 -13.60
C SER A 562 -23.09 23.32 -13.42
N PHE A 563 -22.42 22.94 -12.33
CA PHE A 563 -22.15 21.52 -12.04
C PHE A 563 -23.12 20.93 -11.01
N LEU A 564 -23.01 21.36 -9.75
CA LEU A 564 -23.86 20.87 -8.65
C LEU A 564 -24.24 22.03 -7.72
N PRO A 565 -25.50 22.04 -7.21
CA PRO A 565 -25.89 23.15 -6.32
C PRO A 565 -25.19 23.13 -4.97
N ASP A 566 -24.95 24.33 -4.42
CA ASP A 566 -24.49 24.48 -3.04
C ASP A 566 -25.66 24.20 -2.13
N GLU A 567 -25.51 23.19 -1.28
CA GLU A 567 -26.58 22.79 -0.37
C GLU A 567 -26.38 23.43 1.01
N ASP A 568 -27.48 23.67 1.70
CA ASP A 568 -27.46 24.06 3.10
C ASP A 568 -27.17 22.82 3.93
N GLN A 569 -25.90 22.67 4.34
CA GLN A 569 -25.44 21.52 5.13
C GLN A 569 -25.60 21.70 6.65
N GLY A 570 -26.15 22.84 7.08
CA GLY A 570 -26.36 23.10 8.50
C GLY A 570 -25.11 23.57 9.25
N VAL A 571 -24.02 23.79 8.52
CA VAL A 571 -22.76 24.25 9.06
C VAL A 571 -22.07 25.16 8.04
N PHE A 572 -21.24 26.07 8.53
CA PHE A 572 -20.38 26.88 7.67
C PHE A 572 -19.20 27.44 8.48
N MET A 573 -18.31 28.15 7.81
CA MET A 573 -17.09 28.65 8.44
C MET A 573 -16.89 30.14 8.17
N THR A 574 -16.02 30.75 8.98
CA THR A 574 -15.65 32.14 8.86
C THR A 574 -14.15 32.28 9.05
N MET A 575 -13.46 32.85 8.06
CA MET A 575 -12.03 33.12 8.14
C MET A 575 -11.81 34.47 8.83
N VAL A 576 -10.80 34.52 9.70
CA VAL A 576 -10.29 35.76 10.24
C VAL A 576 -8.81 35.85 9.91
N GLN A 577 -8.45 36.83 9.09
CA GLN A 577 -7.06 37.10 8.71
C GLN A 577 -6.74 38.57 8.95
N LEU A 578 -5.94 38.84 9.98
CA LEU A 578 -5.40 40.19 10.22
C LEU A 578 -4.07 40.31 9.47
N PRO A 579 -3.56 41.54 9.32
CA PRO A 579 -2.20 41.69 8.75
C PRO A 579 -1.14 41.00 9.59
N ALA A 580 -0.07 40.56 8.93
CA ALA A 580 1.09 39.99 9.64
C ALA A 580 1.69 41.04 10.58
N GLY A 581 2.18 40.57 11.73
CA GLY A 581 2.62 41.45 12.82
C GLY A 581 1.54 41.81 13.82
N ALA A 582 0.28 41.51 13.51
CA ALA A 582 -0.82 41.67 14.46
C ALA A 582 -0.69 40.67 15.61
N THR A 583 -1.18 41.06 16.79
CA THR A 583 -1.04 40.25 17.99
C THR A 583 -2.23 39.32 18.22
N GLN A 584 -2.00 38.34 19.07
CA GLN A 584 -3.02 37.40 19.52
C GLN A 584 -4.19 38.13 20.17
N GLU A 585 -3.88 39.14 20.97
CA GLU A 585 -4.89 39.95 21.65
C GLU A 585 -5.78 40.68 20.65
N ARG A 586 -5.21 41.21 19.57
CA ARG A 586 -5.98 41.92 18.56
C ARG A 586 -6.84 40.98 17.71
N THR A 587 -6.32 39.79 17.41
CA THR A 587 -7.06 38.74 16.69
C THR A 587 -8.29 38.27 17.48
N GLN A 588 -8.12 38.18 18.80
CA GLN A 588 -9.23 37.84 19.71
C GLN A 588 -10.30 38.91 19.71
N LYS A 589 -9.88 40.17 19.69
CA LYS A 589 -10.80 41.30 19.61
C LYS A 589 -11.74 41.16 18.40
N VAL A 590 -11.20 40.70 17.27
CA VAL A 590 -12.00 40.48 16.05
C VAL A 590 -12.86 39.22 16.15
N LEU A 591 -12.32 38.14 16.70
CA LEU A 591 -13.07 36.90 16.91
C LEU A 591 -14.26 37.09 17.86
N ASN A 592 -14.08 37.97 18.85
CA ASN A 592 -15.16 38.34 19.75
C ASN A 592 -16.28 39.06 19.00
N GLU A 593 -15.94 39.96 18.09
CA GLU A 593 -16.93 40.63 17.23
C GLU A 593 -17.68 39.66 16.32
N VAL A 594 -16.96 38.68 15.79
CA VAL A 594 -17.57 37.64 14.94
C VAL A 594 -18.53 36.77 15.75
N THR A 595 -18.05 36.27 16.90
CA THR A 595 -18.85 35.44 17.80
C THR A 595 -20.08 36.21 18.31
N HIS A 596 -19.86 37.46 18.72
CA HIS A 596 -20.94 38.37 19.14
C HIS A 596 -22.06 38.42 18.09
N TYR A 597 -21.66 38.66 16.84
CA TYR A 597 -22.62 38.78 15.74
C TYR A 597 -23.53 37.55 15.60
N TYR A 598 -22.94 36.36 15.66
CA TYR A 598 -23.73 35.12 15.50
C TYR A 598 -24.62 34.79 16.71
N LEU A 599 -24.21 35.24 17.90
CA LEU A 599 -25.00 35.04 19.13
C LEU A 599 -26.07 36.11 19.38
N THR A 600 -26.01 37.24 18.67
CA THR A 600 -26.97 38.34 18.85
C THR A 600 -27.88 38.53 17.64
N LYS A 601 -27.31 38.90 16.50
CA LYS A 601 -28.09 39.14 15.28
C LYS A 601 -28.60 37.85 14.59
N GLU A 602 -27.90 36.73 14.78
CA GLU A 602 -28.35 35.43 14.25
C GLU A 602 -28.70 34.43 15.37
N LYS A 603 -29.39 34.90 16.41
CA LYS A 603 -29.92 34.05 17.49
C LYS A 603 -30.78 32.90 16.98
N ASN A 604 -31.65 33.19 16.01
CA ASN A 604 -32.65 32.23 15.53
C ASN A 604 -32.07 31.14 14.64
N ASN A 605 -30.99 31.44 13.93
CA ASN A 605 -30.40 30.50 12.96
C ASN A 605 -29.17 29.74 13.49
N VAL A 606 -28.28 30.43 14.21
CA VAL A 606 -27.04 29.83 14.70
C VAL A 606 -27.24 29.11 16.04
N GLU A 607 -26.91 27.82 16.07
CA GLU A 607 -26.90 27.03 17.30
C GLU A 607 -25.65 27.34 18.10
N SER A 608 -24.48 27.16 17.48
CA SER A 608 -23.21 27.31 18.16
C SER A 608 -22.10 27.89 17.29
N VAL A 609 -21.07 28.44 17.94
CA VAL A 609 -19.88 28.98 17.29
C VAL A 609 -18.64 28.44 18.01
N PHE A 610 -17.78 27.72 17.28
CA PHE A 610 -16.49 27.27 17.82
C PHE A 610 -15.38 28.11 17.20
N ALA A 611 -15.02 29.19 17.90
CA ALA A 611 -13.97 30.10 17.46
C ALA A 611 -12.62 29.58 17.92
N VAL A 612 -11.62 29.70 17.06
CA VAL A 612 -10.24 29.32 17.38
C VAL A 612 -9.33 30.50 17.02
N ASN A 613 -8.66 31.05 18.04
CA ASN A 613 -7.65 32.10 17.85
C ASN A 613 -6.30 31.42 17.65
N GLY A 614 -5.60 31.79 16.57
CA GLY A 614 -4.25 31.30 16.29
C GLY A 614 -4.14 30.18 15.25
N PHE A 615 -5.27 29.81 14.64
CA PHE A 615 -5.32 28.79 13.61
C PHE A 615 -6.23 29.28 12.49
N GLY A 616 -5.79 29.09 11.25
CA GLY A 616 -6.59 29.45 10.07
C GLY A 616 -6.44 28.45 8.95
N PHE A 617 -6.95 28.84 7.78
CA PHE A 617 -6.94 27.99 6.61
C PHE A 617 -5.53 27.89 6.01
N ALA A 618 -4.78 28.99 6.07
CA ALA A 618 -3.38 29.02 5.65
C ALA A 618 -2.47 28.24 6.63
N GLY A 619 -2.69 28.43 7.93
CA GLY A 619 -1.91 27.73 8.97
C GLY A 619 -1.95 28.43 10.31
N ARG A 620 -0.97 28.15 11.16
CA ARG A 620 -0.83 28.80 12.47
C ARG A 620 -0.30 30.23 12.35
N GLY A 621 -0.45 31.00 13.44
CA GLY A 621 0.03 32.38 13.53
C GLY A 621 -0.83 33.23 14.45
N GLN A 622 -0.20 34.18 15.16
CA GLN A 622 -0.92 35.14 16.02
C GLN A 622 -1.97 35.96 15.26
N ASN A 623 -1.75 36.19 13.97
CA ASN A 623 -2.59 37.07 13.14
C ASN A 623 -3.81 36.41 12.48
N THR A 624 -4.09 35.14 12.78
CA THR A 624 -5.13 34.40 12.06
C THR A 624 -6.09 33.68 13.00
N GLY A 625 -7.29 33.45 12.49
CA GLY A 625 -8.35 32.81 13.26
C GLY A 625 -9.39 32.16 12.38
N ILE A 626 -10.33 31.46 13.02
CA ILE A 626 -11.36 30.69 12.31
C ILE A 626 -12.52 30.42 13.25
N ALA A 627 -13.73 30.36 12.70
CA ALA A 627 -14.94 30.10 13.47
C ALA A 627 -15.79 29.07 12.76
N PHE A 628 -15.97 27.90 13.40
CA PHE A 628 -16.85 26.85 12.90
C PHE A 628 -18.25 27.14 13.44
N VAL A 629 -19.18 27.41 12.54
CA VAL A 629 -20.54 27.80 12.92
C VAL A 629 -21.50 26.67 12.58
N SER A 630 -22.33 26.27 13.56
CA SER A 630 -23.33 25.22 13.38
C SER A 630 -24.70 25.85 13.51
N LEU A 631 -25.57 25.62 12.53
CA LEU A 631 -26.91 26.20 12.51
C LEU A 631 -27.90 25.29 13.20
N LYS A 632 -29.10 25.81 13.45
CA LYS A 632 -30.20 25.02 14.00
C LYS A 632 -30.80 24.18 12.88
N ASP A 633 -31.69 23.26 13.25
CA ASP A 633 -32.28 22.34 12.28
C ASP A 633 -33.05 23.10 11.19
N TRP A 634 -33.05 22.55 9.99
CA TRP A 634 -33.61 23.17 8.79
C TRP A 634 -35.07 23.62 8.94
N ALA A 635 -35.87 22.82 9.65
CA ALA A 635 -37.28 23.14 9.91
C ALA A 635 -37.46 24.36 10.83
N ASP A 636 -36.52 24.55 11.76
CA ASP A 636 -36.54 25.72 12.67
C ASP A 636 -36.08 27.04 12.04
N ARG A 637 -35.69 27.03 10.76
CA ARG A 637 -35.29 28.25 10.05
C ARG A 637 -35.77 28.21 8.59
N PRO A 638 -37.10 28.39 8.38
CA PRO A 638 -37.69 28.32 7.04
C PRO A 638 -37.57 29.63 6.26
N GLY A 639 -37.51 29.52 4.93
CA GLY A 639 -37.37 30.67 4.03
C GLY A 639 -35.93 30.81 3.61
N GLU A 640 -35.71 31.32 2.39
CA GLU A 640 -34.35 31.47 1.84
C GLU A 640 -33.48 32.51 2.57
N GLU A 641 -34.13 33.47 3.24
CA GLU A 641 -33.45 34.46 4.09
C GLU A 641 -32.74 33.84 5.31
N ASN A 642 -33.21 32.66 5.74
CA ASN A 642 -32.63 31.94 6.89
C ASN A 642 -31.80 30.70 6.49
N LYS A 643 -31.34 30.62 5.24
CA LYS A 643 -30.44 29.54 4.78
C LYS A 643 -29.00 30.05 4.73
N VAL A 644 -28.07 29.10 4.60
CA VAL A 644 -26.62 29.37 4.72
C VAL A 644 -26.14 30.46 3.76
N GLU A 645 -26.68 30.46 2.54
CA GLU A 645 -26.30 31.45 1.52
C GLU A 645 -26.60 32.86 2.02
N ALA A 646 -27.86 33.10 2.42
CA ALA A 646 -28.28 34.41 2.94
C ALA A 646 -27.59 34.81 4.24
N ILE A 647 -27.35 33.82 5.12
CA ILE A 647 -26.68 34.05 6.41
C ILE A 647 -25.23 34.50 6.18
N THR A 648 -24.48 33.72 5.39
CA THR A 648 -23.07 34.03 5.09
C THR A 648 -22.89 35.33 4.31
N MET A 649 -23.87 35.69 3.47
CA MET A 649 -23.81 36.95 2.71
CA MET A 649 -23.87 36.96 2.70
C MET A 649 -24.04 38.14 3.65
N ARG A 650 -25.01 38.04 4.55
CA ARG A 650 -25.25 39.06 5.57
C ARG A 650 -24.07 39.21 6.55
N ALA A 651 -23.52 38.07 6.99
CA ALA A 651 -22.38 38.06 7.93
C ALA A 651 -21.14 38.73 7.32
N THR A 652 -20.81 38.38 6.07
CA THR A 652 -19.68 38.98 5.36
C THR A 652 -19.86 40.49 5.19
N ARG A 653 -21.08 40.89 4.82
CA ARG A 653 -21.43 42.32 4.68
C ARG A 653 -21.23 43.07 6.00
N ALA A 654 -21.69 42.49 7.10
CA ALA A 654 -21.49 43.05 8.44
C ALA A 654 -20.02 43.13 8.85
N PHE A 655 -19.23 42.09 8.53
CA PHE A 655 -17.80 42.05 8.93
C PHE A 655 -16.87 42.90 8.07
N SER A 656 -17.36 43.47 6.97
CA SER A 656 -16.57 44.43 6.17
C SER A 656 -16.20 45.69 6.97
N GLN A 657 -17.03 46.07 7.95
CA GLN A 657 -16.76 47.18 8.86
C GLN A 657 -15.96 46.74 10.10
N ILE A 658 -14.78 46.15 9.86
CA ILE A 658 -13.84 45.77 10.93
C ILE A 658 -12.45 46.22 10.48
N LYS A 659 -11.78 47.01 11.32
CA LYS A 659 -10.51 47.64 10.95
C LYS A 659 -9.37 46.64 10.99
N ASP A 660 -8.47 46.75 10.00
CA ASP A 660 -7.26 45.90 9.91
C ASP A 660 -7.61 44.41 9.98
N ALA A 661 -8.55 43.97 9.14
CA ALA A 661 -9.03 42.59 9.17
C ALA A 661 -9.72 42.16 7.87
N MET A 662 -9.32 41.00 7.35
CA MET A 662 -10.02 40.32 6.28
C MET A 662 -10.88 39.24 6.95
N VAL A 663 -12.19 39.46 6.96
CA VAL A 663 -13.15 38.58 7.63
C VAL A 663 -14.32 38.30 6.70
N PHE A 664 -14.52 37.03 6.34
CA PHE A 664 -15.66 36.64 5.52
C PHE A 664 -16.16 35.24 5.88
N ALA A 665 -17.49 35.08 5.84
CA ALA A 665 -18.14 33.81 6.09
C ALA A 665 -18.54 33.20 4.75
N PHE A 666 -18.34 31.89 4.62
CA PHE A 666 -18.55 31.21 3.34
C PHE A 666 -19.09 29.80 3.52
N ASN A 667 -19.89 29.35 2.56
CA ASN A 667 -20.42 28.00 2.54
C ASN A 667 -19.43 27.06 1.88
N LEU A 668 -19.24 25.88 2.46
CA LEU A 668 -18.41 24.84 1.85
C LEU A 668 -19.10 24.33 0.59
N PRO A 669 -18.40 24.32 -0.57
CA PRO A 669 -19.05 23.83 -1.81
C PRO A 669 -19.45 22.35 -1.79
N ALA A 670 -20.20 21.92 -2.80
CA ALA A 670 -20.60 20.52 -2.95
C ALA A 670 -19.38 19.61 -2.99
N ILE A 671 -18.47 19.90 -3.91
CA ILE A 671 -17.16 19.27 -3.98
C ILE A 671 -16.12 20.41 -4.08
N VAL A 672 -15.44 20.70 -2.97
CA VAL A 672 -14.51 21.85 -2.88
C VAL A 672 -13.30 21.77 -3.82
N GLU A 673 -12.86 20.57 -4.17
CA GLU A 673 -11.64 20.36 -4.96
C GLU A 673 -11.80 20.67 -6.46
N LEU A 674 -13.04 20.70 -6.96
CA LEU A 674 -13.31 21.09 -8.35
C LEU A 674 -13.00 22.56 -8.60
N GLY A 675 -13.63 23.43 -7.80
CA GLY A 675 -13.44 24.89 -7.91
C GLY A 675 -14.58 25.66 -7.29
N THR A 676 -14.71 26.93 -7.70
CA THR A 676 -15.82 27.79 -7.29
C THR A 676 -16.40 28.50 -8.53
N ALA A 677 -16.81 27.69 -9.51
CA ALA A 677 -17.49 28.13 -10.73
C ALA A 677 -16.66 29.05 -11.66
N THR A 678 -16.42 30.29 -11.22
CA THR A 678 -15.72 31.30 -12.00
C THR A 678 -14.30 31.64 -11.52
N GLY A 679 -13.81 30.96 -10.47
CA GLY A 679 -12.51 31.28 -9.86
C GLY A 679 -11.31 30.71 -10.59
N PHE A 680 -10.14 31.28 -10.30
CA PHE A 680 -8.86 30.75 -10.79
C PHE A 680 -7.75 30.84 -9.73
N ASP A 681 -6.77 29.94 -9.84
CA ASP A 681 -5.68 29.82 -8.88
C ASP A 681 -4.34 29.90 -9.63
N PHE A 682 -3.79 31.10 -9.69
CA PHE A 682 -2.58 31.43 -10.46
C PHE A 682 -1.37 31.28 -9.55
N GLU A 683 -0.20 31.03 -10.14
CA GLU A 683 1.06 30.86 -9.40
C GLU A 683 2.18 31.62 -10.08
N LEU A 684 2.68 32.67 -9.42
CA LEU A 684 3.81 33.45 -9.92
C LEU A 684 5.09 32.78 -9.47
N ILE A 685 6.04 32.58 -10.39
CA ILE A 685 7.26 31.79 -10.14
C ILE A 685 8.54 32.60 -10.38
N ASP A 686 9.45 32.58 -9.41
CA ASP A 686 10.81 33.11 -9.57
C ASP A 686 11.59 32.07 -10.36
N GLN A 687 11.87 32.37 -11.63
CA GLN A 687 12.47 31.40 -12.56
C GLN A 687 13.98 31.50 -12.71
N ALA A 688 14.60 32.53 -12.13
CA ALA A 688 16.03 32.82 -12.38
C ALA A 688 16.78 33.38 -11.18
N GLY A 689 16.42 32.94 -9.98
CA GLY A 689 17.08 33.36 -8.75
C GLY A 689 16.97 34.83 -8.41
N LEU A 690 15.85 35.45 -8.82
CA LEU A 690 15.62 36.88 -8.58
C LEU A 690 15.58 37.24 -7.10
N GLY A 691 14.98 36.36 -6.29
CA GLY A 691 14.81 36.61 -4.85
C GLY A 691 13.40 37.05 -4.49
N HIS A 692 13.15 37.16 -3.19
CA HIS A 692 11.82 37.49 -2.66
C HIS A 692 11.39 38.93 -2.98
N GLU A 693 12.32 39.87 -2.86
CA GLU A 693 12.02 41.30 -3.01
C GLU A 693 11.59 41.62 -4.44
N LYS A 694 12.34 41.12 -5.42
CA LYS A 694 12.00 41.31 -6.84
C LYS A 694 10.74 40.56 -7.25
N LEU A 695 10.52 39.37 -6.70
CA LEU A 695 9.30 38.60 -6.99
C LEU A 695 8.07 39.34 -6.46
N THR A 696 8.20 39.95 -5.27
CA THR A 696 7.16 40.80 -4.69
C THR A 696 6.84 41.98 -5.60
N GLN A 697 7.88 42.65 -6.09
CA GLN A 697 7.74 43.75 -7.06
C GLN A 697 7.01 43.31 -8.33
N ALA A 698 7.37 42.13 -8.85
CA ALA A 698 6.71 41.55 -10.01
C ALA A 698 5.24 41.23 -9.74
N ARG A 699 4.95 40.72 -8.55
CA ARG A 699 3.58 40.46 -8.12
C ARG A 699 2.75 41.74 -8.09
N ASN A 700 3.30 42.79 -7.49
CA ASN A 700 2.58 44.07 -7.36
C ASN A 700 2.27 44.67 -8.72
N GLN A 701 3.24 44.58 -9.63
CA GLN A 701 3.06 44.98 -11.02
C GLN A 701 1.90 44.21 -11.67
N LEU A 702 1.87 42.90 -11.48
CA LEU A 702 0.80 42.04 -12.03
C LEU A 702 -0.56 42.36 -11.42
N LEU A 703 -0.58 42.64 -10.12
CA LEU A 703 -1.80 43.03 -9.40
C LEU A 703 -2.33 44.39 -9.87
N ALA A 704 -1.42 45.35 -10.04
CA ALA A 704 -1.76 46.68 -10.51
C ALA A 704 -2.43 46.64 -11.89
N GLU A 705 -1.85 45.86 -12.80
CA GLU A 705 -2.40 45.68 -14.15
C GLU A 705 -3.72 44.89 -14.20
N ALA A 706 -3.91 43.96 -13.25
CA ALA A 706 -5.16 43.20 -13.16
C ALA A 706 -6.34 44.11 -12.79
N ALA A 707 -6.10 45.03 -11.87
CA ALA A 707 -7.10 46.04 -11.47
C ALA A 707 -7.59 46.90 -12.64
N LYS A 708 -6.69 47.20 -13.57
CA LYS A 708 -7.02 47.99 -14.77
C LYS A 708 -7.93 47.28 -15.79
N HIS A 709 -8.28 46.01 -15.54
CA HIS A 709 -9.28 45.31 -16.36
C HIS A 709 -10.41 44.73 -15.48
N PRO A 710 -11.23 45.60 -14.85
CA PRO A 710 -12.37 45.09 -14.06
C PRO A 710 -13.49 44.47 -14.91
N ASP A 711 -13.54 44.82 -16.20
CA ASP A 711 -14.44 44.16 -17.16
C ASP A 711 -14.21 42.66 -17.30
N MET A 712 -12.97 42.21 -17.07
CA MET A 712 -12.60 40.79 -17.13
C MET A 712 -12.28 40.16 -15.77
N LEU A 713 -11.38 40.78 -15.01
CA LEU A 713 -10.83 40.20 -13.76
C LEU A 713 -11.40 40.84 -12.50
N THR A 714 -11.93 40.02 -11.59
CA THR A 714 -12.51 40.48 -10.33
C THR A 714 -11.73 39.94 -9.12
N SER A 715 -11.53 40.80 -8.11
CA SER A 715 -10.96 40.45 -6.80
C SER A 715 -9.64 39.68 -6.88
N VAL A 716 -8.74 40.16 -7.72
CA VAL A 716 -7.43 39.54 -7.92
C VAL A 716 -6.54 39.94 -6.75
N ARG A 717 -6.24 38.95 -5.90
CA ARG A 717 -5.52 39.19 -4.64
C ARG A 717 -4.45 38.13 -4.41
N PRO A 718 -3.42 38.46 -3.61
CA PRO A 718 -2.47 37.44 -3.20
C PRO A 718 -3.06 36.60 -2.08
N ASN A 719 -2.76 35.31 -2.07
CA ASN A 719 -3.18 34.41 -1.00
C ASN A 719 -2.24 34.46 0.21
N GLY A 720 -1.04 35.01 0.01
CA GLY A 720 -0.03 35.04 1.07
C GLY A 720 -0.12 36.23 2.01
N LEU A 721 0.98 36.46 2.72
CA LEU A 721 1.12 37.55 3.68
C LEU A 721 2.18 38.55 3.23
N GLU A 722 2.08 39.77 3.74
CA GLU A 722 3.02 40.85 3.40
C GLU A 722 4.23 40.84 4.33
N ASP A 723 5.29 41.52 3.90
CA ASP A 723 6.50 41.65 4.70
C ASP A 723 6.21 42.48 5.94
N THR A 724 6.98 42.24 6.99
CA THR A 724 6.78 42.95 8.25
C THR A 724 8.11 43.30 8.89
N PRO A 725 8.14 44.34 9.75
CA PRO A 725 9.37 44.67 10.47
C PRO A 725 9.92 43.46 11.22
N GLN A 726 11.24 43.29 11.16
CA GLN A 726 11.91 42.25 11.92
C GLN A 726 13.24 42.76 12.47
N PHE A 727 13.62 42.25 13.63
CA PHE A 727 14.73 42.77 14.41
C PHE A 727 15.98 42.01 14.02
N LYS A 728 16.81 42.63 13.17
CA LYS A 728 18.04 41.99 12.68
C LYS A 728 19.18 42.27 13.67
N ILE A 729 19.85 41.22 14.12
CA ILE A 729 20.94 41.35 15.10
C ILE A 729 22.22 40.67 14.58
N ASP A 730 23.33 41.42 14.59
CA ASP A 730 24.62 40.93 14.11
C ASP A 730 25.54 40.67 15.29
N ILE A 731 25.94 39.41 15.48
CA ILE A 731 26.92 39.05 16.49
C ILE A 731 28.30 39.37 15.90
N ASP A 732 29.05 40.26 16.56
CA ASP A 732 30.39 40.59 16.10
C ASP A 732 31.34 39.47 16.51
N GLN A 733 31.89 38.78 15.52
CA GLN A 733 32.73 37.59 15.73
C GLN A 733 34.08 37.93 16.36
N GLU A 734 34.67 39.03 15.93
CA GLU A 734 35.96 39.49 16.46
C GLU A 734 35.84 39.88 17.94
N LYS A 735 34.86 40.73 18.24
CA LYS A 735 34.63 41.19 19.62
C LYS A 735 34.31 40.03 20.56
N ALA A 736 33.55 39.07 20.06
CA ALA A 736 33.25 37.84 20.80
C ALA A 736 34.50 37.01 21.08
N GLN A 737 35.35 36.84 20.06
CA GLN A 737 36.62 36.12 20.23
C GLN A 737 37.58 36.84 21.18
N ALA A 738 37.54 38.18 21.17
CA ALA A 738 38.34 39.01 22.05
C ALA A 738 37.98 38.80 23.53
N LEU A 739 36.67 38.81 23.82
CA LEU A 739 36.18 38.61 25.19
C LEU A 739 36.20 37.14 25.66
N GLY A 740 36.38 36.20 24.74
CA GLY A 740 36.43 34.78 25.07
C GLY A 740 35.04 34.17 25.26
N VAL A 741 34.07 34.64 24.48
CA VAL A 741 32.70 34.15 24.54
C VAL A 741 32.40 33.27 23.31
N SER A 742 31.99 32.03 23.58
CA SER A 742 31.62 31.08 22.53
C SER A 742 30.42 31.57 21.73
N ILE A 743 30.42 31.27 20.43
CA ILE A 743 29.27 31.61 19.55
C ILE A 743 28.12 30.64 19.82
N ASN A 744 28.44 29.41 20.25
CA ASN A 744 27.42 28.44 20.63
C ASN A 744 26.68 28.86 21.90
N ASP A 745 27.41 29.38 22.89
CA ASP A 745 26.81 29.94 24.09
C ASP A 745 25.96 31.19 23.79
N ILE A 746 26.40 32.01 22.83
CA ILE A 746 25.63 33.18 22.39
C ILE A 746 24.32 32.76 21.74
N ASN A 747 24.40 31.90 20.74
CA ASN A 747 23.21 31.44 19.99
C ASN A 747 22.23 30.60 20.81
N THR A 748 22.75 29.76 21.71
CA THR A 748 21.90 29.02 22.65
C THR A 748 21.19 29.98 23.60
N THR A 749 21.91 30.98 24.11
CA THR A 749 21.34 31.96 25.01
C THR A 749 20.24 32.75 24.31
N LEU A 750 20.55 33.32 23.14
CA LEU A 750 19.56 34.06 22.35
C LEU A 750 18.35 33.22 21.97
N GLY A 751 18.61 32.01 21.45
CA GLY A 751 17.56 31.12 20.95
C GLY A 751 16.68 30.53 22.04
N ALA A 752 17.30 30.03 23.10
CA ALA A 752 16.56 29.43 24.20
C ALA A 752 15.69 30.45 24.92
N ALA A 753 16.25 31.63 25.18
CA ALA A 753 15.53 32.70 25.89
C ALA A 753 14.37 33.28 25.08
N TRP A 754 14.63 33.67 23.83
CA TRP A 754 13.64 34.39 23.03
C TRP A 754 12.78 33.49 22.14
N GLY A 755 13.30 32.32 21.76
CA GLY A 755 12.57 31.36 20.92
C GLY A 755 12.00 30.15 21.65
N GLY A 756 12.66 29.73 22.73
CA GLY A 756 12.31 28.50 23.43
C GLY A 756 13.20 27.34 23.00
N SER A 757 13.40 26.39 23.91
CA SER A 757 14.25 25.22 23.66
C SER A 757 13.67 23.95 24.32
N TYR A 758 13.36 22.96 23.48
CA TYR A 758 12.89 21.64 23.94
C TYR A 758 14.11 20.85 24.46
N VAL A 759 14.27 20.80 25.78
CA VAL A 759 15.44 20.21 26.42
C VAL A 759 15.38 18.69 26.39
N ASN A 760 14.39 18.12 27.09
CA ASN A 760 14.20 16.66 27.14
C ASN A 760 12.78 16.34 27.62
N ASP A 761 12.49 15.07 27.91
CA ASP A 761 11.15 14.66 28.34
C ASP A 761 11.07 14.43 29.85
N PHE A 762 9.84 14.50 30.35
CA PHE A 762 9.50 14.21 31.75
C PHE A 762 8.16 13.46 31.78
N ILE A 763 7.74 13.03 32.97
CA ILE A 763 6.51 12.22 33.12
C ILE A 763 5.46 12.97 33.95
N ASP A 764 4.34 13.31 33.33
CA ASP A 764 3.24 14.01 33.99
C ASP A 764 2.07 13.06 34.16
N ARG A 765 1.83 12.62 35.39
CA ARG A 765 0.73 11.69 35.71
C ARG A 765 0.74 10.47 34.78
N GLY A 766 1.93 9.87 34.66
CA GLY A 766 2.14 8.65 33.88
C GLY A 766 2.42 8.80 32.38
N ARG A 767 2.26 10.00 31.83
CA ARG A 767 2.43 10.23 30.39
C ARG A 767 3.70 11.01 30.09
N VAL A 768 4.45 10.55 29.07
CA VAL A 768 5.64 11.25 28.59
C VAL A 768 5.22 12.57 27.96
N LYS A 769 5.81 13.66 28.44
CA LYS A 769 5.59 15.00 27.93
C LYS A 769 6.93 15.76 27.91
N LYS A 770 6.92 16.96 27.32
CA LYS A 770 8.16 17.70 27.06
C LYS A 770 8.54 18.67 28.18
N VAL A 771 9.81 19.06 28.17
CA VAL A 771 10.34 20.11 29.04
C VAL A 771 10.88 21.24 28.16
N TYR A 772 10.35 22.44 28.34
CA TYR A 772 10.79 23.63 27.59
C TYR A 772 11.44 24.65 28.51
N VAL A 773 12.60 25.14 28.09
CA VAL A 773 13.25 26.26 28.73
C VAL A 773 13.03 27.49 27.85
N MET A 774 12.63 28.59 28.47
CA MET A 774 12.40 29.86 27.77
C MET A 774 12.53 31.02 28.75
N SER A 775 12.65 32.23 28.23
CA SER A 775 12.57 33.43 29.06
C SER A 775 11.13 33.64 29.49
N GLU A 776 10.95 34.12 30.72
CA GLU A 776 9.63 34.56 31.17
C GLU A 776 9.18 35.74 30.31
N ALA A 777 7.89 35.82 30.03
CA ALA A 777 7.34 36.79 29.08
C ALA A 777 7.91 38.21 29.20
N LYS A 778 8.01 38.72 30.43
CA LYS A 778 8.40 40.12 30.66
C LYS A 778 9.83 40.50 30.24
N TYR A 779 10.73 39.52 30.13
CA TYR A 779 12.12 39.75 29.70
C TYR A 779 12.39 39.48 28.21
N ARG A 780 11.34 39.26 27.41
CA ARG A 780 11.47 39.06 25.98
C ARG A 780 10.40 39.80 25.17
N MET A 781 9.98 40.98 25.66
CA MET A 781 8.93 41.80 25.02
C MET A 781 9.46 43.02 24.29
N LEU A 782 10.58 43.58 24.74
CA LEU A 782 11.11 44.84 24.21
C LEU A 782 12.54 44.67 23.65
N PRO A 783 12.90 45.45 22.60
CA PRO A 783 14.26 45.44 22.06
C PRO A 783 15.39 45.67 23.07
N ASP A 784 15.17 46.57 24.04
CA ASP A 784 16.19 46.83 25.07
C ASP A 784 16.45 45.64 25.98
N ASP A 785 15.48 44.74 26.10
CA ASP A 785 15.65 43.52 26.90
C ASP A 785 16.77 42.61 26.39
N ILE A 786 17.12 42.73 25.10
CA ILE A 786 18.26 42.00 24.50
C ILE A 786 19.54 42.21 25.32
N GLY A 787 19.83 43.47 25.66
CA GLY A 787 21.01 43.82 26.45
C GLY A 787 21.03 43.28 27.87
N ASP A 788 19.87 42.93 28.42
CA ASP A 788 19.78 42.36 29.77
C ASP A 788 20.23 40.88 29.88
N TRP A 789 20.48 40.20 28.77
CA TRP A 789 20.96 38.81 28.80
C TRP A 789 22.48 38.73 28.79
N TYR A 790 23.03 37.92 29.68
CA TYR A 790 24.48 37.79 29.86
C TYR A 790 24.96 36.38 29.48
N VAL A 791 26.16 36.32 28.91
CA VAL A 791 26.81 35.06 28.55
C VAL A 791 28.15 34.99 29.29
N ARG A 792 28.52 33.82 29.78
CA ARG A 792 29.75 33.67 30.57
C ARG A 792 30.90 33.37 29.61
N ALA A 793 31.95 34.18 29.71
CA ALA A 793 33.17 33.99 28.91
C ALA A 793 34.05 32.89 29.51
N ALA A 794 35.08 32.51 28.77
CA ALA A 794 36.04 31.47 29.22
C ALA A 794 36.72 31.82 30.55
N ASP A 795 36.98 33.11 30.78
CA ASP A 795 37.63 33.57 32.01
C ASP A 795 36.65 33.87 33.18
N GLY A 796 35.38 33.47 33.04
CA GLY A 796 34.38 33.61 34.10
C GLY A 796 33.54 34.88 34.07
N GLN A 797 33.94 35.88 33.28
CA GLN A 797 33.25 37.18 33.28
C GLN A 797 31.93 37.11 32.54
N MET A 798 30.91 37.75 33.11
CA MET A 798 29.58 37.80 32.52
C MET A 798 29.51 38.98 31.56
N VAL A 799 29.56 38.66 30.27
CA VAL A 799 29.55 39.67 29.20
C VAL A 799 28.11 39.92 28.80
N PRO A 800 27.63 41.18 28.84
CA PRO A 800 26.28 41.46 28.34
C PRO A 800 26.18 41.29 26.84
N PHE A 801 24.96 41.12 26.34
CA PHE A 801 24.71 40.89 24.90
C PHE A 801 25.07 42.11 24.06
N SER A 802 24.90 43.29 24.64
CA SER A 802 25.21 44.56 23.98
C SER A 802 26.72 44.80 23.76
N ALA A 803 27.57 44.09 24.51
CA ALA A 803 29.03 44.22 24.35
C ALA A 803 29.57 43.66 23.01
N PHE A 804 28.87 42.67 22.44
CA PHE A 804 29.33 41.98 21.23
C PHE A 804 28.28 41.92 20.11
N SER A 805 27.22 42.71 20.20
CA SER A 805 26.18 42.70 19.17
C SER A 805 25.75 44.09 18.76
N SER A 806 25.08 44.16 17.62
CA SER A 806 24.49 45.38 17.11
C SER A 806 23.21 44.99 16.40
N SER A 807 22.24 45.90 16.34
CA SER A 807 20.95 45.59 15.74
C SER A 807 20.36 46.75 14.94
N ARG A 808 19.40 46.41 14.09
CA ARG A 808 18.69 47.36 13.25
C ARG A 808 17.38 46.74 12.78
N TRP A 809 16.38 47.59 12.54
CA TRP A 809 15.12 47.13 11.94
C TRP A 809 15.31 46.93 10.45
N GLU A 810 14.60 45.94 9.91
CA GLU A 810 14.54 45.69 8.47
C GLU A 810 13.18 45.03 8.18
N TYR A 811 12.93 44.71 6.92
CA TYR A 811 11.73 43.99 6.52
C TYR A 811 12.09 42.60 5.99
N GLY A 812 11.22 41.63 6.30
CA GLY A 812 11.31 40.27 5.75
C GLY A 812 9.95 39.61 5.74
N SER A 813 9.86 38.46 5.08
CA SER A 813 8.60 37.72 4.94
C SER A 813 8.33 36.86 6.17
N PRO A 814 7.06 36.78 6.61
CA PRO A 814 6.63 35.79 7.60
C PRO A 814 6.05 34.50 7.00
N ARG A 815 5.91 34.44 5.66
CA ARG A 815 5.43 33.24 4.95
C ARG A 815 6.04 33.23 3.56
N LEU A 816 7.03 32.37 3.35
CA LEU A 816 7.68 32.19 2.06
C LEU A 816 7.06 30.98 1.35
N GLU A 817 6.50 31.22 0.17
CA GLU A 817 5.80 30.18 -0.60
C GLU A 817 6.70 29.65 -1.70
N ARG A 818 6.60 28.35 -1.98
CA ARG A 818 7.31 27.73 -3.11
C ARG A 818 6.36 26.84 -3.90
N TYR A 819 6.57 26.79 -5.21
CA TYR A 819 5.78 25.94 -6.10
C TYR A 819 6.72 25.15 -7.00
N ASN A 820 6.50 23.83 -7.07
CA ASN A 820 7.37 22.88 -7.77
C ASN A 820 8.87 23.13 -7.56
N GLY A 821 9.25 23.37 -6.31
CA GLY A 821 10.65 23.57 -5.91
C GLY A 821 11.21 24.97 -6.05
N LEU A 822 10.47 25.89 -6.67
CA LEU A 822 10.94 27.26 -6.92
C LEU A 822 10.16 28.27 -6.08
N PRO A 823 10.81 29.40 -5.69
CA PRO A 823 10.07 30.44 -4.98
C PRO A 823 8.86 30.94 -5.77
N SER A 824 7.74 31.13 -5.07
CA SER A 824 6.49 31.48 -5.72
C SER A 824 5.62 32.42 -4.89
N MET A 825 4.56 32.93 -5.52
CA MET A 825 3.51 33.68 -4.86
C MET A 825 2.16 33.33 -5.49
N GLU A 826 1.28 32.73 -4.68
CA GLU A 826 -0.03 32.32 -5.15
C GLU A 826 -0.92 33.55 -5.27
N ILE A 827 -1.69 33.61 -6.37
CA ILE A 827 -2.59 34.73 -6.65
C ILE A 827 -3.95 34.16 -7.01
N LEU A 828 -4.96 34.48 -6.18
CA LEU A 828 -6.33 34.03 -6.40
C LEU A 828 -7.15 35.15 -7.04
N GLY A 829 -8.17 34.76 -7.80
CA GLY A 829 -9.05 35.71 -8.48
C GLY A 829 -10.19 34.99 -9.14
N GLN A 830 -10.98 35.72 -9.92
CA GLN A 830 -12.13 35.14 -10.63
C GLN A 830 -12.56 35.97 -11.84
N ALA A 831 -13.38 35.33 -12.68
CA ALA A 831 -13.91 35.98 -13.88
C ALA A 831 -15.03 36.95 -13.50
N ALA A 832 -15.09 38.07 -14.22
CA ALA A 832 -16.14 39.08 -14.04
C ALA A 832 -17.46 38.55 -14.61
N PRO A 833 -18.60 39.14 -14.20
CA PRO A 833 -19.93 38.60 -14.61
C PRO A 833 -20.08 38.45 -16.13
N GLY A 834 -20.56 37.29 -16.56
CA GLY A 834 -20.71 36.98 -17.99
C GLY A 834 -19.41 36.81 -18.76
N LYS A 835 -18.36 36.34 -18.09
CA LYS A 835 -17.07 36.01 -18.72
C LYS A 835 -16.68 34.60 -18.29
N SER A 836 -16.21 33.79 -19.25
CA SER A 836 -15.76 32.43 -18.94
C SER A 836 -14.42 32.45 -18.20
N THR A 837 -14.16 31.39 -17.44
CA THR A 837 -12.91 31.26 -16.68
C THR A 837 -11.70 31.19 -17.62
N GLY A 838 -11.82 30.41 -18.70
CA GLY A 838 -10.77 30.34 -19.73
C GLY A 838 -10.42 31.67 -20.37
N GLU A 839 -11.42 32.53 -20.54
CA GLU A 839 -11.23 33.89 -21.06
C GLU A 839 -10.51 34.78 -20.02
N ALA A 840 -10.90 34.65 -18.75
CA ALA A 840 -10.24 35.36 -17.66
C ALA A 840 -8.78 34.95 -17.49
N MET A 841 -8.50 33.66 -17.65
CA MET A 841 -7.14 33.14 -17.57
C MET A 841 -6.23 33.65 -18.71
N GLU A 842 -6.77 33.76 -19.92
CA GLU A 842 -6.02 34.30 -21.09
C GLU A 842 -5.39 35.66 -20.82
N LEU A 843 -6.13 36.53 -20.12
CA LEU A 843 -5.66 37.87 -19.77
C LEU A 843 -4.52 37.83 -18.75
N MET A 844 -4.66 36.99 -17.73
CA MET A 844 -3.60 36.78 -16.72
C MET A 844 -2.29 36.28 -17.37
N GLU A 845 -2.42 35.44 -18.40
CA GLU A 845 -1.26 34.96 -19.16
C GLU A 845 -0.61 36.09 -19.98
N GLN A 846 -1.45 36.93 -20.60
CA GLN A 846 -0.97 38.11 -21.34
C GLN A 846 -0.26 39.13 -20.44
N LEU A 847 -0.85 39.41 -19.28
CA LEU A 847 -0.26 40.31 -18.29
C LEU A 847 1.04 39.73 -17.70
N ALA A 848 1.05 38.42 -17.46
CA ALA A 848 2.24 37.71 -16.94
C ALA A 848 3.43 37.71 -17.91
N SER A 849 3.15 37.75 -19.21
CA SER A 849 4.20 37.83 -20.25
C SER A 849 4.94 39.17 -20.25
N LYS A 850 4.28 40.24 -19.78
CA LYS A 850 4.88 41.58 -19.70
C LYS A 850 5.67 41.87 -18.41
N LEU A 851 5.81 40.89 -17.53
CA LEU A 851 6.52 41.06 -16.25
C LEU A 851 8.04 41.04 -16.45
N PRO A 852 8.82 41.41 -15.42
CA PRO A 852 10.29 41.42 -15.56
C PRO A 852 10.95 40.09 -15.93
N THR A 853 12.24 40.17 -16.25
CA THR A 853 13.03 39.01 -16.65
C THR A 853 13.19 38.07 -15.46
N GLY A 854 13.09 36.76 -15.72
CA GLY A 854 13.22 35.73 -14.70
C GLY A 854 11.94 35.44 -13.92
N VAL A 855 10.80 35.90 -14.41
CA VAL A 855 9.51 35.68 -13.75
C VAL A 855 8.60 34.92 -14.70
N GLY A 856 8.21 33.72 -14.30
CA GLY A 856 7.29 32.88 -15.06
C GLY A 856 6.01 32.69 -14.27
N TYR A 857 5.19 31.77 -14.74
CA TYR A 857 3.94 31.45 -14.05
C TYR A 857 3.49 30.01 -14.29
N ASP A 858 2.47 29.61 -13.53
CA ASP A 858 1.82 28.32 -13.72
C ASP A 858 0.40 28.39 -13.16
N TRP A 859 -0.41 27.38 -13.48
CA TRP A 859 -1.74 27.22 -12.90
C TRP A 859 -1.78 25.99 -11.98
N THR A 860 -2.44 26.14 -10.83
CA THR A 860 -2.56 25.07 -9.84
C THR A 860 -4.02 24.91 -9.41
N GLY A 861 -4.28 23.88 -8.60
CA GLY A 861 -5.60 23.64 -8.02
C GLY A 861 -6.71 23.47 -9.05
N MET A 862 -7.76 24.27 -8.89
CA MET A 862 -8.91 24.27 -9.81
C MET A 862 -8.54 24.64 -11.25
N SER A 863 -7.58 25.55 -11.41
CA SER A 863 -7.13 25.99 -12.74
C SER A 863 -6.31 24.94 -13.49
N TYR A 864 -5.60 24.09 -12.75
CA TYR A 864 -4.84 22.99 -13.33
C TYR A 864 -5.77 21.96 -13.99
N GLN A 865 -6.75 21.49 -13.22
CA GLN A 865 -7.69 20.45 -13.68
C GLN A 865 -8.75 20.93 -14.70
N GLU A 866 -8.89 22.24 -14.87
CA GLU A 866 -9.73 22.81 -15.94
C GLU A 866 -9.09 22.64 -17.32
N ARG A 867 -7.76 22.78 -17.39
CA ARG A 867 -7.02 22.73 -18.66
C ARG A 867 -6.96 21.33 -19.28
N LEU A 868 -6.86 20.29 -18.45
CA LEU A 868 -6.86 18.90 -18.92
C LEU A 868 -8.25 18.50 -19.45
N SER A 869 -8.46 18.73 -20.75
CA SER A 869 -9.74 18.45 -21.45
C SER A 869 -10.92 19.31 -20.98
N GLY A 870 -12.00 19.27 -21.77
CA GLY A 870 -13.20 20.06 -21.48
C GLY A 870 -14.07 20.19 -22.72
N ASN A 871 -15.38 20.30 -22.51
CA ASN A 871 -16.38 20.37 -23.59
C ASN A 871 -16.35 19.08 -24.44
N GLN A 872 -16.52 17.94 -23.75
CA GLN A 872 -16.51 16.61 -24.38
C GLN A 872 -17.89 15.94 -24.46
N ALA A 873 -18.93 16.62 -23.98
CA ALA A 873 -20.30 16.08 -24.00
C ALA A 873 -20.93 16.05 -25.41
N PRO A 874 -20.73 17.11 -26.23
CA PRO A 874 -21.23 17.06 -27.62
C PRO A 874 -20.67 15.93 -28.48
N SER A 875 -19.44 15.50 -28.19
CA SER A 875 -18.82 14.35 -28.84
C SER A 875 -19.51 13.03 -28.44
N LEU A 876 -19.72 12.84 -27.14
CA LEU A 876 -20.36 11.62 -26.61
C LEU A 876 -21.86 11.54 -26.87
N TYR A 877 -22.55 12.69 -26.95
CA TYR A 877 -23.96 12.73 -27.32
C TYR A 877 -24.20 12.60 -28.82
N ALA A 878 -23.22 13.01 -29.64
CA ALA A 878 -23.28 12.80 -31.09
C ALA A 878 -23.29 11.31 -31.44
N ILE A 879 -22.35 10.56 -30.85
CA ILE A 879 -22.32 9.10 -31.01
C ILE A 879 -23.54 8.42 -30.39
N SER A 880 -24.04 8.98 -29.28
CA SER A 880 -25.26 8.48 -28.63
C SER A 880 -26.48 8.55 -29.56
N LEU A 881 -26.60 9.65 -30.31
CA LEU A 881 -27.65 9.78 -31.33
C LEU A 881 -27.49 8.74 -32.45
N ILE A 882 -26.26 8.54 -32.89
CA ILE A 882 -25.94 7.56 -33.94
C ILE A 882 -26.30 6.14 -33.51
N VAL A 883 -25.94 5.76 -32.29
CA VAL A 883 -26.19 4.40 -31.79
C VAL A 883 -27.70 4.16 -31.56
N VAL A 884 -28.42 5.21 -31.15
CA VAL A 884 -29.89 5.14 -31.03
C VAL A 884 -30.55 4.99 -32.41
N PHE A 885 -30.06 5.75 -33.40
CA PHE A 885 -30.51 5.60 -34.79
C PHE A 885 -30.30 4.17 -35.29
N LEU A 886 -29.10 3.63 -35.04
CA LEU A 886 -28.75 2.28 -35.49
C LEU A 886 -29.59 1.19 -34.80
N CYS A 887 -29.76 1.30 -33.48
CA CYS A 887 -30.58 0.32 -32.74
C CYS A 887 -32.02 0.30 -33.23
N LEU A 888 -32.60 1.48 -33.42
CA LEU A 888 -33.94 1.61 -34.01
C LEU A 888 -34.01 1.03 -35.43
N ALA A 889 -32.99 1.31 -36.22
CA ALA A 889 -32.90 0.77 -37.59
C ALA A 889 -32.92 -0.76 -37.62
N ALA A 890 -32.28 -1.39 -36.64
CA ALA A 890 -32.30 -2.85 -36.48
C ALA A 890 -33.65 -3.37 -36.00
N LEU A 891 -34.29 -2.62 -35.09
CA LEU A 891 -35.59 -3.00 -34.52
C LEU A 891 -36.69 -3.12 -35.58
N TYR A 892 -36.77 -2.14 -36.48
CA TYR A 892 -37.81 -2.06 -37.50
C TYR A 892 -37.40 -2.61 -38.88
N GLU A 893 -36.09 -2.80 -39.09
CA GLU A 893 -35.55 -3.22 -40.38
C GLU A 893 -35.83 -2.14 -41.44
N SER A 894 -35.39 -0.93 -41.12
CA SER A 894 -35.65 0.24 -41.95
C SER A 894 -34.66 1.37 -41.60
N TRP A 895 -34.06 1.97 -42.62
CA TRP A 895 -33.20 3.15 -42.44
C TRP A 895 -34.04 4.43 -42.19
N SER A 896 -35.28 4.44 -42.67
CA SER A 896 -36.15 5.63 -42.62
C SER A 896 -36.97 5.75 -41.33
N ILE A 897 -37.56 4.63 -40.90
CA ILE A 897 -38.51 4.62 -39.76
C ILE A 897 -37.94 5.15 -38.42
N PRO A 898 -36.64 4.91 -38.12
CA PRO A 898 -36.03 5.50 -36.91
C PRO A 898 -36.16 7.02 -36.72
N PHE A 899 -36.29 7.78 -37.81
CA PHE A 899 -36.54 9.23 -37.73
C PHE A 899 -37.89 9.57 -37.09
N SER A 900 -38.91 8.73 -37.26
CA SER A 900 -40.22 8.95 -36.64
C SER A 900 -40.19 8.87 -35.11
N VAL A 901 -39.25 8.09 -34.56
CA VAL A 901 -39.01 8.04 -33.12
C VAL A 901 -38.13 9.20 -32.68
N MET A 902 -37.01 9.43 -33.38
CA MET A 902 -36.01 10.42 -32.98
C MET A 902 -36.43 11.90 -33.04
N LEU A 903 -37.52 12.20 -33.75
CA LEU A 903 -38.08 13.56 -33.78
C LEU A 903 -38.88 13.96 -32.52
N VAL A 904 -39.09 13.04 -31.57
CA VAL A 904 -39.74 13.37 -30.29
C VAL A 904 -38.79 13.93 -29.21
N VAL A 905 -37.49 13.98 -29.50
CA VAL A 905 -36.49 14.42 -28.51
C VAL A 905 -36.71 15.87 -28.05
N PRO A 906 -37.00 16.80 -29.00
CA PRO A 906 -37.32 18.18 -28.59
C PRO A 906 -38.62 18.38 -27.79
N LEU A 907 -39.57 17.45 -27.91
CA LEU A 907 -40.85 17.54 -27.18
C LEU A 907 -40.69 17.41 -25.66
N GLY A 908 -39.67 16.65 -25.24
CA GLY A 908 -39.30 16.56 -23.82
C GLY A 908 -38.41 17.68 -23.34
N VAL A 909 -37.45 18.10 -24.19
CA VAL A 909 -36.45 19.11 -23.81
C VAL A 909 -37.09 20.49 -23.59
N ILE A 910 -38.06 20.85 -24.44
CA ILE A 910 -38.74 22.15 -24.37
C ILE A 910 -39.40 22.41 -23.00
N GLY A 911 -40.04 21.39 -22.43
CA GLY A 911 -40.70 21.51 -21.13
C GLY A 911 -39.74 21.59 -19.97
N ALA A 912 -38.62 20.86 -20.07
CA ALA A 912 -37.55 20.91 -19.08
C ALA A 912 -36.95 22.32 -18.99
N LEU A 913 -36.65 22.90 -20.14
CA LEU A 913 -36.09 24.25 -20.22
C LEU A 913 -37.06 25.35 -19.74
N LEU A 914 -38.36 25.16 -19.97
CA LEU A 914 -39.39 26.09 -19.46
C LEU A 914 -39.48 26.05 -17.93
N ALA A 915 -39.53 24.83 -17.37
CA ALA A 915 -39.59 24.64 -15.92
C ALA A 915 -38.30 25.07 -15.21
N ALA A 916 -37.15 24.85 -15.85
CA ALA A 916 -35.85 25.28 -15.32
C ALA A 916 -35.70 26.80 -15.29
N THR A 917 -36.09 27.46 -16.38
CA THR A 917 -35.99 28.92 -16.49
C THR A 917 -37.00 29.67 -15.61
N PHE A 918 -38.18 29.09 -15.41
CA PHE A 918 -39.22 29.71 -14.55
C PHE A 918 -38.82 29.76 -13.07
N ARG A 919 -38.24 28.68 -12.56
CA ARG A 919 -37.74 28.64 -11.17
C ARG A 919 -36.37 29.31 -10.99
N GLY A 920 -35.68 29.61 -12.10
CA GLY A 920 -34.35 30.22 -12.05
C GLY A 920 -33.24 29.22 -11.84
N LEU A 921 -33.52 27.94 -12.14
CA LEU A 921 -32.52 26.87 -12.02
C LEU A 921 -31.53 26.92 -13.19
N THR A 922 -30.48 26.11 -13.09
CA THR A 922 -29.40 26.08 -14.07
C THR A 922 -29.35 24.74 -14.82
N ASN A 923 -28.61 24.72 -15.92
CA ASN A 923 -28.32 23.48 -16.68
C ASN A 923 -27.19 22.75 -15.96
N ASP A 924 -27.55 21.93 -14.97
CA ASP A 924 -26.59 21.22 -14.11
C ASP A 924 -26.71 19.69 -14.26
N VAL A 925 -25.88 18.96 -13.51
CA VAL A 925 -25.83 17.48 -13.56
C VAL A 925 -27.21 16.85 -13.36
N TYR A 926 -27.95 17.36 -12.38
CA TYR A 926 -29.28 16.82 -12.06
C TYR A 926 -30.32 17.10 -13.17
N PHE A 927 -30.20 18.25 -13.82
CA PHE A 927 -31.05 18.60 -14.97
C PHE A 927 -30.78 17.70 -16.18
N GLN A 928 -29.50 17.46 -16.45
CA GLN A 928 -29.06 16.67 -17.61
C GLN A 928 -29.49 15.21 -17.51
N VAL A 929 -29.18 14.56 -16.38
CA VAL A 929 -29.57 13.15 -16.15
C VAL A 929 -31.09 12.96 -16.11
N GLY A 930 -31.79 13.94 -15.53
CA GLY A 930 -33.25 13.94 -15.52
C GLY A 930 -33.86 14.16 -16.90
N LEU A 931 -33.19 14.97 -17.73
CA LEU A 931 -33.62 15.18 -19.11
C LEU A 931 -33.46 13.94 -19.98
N LEU A 932 -32.40 13.16 -19.75
CA LEU A 932 -32.20 11.88 -20.44
C LEU A 932 -33.30 10.86 -20.08
N THR A 933 -33.75 10.89 -18.84
CA THR A 933 -34.88 10.07 -18.39
C THR A 933 -36.19 10.46 -19.08
N THR A 934 -36.38 11.78 -19.29
CA THR A 934 -37.52 12.30 -20.06
C THR A 934 -37.45 11.90 -21.54
N ILE A 935 -36.28 12.08 -22.14
CA ILE A 935 -36.04 11.72 -23.54
C ILE A 935 -36.22 10.21 -23.77
N GLY A 936 -35.73 9.41 -22.82
CA GLY A 936 -35.86 7.95 -22.87
C GLY A 936 -37.29 7.46 -22.84
N LEU A 937 -38.09 8.01 -21.93
CA LEU A 937 -39.52 7.66 -21.80
C LEU A 937 -40.34 8.10 -23.01
N SER A 938 -40.14 9.34 -23.47
CA SER A 938 -40.82 9.84 -24.67
C SER A 938 -40.46 8.99 -25.89
N ALA A 939 -39.18 8.63 -26.01
CA ALA A 939 -38.73 7.73 -27.08
C ALA A 939 -39.34 6.34 -26.97
N LYS A 940 -39.37 5.79 -25.75
CA LYS A 940 -39.97 4.47 -25.49
C LYS A 940 -41.46 4.40 -25.85
N ASN A 941 -42.18 5.48 -25.59
CA ASN A 941 -43.59 5.59 -25.97
C ASN A 941 -43.74 5.64 -27.49
N ALA A 942 -42.87 6.42 -28.14
CA ALA A 942 -42.83 6.49 -29.60
C ALA A 942 -42.45 5.16 -30.26
N ILE A 943 -41.54 4.41 -29.62
CA ILE A 943 -41.14 3.08 -30.12
C ILE A 943 -42.33 2.14 -30.19
N LEU A 944 -43.11 2.08 -29.12
CA LEU A 944 -44.28 1.20 -29.06
C LEU A 944 -45.47 1.66 -29.93
N ILE A 945 -45.57 2.96 -30.22
CA ILE A 945 -46.61 3.48 -31.12
C ILE A 945 -46.34 3.04 -32.56
N VAL A 946 -45.14 3.33 -33.06
CA VAL A 946 -44.78 2.98 -34.45
C VAL A 946 -44.54 1.48 -34.65
N GLU A 947 -44.19 0.76 -33.59
CA GLU A 947 -44.13 -0.72 -33.61
C GLU A 947 -45.53 -1.29 -33.83
N PHE A 948 -46.50 -0.80 -33.06
CA PHE A 948 -47.91 -1.19 -33.20
C PHE A 948 -48.51 -0.72 -34.53
N ALA A 949 -48.10 0.46 -34.99
CA ALA A 949 -48.54 0.99 -36.29
C ALA A 949 -48.00 0.15 -37.45
N LYS A 950 -46.72 -0.20 -37.39
CA LYS A 950 -46.07 -1.06 -38.41
C LYS A 950 -46.59 -2.50 -38.39
N ASP A 951 -46.79 -3.06 -37.19
CA ASP A 951 -47.29 -4.44 -37.05
C ASP A 951 -48.73 -4.62 -37.56
N LEU A 952 -49.55 -3.57 -37.50
CA LEU A 952 -50.86 -3.57 -38.15
C LEU A 952 -50.72 -3.52 -39.68
N MET A 953 -49.79 -2.71 -40.17
CA MET A 953 -49.51 -2.65 -41.62
C MET A 953 -48.90 -3.94 -42.18
N ASP A 954 -48.07 -4.63 -41.39
CA ASP A 954 -47.42 -5.86 -41.84
C ASP A 954 -48.30 -7.10 -41.66
N LYS A 955 -48.68 -7.39 -40.42
CA LYS A 955 -49.42 -8.63 -40.10
C LYS A 955 -50.87 -8.61 -40.61
N GLU A 956 -51.57 -7.48 -40.40
CA GLU A 956 -53.00 -7.36 -40.77
C GLU A 956 -53.19 -6.88 -42.22
N GLY A 957 -52.25 -6.09 -42.72
CA GLY A 957 -52.32 -5.52 -44.07
C GLY A 957 -53.13 -4.23 -44.18
N LYS A 958 -53.16 -3.46 -43.09
CA LYS A 958 -53.96 -2.23 -43.02
C LYS A 958 -53.22 -1.04 -43.62
N GLY A 959 -53.98 0.00 -43.96
CA GLY A 959 -53.44 1.23 -44.55
C GLY A 959 -52.72 2.08 -43.51
N LEU A 960 -51.86 2.98 -44.01
CA LEU A 960 -51.04 3.85 -43.16
C LEU A 960 -51.85 4.68 -42.16
N ILE A 961 -52.90 5.35 -42.67
CA ILE A 961 -53.70 6.26 -41.86
C ILE A 961 -54.57 5.51 -40.84
N GLU A 962 -55.14 4.38 -41.27
CA GLU A 962 -55.95 3.53 -40.38
C GLU A 962 -55.09 2.83 -39.32
N ALA A 963 -53.91 2.34 -39.72
CA ALA A 963 -53.00 1.64 -38.81
C ALA A 963 -52.40 2.55 -37.74
N THR A 964 -52.14 3.81 -38.09
CA THR A 964 -51.69 4.82 -37.13
C THR A 964 -52.80 5.09 -36.09
N LEU A 965 -54.00 5.40 -36.56
CA LEU A 965 -55.14 5.68 -35.69
C LEU A 965 -55.48 4.52 -34.75
N ASP A 966 -55.49 3.29 -35.27
CA ASP A 966 -55.74 2.08 -34.46
C ASP A 966 -54.62 1.84 -33.44
N ALA A 967 -53.37 2.11 -33.83
CA ALA A 967 -52.22 1.98 -32.92
C ALA A 967 -52.22 3.06 -31.84
N VAL A 968 -52.40 4.30 -32.27
CA VAL A 968 -52.36 5.48 -31.38
C VAL A 968 -53.40 5.43 -30.26
N ARG A 969 -54.60 4.91 -30.55
CA ARG A 969 -55.63 4.72 -29.51
C ARG A 969 -55.27 3.65 -28.48
N MET A 970 -54.60 2.58 -28.91
CA MET A 970 -54.10 1.54 -27.99
C MET A 970 -53.02 2.11 -27.07
N ARG A 971 -52.16 2.98 -27.61
CA ARG A 971 -51.10 3.66 -26.85
C ARG A 971 -51.55 5.08 -26.46
N LEU A 972 -52.59 5.16 -25.64
CA LEU A 972 -52.99 6.39 -24.94
C LEU A 972 -53.01 6.13 -23.44
N ARG A 973 -53.83 5.15 -23.04
CA ARG A 973 -53.95 4.70 -21.65
C ARG A 973 -52.60 4.37 -20.97
N PRO A 974 -51.76 3.52 -21.60
CA PRO A 974 -50.47 3.22 -20.96
C PRO A 974 -49.49 4.40 -20.90
N ILE A 975 -49.52 5.28 -21.91
CA ILE A 975 -48.68 6.49 -21.91
C ILE A 975 -49.08 7.44 -20.77
N LEU A 976 -50.37 7.73 -20.66
CA LEU A 976 -50.89 8.59 -19.60
C LEU A 976 -50.71 7.97 -18.21
N MET A 977 -50.88 6.65 -18.12
CA MET A 977 -50.68 5.91 -16.86
C MET A 977 -49.26 6.09 -16.29
N THR A 978 -48.26 5.95 -17.15
CA THR A 978 -46.86 6.11 -16.74
C THR A 978 -46.54 7.56 -16.39
N SER A 979 -46.99 8.50 -17.23
CA SER A 979 -46.71 9.93 -17.04
C SER A 979 -47.36 10.49 -15.79
N LEU A 980 -48.64 10.23 -15.60
CA LEU A 980 -49.38 10.71 -14.43
C LEU A 980 -48.86 10.12 -13.13
N ALA A 981 -48.43 8.86 -13.17
CA ALA A 981 -47.80 8.20 -12.01
C ALA A 981 -46.41 8.78 -11.70
N PHE A 982 -45.62 9.02 -12.74
CA PHE A 982 -44.25 9.51 -12.59
C PHE A 982 -44.19 11.00 -12.25
N ILE A 983 -45.06 11.80 -12.87
CA ILE A 983 -45.15 13.25 -12.55
C ILE A 983 -45.55 13.48 -11.08
N LEU A 984 -46.51 12.71 -10.57
CA LEU A 984 -46.89 12.75 -9.16
C LEU A 984 -45.79 12.20 -8.23
N GLY A 985 -45.08 11.17 -8.69
CA GLY A 985 -43.94 10.62 -7.94
C GLY A 985 -42.82 11.61 -7.66
N VAL A 986 -42.61 12.56 -8.58
CA VAL A 986 -41.59 13.62 -8.42
C VAL A 986 -42.12 14.96 -7.86
N MET A 987 -43.40 15.02 -7.48
CA MET A 987 -43.96 16.20 -6.79
C MET A 987 -43.29 16.45 -5.43
N PRO A 988 -43.07 15.40 -4.61
CA PRO A 988 -42.25 15.53 -3.40
C PRO A 988 -40.90 16.25 -3.61
N LEU A 989 -40.23 15.97 -4.73
CA LEU A 989 -38.95 16.60 -5.06
C LEU A 989 -39.07 18.09 -5.43
N VAL A 990 -40.16 18.46 -6.10
CA VAL A 990 -40.38 19.84 -6.55
C VAL A 990 -40.74 20.75 -5.37
N ILE A 991 -41.71 20.29 -4.57
CA ILE A 991 -42.17 21.02 -3.38
C ILE A 991 -41.10 21.05 -2.26
N SER A 992 -40.24 20.02 -2.22
CA SER A 992 -39.18 19.88 -1.20
C SER A 992 -38.52 21.18 -0.74
N THR A 993 -38.44 21.35 0.57
CA THR A 993 -37.67 22.41 1.21
C THR A 993 -36.81 21.81 2.33
N GLY A 994 -35.88 22.62 2.85
CA GLY A 994 -35.01 22.20 3.94
C GLY A 994 -33.88 21.27 3.51
N ALA A 995 -33.84 20.08 4.09
CA ALA A 995 -32.66 19.21 4.01
C ALA A 995 -32.42 18.63 2.62
N GLY A 996 -31.39 19.13 1.94
CA GLY A 996 -30.98 18.62 0.62
C GLY A 996 -31.94 18.94 -0.51
N SER A 997 -32.74 19.99 -0.34
CA SER A 997 -33.75 20.37 -1.33
C SER A 997 -33.16 21.04 -2.57
N GLY A 998 -31.93 21.55 -2.48
CA GLY A 998 -31.22 22.08 -3.65
C GLY A 998 -31.07 21.07 -4.78
N ALA A 999 -30.71 19.84 -4.43
CA ALA A 999 -30.57 18.74 -5.37
C ALA A 999 -31.94 18.22 -5.83
N GLN A 1000 -32.84 18.02 -4.86
CA GLN A 1000 -34.18 17.50 -5.13
C GLN A 1000 -35.01 18.41 -6.05
N ASN A 1001 -34.92 19.72 -5.82
CA ASN A 1001 -35.60 20.69 -6.69
C ASN A 1001 -35.10 20.62 -8.14
N ALA A 1002 -33.78 20.44 -8.32
CA ALA A 1002 -33.17 20.35 -9.66
C ALA A 1002 -33.61 19.09 -10.42
N VAL A 1003 -33.65 17.95 -9.73
CA VAL A 1003 -34.08 16.68 -10.34
C VAL A 1003 -35.56 16.75 -10.69
N GLY A 1004 -36.38 17.13 -9.72
CA GLY A 1004 -37.84 17.12 -9.87
C GLY A 1004 -38.43 18.13 -10.84
N THR A 1005 -37.83 19.31 -10.93
CA THR A 1005 -38.36 20.40 -11.77
C THR A 1005 -38.16 20.11 -13.26
N GLY A 1006 -36.94 19.75 -13.65
CA GLY A 1006 -36.63 19.39 -15.04
C GLY A 1006 -37.35 18.16 -15.54
N VAL A 1007 -37.58 17.20 -14.65
CA VAL A 1007 -38.33 15.97 -14.97
C VAL A 1007 -39.83 16.26 -15.05
N MET A 1008 -40.36 17.09 -14.14
CA MET A 1008 -41.78 17.46 -14.16
C MET A 1008 -42.16 18.21 -15.43
N GLY A 1009 -41.42 19.29 -15.70
CA GLY A 1009 -41.65 20.13 -16.86
C GLY A 1009 -41.59 19.35 -18.17
N GLY A 1010 -40.56 18.52 -18.30
CA GLY A 1010 -40.36 17.71 -19.49
C GLY A 1010 -41.40 16.63 -19.72
N MET A 1011 -41.82 15.96 -18.65
CA MET A 1011 -42.84 14.90 -18.74
C MET A 1011 -44.25 15.44 -19.05
N VAL A 1012 -44.53 16.69 -18.67
CA VAL A 1012 -45.79 17.34 -19.04
C VAL A 1012 -45.85 17.60 -20.54
N THR A 1013 -44.82 18.25 -21.08
CA THR A 1013 -44.77 18.58 -22.51
C THR A 1013 -44.57 17.36 -23.39
N ALA A 1014 -43.70 16.43 -22.96
CA ALA A 1014 -43.49 15.17 -23.68
C ALA A 1014 -44.75 14.32 -23.82
N THR A 1015 -45.58 14.30 -22.76
CA THR A 1015 -46.83 13.54 -22.80
C THR A 1015 -47.88 14.20 -23.69
N VAL A 1016 -48.17 15.48 -23.45
CA VAL A 1016 -49.23 16.19 -24.20
C VAL A 1016 -48.90 16.41 -25.69
N LEU A 1017 -47.63 16.64 -26.02
CA LEU A 1017 -47.23 16.88 -27.41
C LEU A 1017 -47.04 15.59 -28.20
N ALA A 1018 -46.31 14.62 -27.64
CA ALA A 1018 -45.99 13.37 -28.37
C ALA A 1018 -47.20 12.50 -28.73
N ILE A 1019 -48.29 12.61 -27.96
CA ILE A 1019 -49.55 11.93 -28.33
C ILE A 1019 -50.11 12.42 -29.69
N PHE A 1020 -49.95 13.71 -29.97
CA PHE A 1020 -50.38 14.30 -31.24
C PHE A 1020 -49.28 14.30 -32.32
N PHE A 1021 -48.01 14.39 -31.89
CA PHE A 1021 -46.88 14.54 -32.83
C PHE A 1021 -46.24 13.22 -33.32
N VAL A 1022 -46.31 12.14 -32.54
CA VAL A 1022 -45.80 10.83 -32.99
C VAL A 1022 -46.54 10.30 -34.23
N PRO A 1023 -47.89 10.35 -34.23
CA PRO A 1023 -48.67 10.12 -35.47
C PRO A 1023 -48.21 10.95 -36.68
N VAL A 1024 -47.88 12.23 -36.47
CA VAL A 1024 -47.41 13.12 -37.55
C VAL A 1024 -46.03 12.71 -38.07
N PHE A 1025 -45.12 12.32 -37.17
CA PHE A 1025 -43.75 11.93 -37.58
C PHE A 1025 -43.74 10.60 -38.34
N PHE A 1026 -44.52 9.63 -37.88
CA PHE A 1026 -44.63 8.33 -38.56
C PHE A 1026 -45.15 8.47 -39.99
N VAL A 1027 -46.25 9.19 -40.15
CA VAL A 1027 -46.91 9.36 -41.47
C VAL A 1027 -46.04 10.14 -42.47
N VAL A 1028 -45.42 11.22 -42.03
CA VAL A 1028 -44.51 12.01 -42.89
C VAL A 1028 -43.29 11.20 -43.34
N VAL A 1029 -42.76 10.36 -42.43
CA VAL A 1029 -41.62 9.48 -42.73
C VAL A 1029 -42.00 8.37 -43.72
N ARG A 1030 -43.13 7.70 -43.49
CA ARG A 1030 -43.61 6.65 -44.41
C ARG A 1030 -44.07 7.20 -45.76
N ARG A 1031 -44.53 8.45 -45.80
CA ARG A 1031 -44.83 9.14 -47.06
C ARG A 1031 -43.57 9.41 -47.87
N ARG A 1032 -42.60 10.08 -47.26
CA ARG A 1032 -41.39 10.56 -47.97
C ARG A 1032 -40.40 9.45 -48.39
N PHE A 1033 -40.44 8.30 -47.71
CA PHE A 1033 -39.51 7.19 -47.99
C PHE A 1033 -40.25 5.91 -48.42
N SER A 1034 -40.46 5.78 -49.73
CA SER A 1034 -41.09 4.58 -50.32
C SER A 1034 -40.78 4.47 -51.81
N MET B 1 -29.24 -30.46 -20.88
CA MET B 1 -27.76 -30.70 -20.90
C MET B 1 -27.36 -32.18 -20.84
N PRO B 2 -28.07 -33.02 -20.06
CA PRO B 2 -27.80 -34.47 -20.17
C PRO B 2 -28.18 -35.07 -21.53
N ASN B 3 -29.28 -34.61 -22.14
CA ASN B 3 -29.65 -35.04 -23.50
C ASN B 3 -28.63 -34.63 -24.55
N PHE B 4 -27.96 -33.50 -24.32
CA PHE B 4 -26.88 -33.03 -25.19
C PHE B 4 -25.71 -34.01 -25.19
N PHE B 5 -25.22 -34.37 -24.00
CA PHE B 5 -24.04 -35.23 -23.86
C PHE B 5 -24.29 -36.74 -23.96
N ILE B 6 -25.56 -37.17 -23.99
CA ILE B 6 -25.90 -38.57 -24.29
C ILE B 6 -25.64 -38.88 -25.77
N ASP B 7 -26.03 -37.96 -26.64
CA ASP B 7 -25.75 -38.06 -28.08
C ASP B 7 -24.33 -37.62 -28.45
N ARG B 8 -23.65 -36.91 -27.54
CA ARG B 8 -22.29 -36.44 -27.76
C ARG B 8 -21.35 -36.92 -26.64
N PRO B 9 -21.04 -38.24 -26.62
CA PRO B 9 -20.13 -38.77 -25.59
C PRO B 9 -18.66 -38.35 -25.71
N ILE B 10 -18.22 -38.02 -26.93
CA ILE B 10 -16.83 -37.58 -27.16
C ILE B 10 -16.60 -36.19 -26.55
N PHE B 11 -17.53 -35.28 -26.77
CA PHE B 11 -17.53 -33.95 -26.12
C PHE B 11 -17.39 -34.13 -24.60
N ALA B 12 -18.23 -34.99 -24.03
CA ALA B 12 -18.21 -35.27 -22.60
C ALA B 12 -16.86 -35.79 -22.12
N TRP B 13 -16.23 -36.65 -22.93
CA TRP B 13 -14.87 -37.10 -22.66
C TRP B 13 -13.84 -35.97 -22.71
N VAL B 14 -13.97 -35.06 -23.68
CA VAL B 14 -13.09 -33.89 -23.78
C VAL B 14 -13.19 -33.04 -22.52
N ILE B 15 -14.41 -32.76 -22.07
CA ILE B 15 -14.63 -32.03 -20.81
C ILE B 15 -14.02 -32.78 -19.62
N ALA B 16 -14.20 -34.10 -19.59
CA ALA B 16 -13.58 -34.94 -18.56
C ALA B 16 -12.06 -34.90 -18.61
N ILE B 17 -11.50 -34.93 -19.82
CA ILE B 17 -10.03 -34.89 -20.01
C ILE B 17 -9.43 -33.53 -19.60
N ILE B 18 -10.04 -32.44 -20.07
CA ILE B 18 -9.60 -31.09 -19.72
C ILE B 18 -9.59 -30.88 -18.20
N ILE B 19 -10.65 -31.33 -17.52
CA ILE B 19 -10.73 -31.25 -16.06
C ILE B 19 -9.61 -32.07 -15.39
N MET B 20 -9.31 -33.24 -15.94
CA MET B 20 -8.24 -34.09 -15.39
C MET B 20 -6.84 -33.47 -15.51
N LEU B 21 -6.57 -32.84 -16.65
CA LEU B 21 -5.27 -32.22 -16.90
C LEU B 21 -5.07 -30.95 -16.06
N ALA B 22 -6.08 -30.09 -16.03
CA ALA B 22 -6.07 -28.90 -15.16
C ALA B 22 -5.87 -29.29 -13.69
N GLY B 23 -6.59 -30.32 -13.25
CA GLY B 23 -6.48 -30.83 -11.90
C GLY B 23 -5.14 -31.47 -11.59
N GLY B 24 -4.64 -32.28 -12.52
CA GLY B 24 -3.31 -32.89 -12.38
C GLY B 24 -2.19 -31.85 -12.35
N LEU B 25 -2.28 -30.88 -13.25
CA LEU B 25 -1.37 -29.73 -13.26
C LEU B 25 -1.39 -29.02 -11.90
N ALA B 26 -2.59 -28.66 -11.45
CA ALA B 26 -2.77 -27.97 -10.16
C ALA B 26 -2.20 -28.78 -8.99
N ILE B 27 -2.42 -30.10 -8.99
CA ILE B 27 -1.93 -31.00 -7.92
C ILE B 27 -0.40 -30.93 -7.76
N LEU B 28 0.32 -30.84 -8.87
CA LEU B 28 1.79 -30.77 -8.83
C LEU B 28 2.30 -29.37 -8.45
N LYS B 29 1.65 -28.32 -8.96
CA LYS B 29 2.10 -26.93 -8.71
C LYS B 29 1.51 -26.27 -7.45
N LEU B 30 0.53 -26.90 -6.79
CA LEU B 30 -0.08 -26.35 -5.56
C LEU B 30 0.91 -26.42 -4.40
N PRO B 31 0.88 -25.43 -3.50
CA PRO B 31 1.72 -25.46 -2.31
C PRO B 31 1.17 -26.39 -1.23
N VAL B 32 2.02 -27.27 -0.71
CA VAL B 32 1.69 -28.10 0.44
C VAL B 32 2.07 -27.36 1.72
N ALA B 33 1.20 -27.44 2.73
CA ALA B 33 1.46 -26.84 4.04
C ALA B 33 0.60 -27.53 5.10
N GLN B 34 0.94 -27.35 6.37
CA GLN B 34 0.15 -27.94 7.46
C GLN B 34 -1.19 -27.22 7.64
N TYR B 35 -1.11 -25.90 7.84
CA TYR B 35 -2.29 -25.04 7.98
C TYR B 35 -2.13 -23.77 7.15
N PRO B 36 -3.24 -23.19 6.68
CA PRO B 36 -3.17 -21.90 6.00
C PRO B 36 -3.04 -20.73 6.98
N THR B 37 -2.95 -19.52 6.45
CA THR B 37 -2.93 -18.31 7.28
C THR B 37 -4.31 -18.10 7.89
N ILE B 38 -4.38 -18.17 9.22
CA ILE B 38 -5.64 -18.07 9.96
C ILE B 38 -5.68 -16.82 10.83
N ALA B 39 -4.64 -16.61 11.63
CA ALA B 39 -4.54 -15.43 12.50
C ALA B 39 -4.50 -14.14 11.66
N PRO B 40 -5.10 -13.05 12.17
CA PRO B 40 -5.09 -11.80 11.44
C PRO B 40 -3.70 -11.15 11.44
N PRO B 41 -3.44 -10.24 10.47
CA PRO B 41 -2.09 -9.68 10.38
C PRO B 41 -1.70 -8.91 11.63
N ALA B 42 -0.54 -9.24 12.19
CA ALA B 42 -0.01 -8.56 13.35
C ALA B 42 1.42 -8.12 13.05
N VAL B 43 1.75 -6.91 13.47
CA VAL B 43 3.09 -6.37 13.29
C VAL B 43 3.66 -6.10 14.68
N THR B 44 4.88 -6.59 14.92
CA THR B 44 5.53 -6.47 16.22
C THR B 44 6.75 -5.56 16.11
N ILE B 45 6.77 -4.50 16.93
CA ILE B 45 7.92 -3.60 17.07
C ILE B 45 8.74 -4.08 18.26
N SER B 46 10.01 -4.38 18.05
CA SER B 46 10.89 -4.91 19.10
C SER B 46 12.13 -4.05 19.28
N ALA B 47 12.53 -3.83 20.53
CA ALA B 47 13.76 -3.09 20.81
C ALA B 47 14.43 -3.55 22.10
N SER B 48 15.72 -3.26 22.21
CA SER B 48 16.53 -3.56 23.39
C SER B 48 17.22 -2.28 23.86
N TYR B 49 17.20 -2.07 25.18
CA TYR B 49 17.93 -1.01 25.84
C TYR B 49 18.78 -1.72 26.91
N PRO B 50 20.02 -2.12 26.56
CA PRO B 50 20.85 -2.94 27.47
C PRO B 50 21.06 -2.33 28.87
N GLY B 51 20.77 -3.12 29.89
CA GLY B 51 20.89 -2.69 31.28
C GLY B 51 19.74 -1.83 31.78
N ALA B 52 18.63 -1.80 31.05
CA ALA B 52 17.50 -0.94 31.41
C ALA B 52 16.43 -1.72 32.15
N ASP B 53 15.91 -1.10 33.21
CA ASP B 53 14.75 -1.61 33.94
C ASP B 53 13.47 -1.36 33.15
N ALA B 54 12.39 -2.03 33.57
CA ALA B 54 11.10 -1.99 32.89
C ALA B 54 10.53 -0.58 32.74
N LYS B 55 10.67 0.24 33.77
CA LYS B 55 10.12 1.60 33.74
C LYS B 55 10.91 2.49 32.79
N THR B 56 12.24 2.42 32.88
CA THR B 56 13.13 3.15 31.97
C THR B 56 12.80 2.85 30.51
N VAL B 57 12.58 1.58 30.20
CA VAL B 57 12.21 1.15 28.86
C VAL B 57 10.84 1.74 28.48
N GLN B 58 9.88 1.65 29.39
CA GLN B 58 8.52 2.12 29.12
C GLN B 58 8.48 3.62 28.86
N ASP B 59 9.18 4.38 29.70
CA ASP B 59 9.07 5.84 29.72
C ASP B 59 10.03 6.57 28.77
N THR B 60 11.06 5.88 28.27
CA THR B 60 11.95 6.44 27.24
C THR B 60 11.74 5.85 25.86
N VAL B 61 11.21 4.62 25.76
CA VAL B 61 11.02 3.95 24.47
C VAL B 61 9.55 3.69 24.16
N THR B 62 8.89 2.91 25.01
CA THR B 62 7.56 2.35 24.71
C THR B 62 6.50 3.42 24.53
N GLN B 63 6.44 4.37 25.46
CA GLN B 63 5.47 5.47 25.38
C GLN B 63 5.70 6.35 24.16
N VAL B 64 6.96 6.62 23.85
CA VAL B 64 7.31 7.49 22.72
C VAL B 64 6.89 6.86 21.41
N ILE B 65 7.15 5.56 21.25
CA ILE B 65 6.72 4.82 20.05
C ILE B 65 5.19 4.77 19.96
N GLU B 66 4.53 4.42 21.07
CA GLU B 66 3.07 4.35 21.13
C GLU B 66 2.39 5.68 20.74
N GLN B 67 2.95 6.80 21.20
CA GLN B 67 2.43 8.13 20.86
C GLN B 67 2.54 8.47 19.36
N ASN B 68 3.46 7.81 18.65
CA ASN B 68 3.68 8.03 17.22
C ASN B 68 3.03 6.99 16.31
N MET B 69 2.22 6.08 16.83
CA MET B 69 1.59 5.05 15.99
C MET B 69 0.28 5.52 15.34
N ASN B 70 0.30 6.72 14.77
CA ASN B 70 -0.90 7.39 14.26
C ASN B 70 -0.97 7.30 12.75
N GLY B 71 -2.17 7.45 12.20
CA GLY B 71 -2.37 7.49 10.75
C GLY B 71 -2.09 6.19 10.03
N ILE B 72 -2.09 5.07 10.75
CA ILE B 72 -1.87 3.74 10.21
C ILE B 72 -3.25 3.13 10.00
N ASP B 73 -3.47 2.52 8.84
CA ASP B 73 -4.79 2.06 8.44
C ASP B 73 -5.16 0.70 9.03
N ASN B 74 -6.46 0.52 9.29
CA ASN B 74 -7.04 -0.77 9.70
C ASN B 74 -6.45 -1.41 10.96
N LEU B 75 -6.14 -0.59 11.96
CA LEU B 75 -5.67 -1.07 13.25
C LEU B 75 -6.88 -1.42 14.14
N MET B 76 -6.92 -2.65 14.65
CA MET B 76 -7.95 -3.06 15.60
C MET B 76 -7.56 -2.62 17.00
N TYR B 77 -6.34 -3.02 17.40
CA TYR B 77 -5.80 -2.67 18.71
C TYR B 77 -4.29 -2.81 18.75
N MET B 78 -3.70 -2.23 19.80
CA MET B 78 -2.26 -2.21 20.02
C MET B 78 -1.99 -2.60 21.46
N SER B 79 -0.97 -3.43 21.68
CA SER B 79 -0.55 -3.83 23.05
C SER B 79 0.96 -3.82 23.18
N SER B 80 1.45 -3.64 24.40
CA SER B 80 2.91 -3.63 24.62
C SER B 80 3.34 -4.15 26.00
N ASN B 81 4.58 -4.63 26.05
CA ASN B 81 5.25 -5.07 27.28
C ASN B 81 6.61 -4.38 27.37
N SER B 82 6.95 -3.88 28.55
CA SER B 82 8.27 -3.30 28.81
C SER B 82 8.82 -4.00 30.03
N ASP B 83 9.96 -4.69 29.89
CA ASP B 83 10.47 -5.56 30.96
C ASP B 83 11.89 -5.26 31.42
N SER B 84 12.29 -5.91 32.52
CA SER B 84 13.55 -5.62 33.22
C SER B 84 14.80 -6.25 32.58
N THR B 85 14.65 -6.97 31.47
CA THR B 85 15.80 -7.35 30.64
C THR B 85 16.05 -6.32 29.52
N GLY B 86 15.54 -5.11 29.68
CA GLY B 86 15.75 -4.03 28.72
C GLY B 86 14.97 -4.16 27.42
N THR B 87 13.95 -5.02 27.39
CA THR B 87 13.22 -5.32 26.18
C THR B 87 11.87 -4.62 26.17
N VAL B 88 11.47 -4.17 24.98
CA VAL B 88 10.08 -3.76 24.72
C VAL B 88 9.59 -4.52 23.50
N GLN B 89 8.32 -4.91 23.54
CA GLN B 89 7.64 -5.46 22.38
C GLN B 89 6.28 -4.82 22.27
N ILE B 90 6.06 -4.05 21.20
CA ILE B 90 4.74 -3.51 20.90
C ILE B 90 4.17 -4.36 19.77
N THR B 91 3.01 -4.97 19.98
CA THR B 91 2.30 -5.68 18.92
C THR B 91 1.11 -4.87 18.46
N LEU B 92 0.97 -4.72 17.15
CA LEU B 92 -0.17 -4.05 16.53
C LEU B 92 -0.90 -5.07 15.69
N THR B 93 -2.15 -5.36 16.08
CA THR B 93 -2.98 -6.35 15.42
C THR B 93 -3.97 -5.63 14.52
N PHE B 94 -4.07 -6.09 13.27
CA PHE B 94 -4.85 -5.42 12.22
C PHE B 94 -6.10 -6.22 11.87
N GLU B 95 -6.99 -5.58 11.11
CA GLU B 95 -8.25 -6.21 10.67
C GLU B 95 -7.96 -7.31 9.64
N SER B 96 -8.77 -8.36 9.66
CA SER B 96 -8.63 -9.46 8.72
C SER B 96 -8.90 -8.98 7.30
N GLY B 97 -8.07 -9.44 6.36
CA GLY B 97 -8.09 -8.92 4.99
C GLY B 97 -7.11 -7.78 4.72
N THR B 98 -6.49 -7.24 5.78
CA THR B 98 -5.51 -6.17 5.64
C THR B 98 -4.26 -6.76 4.99
N ASP B 99 -3.70 -6.02 4.03
CA ASP B 99 -2.43 -6.38 3.43
C ASP B 99 -1.36 -6.26 4.52
N ALA B 100 -0.68 -7.38 4.80
CA ALA B 100 0.33 -7.43 5.86
C ALA B 100 1.56 -6.58 5.55
N ASP B 101 1.93 -6.51 4.28
CA ASP B 101 3.06 -5.71 3.84
C ASP B 101 2.79 -4.22 4.01
N ILE B 102 1.59 -3.77 3.61
CA ILE B 102 1.17 -2.38 3.79
C ILE B 102 1.12 -2.06 5.29
N ALA B 103 0.46 -2.93 6.07
CA ALA B 103 0.41 -2.78 7.52
C ALA B 103 1.80 -2.61 8.12
N GLN B 104 2.74 -3.44 7.68
CA GLN B 104 4.10 -3.40 8.20
C GLN B 104 4.86 -2.12 7.81
N VAL B 105 4.77 -1.72 6.54
CA VAL B 105 5.49 -0.53 6.07
C VAL B 105 4.95 0.74 6.73
N GLN B 106 3.63 0.81 6.92
CA GLN B 106 3.02 1.94 7.60
C GLN B 106 3.50 2.08 9.05
N VAL B 107 3.63 0.94 9.74
CA VAL B 107 4.14 0.92 11.11
C VAL B 107 5.63 1.31 11.11
N GLN B 108 6.40 0.64 10.25
CA GLN B 108 7.82 0.91 10.06
C GLN B 108 8.10 2.40 9.79
N ASN B 109 7.29 3.00 8.91
CA ASN B 109 7.46 4.41 8.53
C ASN B 109 7.17 5.37 9.68
N LYS B 110 6.12 5.11 10.45
CA LYS B 110 5.81 5.94 11.62
C LYS B 110 6.87 5.78 12.73
N LEU B 111 7.49 4.61 12.82
CA LEU B 111 8.59 4.37 13.77
C LEU B 111 9.81 5.18 13.40
N GLN B 112 10.22 5.10 12.13
CA GLN B 112 11.36 5.88 11.59
C GLN B 112 11.32 7.36 12.00
N LEU B 113 10.13 7.95 11.93
CA LEU B 113 9.95 9.35 12.32
C LEU B 113 10.01 9.57 13.83
N ALA B 114 9.70 8.53 14.61
CA ALA B 114 9.88 8.56 16.07
C ALA B 114 11.31 8.27 16.55
N MET B 115 12.15 7.70 15.69
CA MET B 115 13.53 7.31 16.06
C MET B 115 14.39 8.42 16.67
N PRO B 116 14.31 9.66 16.15
CA PRO B 116 15.05 10.77 16.77
C PRO B 116 14.68 11.13 18.21
N LEU B 117 13.53 10.64 18.68
CA LEU B 117 13.04 10.88 20.04
C LEU B 117 13.51 9.84 21.03
N LEU B 118 13.94 8.67 20.54
CA LEU B 118 14.37 7.56 21.39
C LEU B 118 15.81 7.80 21.87
N PRO B 119 16.24 7.09 22.94
CA PRO B 119 17.60 7.32 23.41
C PRO B 119 18.69 6.86 22.43
N GLN B 120 19.85 7.49 22.54
CA GLN B 120 21.06 7.13 21.77
C GLN B 120 21.27 5.61 21.74
N GLU B 121 21.25 4.99 22.91
CA GLU B 121 21.56 3.57 23.05
C GLU B 121 20.55 2.66 22.35
N VAL B 122 19.29 3.11 22.28
CA VAL B 122 18.22 2.36 21.61
C VAL B 122 18.31 2.53 20.09
N GLN B 123 18.59 3.76 19.65
CA GLN B 123 18.85 4.04 18.23
C GLN B 123 20.00 3.16 17.71
N GLN B 124 21.05 3.08 18.52
CA GLN B 124 22.25 2.30 18.21
C GLN B 124 21.96 0.79 18.05
N GLN B 125 21.22 0.23 19.01
CA GLN B 125 20.81 -1.19 18.94
C GLN B 125 19.88 -1.47 17.77
N GLY B 126 18.93 -0.56 17.53
CA GLY B 126 17.98 -0.68 16.44
C GLY B 126 16.66 -1.24 16.91
N VAL B 127 15.58 -0.80 16.26
CA VAL B 127 14.23 -1.18 16.61
C VAL B 127 13.67 -1.95 15.41
N SER B 128 13.38 -3.23 15.62
CA SER B 128 12.97 -4.14 14.54
C SER B 128 11.46 -4.18 14.39
N VAL B 129 10.97 -3.95 13.17
CA VAL B 129 9.54 -4.11 12.83
C VAL B 129 9.40 -5.34 11.95
N GLU B 130 8.61 -6.32 12.40
CA GLU B 130 8.45 -7.60 11.72
C GLU B 130 6.99 -8.00 11.72
N LYS B 131 6.58 -8.80 10.74
CA LYS B 131 5.28 -9.47 10.77
C LYS B 131 5.36 -10.63 11.77
N SER B 132 4.33 -10.76 12.62
CA SER B 132 4.30 -11.77 13.66
C SER B 132 3.59 -13.04 13.17
N SER B 133 4.22 -13.73 12.21
CA SER B 133 3.76 -15.02 11.69
C SER B 133 4.49 -16.14 12.43
N SER B 134 4.19 -16.27 13.72
CA SER B 134 4.86 -17.25 14.59
C SER B 134 4.40 -18.68 14.27
N SER B 135 5.04 -19.28 13.27
CA SER B 135 4.76 -20.65 12.84
C SER B 135 5.97 -21.26 12.14
N PHE B 136 6.82 -21.94 12.93
CA PHE B 136 8.04 -22.56 12.41
C PHE B 136 7.74 -23.82 11.60
N LEU B 137 8.45 -23.97 10.49
CA LEU B 137 8.42 -25.20 9.68
C LEU B 137 9.17 -26.29 10.43
N MET B 138 10.34 -25.92 10.96
CA MET B 138 11.16 -26.81 11.78
C MET B 138 12.16 -26.01 12.60
N VAL B 139 12.79 -26.69 13.55
CA VAL B 139 13.92 -26.15 14.31
C VAL B 139 15.08 -27.10 14.11
N VAL B 140 16.19 -26.57 13.59
CA VAL B 140 17.42 -27.32 13.42
C VAL B 140 18.29 -27.02 14.63
N GLY B 141 18.52 -28.03 15.48
CA GLY B 141 19.42 -27.89 16.61
C GLY B 141 20.85 -28.12 16.18
N VAL B 142 21.79 -27.47 16.86
CA VAL B 142 23.21 -27.63 16.60
C VAL B 142 23.90 -27.74 17.95
N ILE B 143 24.59 -28.87 18.17
CA ILE B 143 25.14 -29.22 19.49
C ILE B 143 26.61 -29.61 19.38
N ASN B 144 27.27 -29.74 20.52
CA ASN B 144 28.68 -30.14 20.58
C ASN B 144 28.84 -31.31 21.54
N THR B 145 29.26 -32.47 21.03
CA THR B 145 29.33 -33.71 21.79
C THR B 145 30.62 -33.90 22.60
N ASP B 146 31.75 -33.38 22.10
CA ASP B 146 33.06 -33.57 22.76
C ASP B 146 33.47 -32.47 23.76
N GLY B 147 32.53 -31.60 24.15
CA GLY B 147 32.76 -30.61 25.21
C GLY B 147 33.77 -29.51 24.91
N THR B 148 34.09 -29.31 23.63
CA THR B 148 35.11 -28.34 23.22
C THR B 148 34.54 -26.94 22.97
N MET B 149 33.24 -26.85 22.67
CA MET B 149 32.59 -25.59 22.29
C MET B 149 31.50 -25.21 23.30
N THR B 150 31.46 -23.93 23.66
CA THR B 150 30.33 -23.36 24.42
C THR B 150 29.15 -23.10 23.47
N GLN B 151 28.00 -22.72 24.04
CA GLN B 151 26.84 -22.33 23.22
C GLN B 151 27.13 -21.09 22.37
N GLU B 152 27.95 -20.19 22.92
CA GLU B 152 28.38 -18.97 22.22
C GLU B 152 29.25 -19.31 21.02
N ASP B 153 30.12 -20.30 21.18
CA ASP B 153 30.97 -20.79 20.09
C ASP B 153 30.14 -21.46 18.99
N ILE B 154 29.15 -22.27 19.37
CA ILE B 154 28.28 -22.94 18.39
C ILE B 154 27.46 -21.91 17.62
N SER B 155 26.83 -20.99 18.36
CA SER B 155 25.99 -19.96 17.76
C SER B 155 26.74 -19.13 16.71
N ASP B 156 27.99 -18.79 17.00
CA ASP B 156 28.83 -18.07 16.04
C ASP B 156 29.17 -18.89 14.80
N TYR B 157 29.42 -20.19 14.98
CA TYR B 157 29.66 -21.07 13.84
C TYR B 157 28.45 -21.09 12.91
N VAL B 158 27.26 -21.17 13.52
CA VAL B 158 26.01 -21.26 12.78
C VAL B 158 25.73 -19.93 12.06
N ALA B 159 25.99 -18.81 12.74
CA ALA B 159 25.87 -17.48 12.14
C ALA B 159 26.74 -17.32 10.90
N ALA B 160 27.99 -17.79 10.99
CA ALA B 160 29.01 -17.55 9.97
C ALA B 160 29.06 -18.59 8.85
N ASN B 161 28.72 -19.84 9.17
CA ASN B 161 28.91 -20.96 8.24
C ASN B 161 27.64 -21.76 7.87
N MET B 162 26.47 -21.33 8.34
CA MET B 162 25.21 -22.08 8.14
C MET B 162 23.99 -21.21 7.82
N LYS B 163 23.71 -20.23 8.68
CA LYS B 163 22.51 -19.36 8.58
C LYS B 163 22.20 -18.84 7.18
N ASP B 164 23.19 -18.20 6.55
CA ASP B 164 23.01 -17.57 5.24
C ASP B 164 22.60 -18.56 4.15
N ALA B 165 23.27 -19.72 4.13
CA ALA B 165 22.97 -20.78 3.17
C ALA B 165 21.58 -21.38 3.36
N ILE B 166 21.11 -21.43 4.61
CA ILE B 166 19.74 -21.87 4.91
C ILE B 166 18.74 -20.79 4.48
N SER B 167 19.07 -19.52 4.71
CA SER B 167 18.25 -18.39 4.25
C SER B 167 18.08 -18.36 2.73
N ARG B 168 19.12 -18.75 2.00
CA ARG B 168 19.10 -18.81 0.52
C ARG B 168 18.52 -20.11 -0.06
N THR B 169 18.15 -21.07 0.79
CA THR B 169 17.56 -22.34 0.34
C THR B 169 16.12 -22.16 -0.15
N SER B 170 15.77 -22.91 -1.18
CA SER B 170 14.48 -22.77 -1.87
C SER B 170 13.30 -23.02 -0.93
N GLY B 171 12.36 -22.08 -0.90
CA GLY B 171 11.18 -22.17 -0.07
C GLY B 171 11.34 -21.67 1.37
N VAL B 172 12.55 -21.25 1.76
CA VAL B 172 12.78 -20.75 3.12
C VAL B 172 12.41 -19.28 3.22
N GLY B 173 11.45 -18.98 4.10
CA GLY B 173 10.93 -17.62 4.28
C GLY B 173 11.71 -16.79 5.26
N ASP B 174 12.13 -17.39 6.37
CA ASP B 174 12.81 -16.68 7.45
C ASP B 174 13.61 -17.67 8.30
N VAL B 175 14.70 -17.19 8.88
CA VAL B 175 15.59 -18.02 9.72
C VAL B 175 15.99 -17.23 10.96
N GLN B 176 15.85 -17.84 12.13
CA GLN B 176 16.22 -17.22 13.41
C GLN B 176 17.38 -17.97 14.06
N LEU B 177 18.43 -17.25 14.39
CA LEU B 177 19.54 -17.81 15.16
C LEU B 177 19.15 -17.90 16.65
N PHE B 178 19.20 -19.10 17.22
CA PHE B 178 18.97 -19.27 18.67
C PHE B 178 20.29 -19.06 19.42
N GLY B 179 20.54 -17.79 19.72
CA GLY B 179 21.82 -17.32 20.24
C GLY B 179 22.29 -16.16 19.37
N SER B 180 23.51 -15.70 19.63
CA SER B 180 24.11 -14.60 18.87
C SER B 180 25.46 -15.03 18.29
N GLN B 181 25.86 -14.35 17.22
CA GLN B 181 27.25 -14.40 16.76
C GLN B 181 28.15 -13.80 17.83
N TYR B 182 29.47 -13.96 17.67
CA TYR B 182 30.42 -13.47 18.68
C TYR B 182 30.29 -11.96 18.89
N ALA B 183 30.72 -11.53 20.07
CA ALA B 183 30.92 -10.13 20.37
C ALA B 183 32.25 -10.02 21.06
N MET B 184 32.96 -8.92 20.85
CA MET B 184 34.18 -8.64 21.57
C MET B 184 33.76 -8.18 22.95
N ARG B 185 34.07 -8.99 23.97
CA ARG B 185 33.72 -8.65 25.35
C ARG B 185 34.94 -8.08 26.05
N ILE B 186 34.79 -6.89 26.60
CA ILE B 186 35.81 -6.28 27.46
C ILE B 186 35.25 -6.36 28.89
N TRP B 187 35.72 -7.36 29.65
CA TRP B 187 35.29 -7.55 31.04
C TRP B 187 36.20 -6.74 31.97
N MET B 188 35.69 -5.62 32.49
CA MET B 188 36.52 -4.66 33.22
C MET B 188 36.76 -5.05 34.66
N ASN B 189 37.91 -4.61 35.18
CA ASN B 189 38.31 -4.85 36.56
C ASN B 189 38.44 -3.49 37.26
N PRO B 190 37.55 -3.19 38.24
CA PRO B 190 37.55 -1.88 38.89
C PRO B 190 38.76 -1.61 39.78
N ASN B 191 39.38 -2.66 40.31
CA ASN B 191 40.57 -2.52 41.15
C ASN B 191 41.75 -2.06 40.31
N GLU B 192 41.94 -2.71 39.16
CA GLU B 192 42.98 -2.32 38.20
C GLU B 192 42.69 -0.95 37.58
N LEU B 193 41.43 -0.65 37.30
CA LEU B 193 41.02 0.66 36.76
C LEU B 193 41.34 1.81 37.72
N ASN B 194 41.06 1.60 39.01
CA ASN B 194 41.37 2.60 40.03
C ASN B 194 42.87 2.75 40.25
N LYS B 195 43.62 1.65 40.13
CA LYS B 195 45.08 1.65 40.29
C LYS B 195 45.77 2.67 39.38
N PHE B 196 45.30 2.76 38.12
CA PHE B 196 45.83 3.70 37.12
C PHE B 196 44.97 4.96 36.91
N GLN B 197 44.09 5.25 37.87
CA GLN B 197 43.20 6.42 37.82
C GLN B 197 42.35 6.49 36.54
N LEU B 198 41.70 5.36 36.21
CA LEU B 198 40.88 5.22 35.00
C LEU B 198 39.47 4.74 35.31
N THR B 199 38.59 4.91 34.32
CA THR B 199 37.17 4.60 34.44
C THR B 199 36.68 3.84 33.20
N PRO B 200 35.43 3.33 33.22
CA PRO B 200 34.85 2.83 31.97
C PRO B 200 34.69 3.91 30.88
N VAL B 201 34.55 5.18 31.29
CA VAL B 201 34.46 6.30 30.33
C VAL B 201 35.74 6.39 29.50
N ASP B 202 36.89 6.22 30.15
CA ASP B 202 38.18 6.25 29.47
C ASP B 202 38.37 5.02 28.59
N VAL B 203 37.89 3.86 29.06
CA VAL B 203 37.89 2.63 28.26
C VAL B 203 37.01 2.80 27.02
N ILE B 204 35.82 3.37 27.18
CA ILE B 204 34.91 3.62 26.05
C ILE B 204 35.52 4.62 25.05
N THR B 205 36.15 5.68 25.57
CA THR B 205 36.81 6.67 24.71
C THR B 205 37.92 6.05 23.86
N ALA B 206 38.78 5.25 24.50
CA ALA B 206 39.90 4.61 23.81
C ALA B 206 39.44 3.62 22.73
N ILE B 207 38.41 2.83 23.02
CA ILE B 207 37.88 1.85 22.06
C ILE B 207 37.31 2.56 20.81
N LYS B 208 36.55 3.62 21.02
CA LYS B 208 35.97 4.38 19.89
C LYS B 208 37.02 5.03 18.99
N ALA B 209 38.08 5.55 19.60
CA ALA B 209 39.18 6.17 18.85
C ALA B 209 40.02 5.14 18.10
N GLN B 210 40.35 4.02 18.75
CA GLN B 210 41.32 3.04 18.24
C GLN B 210 40.72 1.81 17.53
N ASN B 211 39.40 1.65 17.61
CA ASN B 211 38.66 0.66 16.79
C ASN B 211 37.66 1.42 15.92
N ALA B 212 38.11 1.86 14.76
CA ALA B 212 37.30 2.74 13.89
C ALA B 212 37.78 2.76 12.45
N GLN B 213 36.87 3.19 11.58
CA GLN B 213 37.13 3.40 10.16
C GLN B 213 37.34 4.90 9.96
N VAL B 214 38.40 5.27 9.25
CA VAL B 214 38.77 6.67 9.06
C VAL B 214 38.84 6.95 7.57
N ALA B 215 37.99 7.85 7.09
CA ALA B 215 38.02 8.28 5.70
C ALA B 215 39.27 9.13 5.47
N ALA B 216 40.01 8.81 4.41
CA ALA B 216 41.15 9.61 3.97
C ALA B 216 40.78 10.29 2.65
N GLY B 217 41.19 9.73 1.51
CA GLY B 217 40.98 10.38 0.22
C GLY B 217 41.65 9.65 -0.91
N GLN B 218 42.20 10.42 -1.87
CA GLN B 218 42.88 9.87 -3.04
C GLN B 218 44.16 10.65 -3.36
N LEU B 219 45.17 9.93 -3.85
CA LEU B 219 46.30 10.56 -4.55
C LEU B 219 45.82 10.92 -5.94
N GLY B 220 46.11 12.13 -6.39
CA GLY B 220 45.78 12.54 -7.75
C GLY B 220 44.29 12.55 -8.04
N GLY B 221 43.48 12.91 -7.05
CA GLY B 221 42.04 12.93 -7.19
C GLY B 221 41.60 14.16 -7.95
N THR B 222 40.40 14.10 -8.54
CA THR B 222 39.84 15.25 -9.26
C THR B 222 39.45 16.33 -8.24
N PRO B 223 39.64 17.62 -8.55
CA PRO B 223 40.35 18.12 -9.73
C PRO B 223 41.88 18.02 -9.54
N PRO B 224 42.60 17.43 -10.52
CA PRO B 224 44.03 17.20 -10.35
C PRO B 224 44.88 18.34 -10.89
N VAL B 225 46.19 18.26 -10.66
CA VAL B 225 47.16 19.02 -11.44
C VAL B 225 47.33 18.28 -12.76
N LYS B 226 47.11 18.99 -13.88
CA LYS B 226 47.27 18.40 -15.22
C LYS B 226 48.67 17.82 -15.39
N GLY B 227 48.74 16.63 -15.98
CA GLY B 227 49.99 15.89 -16.10
C GLY B 227 50.21 14.86 -15.01
N GLN B 228 49.28 14.78 -14.06
CA GLN B 228 49.25 13.72 -13.05
C GLN B 228 49.14 12.36 -13.75
N GLN B 229 50.05 11.45 -13.43
CA GLN B 229 50.08 10.12 -14.05
C GLN B 229 49.36 9.03 -13.24
N LEU B 230 49.34 9.19 -11.91
CA LEU B 230 48.83 8.18 -10.98
C LEU B 230 47.56 8.65 -10.27
N ASN B 231 46.56 7.78 -10.19
CA ASN B 231 45.37 7.97 -9.35
C ASN B 231 45.22 6.74 -8.46
N ALA B 232 45.04 6.96 -7.16
CA ALA B 232 44.94 5.86 -6.20
C ALA B 232 44.21 6.28 -4.93
N SER B 233 43.43 5.35 -4.37
CA SER B 233 42.75 5.59 -3.08
C SER B 233 43.75 5.48 -1.94
N ILE B 234 43.54 6.30 -0.91
CA ILE B 234 44.34 6.25 0.31
C ILE B 234 43.54 5.51 1.39
N ILE B 235 44.05 4.36 1.84
CA ILE B 235 43.44 3.60 2.93
C ILE B 235 44.10 4.02 4.25
N ALA B 236 43.32 4.62 5.16
CA ALA B 236 43.81 5.02 6.48
C ALA B 236 43.44 3.94 7.51
N GLN B 237 43.05 4.33 8.73
CA GLN B 237 42.70 3.36 9.78
C GLN B 237 41.47 2.54 9.44
N THR B 238 41.54 1.24 9.72
CA THR B 238 40.40 0.31 9.58
C THR B 238 40.10 -0.34 10.93
N ARG B 239 38.89 -0.90 11.04
CA ARG B 239 38.43 -1.54 12.28
C ARG B 239 39.31 -2.71 12.68
N LEU B 240 39.39 -2.99 13.97
CA LEU B 240 40.22 -4.08 14.50
C LEU B 240 39.52 -5.42 14.26
N THR B 241 40.31 -6.50 14.31
CA THR B 241 39.85 -7.83 13.92
C THR B 241 40.08 -8.96 14.91
N SER B 242 40.68 -8.69 16.06
CA SER B 242 41.12 -9.73 16.98
C SER B 242 41.16 -9.30 18.43
N THR B 243 41.08 -10.28 19.33
CA THR B 243 41.20 -10.05 20.78
C THR B 243 42.58 -9.48 21.17
N GLU B 244 43.62 -9.82 20.40
CA GLU B 244 44.97 -9.31 20.64
C GLU B 244 45.06 -7.81 20.38
N GLU B 245 44.47 -7.36 19.28
CA GLU B 245 44.45 -5.94 18.92
C GLU B 245 43.69 -5.09 19.93
N PHE B 246 42.56 -5.59 20.43
CA PHE B 246 41.80 -4.88 21.47
C PHE B 246 42.57 -4.81 22.80
N GLY B 247 43.30 -5.89 23.12
CA GLY B 247 44.21 -5.90 24.26
C GLY B 247 45.32 -4.86 24.22
N LYS B 248 45.84 -4.60 23.01
CA LYS B 248 46.90 -3.60 22.81
C LYS B 248 46.43 -2.13 22.78
N ILE B 249 45.13 -1.87 22.92
CA ILE B 249 44.59 -0.50 22.97
C ILE B 249 45.22 0.29 24.13
N LEU B 250 45.71 1.49 23.83
CA LEU B 250 46.42 2.32 24.80
C LEU B 250 45.44 3.20 25.58
N LEU B 251 45.40 3.00 26.90
CA LEU B 251 44.52 3.79 27.77
C LEU B 251 45.24 5.01 28.34
N LYS B 252 46.47 4.82 28.81
CA LYS B 252 47.34 5.94 29.19
C LYS B 252 48.82 5.59 29.16
N VAL B 253 49.64 6.64 29.17
CA VAL B 253 51.09 6.54 29.31
C VAL B 253 51.45 7.21 30.63
N ASN B 254 52.11 6.47 31.52
CA ASN B 254 52.49 6.99 32.84
C ASN B 254 53.70 7.91 32.75
N GLN B 255 53.98 8.62 33.85
CA GLN B 255 55.10 9.57 33.93
C GLN B 255 56.44 8.86 33.87
N ASP B 256 56.55 7.72 34.57
CA ASP B 256 57.78 6.92 34.56
C ASP B 256 58.12 6.30 33.18
N GLY B 257 57.09 6.08 32.35
CA GLY B 257 57.29 5.58 30.98
C GLY B 257 56.39 4.40 30.62
N SER B 258 56.02 3.61 31.62
CA SER B 258 55.22 2.39 31.39
C SER B 258 53.84 2.69 30.84
N ARG B 259 53.35 1.79 29.99
CA ARG B 259 52.11 1.95 29.24
C ARG B 259 51.01 1.11 29.88
N VAL B 260 49.85 1.72 30.12
CA VAL B 260 48.66 0.99 30.58
C VAL B 260 47.82 0.61 29.36
N LEU B 261 47.79 -0.68 29.04
CA LEU B 261 46.99 -1.20 27.94
C LEU B 261 45.65 -1.71 28.46
N LEU B 262 44.73 -1.99 27.53
CA LEU B 262 43.38 -2.44 27.88
C LEU B 262 43.37 -3.83 28.53
N ARG B 263 44.29 -4.71 28.11
CA ARG B 263 44.43 -6.04 28.71
C ARG B 263 44.91 -6.03 30.16
N ASP B 264 45.53 -4.93 30.60
CA ASP B 264 45.96 -4.77 32.00
C ASP B 264 44.77 -4.56 32.95
N VAL B 265 43.77 -3.80 32.50
CA VAL B 265 42.58 -3.48 33.32
C VAL B 265 41.31 -4.25 32.91
N ALA B 266 41.44 -5.30 32.10
CA ALA B 266 40.27 -6.07 31.63
C ALA B 266 40.62 -7.41 30.97
N LYS B 267 39.79 -8.41 31.20
CA LYS B 267 39.82 -9.65 30.41
C LYS B 267 39.15 -9.40 29.07
N ILE B 268 39.66 -10.04 28.01
CA ILE B 268 39.20 -9.82 26.65
C ILE B 268 38.96 -11.14 25.94
N GLU B 269 37.77 -11.30 25.36
CA GLU B 269 37.40 -12.55 24.69
C GLU B 269 36.23 -12.40 23.73
N LEU B 270 36.19 -13.27 22.72
CA LEU B 270 35.01 -13.42 21.88
C LEU B 270 33.94 -14.14 22.69
N GLY B 271 32.88 -13.43 23.04
CA GLY B 271 31.75 -14.00 23.79
C GLY B 271 30.44 -13.76 23.08
N GLY B 272 29.33 -14.01 23.78
CA GLY B 272 28.00 -13.74 23.25
C GLY B 272 27.62 -12.29 23.41
N GLU B 273 26.62 -11.85 22.65
CA GLU B 273 26.04 -10.50 22.81
C GLU B 273 25.28 -10.41 24.12
N ASN B 274 24.45 -11.43 24.38
CA ASN B 274 23.64 -11.52 25.60
C ASN B 274 23.96 -12.84 26.33
N TYR B 275 23.72 -12.85 27.65
CA TYR B 275 23.92 -14.06 28.48
C TYR B 275 22.68 -14.47 29.29
N ASP B 276 21.49 -14.03 28.87
CA ASP B 276 20.25 -14.33 29.60
C ASP B 276 19.74 -15.75 29.32
N ILE B 277 19.87 -16.20 28.07
CA ILE B 277 19.37 -17.52 27.66
C ILE B 277 20.51 -18.56 27.71
N ILE B 278 20.28 -19.66 28.43
CA ILE B 278 21.18 -20.82 28.38
C ILE B 278 20.39 -21.95 27.71
N ALA B 279 20.88 -22.38 26.53
CA ALA B 279 20.23 -23.42 25.74
C ALA B 279 21.04 -24.71 25.83
N GLU B 280 20.37 -25.82 26.16
CA GLU B 280 20.98 -27.15 26.19
C GLU B 280 20.11 -28.21 25.51
N PHE B 281 20.76 -29.25 24.99
CA PHE B 281 20.12 -30.36 24.29
C PHE B 281 20.65 -31.67 24.88
N ASN B 282 19.84 -32.31 25.73
CA ASN B 282 20.27 -33.48 26.52
C ASN B 282 21.54 -33.20 27.31
N GLY B 283 21.55 -32.06 28.02
CA GLY B 283 22.67 -31.67 28.88
C GLY B 283 23.83 -30.96 28.22
N GLN B 284 23.92 -31.02 26.88
CA GLN B 284 25.06 -30.48 26.13
C GLN B 284 24.75 -29.06 25.62
N PRO B 285 25.77 -28.18 25.52
CA PRO B 285 25.53 -26.83 24.97
C PRO B 285 24.98 -26.86 23.55
N ALA B 286 24.11 -25.90 23.23
CA ALA B 286 23.41 -25.91 21.95
C ALA B 286 23.12 -24.53 21.38
N SER B 287 22.87 -24.52 20.07
CA SER B 287 22.28 -23.39 19.36
C SER B 287 21.36 -23.97 18.30
N GLY B 288 20.80 -23.12 17.44
CA GLY B 288 19.97 -23.62 16.36
C GLY B 288 19.33 -22.58 15.47
N LEU B 289 18.68 -23.08 14.42
CA LEU B 289 18.02 -22.25 13.42
C LEU B 289 16.51 -22.51 13.44
N GLY B 290 15.73 -21.47 13.75
CA GLY B 290 14.27 -21.53 13.66
C GLY B 290 13.83 -21.14 12.27
N ILE B 291 13.45 -22.13 11.46
CA ILE B 291 13.16 -21.93 10.04
C ILE B 291 11.65 -21.84 9.79
N LYS B 292 11.23 -20.80 9.05
CA LYS B 292 9.83 -20.60 8.65
C LYS B 292 9.67 -20.77 7.14
N LEU B 293 8.50 -21.27 6.74
CA LEU B 293 8.19 -21.51 5.33
C LEU B 293 7.85 -20.19 4.62
N ALA B 294 8.33 -20.02 3.39
CA ALA B 294 8.04 -18.82 2.60
C ALA B 294 6.60 -18.86 2.07
N THR B 295 6.02 -17.68 1.85
CA THR B 295 4.65 -17.55 1.36
C THR B 295 4.47 -18.30 0.05
N GLY B 296 3.52 -19.23 0.02
CA GLY B 296 3.20 -20.02 -1.17
C GLY B 296 4.19 -21.13 -1.51
N ALA B 297 5.09 -21.45 -0.57
CA ALA B 297 6.11 -22.48 -0.79
C ALA B 297 5.58 -23.86 -0.40
N ASN B 298 6.16 -24.89 -1.02
CA ASN B 298 5.84 -26.27 -0.71
C ASN B 298 6.62 -26.67 0.54
N ALA B 299 5.91 -27.03 1.60
CA ALA B 299 6.53 -27.37 2.89
C ALA B 299 7.41 -28.63 2.84
N LEU B 300 7.02 -29.60 2.01
CA LEU B 300 7.76 -30.86 1.88
C LEU B 300 9.03 -30.70 1.06
N ASP B 301 8.94 -29.93 -0.04
CA ASP B 301 10.10 -29.58 -0.87
C ASP B 301 11.15 -28.83 -0.05
N THR B 302 10.70 -27.80 0.68
CA THR B 302 11.55 -26.97 1.51
C THR B 302 12.31 -27.80 2.56
N ALA B 303 11.60 -28.71 3.23
CA ALA B 303 12.21 -29.56 4.26
C ALA B 303 13.28 -30.48 3.67
N ALA B 304 12.99 -31.07 2.53
CA ALA B 304 13.98 -31.85 1.79
C ALA B 304 15.17 -30.99 1.37
N ALA B 305 14.89 -29.78 0.89
CA ALA B 305 15.92 -28.83 0.47
C ALA B 305 16.82 -28.35 1.61
N ILE B 306 16.23 -28.10 2.78
CA ILE B 306 16.99 -27.70 3.97
C ILE B 306 17.92 -28.84 4.40
N ARG B 307 17.40 -30.06 4.43
CA ARG B 307 18.19 -31.25 4.78
C ARG B 307 19.33 -31.50 3.80
N ALA B 308 19.09 -31.21 2.52
CA ALA B 308 20.11 -31.34 1.47
C ALA B 308 21.26 -30.34 1.64
N GLU B 309 20.91 -29.09 2.00
CA GLU B 309 21.93 -28.06 2.24
C GLU B 309 22.72 -28.32 3.52
N LEU B 310 22.05 -28.84 4.55
CA LEU B 310 22.73 -29.24 5.79
C LEU B 310 23.71 -30.39 5.56
N ALA B 311 23.37 -31.29 4.62
CA ALA B 311 24.27 -32.39 4.23
C ALA B 311 25.57 -31.89 3.60
N LYS B 312 25.49 -30.90 2.71
CA LYS B 312 26.66 -30.24 2.11
C LYS B 312 27.60 -29.58 3.14
N MET B 313 27.03 -29.15 4.27
CA MET B 313 27.80 -28.55 5.37
C MET B 313 28.47 -29.56 6.30
N GLU B 314 28.04 -30.82 6.26
CA GLU B 314 28.57 -31.88 7.16
C GLU B 314 30.11 -31.97 7.16
N PRO B 315 30.73 -32.08 5.97
CA PRO B 315 32.20 -32.28 5.92
C PRO B 315 33.04 -31.19 6.60
N PHE B 316 32.55 -29.95 6.62
CA PHE B 316 33.33 -28.81 7.09
C PHE B 316 33.13 -28.46 8.56
N PHE B 317 32.27 -29.19 9.28
CA PHE B 317 32.04 -28.94 10.71
C PHE B 317 33.29 -29.26 11.53
N PRO B 318 33.53 -28.50 12.64
CA PRO B 318 34.59 -28.91 13.57
C PRO B 318 34.26 -30.19 14.33
N SER B 319 35.23 -30.69 15.08
CA SER B 319 35.04 -31.93 15.85
C SER B 319 33.97 -31.74 16.91
N GLY B 320 33.05 -32.71 17.01
CA GLY B 320 31.97 -32.69 18.00
C GLY B 320 30.64 -32.10 17.53
N LEU B 321 30.66 -31.32 16.45
CA LEU B 321 29.44 -30.63 16.01
C LEU B 321 28.48 -31.60 15.33
N LYS B 322 27.20 -31.55 15.72
CA LYS B 322 26.18 -32.43 15.17
C LYS B 322 24.87 -31.67 14.93
N ILE B 323 24.17 -32.03 13.85
CA ILE B 323 22.84 -31.49 13.54
C ILE B 323 21.78 -32.41 14.14
N VAL B 324 20.73 -31.80 14.72
CA VAL B 324 19.59 -32.52 15.29
C VAL B 324 18.29 -31.81 14.92
N TYR B 325 17.18 -32.56 14.92
CA TYR B 325 15.88 -32.06 14.46
C TYR B 325 14.79 -32.26 15.54
N PRO B 326 14.83 -31.46 16.62
CA PRO B 326 13.85 -31.58 17.71
C PRO B 326 12.39 -31.24 17.34
N TYR B 327 12.19 -30.31 16.40
CA TYR B 327 10.86 -29.94 15.94
C TYR B 327 10.84 -29.95 14.41
N ASP B 328 9.88 -30.68 13.83
CA ASP B 328 9.72 -30.75 12.38
C ASP B 328 8.29 -31.16 12.03
N THR B 329 7.56 -30.25 11.40
CA THR B 329 6.16 -30.49 11.01
C THR B 329 6.02 -31.38 9.77
N THR B 330 7.11 -31.56 9.03
CA THR B 330 7.09 -32.28 7.74
C THR B 330 6.72 -33.78 7.84
N PRO B 331 7.28 -34.51 8.84
CA PRO B 331 6.81 -35.89 9.11
C PRO B 331 5.29 -35.98 9.33
N PHE B 332 4.76 -35.05 10.13
CA PHE B 332 3.32 -34.99 10.42
C PHE B 332 2.49 -34.67 9.17
N VAL B 333 2.95 -33.71 8.37
CA VAL B 333 2.24 -33.29 7.14
C VAL B 333 2.27 -34.39 6.07
N LYS B 334 3.38 -35.12 5.99
CA LYS B 334 3.51 -36.27 5.08
C LYS B 334 2.50 -37.37 5.41
N ILE B 335 2.27 -37.60 6.70
CA ILE B 335 1.29 -38.60 7.15
C ILE B 335 -0.15 -38.15 6.91
N SER B 336 -0.47 -36.91 7.31
CA SER B 336 -1.82 -36.34 7.16
C SER B 336 -2.34 -36.41 5.73
N ILE B 337 -1.50 -36.06 4.76
CA ILE B 337 -1.87 -36.09 3.34
C ILE B 337 -2.03 -37.54 2.85
N HIS B 338 -1.10 -38.41 3.23
CA HIS B 338 -1.13 -39.82 2.82
C HIS B 338 -2.40 -40.55 3.29
N GLU B 339 -2.79 -40.32 4.55
CA GLU B 339 -3.98 -40.94 5.12
C GLU B 339 -5.28 -40.46 4.43
N VAL B 340 -5.30 -39.20 4.01
CA VAL B 340 -6.42 -38.65 3.23
C VAL B 340 -6.47 -39.25 1.82
N VAL B 341 -5.31 -39.38 1.20
CA VAL B 341 -5.19 -39.98 -0.14
C VAL B 341 -5.58 -41.47 -0.12
N LYS B 342 -5.20 -42.18 0.96
CA LYS B 342 -5.59 -43.58 1.16
C LYS B 342 -7.12 -43.72 1.26
N THR B 343 -7.73 -42.86 2.08
CA THR B 343 -9.18 -42.83 2.27
C THR B 343 -9.97 -42.59 0.98
N LEU B 344 -9.50 -41.65 0.16
CA LEU B 344 -10.15 -41.32 -1.11
C LEU B 344 -10.05 -42.46 -2.14
N VAL B 345 -8.91 -43.15 -2.17
CA VAL B 345 -8.71 -44.31 -3.04
C VAL B 345 -9.51 -45.50 -2.52
N GLU B 346 -9.41 -45.77 -1.23
CA GLU B 346 -10.21 -46.83 -0.58
C GLU B 346 -11.72 -46.61 -0.72
N ALA B 347 -12.16 -45.36 -0.62
CA ALA B 347 -13.57 -45.01 -0.84
C ALA B 347 -14.03 -45.40 -2.25
N ILE B 348 -13.16 -45.20 -3.24
CA ILE B 348 -13.45 -45.55 -4.63
C ILE B 348 -13.51 -47.07 -4.85
N ILE B 349 -12.66 -47.84 -4.17
CA ILE B 349 -12.72 -49.32 -4.26
C ILE B 349 -13.95 -49.86 -3.52
N LEU B 350 -14.32 -49.23 -2.40
CA LEU B 350 -15.51 -49.62 -1.67
C LEU B 350 -16.77 -49.43 -2.51
N VAL B 351 -16.84 -48.31 -3.23
CA VAL B 351 -17.95 -48.07 -4.17
C VAL B 351 -17.95 -49.11 -5.29
N PHE B 352 -16.77 -49.50 -5.77
CA PHE B 352 -16.65 -50.60 -6.74
C PHE B 352 -17.21 -51.91 -6.17
N LEU B 353 -16.84 -52.24 -4.94
CA LEU B 353 -17.32 -53.46 -4.27
C LEU B 353 -18.84 -53.43 -4.02
N VAL B 354 -19.35 -52.29 -3.56
CA VAL B 354 -20.79 -52.11 -3.32
C VAL B 354 -21.59 -52.08 -4.63
N MET B 355 -21.09 -51.37 -5.64
CA MET B 355 -21.75 -51.30 -6.95
C MET B 355 -21.90 -52.68 -7.59
N TYR B 356 -20.85 -53.49 -7.48
CA TYR B 356 -20.87 -54.85 -8.01
C TYR B 356 -21.77 -55.77 -7.17
N LEU B 357 -21.74 -55.61 -5.86
CA LEU B 357 -22.60 -56.40 -4.95
C LEU B 357 -24.09 -56.30 -5.31
N PHE B 358 -24.54 -55.09 -5.66
CA PHE B 358 -25.96 -54.84 -5.99
C PHE B 358 -26.23 -55.01 -7.49
N LEU B 359 -25.52 -54.27 -8.33
CA LEU B 359 -25.79 -54.23 -9.79
C LEU B 359 -25.22 -55.41 -10.58
N GLN B 360 -24.08 -55.95 -10.11
CA GLN B 360 -23.54 -57.24 -10.57
C GLN B 360 -23.10 -57.28 -12.04
N ASN B 361 -22.43 -56.23 -12.49
CA ASN B 361 -21.69 -56.25 -13.75
C ASN B 361 -20.53 -55.25 -13.68
N PHE B 362 -19.39 -55.64 -14.25
CA PHE B 362 -18.16 -54.81 -14.24
C PHE B 362 -18.34 -53.48 -14.96
N ARG B 363 -19.27 -53.44 -15.93
CA ARG B 363 -19.51 -52.26 -16.77
C ARG B 363 -20.00 -51.04 -15.97
N ALA B 364 -21.03 -51.26 -15.14
CA ALA B 364 -21.64 -50.17 -14.36
C ALA B 364 -20.72 -49.68 -13.26
N THR B 365 -20.06 -50.62 -12.57
CA THR B 365 -19.14 -50.31 -11.47
C THR B 365 -17.90 -49.50 -11.88
N LEU B 366 -17.57 -49.47 -13.18
CA LEU B 366 -16.53 -48.57 -13.72
C LEU B 366 -16.95 -47.10 -13.74
N ILE B 367 -18.25 -46.83 -13.92
CA ILE B 367 -18.74 -45.46 -14.17
C ILE B 367 -18.47 -44.49 -13.02
N PRO B 368 -18.73 -44.89 -11.77
CA PRO B 368 -18.24 -44.10 -10.62
C PRO B 368 -16.72 -44.08 -10.49
N THR B 369 -16.06 -45.21 -10.75
CA THR B 369 -14.60 -45.30 -10.68
C THR B 369 -13.90 -44.29 -11.61
N ILE B 370 -14.55 -43.93 -12.72
CA ILE B 370 -14.09 -42.85 -13.61
C ILE B 370 -14.51 -41.49 -13.06
N ALA B 371 -15.81 -41.33 -12.82
CA ALA B 371 -16.42 -40.02 -12.50
C ALA B 371 -15.93 -39.35 -11.21
N VAL B 372 -15.60 -40.15 -10.19
CA VAL B 372 -15.19 -39.61 -8.88
C VAL B 372 -13.78 -38.99 -8.93
N PRO B 373 -12.78 -39.70 -9.50
CA PRO B 373 -11.47 -39.07 -9.73
C PRO B 373 -11.50 -37.79 -10.57
N VAL B 374 -12.32 -37.76 -11.62
CA VAL B 374 -12.48 -36.57 -12.45
C VAL B 374 -12.89 -35.36 -11.59
N VAL B 375 -13.87 -35.58 -10.70
CA VAL B 375 -14.37 -34.53 -9.81
C VAL B 375 -13.33 -34.15 -8.75
N LEU B 376 -12.64 -35.13 -8.17
CA LEU B 376 -11.59 -34.87 -7.18
C LEU B 376 -10.43 -34.05 -7.76
N LEU B 377 -9.89 -34.50 -8.89
CA LEU B 377 -8.84 -33.76 -9.60
C LEU B 377 -9.30 -32.34 -9.91
N GLY B 378 -10.50 -32.23 -10.49
CA GLY B 378 -11.09 -30.93 -10.82
C GLY B 378 -11.21 -29.96 -9.65
N THR B 379 -11.47 -30.49 -8.45
CA THR B 379 -11.56 -29.67 -7.25
C THR B 379 -10.24 -28.98 -6.91
N PHE B 380 -9.13 -29.71 -7.05
CA PHE B 380 -7.79 -29.14 -6.89
C PHE B 380 -7.52 -27.96 -7.82
N ALA B 381 -8.02 -28.04 -9.06
CA ALA B 381 -7.90 -26.94 -10.02
C ALA B 381 -8.63 -25.69 -9.55
N VAL B 382 -9.80 -25.88 -8.93
CA VAL B 382 -10.57 -24.77 -8.38
C VAL B 382 -9.90 -24.21 -7.11
N LEU B 383 -9.34 -25.09 -6.27
CA LEU B 383 -8.56 -24.65 -5.12
C LEU B 383 -7.38 -23.79 -5.55
N ALA B 384 -6.69 -24.22 -6.60
CA ALA B 384 -5.58 -23.46 -7.18
C ALA B 384 -6.05 -22.09 -7.70
N ALA B 385 -7.20 -22.06 -8.36
CA ALA B 385 -7.78 -20.81 -8.87
C ALA B 385 -8.16 -19.82 -7.77
N PHE B 386 -8.61 -20.32 -6.62
CA PHE B 386 -8.95 -19.48 -5.46
C PHE B 386 -7.74 -19.13 -4.56
N GLY B 387 -6.53 -19.56 -4.95
CA GLY B 387 -5.33 -19.30 -4.17
C GLY B 387 -5.18 -20.12 -2.91
N PHE B 388 -5.90 -21.24 -2.83
CA PHE B 388 -5.84 -22.12 -1.66
C PHE B 388 -4.66 -23.06 -1.80
N SER B 389 -4.24 -23.62 -0.67
CA SER B 389 -3.15 -24.57 -0.60
C SER B 389 -3.67 -25.95 -0.24
N ILE B 390 -2.85 -26.96 -0.50
CA ILE B 390 -3.09 -28.31 0.02
C ILE B 390 -2.69 -28.28 1.50
N ASN B 391 -3.66 -28.49 2.37
CA ASN B 391 -3.41 -28.48 3.82
C ASN B 391 -4.39 -29.35 4.59
N THR B 392 -4.11 -29.56 5.87
CA THR B 392 -4.93 -30.42 6.74
C THR B 392 -6.43 -30.15 6.61
N LEU B 393 -6.80 -28.87 6.60
CA LEU B 393 -8.20 -28.45 6.55
C LEU B 393 -8.83 -28.73 5.18
N THR B 394 -8.19 -28.30 4.10
CA THR B 394 -8.71 -28.52 2.75
C THR B 394 -8.75 -30.00 2.34
N MET B 395 -7.82 -30.79 2.87
CA MET B 395 -7.76 -32.23 2.60
C MET B 395 -8.90 -32.98 3.28
N PHE B 396 -9.11 -32.72 4.57
CA PHE B 396 -10.27 -33.26 5.29
C PHE B 396 -11.59 -32.70 4.75
N GLY B 397 -11.55 -31.51 4.15
CA GLY B 397 -12.68 -30.97 3.40
C GLY B 397 -13.14 -31.89 2.27
N MET B 398 -12.19 -32.50 1.57
CA MET B 398 -12.49 -33.48 0.52
C MET B 398 -12.97 -34.82 1.08
N VAL B 399 -12.38 -35.26 2.20
CA VAL B 399 -12.79 -36.50 2.86
C VAL B 399 -14.25 -36.39 3.33
N LEU B 400 -14.62 -35.24 3.88
CA LEU B 400 -16.01 -34.95 4.26
C LEU B 400 -16.93 -34.86 3.02
N ALA B 401 -16.40 -34.35 1.92
CA ALA B 401 -17.14 -34.25 0.66
C ALA B 401 -17.34 -35.57 -0.08
N ILE B 402 -16.51 -36.58 0.20
CA ILE B 402 -16.51 -37.83 -0.59
C ILE B 402 -17.87 -38.54 -0.66
N GLY B 403 -18.66 -38.44 0.41
CA GLY B 403 -20.01 -38.98 0.44
C GLY B 403 -20.94 -38.34 -0.58
N LEU B 404 -20.82 -37.03 -0.75
CA LEU B 404 -21.62 -36.28 -1.73
C LEU B 404 -21.21 -36.58 -3.18
N LEU B 405 -19.93 -36.88 -3.38
CA LEU B 405 -19.38 -37.19 -4.71
C LEU B 405 -19.78 -38.60 -5.14
N VAL B 406 -19.56 -39.54 -4.23
CA VAL B 406 -19.96 -40.95 -4.41
C VAL B 406 -21.46 -41.06 -4.71
N ASP B 407 -22.29 -40.27 -4.03
CA ASP B 407 -23.73 -40.33 -4.19
C ASP B 407 -24.19 -39.90 -5.58
N ASP B 408 -23.63 -38.81 -6.11
CA ASP B 408 -23.95 -38.33 -7.47
C ASP B 408 -23.69 -39.40 -8.55
N ALA B 409 -22.57 -40.10 -8.40
CA ALA B 409 -22.21 -41.19 -9.31
C ALA B 409 -23.19 -42.35 -9.20
N ILE B 410 -23.43 -42.81 -7.97
CA ILE B 410 -24.32 -43.96 -7.70
C ILE B 410 -25.78 -43.67 -8.12
N VAL B 411 -26.30 -42.51 -7.72
CA VAL B 411 -27.69 -42.14 -8.05
C VAL B 411 -27.95 -42.19 -9.57
N VAL B 412 -27.02 -41.66 -10.36
CA VAL B 412 -27.20 -41.59 -11.82
C VAL B 412 -27.20 -42.98 -12.45
N VAL B 413 -26.21 -43.81 -12.09
CA VAL B 413 -26.04 -45.14 -12.69
C VAL B 413 -27.17 -46.07 -12.26
N GLU B 414 -27.42 -46.14 -10.95
CA GLU B 414 -28.50 -46.97 -10.37
C GLU B 414 -29.84 -46.72 -11.05
N ASN B 415 -30.18 -45.44 -11.19
CA ASN B 415 -31.48 -45.05 -11.74
C ASN B 415 -31.63 -45.46 -13.21
N VAL B 416 -30.52 -45.57 -13.95
CA VAL B 416 -30.55 -46.15 -15.30
C VAL B 416 -30.75 -47.66 -15.22
N GLU B 417 -30.03 -48.33 -14.33
CA GLU B 417 -30.14 -49.79 -14.13
C GLU B 417 -31.55 -50.23 -13.73
N ARG B 418 -32.22 -49.37 -12.94
CA ARG B 418 -33.59 -49.61 -12.51
C ARG B 418 -34.57 -49.44 -13.67
N VAL B 419 -34.45 -48.33 -14.39
CA VAL B 419 -35.33 -48.02 -15.54
C VAL B 419 -35.18 -49.06 -16.66
N MET B 420 -33.96 -49.59 -16.84
CA MET B 420 -33.74 -50.69 -17.78
C MET B 420 -34.40 -51.99 -17.31
N ALA B 421 -34.29 -52.29 -16.02
CA ALA B 421 -34.87 -53.52 -15.46
C ALA B 421 -36.41 -53.50 -15.48
N GLU B 422 -36.99 -52.38 -15.03
CA GLU B 422 -38.45 -52.27 -14.87
C GLU B 422 -39.20 -52.12 -16.20
N GLU B 423 -38.65 -51.35 -17.12
CA GLU B 423 -39.31 -51.02 -18.39
C GLU B 423 -38.74 -51.73 -19.63
N GLY B 424 -37.48 -52.18 -19.55
CA GLY B 424 -36.86 -52.93 -20.65
C GLY B 424 -36.36 -52.07 -21.81
N LEU B 425 -36.12 -50.79 -21.58
CA LEU B 425 -35.64 -49.88 -22.63
C LEU B 425 -34.13 -50.06 -22.83
N PRO B 426 -33.61 -49.80 -24.05
CA PRO B 426 -32.15 -49.87 -24.24
C PRO B 426 -31.39 -48.76 -23.49
N PRO B 427 -30.08 -48.98 -23.20
CA PRO B 427 -29.24 -48.05 -22.41
C PRO B 427 -29.35 -46.56 -22.77
N LYS B 428 -29.38 -46.27 -24.06
CA LYS B 428 -29.43 -44.88 -24.54
C LYS B 428 -30.78 -44.22 -24.21
N GLU B 429 -31.88 -44.91 -24.51
CA GLU B 429 -33.23 -44.39 -24.22
C GLU B 429 -33.52 -44.42 -22.71
N ALA B 430 -33.05 -45.47 -22.03
CA ALA B 430 -33.16 -45.58 -20.57
C ALA B 430 -32.48 -44.41 -19.84
N THR B 431 -31.29 -44.04 -20.29
CA THR B 431 -30.54 -42.93 -19.71
C THR B 431 -31.25 -41.59 -19.92
N ARG B 432 -31.85 -41.38 -21.10
CA ARG B 432 -32.64 -40.16 -21.36
C ARG B 432 -33.83 -40.04 -20.41
N LYS B 433 -34.55 -41.14 -20.22
CA LYS B 433 -35.70 -41.16 -19.31
C LYS B 433 -35.25 -41.01 -17.86
N SER B 434 -34.24 -41.80 -17.48
CA SER B 434 -33.66 -41.75 -16.12
C SER B 434 -33.16 -40.37 -15.73
N MET B 435 -32.37 -39.74 -16.60
CA MET B 435 -31.90 -38.37 -16.37
C MET B 435 -33.04 -37.35 -16.37
N GLY B 436 -34.10 -37.60 -17.15
CA GLY B 436 -35.33 -36.80 -17.08
C GLY B 436 -36.00 -36.80 -15.70
N GLN B 437 -35.94 -37.95 -15.01
CA GLN B 437 -36.46 -38.07 -13.65
C GLN B 437 -35.66 -37.32 -12.59
N ILE B 438 -34.35 -37.12 -12.81
CA ILE B 438 -33.45 -36.58 -11.76
C ILE B 438 -32.70 -35.26 -12.06
N GLN B 439 -32.64 -34.83 -13.34
CA GLN B 439 -31.84 -33.66 -13.70
C GLN B 439 -32.32 -32.36 -13.03
N GLY B 440 -33.63 -32.18 -12.97
CA GLY B 440 -34.21 -31.05 -12.25
C GLY B 440 -33.92 -31.09 -10.75
N ALA B 441 -33.93 -32.30 -10.18
CA ALA B 441 -33.63 -32.48 -8.76
C ALA B 441 -32.17 -32.18 -8.46
N LEU B 442 -31.26 -32.73 -9.27
CA LEU B 442 -29.82 -32.52 -9.10
C LEU B 442 -29.41 -31.04 -9.12
N VAL B 443 -30.05 -30.26 -9.99
CA VAL B 443 -29.84 -28.81 -10.04
C VAL B 443 -30.36 -28.14 -8.76
N GLY B 444 -31.53 -28.58 -8.30
CA GLY B 444 -32.07 -28.14 -7.01
C GLY B 444 -31.22 -28.53 -5.82
N ILE B 445 -30.63 -29.72 -5.87
CA ILE B 445 -29.74 -30.22 -4.82
C ILE B 445 -28.46 -29.37 -4.73
N ALA B 446 -27.92 -28.99 -5.88
CA ALA B 446 -26.73 -28.13 -5.94
C ALA B 446 -26.98 -26.78 -5.25
N MET B 447 -28.12 -26.16 -5.55
CA MET B 447 -28.50 -24.88 -4.97
C MET B 447 -28.70 -24.99 -3.46
N VAL B 448 -29.42 -26.02 -3.03
CA VAL B 448 -29.70 -26.27 -1.62
C VAL B 448 -28.39 -26.53 -0.84
N LEU B 449 -27.54 -27.39 -1.37
CA LEU B 449 -26.23 -27.68 -0.76
C LEU B 449 -25.30 -26.46 -0.73
N SER B 450 -25.33 -25.65 -1.79
CA SER B 450 -24.61 -24.37 -1.81
C SER B 450 -25.07 -23.50 -0.65
N ALA B 451 -26.38 -23.38 -0.46
CA ALA B 451 -26.94 -22.62 0.66
C ALA B 451 -26.57 -23.17 2.04
N VAL B 452 -26.30 -24.48 2.15
CA VAL B 452 -25.83 -25.07 3.41
C VAL B 452 -24.36 -24.70 3.69
N PHE B 453 -23.51 -24.75 2.67
CA PHE B 453 -22.06 -24.60 2.83
C PHE B 453 -21.52 -23.18 2.61
N VAL B 454 -22.09 -22.43 1.67
CA VAL B 454 -21.56 -21.10 1.31
C VAL B 454 -21.57 -20.09 2.46
N PRO B 455 -22.62 -20.07 3.31
CA PRO B 455 -22.62 -19.16 4.47
C PRO B 455 -21.47 -19.36 5.45
N MET B 456 -20.95 -20.58 5.52
CA MET B 456 -19.78 -20.90 6.35
C MET B 456 -18.51 -20.12 5.96
N ALA B 457 -18.41 -19.68 4.70
CA ALA B 457 -17.30 -18.84 4.24
C ALA B 457 -17.32 -17.39 4.78
N PHE B 458 -18.50 -16.91 5.20
CA PHE B 458 -18.68 -15.53 5.64
C PHE B 458 -18.60 -15.32 7.17
N PHE B 459 -18.06 -16.29 7.89
CA PHE B 459 -17.68 -16.08 9.30
C PHE B 459 -16.46 -15.17 9.36
N GLY B 460 -16.36 -14.37 10.42
CA GLY B 460 -15.25 -13.43 10.61
C GLY B 460 -14.14 -13.97 11.49
N GLY B 461 -12.99 -13.30 11.42
CA GLY B 461 -11.86 -13.59 12.33
C GLY B 461 -11.15 -14.91 12.06
N SER B 462 -10.50 -15.44 13.10
CA SER B 462 -9.70 -16.67 13.01
C SER B 462 -10.55 -17.92 12.80
N THR B 463 -11.68 -18.00 13.49
CA THR B 463 -12.61 -19.12 13.33
C THR B 463 -13.16 -19.18 11.91
N GLY B 464 -13.55 -18.01 11.39
CA GLY B 464 -14.07 -17.90 10.03
C GLY B 464 -13.08 -18.21 8.91
N ALA B 465 -11.79 -18.00 9.17
CA ALA B 465 -10.74 -18.37 8.23
C ALA B 465 -10.64 -19.89 8.10
N ILE B 466 -10.81 -20.61 9.21
CA ILE B 466 -10.82 -22.08 9.22
C ILE B 466 -12.08 -22.62 8.53
N TYR B 467 -13.23 -22.10 8.90
CA TYR B 467 -14.52 -22.48 8.29
C TYR B 467 -14.56 -22.25 6.77
N ARG B 468 -13.91 -21.19 6.31
CA ARG B 468 -13.84 -20.86 4.89
C ARG B 468 -13.02 -21.87 4.07
N GLN B 469 -12.05 -22.53 4.70
CA GLN B 469 -11.26 -23.58 4.03
C GLN B 469 -12.14 -24.76 3.63
N PHE B 470 -12.95 -25.23 4.58
CA PHE B 470 -13.88 -26.33 4.33
C PHE B 470 -14.97 -25.92 3.35
N SER B 471 -15.51 -24.71 3.54
CA SER B 471 -16.60 -24.19 2.71
C SER B 471 -16.28 -24.19 1.22
N ILE B 472 -15.18 -23.54 0.84
CA ILE B 472 -14.79 -23.43 -0.58
C ILE B 472 -14.47 -24.81 -1.17
N THR B 473 -13.81 -25.68 -0.40
CA THR B 473 -13.47 -27.02 -0.85
C THR B 473 -14.71 -27.89 -1.13
N ILE B 474 -15.65 -27.87 -0.19
CA ILE B 474 -16.88 -28.68 -0.30
C ILE B 474 -17.83 -28.13 -1.38
N VAL B 475 -18.00 -26.81 -1.44
CA VAL B 475 -18.83 -26.16 -2.46
C VAL B 475 -18.27 -26.41 -3.87
N SER B 476 -16.95 -26.38 -4.01
CA SER B 476 -16.29 -26.64 -5.30
C SER B 476 -16.45 -28.10 -5.74
N ALA B 477 -16.17 -29.02 -4.81
CA ALA B 477 -16.28 -30.46 -5.08
C ALA B 477 -17.72 -30.85 -5.44
N MET B 478 -18.67 -30.37 -4.64
CA MET B 478 -20.08 -30.63 -4.86
C MET B 478 -20.60 -30.03 -6.18
N ALA B 479 -20.10 -28.85 -6.54
CA ALA B 479 -20.53 -28.17 -7.78
C ALA B 479 -20.02 -28.87 -9.05
N LEU B 480 -18.76 -29.33 -9.01
CA LEU B 480 -18.21 -30.13 -10.11
C LEU B 480 -18.93 -31.48 -10.24
N SER B 481 -19.23 -32.11 -9.10
CA SER B 481 -19.92 -33.41 -9.09
C SER B 481 -21.27 -33.36 -9.79
N VAL B 482 -22.00 -32.26 -9.61
CA VAL B 482 -23.29 -32.04 -10.27
C VAL B 482 -23.09 -31.76 -11.77
N LEU B 483 -22.06 -30.99 -12.12
CA LEU B 483 -21.72 -30.77 -13.53
C LEU B 483 -21.31 -32.08 -14.22
N VAL B 484 -20.46 -32.86 -13.54
CA VAL B 484 -20.08 -34.19 -14.02
C VAL B 484 -21.31 -35.12 -14.12
N ALA B 485 -22.22 -35.04 -13.14
CA ALA B 485 -23.44 -35.83 -13.12
C ALA B 485 -24.43 -35.48 -14.24
N LEU B 486 -24.36 -34.27 -14.79
CA LEU B 486 -25.22 -33.84 -15.90
C LEU B 486 -24.54 -33.89 -17.27
N ILE B 487 -23.23 -34.17 -17.30
CA ILE B 487 -22.44 -34.10 -18.55
C ILE B 487 -21.78 -35.45 -18.86
N LEU B 488 -20.90 -35.90 -17.97
CA LEU B 488 -20.09 -37.10 -18.20
C LEU B 488 -20.89 -38.40 -18.00
N THR B 489 -21.41 -38.61 -16.79
CA THR B 489 -22.01 -39.90 -16.42
C THR B 489 -23.26 -40.32 -17.23
N PRO B 490 -24.12 -39.36 -17.64
CA PRO B 490 -25.15 -39.68 -18.64
C PRO B 490 -24.57 -40.29 -19.92
N ALA B 491 -23.52 -39.67 -20.45
CA ALA B 491 -22.82 -40.17 -21.62
C ALA B 491 -22.24 -41.57 -21.37
N LEU B 492 -21.56 -41.73 -20.23
CA LEU B 492 -20.97 -43.03 -19.87
C LEU B 492 -22.01 -44.12 -19.65
N CYS B 493 -23.15 -43.77 -19.08
CA CYS B 493 -24.27 -44.72 -18.92
C CYS B 493 -24.87 -45.15 -20.27
N ALA B 494 -25.08 -44.20 -21.16
CA ALA B 494 -25.67 -44.47 -22.48
C ALA B 494 -24.77 -45.28 -23.42
N THR B 495 -23.45 -45.14 -23.27
CA THR B 495 -22.48 -45.81 -24.15
C THR B 495 -21.90 -47.10 -23.59
N MET B 496 -21.76 -47.21 -22.27
CA MET B 496 -21.09 -48.38 -21.65
C MET B 496 -22.08 -49.46 -21.16
N LEU B 497 -23.13 -49.07 -20.44
CA LEU B 497 -24.03 -50.03 -19.79
C LEU B 497 -24.69 -51.00 -20.76
N LYS B 498 -24.77 -52.28 -20.35
CA LYS B 498 -25.39 -53.33 -21.17
C LYS B 498 -26.91 -53.33 -20.96
N PRO B 499 -27.68 -53.77 -21.99
CA PRO B 499 -29.14 -53.82 -21.83
C PRO B 499 -29.58 -54.89 -20.82
N ILE B 500 -30.71 -54.65 -20.17
CA ILE B 500 -31.34 -55.60 -19.25
C ILE B 500 -32.77 -55.85 -19.73
N ALA B 501 -33.15 -57.12 -19.84
CA ALA B 501 -34.49 -57.50 -20.26
C ALA B 501 -35.51 -57.12 -19.18
N LYS B 502 -36.74 -56.80 -19.62
CA LYS B 502 -37.81 -56.39 -18.70
C LYS B 502 -38.13 -57.53 -17.73
N GLY B 503 -38.21 -57.19 -16.44
CA GLY B 503 -38.51 -58.15 -15.38
C GLY B 503 -37.33 -58.84 -14.71
N ASP B 504 -36.14 -58.77 -15.32
CA ASP B 504 -34.93 -59.39 -14.76
C ASP B 504 -34.39 -58.55 -13.60
N HIS B 505 -34.61 -59.04 -12.37
CA HIS B 505 -34.03 -58.44 -11.16
C HIS B 505 -32.95 -59.34 -10.56
N GLY B 506 -32.34 -60.20 -11.39
CA GLY B 506 -31.30 -61.12 -10.94
C GLY B 506 -31.76 -62.27 -10.06
N GLU B 507 -33.06 -62.55 -10.03
CA GLU B 507 -33.62 -63.63 -9.22
C GLU B 507 -33.40 -64.99 -9.92
N GLY B 508 -33.42 -64.99 -11.25
CA GLY B 508 -33.10 -66.17 -12.06
C GLY B 508 -31.66 -66.65 -12.00
N LYS B 509 -30.74 -65.81 -11.53
CA LYS B 509 -29.33 -66.22 -11.31
C LYS B 509 -29.20 -67.19 -10.13
N LYS B 510 -28.01 -67.78 -9.99
CA LYS B 510 -27.71 -68.75 -8.93
C LYS B 510 -26.39 -68.41 -8.23
N GLY B 511 -26.10 -69.13 -7.16
CA GLY B 511 -24.89 -68.91 -6.36
C GLY B 511 -25.13 -67.87 -5.28
N PHE B 512 -24.09 -67.11 -4.94
CA PHE B 512 -24.18 -66.06 -3.91
C PHE B 512 -25.01 -64.87 -4.36
N PHE B 513 -24.80 -64.43 -5.60
CA PHE B 513 -25.46 -63.24 -6.13
C PHE B 513 -26.95 -63.47 -6.42
N GLY B 514 -27.31 -64.69 -6.81
CA GLY B 514 -28.72 -65.08 -6.95
C GLY B 514 -29.45 -65.10 -5.62
N TRP B 515 -28.79 -65.65 -4.59
CA TRP B 515 -29.29 -65.62 -3.21
C TRP B 515 -29.47 -64.19 -2.69
N PHE B 516 -28.52 -63.31 -3.02
CA PHE B 516 -28.57 -61.90 -2.62
C PHE B 516 -29.73 -61.15 -3.28
N ASN B 517 -29.93 -61.37 -4.58
CA ASN B 517 -31.00 -60.69 -5.33
C ASN B 517 -32.39 -61.07 -4.83
N ARG B 518 -32.62 -62.37 -4.60
CA ARG B 518 -33.89 -62.86 -4.05
C ARG B 518 -34.11 -62.40 -2.60
N MET B 519 -33.02 -62.31 -1.82
CA MET B 519 -33.07 -61.74 -0.47
C MET B 519 -33.46 -60.26 -0.50
N PHE B 520 -32.80 -59.47 -1.35
CA PHE B 520 -33.01 -58.03 -1.40
C PHE B 520 -34.40 -57.64 -1.95
N GLU B 521 -34.90 -58.40 -2.92
CA GLU B 521 -36.27 -58.23 -3.43
C GLU B 521 -37.31 -58.51 -2.34
N LYS B 522 -37.05 -59.54 -1.52
CA LYS B 522 -37.87 -59.82 -0.34
C LYS B 522 -37.77 -58.72 0.70
N SER B 523 -36.55 -58.25 0.98
CA SER B 523 -36.32 -57.16 1.94
C SER B 523 -36.96 -55.82 1.50
N THR B 524 -36.98 -55.57 0.19
CA THR B 524 -37.69 -54.41 -0.37
C THR B 524 -39.20 -54.52 -0.16
N HIS B 525 -39.75 -55.73 -0.29
CA HIS B 525 -41.18 -55.98 -0.02
C HIS B 525 -41.52 -55.87 1.47
N HIS B 526 -40.67 -56.44 2.33
CA HIS B 526 -40.77 -56.23 3.79
C HIS B 526 -40.77 -54.74 4.13
N TYR B 527 -39.85 -54.00 3.52
CA TYR B 527 -39.72 -52.55 3.71
C TYR B 527 -40.97 -51.76 3.31
N THR B 528 -41.52 -52.07 2.12
CA THR B 528 -42.73 -51.38 1.63
C THR B 528 -43.98 -51.68 2.48
N ASP B 529 -44.09 -52.92 2.96
CA ASP B 529 -45.14 -53.29 3.92
C ASP B 529 -44.98 -52.53 5.22
N SER B 530 -43.73 -52.46 5.70
CA SER B 530 -43.38 -51.76 6.95
C SER B 530 -43.68 -50.26 6.88
N VAL B 531 -43.38 -49.63 5.75
CA VAL B 531 -43.74 -48.23 5.51
C VAL B 531 -45.26 -48.08 5.38
N GLY B 532 -45.91 -49.06 4.74
CA GLY B 532 -47.38 -49.09 4.62
C GLY B 532 -48.09 -48.99 5.96
N GLY B 533 -47.61 -49.75 6.94
CA GLY B 533 -48.14 -49.73 8.31
C GLY B 533 -47.84 -48.44 9.04
N ILE B 534 -46.65 -47.88 8.80
CA ILE B 534 -46.25 -46.60 9.40
C ILE B 534 -47.17 -45.46 8.94
N LEU B 535 -47.53 -45.46 7.67
CA LEU B 535 -48.39 -44.39 7.12
C LEU B 535 -49.86 -44.46 7.58
N ARG B 536 -50.29 -45.62 8.09
CA ARG B 536 -51.60 -45.73 8.76
C ARG B 536 -51.58 -45.04 10.13
N SER B 537 -50.48 -45.23 10.87
CA SER B 537 -50.28 -44.61 12.19
C SER B 537 -49.21 -43.50 12.16
N THR B 538 -49.51 -42.39 11.47
CA THR B 538 -48.58 -41.25 11.36
C THR B 538 -48.37 -40.52 12.69
N GLY B 539 -49.45 -40.38 13.47
CA GLY B 539 -49.43 -39.70 14.76
C GLY B 539 -48.39 -40.19 15.75
N ARG B 540 -48.16 -41.50 15.78
CA ARG B 540 -47.13 -42.10 16.66
C ARG B 540 -45.73 -41.62 16.30
N TYR B 541 -45.46 -41.49 15.01
CA TYR B 541 -44.13 -41.12 14.53
C TYR B 541 -43.82 -39.63 14.63
N LEU B 542 -44.86 -38.78 14.57
CA LEU B 542 -44.68 -37.36 14.89
C LEU B 542 -44.30 -37.17 16.37
N VAL B 543 -44.86 -38.00 17.25
CA VAL B 543 -44.47 -38.01 18.67
C VAL B 543 -43.04 -38.56 18.85
N LEU B 544 -42.73 -39.63 18.12
CA LEU B 544 -41.38 -40.23 18.15
C LEU B 544 -40.31 -39.29 17.57
N TYR B 545 -40.71 -38.43 16.62
CA TYR B 545 -39.86 -37.37 16.06
C TYR B 545 -39.57 -36.29 17.09
N LEU B 546 -40.60 -35.85 17.82
CA LEU B 546 -40.44 -34.87 18.91
C LEU B 546 -39.53 -35.37 20.04
N ILE B 547 -39.50 -36.68 20.27
CA ILE B 547 -38.54 -37.28 21.21
C ILE B 547 -37.11 -37.15 20.67
N ILE B 548 -36.94 -37.39 19.37
CA ILE B 548 -35.63 -37.24 18.70
C ILE B 548 -35.15 -35.78 18.70
N VAL B 549 -36.07 -34.84 18.43
CA VAL B 549 -35.73 -33.40 18.45
C VAL B 549 -35.36 -32.92 19.87
N VAL B 550 -36.03 -33.47 20.89
CA VAL B 550 -35.70 -33.16 22.30
C VAL B 550 -34.40 -33.87 22.70
N GLY B 551 -34.26 -35.14 22.32
CA GLY B 551 -33.01 -35.89 22.52
C GLY B 551 -31.80 -35.26 21.87
N MET B 552 -32.02 -34.62 20.71
CA MET B 552 -30.99 -33.84 20.03
C MET B 552 -30.62 -32.60 20.85
N ALA B 553 -31.62 -31.78 21.14
CA ALA B 553 -31.44 -30.52 21.88
C ALA B 553 -30.79 -30.69 23.25
N TYR B 554 -31.03 -31.84 23.90
CA TYR B 554 -30.34 -32.16 25.15
C TYR B 554 -28.86 -32.44 24.88
N LEU B 555 -28.59 -33.38 23.99
CA LEU B 555 -27.22 -33.77 23.65
C LEU B 555 -26.36 -32.64 23.07
N PHE B 556 -27.01 -31.68 22.40
CA PHE B 556 -26.32 -30.51 21.82
C PHE B 556 -25.74 -29.60 22.91
N VAL B 557 -26.48 -29.44 24.01
CA VAL B 557 -26.04 -28.67 25.17
C VAL B 557 -25.06 -29.48 26.05
N ARG B 558 -25.34 -30.78 26.21
CA ARG B 558 -24.48 -31.69 27.00
C ARG B 558 -23.07 -31.86 26.44
N LEU B 559 -22.92 -31.80 25.11
CA LEU B 559 -21.64 -32.00 24.45
C LEU B 559 -20.74 -30.77 24.64
N PRO B 560 -19.52 -30.95 25.20
CA PRO B 560 -18.62 -29.78 25.38
C PRO B 560 -18.12 -29.17 24.06
N SER B 561 -17.93 -27.85 24.06
CA SER B 561 -17.50 -27.10 22.88
C SER B 561 -15.98 -26.93 22.83
N SER B 562 -15.40 -27.04 21.63
CA SER B 562 -13.97 -26.73 21.42
C SER B 562 -13.72 -26.30 19.96
N PHE B 563 -12.48 -25.92 19.66
CA PHE B 563 -12.09 -25.45 18.32
C PHE B 563 -11.53 -26.60 17.48
N LEU B 564 -10.39 -27.14 17.91
CA LEU B 564 -9.71 -28.23 17.19
C LEU B 564 -9.14 -29.24 18.18
N PRO B 565 -9.19 -30.55 17.84
CA PRO B 565 -8.69 -31.57 18.75
C PRO B 565 -7.16 -31.59 18.84
N ASP B 566 -6.64 -31.87 20.04
CA ASP B 566 -5.20 -32.01 20.25
C ASP B 566 -4.65 -33.19 19.45
N GLU B 567 -3.35 -33.14 19.21
CA GLU B 567 -2.65 -34.17 18.45
C GLU B 567 -1.36 -34.55 19.15
N ASP B 568 -0.92 -35.79 18.92
CA ASP B 568 0.40 -36.24 19.32
C ASP B 568 1.35 -35.85 18.20
N GLN B 569 1.94 -34.66 18.30
CA GLN B 569 2.84 -34.13 17.26
C GLN B 569 4.32 -34.52 17.46
N GLY B 570 4.60 -35.48 18.34
CA GLY B 570 5.98 -35.88 18.66
C GLY B 570 6.71 -34.92 19.56
N VAL B 571 6.02 -33.89 20.06
CA VAL B 571 6.63 -32.84 20.88
C VAL B 571 5.62 -32.28 21.88
N PHE B 572 6.12 -31.90 23.04
CA PHE B 572 5.36 -31.14 24.01
C PHE B 572 6.39 -30.35 24.82
N MET B 573 5.92 -29.52 25.75
CA MET B 573 6.83 -28.68 26.53
C MET B 573 6.48 -28.61 28.01
N THR B 574 7.53 -28.39 28.81
CA THR B 574 7.44 -28.35 30.26
C THR B 574 7.84 -26.94 30.69
N MET B 575 6.91 -26.23 31.34
CA MET B 575 7.20 -24.91 31.90
C MET B 575 7.97 -25.09 33.22
N VAL B 576 8.89 -24.17 33.50
CA VAL B 576 9.60 -24.13 34.78
C VAL B 576 9.52 -22.69 35.29
N GLN B 577 8.83 -22.50 36.41
CA GLN B 577 8.57 -21.18 36.96
C GLN B 577 9.00 -21.12 38.43
N LEU B 578 10.21 -20.62 38.66
CA LEU B 578 10.73 -20.41 40.02
C LEU B 578 10.13 -19.12 40.63
N PRO B 579 10.30 -18.92 41.96
CA PRO B 579 9.84 -17.67 42.60
C PRO B 579 10.54 -16.41 42.09
N ALA B 580 9.99 -15.26 42.47
CA ALA B 580 10.52 -13.97 42.08
C ALA B 580 11.83 -13.67 42.80
N GLY B 581 12.82 -13.17 42.05
CA GLY B 581 14.16 -12.90 42.57
C GLY B 581 15.16 -14.05 42.42
N ALA B 582 14.69 -15.18 41.89
CA ALA B 582 15.52 -16.37 41.75
C ALA B 582 16.52 -16.21 40.61
N THR B 583 17.66 -16.89 40.74
CA THR B 583 18.79 -16.72 39.82
C THR B 583 18.80 -17.77 38.70
N GLN B 584 19.65 -17.52 37.71
CA GLN B 584 19.84 -18.40 36.55
C GLN B 584 20.27 -19.82 36.95
N GLU B 585 21.20 -19.90 37.89
CA GLU B 585 21.72 -21.19 38.39
C GLU B 585 20.62 -22.04 39.03
N ARG B 586 19.85 -21.40 39.89
CA ARG B 586 18.69 -22.02 40.56
C ARG B 586 17.73 -22.66 39.54
N THR B 587 17.45 -21.91 38.46
CA THR B 587 16.58 -22.38 37.37
C THR B 587 17.21 -23.53 36.61
N GLN B 588 18.51 -23.45 36.38
CA GLN B 588 19.24 -24.52 35.67
C GLN B 588 19.16 -25.86 36.42
N LYS B 589 19.28 -25.81 37.74
CA LYS B 589 19.15 -27.00 38.58
C LYS B 589 17.80 -27.71 38.42
N VAL B 590 16.73 -26.95 38.28
CA VAL B 590 15.40 -27.51 38.04
C VAL B 590 15.29 -28.09 36.63
N LEU B 591 15.79 -27.37 35.63
CA LEU B 591 15.82 -27.87 34.25
C LEU B 591 16.68 -29.12 34.08
N ASN B 592 17.78 -29.22 34.82
CA ASN B 592 18.61 -30.44 34.84
C ASN B 592 17.84 -31.62 35.43
N GLU B 593 17.11 -31.36 36.50
CA GLU B 593 16.24 -32.36 37.14
C GLU B 593 15.09 -32.80 36.21
N VAL B 594 14.49 -31.84 35.51
CA VAL B 594 13.43 -32.11 34.53
C VAL B 594 13.97 -32.92 33.35
N THR B 595 15.14 -32.55 32.84
CA THR B 595 15.81 -33.29 31.77
C THR B 595 16.17 -34.71 32.22
N HIS B 596 16.68 -34.83 33.45
CA HIS B 596 17.08 -36.13 34.02
C HIS B 596 15.88 -37.09 34.15
N TYR B 597 14.71 -36.56 34.51
CA TYR B 597 13.47 -37.34 34.53
C TYR B 597 13.17 -37.92 33.14
N TYR B 598 13.07 -37.06 32.13
CA TYR B 598 12.65 -37.48 30.78
C TYR B 598 13.57 -38.51 30.11
N LEU B 599 14.87 -38.43 30.40
CA LEU B 599 15.84 -39.37 29.84
C LEU B 599 15.94 -40.69 30.63
N THR B 600 15.52 -40.68 31.90
CA THR B 600 15.49 -41.88 32.75
C THR B 600 14.10 -42.52 32.76
N LYS B 601 13.12 -41.79 33.28
CA LYS B 601 11.77 -42.32 33.52
C LYS B 601 10.96 -42.50 32.24
N GLU B 602 11.19 -41.64 31.25
CA GLU B 602 10.55 -41.76 29.92
C GLU B 602 11.60 -42.08 28.85
N LYS B 603 12.51 -43.01 29.17
CA LYS B 603 13.62 -43.39 28.29
C LYS B 603 13.16 -43.99 26.97
N ASN B 604 12.09 -44.77 26.99
CA ASN B 604 11.56 -45.42 25.78
C ASN B 604 10.78 -44.47 24.87
N ASN B 605 10.28 -43.35 25.41
CA ASN B 605 9.49 -42.37 24.65
C ASN B 605 10.32 -41.18 24.17
N VAL B 606 11.06 -40.56 25.08
CA VAL B 606 11.73 -39.29 24.82
C VAL B 606 13.02 -39.49 24.03
N GLU B 607 13.13 -38.80 22.89
CA GLU B 607 14.35 -38.74 22.08
C GLU B 607 15.29 -37.65 22.60
N SER B 608 14.74 -36.47 22.87
CA SER B 608 15.54 -35.34 23.37
C SER B 608 14.77 -34.37 24.25
N VAL B 609 15.52 -33.57 25.01
CA VAL B 609 15.00 -32.49 25.84
C VAL B 609 15.79 -31.21 25.58
N PHE B 610 15.16 -30.24 24.91
CA PHE B 610 15.79 -28.95 24.63
C PHE B 610 15.48 -28.01 25.79
N ALA B 611 16.43 -27.87 26.71
CA ALA B 611 16.27 -27.01 27.90
C ALA B 611 16.65 -25.58 27.56
N VAL B 612 15.74 -24.65 27.84
CA VAL B 612 15.95 -23.22 27.57
C VAL B 612 15.77 -22.44 28.87
N ASN B 613 16.88 -22.21 29.56
CA ASN B 613 16.90 -21.42 30.79
C ASN B 613 16.89 -19.96 30.42
N GLY B 614 15.92 -19.21 30.95
CA GLY B 614 15.84 -17.75 30.76
C GLY B 614 14.62 -17.22 30.04
N PHE B 615 13.78 -18.09 29.50
CA PHE B 615 12.60 -17.68 28.73
C PHE B 615 11.32 -18.40 29.16
N GLY B 616 10.29 -17.61 29.45
CA GLY B 616 8.93 -18.09 29.68
C GLY B 616 7.94 -17.18 28.97
N PHE B 617 6.83 -17.74 28.50
CA PHE B 617 5.84 -16.97 27.73
C PHE B 617 5.20 -15.83 28.52
N ALA B 618 4.94 -16.07 29.81
CA ALA B 618 4.34 -15.06 30.70
C ALA B 618 5.26 -13.86 30.96
N GLY B 619 6.57 -14.08 30.87
CA GLY B 619 7.55 -13.00 31.05
C GLY B 619 8.95 -13.55 31.25
N ARG B 620 9.85 -13.23 30.33
CA ARG B 620 11.27 -13.68 30.41
C ARG B 620 12.01 -13.14 31.63
N GLY B 621 13.06 -13.85 32.03
CA GLY B 621 13.84 -13.50 33.23
C GLY B 621 14.67 -14.68 33.71
N GLN B 622 15.55 -14.40 34.68
CA GLN B 622 16.43 -15.43 35.25
C GLN B 622 15.68 -16.56 35.97
N ASN B 623 14.50 -16.24 36.51
CA ASN B 623 13.71 -17.17 37.32
C ASN B 623 12.70 -18.03 36.52
N THR B 624 12.94 -18.23 35.22
CA THR B 624 12.00 -18.98 34.38
C THR B 624 12.72 -19.72 33.24
N GLY B 625 12.04 -20.71 32.67
CA GLY B 625 12.60 -21.52 31.59
C GLY B 625 11.58 -22.46 30.99
N ILE B 626 11.95 -23.10 29.89
CA ILE B 626 11.10 -24.08 29.20
C ILE B 626 11.97 -25.23 28.71
N ALA B 627 11.44 -26.45 28.78
CA ALA B 627 12.10 -27.63 28.23
C ALA B 627 11.21 -28.21 27.13
N PHE B 628 11.64 -28.09 25.88
CA PHE B 628 10.93 -28.68 24.74
C PHE B 628 11.32 -30.15 24.60
N VAL B 629 10.37 -31.03 24.89
CA VAL B 629 10.59 -32.47 24.88
C VAL B 629 10.22 -33.01 23.49
N SER B 630 11.18 -33.62 22.81
CA SER B 630 10.95 -34.30 21.53
C SER B 630 10.89 -35.80 21.77
N LEU B 631 9.92 -36.46 21.14
CA LEU B 631 9.68 -37.90 21.31
C LEU B 631 10.21 -38.71 20.13
N LYS B 632 10.37 -40.01 20.36
CA LYS B 632 10.73 -40.95 19.29
C LYS B 632 9.55 -41.12 18.33
N ASP B 633 9.77 -41.84 17.23
CA ASP B 633 8.73 -42.04 16.22
C ASP B 633 7.48 -42.70 16.80
N TRP B 634 6.34 -42.42 16.18
CA TRP B 634 5.03 -42.97 16.59
C TRP B 634 4.99 -44.52 16.59
N ALA B 635 5.76 -45.14 15.71
CA ALA B 635 5.91 -46.60 15.66
C ALA B 635 6.59 -47.18 16.92
N ASP B 636 7.57 -46.46 17.47
CA ASP B 636 8.27 -46.88 18.69
C ASP B 636 7.55 -46.55 20.02
N ARG B 637 6.38 -45.91 19.94
CA ARG B 637 5.59 -45.55 21.13
C ARG B 637 4.15 -46.09 21.00
N PRO B 638 3.99 -47.44 21.07
CA PRO B 638 2.67 -48.05 20.86
C PRO B 638 1.71 -47.88 22.05
N GLY B 639 0.41 -47.84 21.77
CA GLY B 639 -0.62 -47.79 22.81
C GLY B 639 -0.82 -46.41 23.41
N GLU B 640 -1.95 -46.22 24.07
CA GLU B 640 -2.33 -44.94 24.71
C GLU B 640 -1.38 -44.53 25.84
N GLU B 641 -0.79 -45.51 26.52
CA GLU B 641 0.16 -45.26 27.63
C GLU B 641 1.44 -44.49 27.22
N ASN B 642 1.86 -44.62 25.96
CA ASN B 642 3.06 -43.96 25.45
C ASN B 642 2.79 -42.74 24.53
N LYS B 643 1.58 -42.17 24.61
CA LYS B 643 1.24 -40.95 23.87
C LYS B 643 1.55 -39.71 24.71
N VAL B 644 1.44 -38.53 24.08
CA VAL B 644 1.71 -37.25 24.75
C VAL B 644 0.76 -37.01 25.92
N GLU B 645 -0.53 -37.31 25.72
CA GLU B 645 -1.54 -37.23 26.80
C GLU B 645 -1.08 -37.95 28.08
N ALA B 646 -0.68 -39.20 27.93
CA ALA B 646 -0.24 -40.03 29.06
C ALA B 646 1.09 -39.56 29.66
N ILE B 647 2.07 -39.27 28.82
CA ILE B 647 3.40 -38.82 29.26
C ILE B 647 3.31 -37.47 29.98
N THR B 648 2.48 -36.57 29.46
CA THR B 648 2.20 -35.27 30.07
C THR B 648 1.71 -35.42 31.50
N MET B 649 0.66 -36.22 31.68
CA MET B 649 0.06 -36.46 33.00
C MET B 649 1.07 -37.00 34.02
N ARG B 650 1.83 -38.02 33.61
CA ARG B 650 2.88 -38.61 34.46
C ARG B 650 3.95 -37.60 34.85
N ALA B 651 4.41 -36.81 33.87
CA ALA B 651 5.43 -35.79 34.10
C ALA B 651 4.94 -34.69 35.05
N THR B 652 3.73 -34.18 34.79
CA THR B 652 3.13 -33.15 35.64
C THR B 652 2.92 -33.62 37.08
N ARG B 653 2.48 -34.88 37.23
CA ARG B 653 2.31 -35.50 38.56
C ARG B 653 3.66 -35.68 39.24
N ALA B 654 4.65 -36.19 38.49
CA ALA B 654 6.02 -36.37 38.99
C ALA B 654 6.67 -35.06 39.43
N PHE B 655 6.43 -33.97 38.68
CA PHE B 655 7.01 -32.66 39.00
C PHE B 655 6.19 -31.80 39.98
N SER B 656 5.16 -32.37 40.62
CA SER B 656 4.47 -31.69 41.74
C SER B 656 5.30 -31.76 43.04
N GLN B 657 6.28 -32.65 43.09
CA GLN B 657 7.20 -32.78 44.24
C GLN B 657 8.23 -31.64 44.40
N ILE B 658 8.43 -30.85 43.35
CA ILE B 658 9.69 -30.11 43.19
C ILE B 658 9.85 -29.01 44.24
N LYS B 659 11.08 -28.88 44.76
CA LYS B 659 11.45 -27.82 45.71
C LYS B 659 11.12 -26.45 45.12
N ASP B 660 10.21 -25.72 45.77
CA ASP B 660 9.72 -24.39 45.34
C ASP B 660 9.98 -24.03 43.86
N ALA B 661 9.14 -24.61 42.99
CA ALA B 661 9.17 -24.34 41.56
C ALA B 661 7.89 -24.88 40.94
N MET B 662 7.13 -24.01 40.26
CA MET B 662 5.94 -24.45 39.52
C MET B 662 6.38 -25.05 38.20
N VAL B 663 6.36 -26.39 38.13
CA VAL B 663 6.84 -27.14 36.97
C VAL B 663 5.73 -28.06 36.47
N PHE B 664 5.37 -27.94 35.20
CA PHE B 664 4.27 -28.74 34.63
C PHE B 664 4.40 -28.91 33.12
N ALA B 665 4.11 -30.11 32.63
CA ALA B 665 4.16 -30.43 31.20
C ALA B 665 2.79 -30.21 30.57
N PHE B 666 2.79 -29.88 29.28
CA PHE B 666 1.55 -29.69 28.52
C PHE B 666 1.76 -29.80 27.02
N ASN B 667 0.76 -30.34 26.33
CA ASN B 667 0.80 -30.55 24.89
C ASN B 667 0.62 -29.22 24.15
N LEU B 668 1.10 -29.17 22.91
CA LEU B 668 0.91 -28.01 22.05
C LEU B 668 -0.50 -28.03 21.46
N PRO B 669 -1.08 -26.85 21.19
CA PRO B 669 -2.37 -26.79 20.50
C PRO B 669 -2.21 -27.13 19.02
N ALA B 670 -3.29 -27.59 18.39
CA ALA B 670 -3.27 -28.05 17.00
C ALA B 670 -2.69 -26.99 16.04
N ILE B 671 -3.10 -25.73 16.24
CA ILE B 671 -2.55 -24.59 15.50
C ILE B 671 -1.80 -23.69 16.49
N VAL B 672 -0.47 -23.82 16.51
CA VAL B 672 0.39 -22.99 17.37
C VAL B 672 0.36 -21.51 16.98
N GLU B 673 0.22 -21.24 15.67
CA GLU B 673 -0.03 -19.90 15.12
C GLU B 673 -1.21 -19.19 15.80
N LEU B 674 -2.31 -19.92 15.98
CA LEU B 674 -3.56 -19.39 16.53
C LEU B 674 -3.51 -19.19 18.06
N GLY B 675 -2.57 -19.85 18.74
CA GLY B 675 -2.47 -19.81 20.20
C GLY B 675 -3.27 -20.95 20.81
N THR B 676 -3.49 -20.87 22.12
CA THR B 676 -4.27 -21.90 22.84
C THR B 676 -5.76 -21.83 22.51
N ALA B 677 -6.33 -20.62 22.64
CA ALA B 677 -7.72 -20.32 22.27
C ALA B 677 -8.77 -21.13 23.04
N THR B 678 -8.82 -20.91 24.37
CA THR B 678 -9.89 -21.41 25.22
C THR B 678 -10.14 -20.40 26.34
N GLY B 679 -11.40 -20.04 26.55
CA GLY B 679 -11.77 -19.09 27.59
C GLY B 679 -11.82 -17.65 27.08
N PHE B 680 -11.30 -16.72 27.89
CA PHE B 680 -11.36 -15.30 27.57
C PHE B 680 -10.04 -14.58 27.82
N ASP B 681 -9.94 -13.37 27.25
CA ASP B 681 -8.75 -12.52 27.34
C ASP B 681 -9.17 -11.08 27.67
N PHE B 682 -9.01 -10.71 28.94
CA PHE B 682 -9.53 -9.46 29.50
C PHE B 682 -8.39 -8.48 29.71
N GLU B 683 -8.67 -7.19 29.53
CA GLU B 683 -7.69 -6.14 29.76
C GLU B 683 -8.22 -5.14 30.77
N LEU B 684 -7.48 -4.98 31.88
CA LEU B 684 -7.80 -3.99 32.90
C LEU B 684 -6.95 -2.76 32.63
N ILE B 685 -7.59 -1.59 32.58
CA ILE B 685 -6.97 -0.40 32.02
C ILE B 685 -6.99 0.78 32.98
N ASP B 686 -5.83 1.43 33.13
CA ASP B 686 -5.70 2.70 33.84
C ASP B 686 -6.21 3.81 32.90
N GLN B 687 -7.38 4.36 33.20
CA GLN B 687 -8.04 5.38 32.36
C GLN B 687 -7.85 6.83 32.85
N ALA B 688 -7.16 7.04 33.97
CA ALA B 688 -7.06 8.38 34.57
C ALA B 688 -5.77 8.60 35.35
N GLY B 689 -4.65 8.12 34.80
CA GLY B 689 -3.33 8.36 35.39
C GLY B 689 -3.16 7.91 36.83
N LEU B 690 -3.81 6.82 37.19
CA LEU B 690 -3.78 6.28 38.56
C LEU B 690 -2.37 5.77 38.93
N GLY B 691 -1.72 5.09 38.00
CA GLY B 691 -0.37 4.57 38.21
C GLY B 691 -0.37 3.08 38.47
N HIS B 692 0.82 2.47 38.39
CA HIS B 692 0.99 1.03 38.53
C HIS B 692 0.40 0.42 39.82
N GLU B 693 0.59 1.11 40.94
CA GLU B 693 0.24 0.55 42.25
C GLU B 693 -1.27 0.48 42.46
N LYS B 694 -1.98 1.55 42.10
CA LYS B 694 -3.45 1.55 42.18
C LYS B 694 -4.11 0.63 41.14
N LEU B 695 -3.45 0.40 40.01
CA LEU B 695 -3.92 -0.57 39.02
C LEU B 695 -3.74 -2.01 39.52
N THR B 696 -2.66 -2.26 40.27
CA THR B 696 -2.43 -3.55 40.92
C THR B 696 -3.53 -3.83 41.95
N GLN B 697 -3.86 -2.82 42.76
CA GLN B 697 -4.90 -2.93 43.78
C GLN B 697 -6.27 -3.23 43.15
N ALA B 698 -6.61 -2.49 42.09
CA ALA B 698 -7.84 -2.73 41.33
C ALA B 698 -7.88 -4.13 40.71
N ARG B 699 -6.74 -4.60 40.22
CA ARG B 699 -6.61 -5.95 39.66
C ARG B 699 -6.85 -7.03 40.72
N ASN B 700 -6.26 -6.83 41.90
CA ASN B 700 -6.45 -7.73 43.04
C ASN B 700 -7.91 -7.74 43.52
N GLN B 701 -8.52 -6.56 43.58
CA GLN B 701 -9.95 -6.43 43.86
C GLN B 701 -10.80 -7.24 42.86
N LEU B 702 -10.46 -7.17 41.58
CA LEU B 702 -11.19 -7.91 40.53
C LEU B 702 -11.00 -9.43 40.64
N LEU B 703 -9.76 -9.86 40.89
CA LEU B 703 -9.43 -11.29 41.03
C LEU B 703 -10.10 -11.93 42.24
N ALA B 704 -10.06 -11.24 43.38
CA ALA B 704 -10.73 -11.69 44.60
C ALA B 704 -12.25 -11.83 44.42
N GLU B 705 -12.85 -10.90 43.67
CA GLU B 705 -14.28 -10.99 43.33
C GLU B 705 -14.62 -12.14 42.39
N ALA B 706 -13.76 -12.38 41.40
CA ALA B 706 -13.93 -13.51 40.47
C ALA B 706 -13.83 -14.86 41.19
N ALA B 707 -12.93 -14.95 42.16
CA ALA B 707 -12.75 -16.17 43.00
C ALA B 707 -14.01 -16.55 43.79
N LYS B 708 -14.85 -15.55 44.10
CA LYS B 708 -16.16 -15.77 44.73
C LYS B 708 -17.28 -16.19 43.74
N HIS B 709 -16.92 -16.57 42.51
CA HIS B 709 -17.86 -17.17 41.57
C HIS B 709 -17.22 -18.36 40.83
N PRO B 710 -16.92 -19.46 41.56
CA PRO B 710 -16.37 -20.64 40.87
C PRO B 710 -17.37 -21.34 39.94
N ASP B 711 -18.67 -21.16 40.23
CA ASP B 711 -19.76 -21.64 39.36
C ASP B 711 -19.75 -21.06 37.94
N MET B 712 -19.21 -19.84 37.77
CA MET B 712 -19.13 -19.16 36.47
C MET B 712 -17.71 -19.02 35.89
N LEU B 713 -16.72 -18.80 36.76
CA LEU B 713 -15.35 -18.48 36.35
C LEU B 713 -14.33 -19.41 37.00
N THR B 714 -13.39 -19.92 36.22
CA THR B 714 -12.33 -20.79 36.74
C THR B 714 -10.95 -20.40 36.17
N SER B 715 -9.93 -20.45 37.03
CA SER B 715 -8.55 -20.07 36.69
C SER B 715 -8.42 -18.61 36.23
N VAL B 716 -9.10 -17.71 36.94
CA VAL B 716 -9.01 -16.27 36.65
C VAL B 716 -7.69 -15.77 37.24
N ARG B 717 -6.76 -15.41 36.35
CA ARG B 717 -5.37 -15.14 36.72
C ARG B 717 -4.76 -14.01 35.87
N PRO B 718 -3.72 -13.33 36.39
CA PRO B 718 -2.99 -12.37 35.58
C PRO B 718 -2.02 -13.06 34.62
N ASN B 719 -1.94 -12.56 33.39
CA ASN B 719 -0.95 -13.03 32.41
C ASN B 719 0.23 -12.07 32.45
N GLY B 720 0.93 -12.06 33.58
CA GLY B 720 1.99 -11.07 33.83
C GLY B 720 2.71 -11.31 35.15
N LEU B 721 3.70 -10.48 35.42
CA LEU B 721 4.59 -10.67 36.56
C LEU B 721 4.23 -9.76 37.72
N GLU B 722 4.52 -10.23 38.93
CA GLU B 722 4.29 -9.45 40.14
C GLU B 722 5.49 -8.58 40.40
N ASP B 723 5.33 -7.60 41.28
CA ASP B 723 6.44 -6.71 41.66
C ASP B 723 7.52 -7.50 42.39
N THR B 724 8.75 -7.04 42.27
CA THR B 724 9.92 -7.70 42.85
C THR B 724 10.79 -6.69 43.59
N PRO B 725 11.65 -7.16 44.53
CA PRO B 725 12.59 -6.24 45.15
C PRO B 725 13.54 -5.63 44.13
N GLN B 726 13.84 -4.34 44.27
CA GLN B 726 14.84 -3.69 43.44
C GLN B 726 15.64 -2.65 44.23
N PHE B 727 16.85 -2.41 43.76
CA PHE B 727 17.87 -1.66 44.48
C PHE B 727 17.86 -0.21 43.99
N LYS B 728 17.22 0.67 44.75
CA LYS B 728 17.16 2.09 44.42
C LYS B 728 18.43 2.79 44.90
N ILE B 729 19.21 3.32 43.96
CA ILE B 729 20.43 4.08 44.28
C ILE B 729 20.23 5.57 43.95
N ASP B 730 20.54 6.44 44.90
CA ASP B 730 20.38 7.89 44.73
C ASP B 730 21.75 8.54 44.65
N ILE B 731 22.04 9.17 43.50
CA ILE B 731 23.25 9.96 43.33
C ILE B 731 22.98 11.31 44.02
N ASP B 732 23.84 11.69 44.96
CA ASP B 732 23.72 12.99 45.62
C ASP B 732 24.36 14.05 44.72
N GLN B 733 23.54 14.98 44.22
CA GLN B 733 24.00 16.00 43.26
C GLN B 733 24.97 17.00 43.88
N GLU B 734 24.67 17.45 45.10
CA GLU B 734 25.53 18.41 45.81
C GLU B 734 26.93 17.87 46.08
N LYS B 735 27.00 16.67 46.66
CA LYS B 735 28.28 16.05 46.97
C LYS B 735 29.07 15.73 45.71
N ALA B 736 28.38 15.36 44.62
CA ALA B 736 29.02 15.16 43.32
C ALA B 736 29.63 16.45 42.75
N GLN B 737 28.88 17.55 42.85
CA GLN B 737 29.38 18.88 42.46
C GLN B 737 30.47 19.42 43.38
N ALA B 738 30.40 19.08 44.67
CA ALA B 738 31.42 19.51 45.65
C ALA B 738 32.77 18.85 45.38
N LEU B 739 32.78 17.54 45.19
CA LEU B 739 34.01 16.79 44.88
C LEU B 739 34.50 16.94 43.44
N GLY B 740 33.68 17.54 42.57
CA GLY B 740 34.04 17.77 41.18
C GLY B 740 33.90 16.54 40.32
N VAL B 741 32.88 15.73 40.61
CA VAL B 741 32.56 14.54 39.83
C VAL B 741 31.35 14.87 38.97
N SER B 742 31.49 14.67 37.65
CA SER B 742 30.37 14.90 36.72
C SER B 742 29.37 13.75 36.82
N ILE B 743 28.12 14.06 36.53
CA ILE B 743 27.03 13.08 36.62
C ILE B 743 27.11 12.10 35.44
N ASN B 744 27.53 12.58 34.28
CA ASN B 744 27.74 11.72 33.11
C ASN B 744 28.77 10.63 33.37
N ASP B 745 29.88 11.00 34.01
CA ASP B 745 30.92 10.02 34.39
C ASP B 745 30.38 9.01 35.42
N ILE B 746 29.56 9.48 36.36
CA ILE B 746 28.92 8.60 37.35
C ILE B 746 27.98 7.62 36.64
N ASN B 747 26.98 8.15 35.94
CA ASN B 747 25.96 7.32 35.28
C ASN B 747 26.52 6.40 34.18
N THR B 748 27.58 6.82 33.50
CA THR B 748 28.27 5.96 32.53
C THR B 748 29.05 4.85 33.24
N THR B 749 29.77 5.20 34.31
CA THR B 749 30.51 4.21 35.10
C THR B 749 29.58 3.14 35.68
N LEU B 750 28.43 3.57 36.21
CA LEU B 750 27.43 2.65 36.76
C LEU B 750 26.86 1.75 35.67
N GLY B 751 26.31 2.37 34.64
CA GLY B 751 25.63 1.65 33.55
C GLY B 751 26.53 0.72 32.75
N ALA B 752 27.70 1.22 32.37
CA ALA B 752 28.64 0.44 31.57
C ALA B 752 29.11 -0.79 32.31
N ALA B 753 29.52 -0.62 33.57
CA ALA B 753 29.99 -1.74 34.41
C ALA B 753 28.87 -2.73 34.70
N TRP B 754 27.81 -2.26 35.34
CA TRP B 754 26.76 -3.13 35.86
C TRP B 754 25.77 -3.61 34.79
N GLY B 755 25.43 -2.73 33.86
CA GLY B 755 24.46 -3.05 32.79
C GLY B 755 25.06 -3.50 31.47
N GLY B 756 26.30 -3.10 31.20
CA GLY B 756 26.93 -3.31 29.90
C GLY B 756 26.74 -2.11 29.01
N SER B 757 27.62 -1.95 28.02
CA SER B 757 27.51 -0.85 27.05
C SER B 757 28.03 -1.25 25.68
N TYR B 758 27.15 -1.15 24.68
CA TYR B 758 27.49 -1.38 23.28
C TYR B 758 28.25 -0.17 22.75
N VAL B 759 29.56 -0.32 22.62
CA VAL B 759 30.45 0.80 22.24
C VAL B 759 30.41 1.03 20.73
N ASN B 760 30.88 0.02 19.97
CA ASN B 760 30.97 0.10 18.51
C ASN B 760 31.14 -1.30 17.90
N ASP B 761 31.35 -1.37 16.58
CA ASP B 761 31.55 -2.63 15.87
C ASP B 761 33.00 -2.89 15.52
N PHE B 762 33.29 -4.15 15.20
CA PHE B 762 34.61 -4.58 14.71
C PHE B 762 34.37 -5.70 13.70
N ILE B 763 35.43 -6.17 13.04
CA ILE B 763 35.28 -7.15 11.95
C ILE B 763 36.05 -8.44 12.24
N ASP B 764 35.31 -9.47 12.66
CA ASP B 764 35.86 -10.80 12.97
C ASP B 764 35.72 -11.69 11.73
N ARG B 765 36.85 -11.96 11.07
CA ARG B 765 36.89 -12.85 9.91
C ARG B 765 35.88 -12.45 8.83
N GLY B 766 35.92 -11.18 8.45
CA GLY B 766 35.06 -10.63 7.40
C GLY B 766 33.59 -10.49 7.73
N ARG B 767 33.26 -10.45 9.02
CA ARG B 767 31.89 -10.27 9.48
C ARG B 767 31.83 -9.19 10.56
N VAL B 768 30.98 -8.19 10.36
CA VAL B 768 30.82 -7.11 11.34
C VAL B 768 30.08 -7.63 12.58
N LYS B 769 30.65 -7.32 13.75
CA LYS B 769 30.16 -7.83 15.05
C LYS B 769 30.34 -6.78 16.14
N LYS B 770 29.56 -6.90 17.20
CA LYS B 770 29.51 -5.86 18.25
C LYS B 770 30.66 -5.96 19.25
N VAL B 771 30.98 -4.82 19.86
CA VAL B 771 31.95 -4.73 20.96
C VAL B 771 31.19 -4.22 22.18
N TYR B 772 31.21 -5.00 23.26
CA TYR B 772 30.59 -4.62 24.54
C TYR B 772 31.67 -4.44 25.61
N VAL B 773 31.51 -3.42 26.44
CA VAL B 773 32.26 -3.30 27.70
C VAL B 773 31.28 -3.54 28.85
N MET B 774 31.70 -4.36 29.82
CA MET B 774 30.90 -4.66 31.01
C MET B 774 31.85 -5.03 32.14
N SER B 775 31.37 -5.02 33.37
CA SER B 775 32.17 -5.48 34.51
C SER B 775 32.29 -6.98 34.46
N GLU B 776 33.45 -7.49 34.85
CA GLU B 776 33.62 -8.93 35.05
C GLU B 776 32.68 -9.35 36.17
N ALA B 777 32.04 -10.51 35.99
CA ALA B 777 30.95 -10.97 36.85
C ALA B 777 31.17 -10.68 38.34
N LYS B 778 32.35 -11.02 38.85
CA LYS B 778 32.63 -10.93 40.30
C LYS B 778 32.57 -9.53 40.93
N TYR B 779 32.70 -8.47 40.13
CA TYR B 779 32.63 -7.09 40.65
C TYR B 779 31.29 -6.38 40.43
N ARG B 780 30.24 -7.12 40.05
CA ARG B 780 28.90 -6.53 39.85
C ARG B 780 27.76 -7.44 40.35
N MET B 781 27.98 -8.08 41.50
CA MET B 781 27.03 -9.08 42.03
C MET B 781 26.15 -8.54 43.16
N LEU B 782 26.77 -7.91 44.16
CA LEU B 782 26.09 -7.54 45.41
C LEU B 782 26.23 -6.04 45.70
N PRO B 783 25.38 -5.50 46.61
CA PRO B 783 25.45 -4.09 47.02
C PRO B 783 26.82 -3.58 47.53
N ASP B 784 27.60 -4.45 48.16
CA ASP B 784 28.97 -4.07 48.58
C ASP B 784 29.92 -3.82 47.41
N ASP B 785 29.64 -4.42 46.25
CA ASP B 785 30.47 -4.19 45.05
C ASP B 785 30.30 -2.77 44.46
N ILE B 786 29.22 -2.08 44.78
CA ILE B 786 29.02 -0.68 44.35
C ILE B 786 30.18 0.21 44.82
N GLY B 787 30.56 0.07 46.09
CA GLY B 787 31.66 0.86 46.67
C GLY B 787 33.06 0.62 46.12
N ASP B 788 33.25 -0.49 45.40
CA ASP B 788 34.52 -0.80 44.74
C ASP B 788 34.73 -0.09 43.37
N TRP B 789 33.71 0.62 42.88
CA TRP B 789 33.81 1.37 41.62
C TRP B 789 34.15 2.83 41.87
N TYR B 790 35.14 3.32 41.13
CA TYR B 790 35.65 4.68 41.30
C TYR B 790 35.44 5.54 40.05
N VAL B 791 35.35 6.85 40.26
CA VAL B 791 35.17 7.83 39.19
C VAL B 791 36.18 8.98 39.41
N ARG B 792 36.82 9.43 38.33
CA ARG B 792 37.80 10.52 38.41
C ARG B 792 37.08 11.86 38.46
N ALA B 793 37.52 12.73 39.37
CA ALA B 793 36.99 14.09 39.51
C ALA B 793 37.81 15.06 38.67
N ALA B 794 37.36 16.31 38.60
CA ALA B 794 38.05 17.37 37.88
C ALA B 794 39.49 17.60 38.36
N ASP B 795 39.68 17.61 39.68
CA ASP B 795 41.00 17.82 40.29
C ASP B 795 41.99 16.66 40.10
N GLY B 796 41.49 15.48 39.74
CA GLY B 796 42.32 14.32 39.42
C GLY B 796 42.13 13.13 40.36
N GLN B 797 41.63 13.38 41.57
CA GLN B 797 41.47 12.32 42.58
C GLN B 797 40.34 11.35 42.22
N MET B 798 40.54 10.08 42.57
CA MET B 798 39.52 9.06 42.36
C MET B 798 38.59 9.00 43.56
N VAL B 799 37.29 9.00 43.29
CA VAL B 799 36.23 9.02 44.29
C VAL B 799 35.42 7.74 44.15
N PRO B 800 35.17 7.02 45.27
CA PRO B 800 34.31 5.82 45.21
C PRO B 800 32.82 6.18 45.19
N PHE B 801 32.00 5.29 44.65
CA PHE B 801 30.53 5.48 44.64
C PHE B 801 29.90 5.72 46.01
N SER B 802 30.45 5.07 47.05
CA SER B 802 30.03 5.26 48.43
C SER B 802 30.07 6.73 48.87
N ALA B 803 31.03 7.49 48.36
CA ALA B 803 31.21 8.91 48.71
C ALA B 803 30.07 9.83 48.31
N PHE B 804 29.38 9.51 47.21
CA PHE B 804 28.35 10.38 46.64
C PHE B 804 27.00 9.70 46.36
N SER B 805 26.77 8.52 46.95
CA SER B 805 25.51 7.80 46.75
C SER B 805 24.91 7.26 48.05
N SER B 806 23.62 6.94 47.99
CA SER B 806 22.90 6.25 49.05
C SER B 806 21.92 5.28 48.39
N SER B 807 21.61 4.17 49.07
CA SER B 807 20.75 3.14 48.48
C SER B 807 19.76 2.53 49.47
N ARG B 808 18.75 1.86 48.92
CA ARG B 808 17.68 1.22 49.72
C ARG B 808 16.87 0.25 48.86
N TRP B 809 16.18 -0.67 49.52
CA TRP B 809 15.32 -1.63 48.83
C TRP B 809 13.92 -1.05 48.65
N GLU B 810 13.35 -1.25 47.46
CA GLU B 810 11.95 -0.93 47.18
C GLU B 810 11.36 -2.01 46.30
N TYR B 811 10.06 -1.93 46.04
CA TYR B 811 9.39 -2.82 45.10
C TYR B 811 9.06 -2.08 43.80
N GLY B 812 9.22 -2.77 42.67
CA GLY B 812 8.83 -2.25 41.36
C GLY B 812 8.54 -3.36 40.37
N SER B 813 7.99 -3.00 39.22
CA SER B 813 7.60 -3.98 38.22
C SER B 813 8.79 -4.43 37.38
N PRO B 814 8.89 -5.74 37.09
CA PRO B 814 9.79 -6.25 36.07
C PRO B 814 9.11 -6.46 34.71
N ARG B 815 7.82 -6.13 34.59
CA ARG B 815 7.10 -6.25 33.32
C ARG B 815 5.86 -5.36 33.35
N LEU B 816 5.99 -4.19 32.72
CA LEU B 816 4.90 -3.23 32.63
C LEU B 816 4.16 -3.43 31.32
N GLU B 817 2.83 -3.53 31.40
CA GLU B 817 2.00 -3.81 30.22
C GLU B 817 1.21 -2.57 29.87
N ARG B 818 0.92 -2.40 28.57
CA ARG B 818 0.07 -1.30 28.10
C ARG B 818 -0.87 -1.81 27.01
N TYR B 819 -2.05 -1.21 26.93
CA TYR B 819 -3.06 -1.58 25.94
C TYR B 819 -3.71 -0.33 25.38
N ASN B 820 -3.61 -0.16 24.05
CA ASN B 820 -4.05 1.04 23.33
C ASN B 820 -3.49 2.33 23.97
N GLY B 821 -2.19 2.31 24.25
CA GLY B 821 -1.47 3.46 24.76
C GLY B 821 -1.54 3.76 26.25
N LEU B 822 -2.40 3.03 26.98
CA LEU B 822 -2.65 3.28 28.41
C LEU B 822 -2.11 2.12 29.22
N PRO B 823 -1.68 2.38 30.48
CA PRO B 823 -1.20 1.27 31.32
C PRO B 823 -2.29 0.22 31.52
N SER B 824 -1.90 -1.05 31.50
CA SER B 824 -2.85 -2.15 31.52
C SER B 824 -2.34 -3.36 32.29
N MET B 825 -3.25 -4.31 32.53
CA MET B 825 -2.91 -5.62 33.10
C MET B 825 -3.83 -6.66 32.50
N GLU B 826 -3.24 -7.59 31.75
CA GLU B 826 -3.99 -8.63 31.06
C GLU B 826 -4.42 -9.72 32.04
N ILE B 827 -5.68 -10.10 31.97
CA ILE B 827 -6.27 -11.12 32.83
C ILE B 827 -6.84 -12.23 31.96
N LEU B 828 -6.27 -13.44 32.08
CA LEU B 828 -6.78 -14.63 31.42
C LEU B 828 -7.70 -15.41 32.35
N GLY B 829 -8.56 -16.21 31.74
CA GLY B 829 -9.48 -17.07 32.47
C GLY B 829 -10.39 -17.78 31.50
N GLN B 830 -11.28 -18.61 32.02
CA GLN B 830 -12.25 -19.35 31.21
C GLN B 830 -13.58 -19.53 31.93
N ALA B 831 -14.61 -19.89 31.15
CA ALA B 831 -15.92 -20.22 31.71
C ALA B 831 -15.85 -21.55 32.46
N ALA B 832 -16.65 -21.67 33.52
CA ALA B 832 -16.66 -22.86 34.36
C ALA B 832 -17.38 -24.00 33.64
N PRO B 833 -17.15 -25.27 34.08
CA PRO B 833 -17.83 -26.41 33.46
C PRO B 833 -19.36 -26.26 33.42
N GLY B 834 -19.93 -26.38 32.22
CA GLY B 834 -21.37 -26.17 31.99
C GLY B 834 -21.76 -24.80 31.47
N LYS B 835 -20.89 -23.81 31.63
CA LYS B 835 -21.17 -22.42 31.24
C LYS B 835 -20.48 -22.06 29.93
N SER B 836 -21.09 -21.14 29.18
CA SER B 836 -20.51 -20.59 27.95
C SER B 836 -19.59 -19.41 28.27
N THR B 837 -18.66 -19.13 27.36
CA THR B 837 -17.74 -17.99 27.49
C THR B 837 -18.48 -16.65 27.53
N GLY B 838 -19.59 -16.54 26.79
CA GLY B 838 -20.44 -15.34 26.80
C GLY B 838 -21.02 -14.99 28.16
N GLU B 839 -21.37 -16.01 28.94
CA GLU B 839 -21.84 -15.81 30.33
C GLU B 839 -20.72 -15.31 31.22
N ALA B 840 -19.58 -15.99 31.16
CA ALA B 840 -18.37 -15.61 31.92
C ALA B 840 -17.92 -14.18 31.60
N MET B 841 -17.96 -13.81 30.32
CA MET B 841 -17.67 -12.43 29.89
C MET B 841 -18.66 -11.42 30.48
N GLU B 842 -19.95 -11.77 30.46
CA GLU B 842 -21.01 -10.91 31.01
C GLU B 842 -20.84 -10.67 32.52
N LEU B 843 -20.25 -11.64 33.22
CA LEU B 843 -19.96 -11.50 34.66
C LEU B 843 -18.73 -10.63 34.93
N MET B 844 -17.66 -10.87 34.19
CA MET B 844 -16.42 -10.08 34.32
C MET B 844 -16.66 -8.58 34.08
N GLU B 845 -17.57 -8.26 33.15
CA GLU B 845 -18.01 -6.87 32.92
C GLU B 845 -18.75 -6.29 34.11
N GLN B 846 -19.63 -7.09 34.73
CA GLN B 846 -20.34 -6.68 35.94
C GLN B 846 -19.40 -6.47 37.12
N LEU B 847 -18.51 -7.42 37.35
CA LEU B 847 -17.51 -7.32 38.42
C LEU B 847 -16.54 -6.14 38.22
N ALA B 848 -16.28 -5.81 36.95
CA ALA B 848 -15.44 -4.67 36.60
C ALA B 848 -16.10 -3.32 36.89
N SER B 849 -17.42 -3.24 36.67
CA SER B 849 -18.17 -2.00 36.88
C SER B 849 -18.21 -1.50 38.34
N LYS B 850 -17.84 -2.36 39.30
CA LYS B 850 -17.68 -1.95 40.70
C LYS B 850 -16.20 -1.93 41.13
N LEU B 851 -15.31 -1.54 40.22
CA LEU B 851 -13.89 -1.30 40.53
C LEU B 851 -13.67 0.20 40.80
N PRO B 852 -12.52 0.59 41.38
CA PRO B 852 -12.31 2.00 41.73
C PRO B 852 -12.37 3.00 40.57
N THR B 853 -12.51 4.29 40.90
CA THR B 853 -12.68 5.36 39.92
C THR B 853 -11.45 5.48 39.01
N GLY B 854 -11.70 5.57 37.71
CA GLY B 854 -10.65 5.68 36.70
C GLY B 854 -10.04 4.36 36.23
N VAL B 855 -10.70 3.24 36.56
CA VAL B 855 -10.26 1.91 36.14
C VAL B 855 -11.29 1.36 35.15
N GLY B 856 -10.89 1.24 33.89
CA GLY B 856 -11.73 0.71 32.83
C GLY B 856 -11.29 -0.67 32.42
N TYR B 857 -11.87 -1.17 31.33
CA TYR B 857 -11.55 -2.49 30.82
C TYR B 857 -11.84 -2.62 29.34
N ASP B 858 -11.27 -3.65 28.73
CA ASP B 858 -11.58 -4.00 27.34
C ASP B 858 -11.27 -5.47 27.08
N TRP B 859 -11.86 -6.00 26.01
CA TRP B 859 -11.63 -7.37 25.56
C TRP B 859 -10.64 -7.39 24.39
N THR B 860 -9.70 -8.33 24.43
CA THR B 860 -8.64 -8.45 23.43
C THR B 860 -8.56 -9.88 22.91
N GLY B 861 -7.72 -10.08 21.88
CA GLY B 861 -7.49 -11.40 21.29
C GLY B 861 -8.76 -12.16 20.90
N MET B 862 -8.82 -13.43 21.32
CA MET B 862 -9.98 -14.30 21.09
C MET B 862 -11.32 -13.69 21.51
N SER B 863 -11.32 -12.96 22.63
CA SER B 863 -12.54 -12.33 23.15
C SER B 863 -13.02 -11.13 22.33
N TYR B 864 -12.09 -10.36 21.76
CA TYR B 864 -12.41 -9.24 20.88
C TYR B 864 -13.18 -9.71 19.65
N GLN B 865 -12.71 -10.82 19.05
CA GLN B 865 -13.30 -11.36 17.83
C GLN B 865 -14.72 -11.92 18.05
N GLU B 866 -14.95 -12.54 19.22
CA GLU B 866 -16.29 -12.98 19.62
C GLU B 866 -17.22 -11.79 19.89
N ARG B 867 -16.73 -10.82 20.66
CA ARG B 867 -17.51 -9.62 21.03
C ARG B 867 -17.99 -8.85 19.80
N LEU B 868 -17.15 -8.76 18.77
CA LEU B 868 -17.51 -8.12 17.49
C LEU B 868 -18.33 -9.07 16.61
N SER B 869 -17.78 -10.24 16.30
CA SER B 869 -18.41 -11.23 15.41
C SER B 869 -19.10 -12.37 16.19
N GLY B 870 -20.06 -12.01 17.02
CA GLY B 870 -20.84 -12.96 17.84
C GLY B 870 -22.19 -13.32 17.25
N ASN B 871 -22.89 -12.31 16.70
CA ASN B 871 -24.25 -12.48 16.17
C ASN B 871 -24.30 -13.08 14.73
N GLN B 872 -23.15 -13.48 14.18
CA GLN B 872 -23.08 -14.00 12.81
C GLN B 872 -23.65 -15.41 12.65
N ALA B 873 -23.27 -16.33 13.55
CA ALA B 873 -23.64 -17.75 13.44
C ALA B 873 -25.14 -18.01 13.20
N PRO B 874 -26.03 -17.38 13.99
CA PRO B 874 -27.46 -17.52 13.69
C PRO B 874 -27.90 -16.72 12.47
N SER B 875 -27.42 -15.48 12.34
CA SER B 875 -27.81 -14.58 11.26
C SER B 875 -27.49 -15.12 9.86
N LEU B 876 -26.36 -15.82 9.73
CA LEU B 876 -25.97 -16.44 8.47
C LEU B 876 -26.89 -17.62 8.12
N TYR B 877 -27.05 -18.54 9.07
CA TYR B 877 -27.90 -19.72 8.84
C TYR B 877 -29.40 -19.42 8.85
N ALA B 878 -29.80 -18.24 9.33
CA ALA B 878 -31.14 -17.72 9.12
C ALA B 878 -31.40 -17.51 7.62
N ILE B 879 -30.41 -16.97 6.92
CA ILE B 879 -30.48 -16.79 5.46
C ILE B 879 -30.38 -18.15 4.75
N SER B 880 -29.50 -19.02 5.23
CA SER B 880 -29.36 -20.38 4.68
C SER B 880 -30.69 -21.12 4.63
N LEU B 881 -31.39 -21.11 5.75
CA LEU B 881 -32.71 -21.75 5.86
C LEU B 881 -33.72 -21.15 4.88
N ILE B 882 -33.68 -19.83 4.70
CA ILE B 882 -34.56 -19.11 3.77
C ILE B 882 -34.27 -19.50 2.32
N VAL B 883 -32.98 -19.52 1.96
CA VAL B 883 -32.58 -19.85 0.58
C VAL B 883 -32.93 -21.31 0.25
N VAL B 884 -32.69 -22.22 1.20
CA VAL B 884 -33.03 -23.64 1.06
C VAL B 884 -34.52 -23.81 0.77
N PHE B 885 -35.36 -23.21 1.61
CA PHE B 885 -36.80 -23.21 1.42
C PHE B 885 -37.19 -22.70 0.03
N LEU B 886 -36.65 -21.55 -0.34
CA LEU B 886 -36.97 -20.92 -1.63
C LEU B 886 -36.56 -21.77 -2.83
N CYS B 887 -35.40 -22.44 -2.72
CA CYS B 887 -34.92 -23.33 -3.78
C CYS B 887 -35.81 -24.55 -3.95
N LEU B 888 -36.17 -25.19 -2.83
CA LEU B 888 -37.09 -26.32 -2.85
C LEU B 888 -38.50 -25.91 -3.34
N ALA B 889 -38.93 -24.71 -2.94
CA ALA B 889 -40.20 -24.15 -3.45
C ALA B 889 -40.22 -24.03 -4.97
N ALA B 890 -39.11 -23.55 -5.55
CA ALA B 890 -38.96 -23.45 -7.01
C ALA B 890 -38.87 -24.83 -7.69
N LEU B 891 -38.16 -25.76 -7.06
CA LEU B 891 -38.03 -27.14 -7.55
C LEU B 891 -39.39 -27.85 -7.64
N TYR B 892 -40.11 -27.87 -6.52
CA TYR B 892 -41.37 -28.59 -6.41
C TYR B 892 -42.60 -27.80 -6.87
N GLU B 893 -42.48 -26.47 -7.00
CA GLU B 893 -43.62 -25.60 -7.32
C GLU B 893 -44.69 -25.74 -6.22
N SER B 894 -44.26 -25.50 -4.99
CA SER B 894 -45.12 -25.60 -3.81
C SER B 894 -44.48 -24.90 -2.61
N TRP B 895 -45.25 -24.06 -1.92
CA TRP B 895 -44.78 -23.39 -0.70
C TRP B 895 -44.77 -24.34 0.52
N SER B 896 -45.51 -25.45 0.45
CA SER B 896 -45.68 -26.37 1.58
C SER B 896 -44.78 -27.61 1.51
N ILE B 897 -44.64 -28.20 0.33
CA ILE B 897 -43.90 -29.46 0.15
C ILE B 897 -42.44 -29.40 0.66
N PRO B 898 -41.73 -28.26 0.47
CA PRO B 898 -40.39 -28.11 1.04
C PRO B 898 -40.22 -28.57 2.47
N PHE B 899 -41.22 -28.32 3.32
CA PHE B 899 -41.17 -28.73 4.73
C PHE B 899 -40.89 -30.23 4.92
N SER B 900 -41.38 -31.07 4.02
CA SER B 900 -41.16 -32.53 4.09
C SER B 900 -39.68 -32.89 4.01
N VAL B 901 -38.95 -32.16 3.17
CA VAL B 901 -37.49 -32.30 3.06
C VAL B 901 -36.81 -31.72 4.30
N MET B 902 -37.17 -30.49 4.63
CA MET B 902 -36.48 -29.73 5.69
C MET B 902 -36.57 -30.38 7.08
N LEU B 903 -37.64 -31.12 7.33
CA LEU B 903 -37.81 -31.87 8.58
C LEU B 903 -36.81 -33.04 8.79
N VAL B 904 -36.01 -33.36 7.76
CA VAL B 904 -34.99 -34.43 7.86
C VAL B 904 -33.77 -34.07 8.72
N VAL B 905 -33.52 -32.77 8.92
CA VAL B 905 -32.25 -32.27 9.51
C VAL B 905 -31.84 -32.95 10.84
N PRO B 906 -32.79 -33.10 11.81
CA PRO B 906 -32.43 -33.74 13.09
C PRO B 906 -32.03 -35.22 13.01
N LEU B 907 -32.48 -35.93 11.97
CA LEU B 907 -32.30 -37.38 11.86
C LEU B 907 -30.83 -37.79 11.76
N GLY B 908 -30.04 -36.98 11.04
CA GLY B 908 -28.59 -37.15 11.00
C GLY B 908 -27.91 -36.62 12.26
N VAL B 909 -28.37 -35.47 12.73
CA VAL B 909 -27.71 -34.76 13.83
C VAL B 909 -27.70 -35.59 15.11
N ILE B 910 -28.80 -36.31 15.38
CA ILE B 910 -28.94 -37.13 16.61
C ILE B 910 -27.85 -38.21 16.72
N GLY B 911 -27.57 -38.91 15.63
CA GLY B 911 -26.59 -39.99 15.62
C GLY B 911 -25.16 -39.48 15.76
N ALA B 912 -24.88 -38.32 15.15
CA ALA B 912 -23.60 -37.64 15.31
C ALA B 912 -23.35 -37.28 16.77
N LEU B 913 -24.36 -36.69 17.39
CA LEU B 913 -24.31 -36.34 18.81
C LEU B 913 -24.20 -37.56 19.70
N LEU B 914 -24.86 -38.67 19.33
CA LEU B 914 -24.73 -39.93 20.07
C LEU B 914 -23.32 -40.52 19.96
N ALA B 915 -22.82 -40.61 18.73
CA ALA B 915 -21.48 -41.16 18.48
C ALA B 915 -20.35 -40.34 19.11
N ALA B 916 -20.51 -39.02 19.12
CA ALA B 916 -19.54 -38.11 19.74
C ALA B 916 -19.57 -38.25 21.27
N THR B 917 -20.77 -38.08 21.85
CA THR B 917 -20.96 -38.15 23.30
C THR B 917 -20.58 -39.53 23.88
N PHE B 918 -20.87 -40.59 23.12
CA PHE B 918 -20.45 -41.96 23.47
C PHE B 918 -18.93 -42.07 23.62
N ARG B 919 -18.19 -41.51 22.68
CA ARG B 919 -16.72 -41.62 22.66
C ARG B 919 -15.99 -40.55 23.50
N GLY B 920 -16.71 -39.54 23.98
CA GLY B 920 -16.11 -38.46 24.76
C GLY B 920 -15.33 -37.46 23.93
N LEU B 921 -15.78 -37.23 22.70
CA LEU B 921 -15.21 -36.19 21.84
C LEU B 921 -16.03 -34.91 22.02
N THR B 922 -15.61 -33.85 21.32
CA THR B 922 -16.18 -32.51 21.50
C THR B 922 -16.95 -32.03 20.26
N ASN B 923 -17.63 -30.89 20.42
CA ASN B 923 -18.30 -30.18 19.34
C ASN B 923 -17.27 -29.26 18.66
N ASP B 924 -16.39 -29.85 17.87
CA ASP B 924 -15.30 -29.13 17.19
C ASP B 924 -15.61 -28.90 15.71
N VAL B 925 -14.75 -28.14 15.02
CA VAL B 925 -14.99 -27.77 13.61
C VAL B 925 -15.13 -28.98 12.67
N TYR B 926 -14.34 -30.02 12.90
CA TYR B 926 -14.42 -31.26 12.12
C TYR B 926 -15.79 -31.92 12.28
N PHE B 927 -16.27 -31.96 13.52
CA PHE B 927 -17.60 -32.47 13.85
C PHE B 927 -18.69 -31.59 13.20
N GLN B 928 -18.54 -30.28 13.30
CA GLN B 928 -19.52 -29.31 12.77
C GLN B 928 -19.64 -29.33 11.25
N VAL B 929 -18.51 -29.45 10.56
CA VAL B 929 -18.52 -29.58 9.09
C VAL B 929 -19.09 -30.94 8.73
N GLY B 930 -18.79 -31.96 9.54
CA GLY B 930 -19.39 -33.29 9.43
C GLY B 930 -20.91 -33.31 9.52
N LEU B 931 -21.48 -32.50 10.40
CA LEU B 931 -22.93 -32.34 10.49
C LEU B 931 -23.52 -31.80 9.20
N LEU B 932 -22.91 -30.76 8.65
CA LEU B 932 -23.38 -30.13 7.40
C LEU B 932 -23.36 -31.09 6.21
N THR B 933 -22.34 -31.93 6.13
CA THR B 933 -22.26 -32.95 5.08
C THR B 933 -23.25 -34.10 5.31
N THR B 934 -23.44 -34.49 6.57
CA THR B 934 -24.43 -35.50 6.95
C THR B 934 -25.86 -35.00 6.68
N ILE B 935 -26.13 -33.74 7.04
CA ILE B 935 -27.43 -33.10 6.79
C ILE B 935 -27.71 -32.99 5.29
N GLY B 936 -26.72 -32.53 4.54
CA GLY B 936 -26.85 -32.33 3.09
C GLY B 936 -27.14 -33.59 2.30
N LEU B 937 -26.48 -34.69 2.67
CA LEU B 937 -26.70 -35.99 2.04
C LEU B 937 -28.05 -36.59 2.39
N SER B 938 -28.48 -36.45 3.64
CA SER B 938 -29.82 -36.86 4.08
C SER B 938 -30.90 -36.00 3.42
N ALA B 939 -30.64 -34.69 3.32
CA ALA B 939 -31.51 -33.77 2.59
C ALA B 939 -31.63 -34.15 1.11
N LYS B 940 -30.52 -34.56 0.52
CA LYS B 940 -30.48 -35.00 -0.87
C LYS B 940 -31.34 -36.23 -1.08
N ASN B 941 -31.22 -37.20 -0.17
CA ASN B 941 -32.05 -38.42 -0.20
C ASN B 941 -33.53 -38.08 -0.12
N ALA B 942 -33.88 -37.23 0.83
CA ALA B 942 -35.27 -36.76 1.00
C ALA B 942 -35.80 -36.04 -0.23
N ILE B 943 -34.96 -35.20 -0.85
CA ILE B 943 -35.35 -34.45 -2.06
C ILE B 943 -35.79 -35.38 -3.20
N LEU B 944 -35.03 -36.46 -3.40
CA LEU B 944 -35.31 -37.42 -4.47
C LEU B 944 -36.53 -38.30 -4.18
N ILE B 945 -36.71 -38.70 -2.91
CA ILE B 945 -37.91 -39.43 -2.48
C ILE B 945 -39.16 -38.60 -2.74
N VAL B 946 -39.11 -37.33 -2.34
CA VAL B 946 -40.24 -36.41 -2.52
C VAL B 946 -40.48 -36.12 -4.01
N GLU B 947 -39.41 -35.95 -4.77
CA GLU B 947 -39.47 -35.68 -6.22
C GLU B 947 -40.19 -36.82 -6.97
N PHE B 948 -39.75 -38.05 -6.72
CA PHE B 948 -40.34 -39.25 -7.32
C PHE B 948 -41.82 -39.38 -6.96
N ALA B 949 -42.11 -39.29 -5.67
CA ALA B 949 -43.50 -39.32 -5.17
C ALA B 949 -44.37 -38.27 -5.85
N LYS B 950 -43.88 -37.04 -5.92
CA LYS B 950 -44.63 -35.94 -6.50
C LYS B 950 -44.92 -36.12 -7.99
N ASP B 951 -43.93 -36.60 -8.74
CA ASP B 951 -44.10 -36.85 -10.18
C ASP B 951 -45.12 -37.95 -10.46
N LEU B 952 -45.09 -39.01 -9.65
CA LEU B 952 -46.09 -40.09 -9.71
C LEU B 952 -47.50 -39.54 -9.47
N MET B 953 -47.63 -38.64 -8.49
CA MET B 953 -48.90 -37.97 -8.25
C MET B 953 -49.29 -37.03 -9.40
N ASP B 954 -48.36 -36.20 -9.84
CA ASP B 954 -48.64 -35.14 -10.82
C ASP B 954 -48.84 -35.66 -12.25
N LYS B 955 -48.02 -36.62 -12.68
CA LYS B 955 -48.05 -37.11 -14.07
C LYS B 955 -48.92 -38.36 -14.23
N GLU B 956 -48.67 -39.38 -13.41
CA GLU B 956 -49.38 -40.65 -13.50
C GLU B 956 -50.74 -40.70 -12.75
N GLY B 957 -51.10 -39.62 -12.07
CA GLY B 957 -52.40 -39.52 -11.38
C GLY B 957 -52.59 -40.45 -10.19
N LYS B 958 -51.50 -40.88 -9.58
CA LYS B 958 -51.54 -41.83 -8.47
C LYS B 958 -51.90 -41.13 -7.15
N GLY B 959 -52.37 -41.94 -6.20
CA GLY B 959 -52.72 -41.45 -4.87
C GLY B 959 -51.50 -41.16 -4.01
N LEU B 960 -51.72 -40.43 -2.91
CA LEU B 960 -50.67 -39.98 -2.01
C LEU B 960 -49.84 -41.14 -1.45
N ILE B 961 -50.52 -42.08 -0.81
CA ILE B 961 -49.87 -43.21 -0.18
C ILE B 961 -49.25 -44.14 -1.23
N GLU B 962 -49.94 -44.33 -2.36
CA GLU B 962 -49.43 -45.17 -3.45
C GLU B 962 -48.12 -44.64 -4.00
N ALA B 963 -48.11 -43.34 -4.32
CA ALA B 963 -46.93 -42.65 -4.85
C ALA B 963 -45.77 -42.64 -3.85
N THR B 964 -46.09 -42.44 -2.57
CA THR B 964 -45.09 -42.44 -1.50
C THR B 964 -44.43 -43.81 -1.34
N LEU B 965 -45.24 -44.88 -1.39
CA LEU B 965 -44.74 -46.25 -1.27
C LEU B 965 -43.91 -46.68 -2.48
N ASP B 966 -44.34 -46.26 -3.67
CA ASP B 966 -43.62 -46.55 -4.90
C ASP B 966 -42.30 -45.75 -4.94
N ALA B 967 -42.35 -44.50 -4.50
CA ALA B 967 -41.16 -43.63 -4.43
C ALA B 967 -40.10 -44.22 -3.51
N VAL B 968 -40.44 -44.46 -2.25
CA VAL B 968 -39.47 -45.01 -1.28
C VAL B 968 -38.94 -46.39 -1.65
N ARG B 969 -39.74 -47.17 -2.38
CA ARG B 969 -39.30 -48.47 -2.91
C ARG B 969 -38.16 -48.28 -3.92
N MET B 970 -38.37 -47.40 -4.88
CA MET B 970 -37.37 -47.10 -5.92
C MET B 970 -36.06 -46.54 -5.34
N ARG B 971 -36.16 -45.70 -4.31
CA ARG B 971 -35.01 -45.02 -3.72
C ARG B 971 -34.31 -45.79 -2.60
N LEU B 972 -34.84 -46.94 -2.19
CA LEU B 972 -34.24 -47.72 -1.11
C LEU B 972 -32.82 -48.18 -1.47
N ARG B 973 -32.66 -48.76 -2.66
CA ARG B 973 -31.37 -49.30 -3.09
C ARG B 973 -30.23 -48.25 -3.18
N PRO B 974 -30.43 -47.14 -3.91
CA PRO B 974 -29.36 -46.13 -3.99
C PRO B 974 -29.00 -45.49 -2.64
N ILE B 975 -29.99 -45.31 -1.77
CA ILE B 975 -29.75 -44.83 -0.41
C ILE B 975 -28.89 -45.82 0.38
N LEU B 976 -29.23 -47.10 0.32
CA LEU B 976 -28.47 -48.14 1.03
C LEU B 976 -27.06 -48.35 0.50
N MET B 977 -26.88 -48.14 -0.81
CA MET B 977 -25.57 -48.34 -1.45
C MET B 977 -24.57 -47.26 -1.03
N THR B 978 -24.97 -45.99 -1.16
CA THR B 978 -24.15 -44.87 -0.74
C THR B 978 -23.77 -44.97 0.74
N SER B 979 -24.77 -45.29 1.56
CA SER B 979 -24.55 -45.42 3.01
C SER B 979 -23.61 -46.56 3.37
N LEU B 980 -23.75 -47.70 2.71
CA LEU B 980 -22.86 -48.84 2.96
C LEU B 980 -21.42 -48.46 2.62
N ALA B 981 -21.22 -47.87 1.44
CA ALA B 981 -19.90 -47.44 0.98
C ALA B 981 -19.29 -46.35 1.85
N PHE B 982 -20.06 -45.30 2.10
CA PHE B 982 -19.57 -44.13 2.82
C PHE B 982 -19.32 -44.39 4.32
N ILE B 983 -20.12 -45.27 4.93
CA ILE B 983 -19.88 -45.70 6.32
C ILE B 983 -18.63 -46.57 6.43
N LEU B 984 -18.46 -47.49 5.48
CA LEU B 984 -17.23 -48.29 5.39
C LEU B 984 -16.00 -47.46 4.99
N GLY B 985 -16.21 -46.40 4.20
CA GLY B 985 -15.14 -45.47 3.82
C GLY B 985 -14.53 -44.67 4.97
N VAL B 986 -15.38 -44.23 5.90
CA VAL B 986 -14.93 -43.50 7.11
C VAL B 986 -14.63 -44.40 8.31
N MET B 987 -14.83 -45.72 8.18
CA MET B 987 -14.61 -46.68 9.27
C MET B 987 -13.17 -46.68 9.82
N PRO B 988 -12.14 -46.60 8.93
CA PRO B 988 -10.76 -46.51 9.43
C PRO B 988 -10.43 -45.22 10.20
N LEU B 989 -11.09 -44.11 9.85
CA LEU B 989 -10.87 -42.83 10.52
C LEU B 989 -11.39 -42.82 11.97
N VAL B 990 -12.38 -43.66 12.25
CA VAL B 990 -12.94 -43.80 13.60
C VAL B 990 -11.97 -44.59 14.49
N ILE B 991 -11.59 -45.77 14.02
CA ILE B 991 -10.68 -46.65 14.79
C ILE B 991 -9.23 -46.16 14.90
N SER B 992 -8.80 -45.29 13.98
CA SER B 992 -7.42 -44.78 13.92
C SER B 992 -6.91 -44.23 15.28
N THR B 993 -5.71 -44.67 15.66
CA THR B 993 -5.04 -44.21 16.88
C THR B 993 -3.63 -43.61 16.66
N GLY B 994 -3.14 -43.62 15.42
CA GLY B 994 -1.76 -43.22 15.14
C GLY B 994 -1.54 -41.72 15.10
N ALA B 995 -0.64 -41.28 14.22
CA ALA B 995 -0.34 -39.85 14.04
C ALA B 995 -1.50 -39.16 13.32
N GLY B 996 -1.88 -37.99 13.81
CA GLY B 996 -2.99 -37.23 13.25
C GLY B 996 -4.35 -37.86 13.45
N SER B 997 -4.47 -38.71 14.47
CA SER B 997 -5.70 -39.47 14.73
C SER B 997 -6.81 -38.63 15.37
N GLY B 998 -6.43 -37.59 16.13
CA GLY B 998 -7.39 -36.69 16.75
C GLY B 998 -8.34 -36.03 15.76
N ALA B 999 -7.78 -35.53 14.65
CA ALA B 999 -8.57 -34.93 13.58
C ALA B 999 -9.40 -35.98 12.84
N GLN B 1000 -8.77 -37.12 12.54
CA GLN B 1000 -9.44 -38.24 11.86
C GLN B 1000 -10.63 -38.78 12.65
N ASN B 1001 -10.46 -38.90 13.96
CA ASN B 1001 -11.54 -39.31 14.87
C ASN B 1001 -12.70 -38.30 14.81
N ALA B 1002 -12.37 -37.02 14.89
CA ALA B 1002 -13.38 -35.94 14.87
C ALA B 1002 -14.16 -35.90 13.54
N VAL B 1003 -13.47 -36.21 12.44
CA VAL B 1003 -14.13 -36.33 11.14
C VAL B 1003 -14.99 -37.59 11.11
N GLY B 1004 -14.39 -38.73 11.47
CA GLY B 1004 -15.01 -40.05 11.31
C GLY B 1004 -16.26 -40.34 12.12
N THR B 1005 -16.19 -40.12 13.44
CA THR B 1005 -17.28 -40.51 14.34
C THR B 1005 -18.57 -39.74 14.09
N GLY B 1006 -18.47 -38.42 13.95
CA GLY B 1006 -19.64 -37.57 13.64
C GLY B 1006 -20.28 -37.86 12.29
N VAL B 1007 -19.49 -38.39 11.36
CA VAL B 1007 -19.99 -38.81 10.05
C VAL B 1007 -20.62 -40.20 10.13
N MET B 1008 -19.92 -41.16 10.75
CA MET B 1008 -20.41 -42.54 10.85
C MET B 1008 -21.74 -42.60 11.59
N GLY B 1009 -21.74 -42.15 12.84
CA GLY B 1009 -22.93 -42.13 13.69
C GLY B 1009 -24.08 -41.36 13.09
N GLY B 1010 -23.76 -40.20 12.51
CA GLY B 1010 -24.75 -39.39 11.80
C GLY B 1010 -25.33 -40.07 10.59
N MET B 1011 -24.49 -40.79 9.84
CA MET B 1011 -24.95 -41.55 8.66
C MET B 1011 -25.81 -42.75 9.03
N VAL B 1012 -25.49 -43.44 10.13
CA VAL B 1012 -26.27 -44.60 10.59
C VAL B 1012 -27.71 -44.21 10.92
N THR B 1013 -27.90 -43.14 11.68
CA THR B 1013 -29.25 -42.67 12.02
C THR B 1013 -29.95 -42.02 10.83
N ALA B 1014 -29.21 -41.22 10.04
CA ALA B 1014 -29.77 -40.57 8.84
C ALA B 1014 -30.29 -41.57 7.81
N THR B 1015 -29.59 -42.70 7.66
CA THR B 1015 -30.02 -43.76 6.75
C THR B 1015 -31.23 -44.50 7.31
N VAL B 1016 -31.08 -45.02 8.53
CA VAL B 1016 -32.13 -45.82 9.16
C VAL B 1016 -33.43 -45.04 9.33
N LEU B 1017 -33.33 -43.82 9.86
CA LEU B 1017 -34.54 -43.03 10.15
C LEU B 1017 -35.21 -42.47 8.89
N ALA B 1018 -34.43 -41.89 7.98
CA ALA B 1018 -35.01 -41.23 6.78
C ALA B 1018 -35.91 -42.13 5.95
N ILE B 1019 -35.50 -43.38 5.74
CA ILE B 1019 -36.30 -44.34 4.95
C ILE B 1019 -37.71 -44.58 5.52
N PHE B 1020 -37.85 -44.50 6.85
CA PHE B 1020 -39.15 -44.60 7.51
C PHE B 1020 -39.80 -43.25 7.80
N PHE B 1021 -39.01 -42.20 8.05
CA PHE B 1021 -39.54 -40.89 8.47
C PHE B 1021 -39.87 -39.94 7.31
N VAL B 1022 -39.10 -39.99 6.22
CA VAL B 1022 -39.36 -39.12 5.05
C VAL B 1022 -40.75 -39.35 4.45
N PRO B 1023 -41.16 -40.63 4.22
CA PRO B 1023 -42.55 -40.85 3.78
C PRO B 1023 -43.59 -40.29 4.76
N VAL B 1024 -43.31 -40.40 6.06
CA VAL B 1024 -44.16 -39.79 7.08
C VAL B 1024 -44.22 -38.27 6.89
N PHE B 1025 -43.06 -37.64 6.73
CA PHE B 1025 -43.00 -36.18 6.56
C PHE B 1025 -43.76 -35.74 5.32
N PHE B 1026 -43.57 -36.46 4.22
CA PHE B 1026 -44.23 -36.12 2.95
C PHE B 1026 -45.75 -36.27 3.04
N VAL B 1027 -46.19 -37.39 3.61
CA VAL B 1027 -47.63 -37.67 3.75
C VAL B 1027 -48.32 -36.67 4.69
N VAL B 1028 -47.71 -36.45 5.86
CA VAL B 1028 -48.25 -35.50 6.84
C VAL B 1028 -48.36 -34.08 6.27
N VAL B 1029 -47.34 -33.65 5.53
CA VAL B 1029 -47.32 -32.31 4.92
C VAL B 1029 -48.39 -32.16 3.85
N ARG B 1030 -48.52 -33.15 2.97
CA ARG B 1030 -49.51 -33.11 1.88
C ARG B 1030 -50.95 -33.14 2.38
N ARG B 1031 -51.21 -33.90 3.45
CA ARG B 1031 -52.50 -33.91 4.13
C ARG B 1031 -52.82 -32.57 4.81
N ARG B 1032 -51.83 -32.02 5.51
CA ARG B 1032 -51.97 -30.73 6.20
C ARG B 1032 -52.25 -29.57 5.24
N PHE B 1033 -51.66 -29.62 4.04
CA PHE B 1033 -51.82 -28.57 3.03
C PHE B 1033 -52.46 -29.15 1.75
N SER B 1034 -53.80 -29.22 1.73
CA SER B 1034 -54.53 -29.79 0.60
C SER B 1034 -54.55 -28.84 -0.59
N MET C 1 -29.47 -18.54 -36.90
CA MET C 1 -28.82 -17.19 -36.94
C MET C 1 -28.42 -16.74 -38.35
N PRO C 2 -27.81 -17.63 -39.16
CA PRO C 2 -27.56 -17.26 -40.56
C PRO C 2 -28.84 -16.90 -41.34
N ASN C 3 -29.88 -17.71 -41.20
CA ASN C 3 -31.19 -17.43 -41.83
C ASN C 3 -31.80 -16.12 -41.36
N PHE C 4 -31.68 -15.85 -40.06
CA PHE C 4 -32.21 -14.63 -39.44
C PHE C 4 -31.72 -13.36 -40.14
N PHE C 5 -30.39 -13.27 -40.29
CA PHE C 5 -29.76 -12.08 -40.88
C PHE C 5 -29.76 -12.03 -42.41
N ILE C 6 -30.11 -13.13 -43.08
CA ILE C 6 -30.35 -13.12 -44.54
C ILE C 6 -31.56 -12.23 -44.88
N ASP C 7 -32.65 -12.42 -44.14
CA ASP C 7 -33.87 -11.61 -44.32
C ASP C 7 -33.75 -10.23 -43.70
N ARG C 8 -32.88 -10.07 -42.69
CA ARG C 8 -32.65 -8.81 -42.00
C ARG C 8 -31.23 -8.26 -42.23
N PRO C 9 -30.98 -7.70 -43.43
CA PRO C 9 -29.65 -7.15 -43.71
C PRO C 9 -29.30 -5.86 -42.96
N ILE C 10 -30.30 -5.07 -42.60
CA ILE C 10 -30.06 -3.81 -41.86
C ILE C 10 -29.60 -4.11 -40.43
N PHE C 11 -30.22 -5.10 -39.79
CA PHE C 11 -29.78 -5.58 -38.47
C PHE C 11 -28.31 -6.04 -38.55
N ALA C 12 -28.01 -6.86 -39.55
CA ALA C 12 -26.63 -7.31 -39.80
C ALA C 12 -25.66 -6.14 -39.99
N TRP C 13 -26.07 -5.15 -40.78
CA TRP C 13 -25.26 -3.93 -40.99
C TRP C 13 -25.11 -3.09 -39.71
N VAL C 14 -26.16 -3.03 -38.90
CA VAL C 14 -26.15 -2.29 -37.63
C VAL C 14 -25.09 -2.84 -36.67
N ILE C 15 -25.05 -4.17 -36.53
CA ILE C 15 -24.07 -4.84 -35.64
C ILE C 15 -22.64 -4.52 -36.07
N ALA C 16 -22.39 -4.57 -37.37
CA ALA C 16 -21.09 -4.24 -37.94
C ALA C 16 -20.68 -2.78 -37.68
N ILE C 17 -21.60 -1.84 -37.89
CA ILE C 17 -21.31 -0.41 -37.72
C ILE C 17 -21.04 -0.06 -36.24
N ILE C 18 -21.77 -0.70 -35.33
CA ILE C 18 -21.54 -0.51 -33.89
C ILE C 18 -20.17 -1.06 -33.46
N ILE C 19 -19.76 -2.20 -34.04
CA ILE C 19 -18.43 -2.76 -33.80
C ILE C 19 -17.34 -1.86 -34.38
N MET C 20 -17.57 -1.33 -35.58
CA MET C 20 -16.62 -0.40 -36.22
C MET C 20 -16.54 0.95 -35.49
N LEU C 21 -17.67 1.43 -35.00
CA LEU C 21 -17.73 2.70 -34.26
C LEU C 21 -16.98 2.59 -32.92
N ALA C 22 -17.26 1.52 -32.18
CA ALA C 22 -16.57 1.24 -30.91
C ALA C 22 -15.06 1.08 -31.09
N GLY C 23 -14.66 0.48 -32.20
CA GLY C 23 -13.24 0.34 -32.54
C GLY C 23 -12.57 1.65 -32.90
N GLY C 24 -13.28 2.51 -33.63
CA GLY C 24 -12.80 3.84 -33.98
C GLY C 24 -12.55 4.69 -32.75
N LEU C 25 -13.49 4.66 -31.81
CA LEU C 25 -13.36 5.37 -30.53
C LEU C 25 -12.20 4.82 -29.68
N ALA C 26 -11.98 3.51 -29.75
CA ALA C 26 -10.85 2.87 -29.04
C ALA C 26 -9.49 3.36 -29.53
N ILE C 27 -9.33 3.45 -30.86
CA ILE C 27 -8.08 3.89 -31.50
C ILE C 27 -7.63 5.29 -31.04
N LEU C 28 -8.59 6.15 -30.74
CA LEU C 28 -8.30 7.49 -30.23
C LEU C 28 -7.66 7.47 -28.83
N LYS C 29 -8.21 6.66 -27.93
CA LYS C 29 -7.81 6.64 -26.51
C LYS C 29 -6.82 5.52 -26.10
N LEU C 30 -6.46 4.64 -27.02
CA LEU C 30 -5.49 3.56 -26.73
C LEU C 30 -4.06 4.12 -26.61
N PRO C 31 -3.26 3.59 -25.64
CA PRO C 31 -1.84 3.96 -25.61
C PRO C 31 -1.06 3.45 -26.82
N VAL C 32 0.10 4.05 -27.08
CA VAL C 32 0.95 3.67 -28.19
C VAL C 32 2.38 3.47 -27.67
N ALA C 33 3.02 2.40 -28.10
CA ALA C 33 4.39 2.08 -27.69
C ALA C 33 5.02 1.07 -28.64
N GLN C 34 6.32 0.82 -28.47
CA GLN C 34 7.02 -0.21 -29.24
C GLN C 34 6.60 -1.57 -28.73
N TYR C 35 6.73 -1.77 -27.43
CA TYR C 35 6.32 -2.99 -26.74
C TYR C 35 5.38 -2.65 -25.60
N PRO C 36 4.71 -3.67 -25.04
CA PRO C 36 4.12 -3.53 -23.71
C PRO C 36 5.20 -3.67 -22.63
N THR C 37 4.80 -3.73 -21.37
CA THR C 37 5.74 -4.04 -20.29
C THR C 37 6.09 -5.52 -20.40
N ILE C 38 7.33 -5.78 -20.80
CA ILE C 38 7.86 -7.15 -20.95
C ILE C 38 9.07 -7.45 -20.06
N ALA C 39 9.77 -6.41 -19.61
CA ALA C 39 10.86 -6.58 -18.65
C ALA C 39 10.33 -6.87 -17.25
N PRO C 40 10.97 -7.79 -16.51
CA PRO C 40 10.60 -7.97 -15.11
C PRO C 40 11.00 -6.74 -14.28
N PRO C 41 10.17 -6.37 -13.28
CA PRO C 41 10.50 -5.21 -12.47
C PRO C 41 11.71 -5.44 -11.58
N ALA C 42 12.39 -4.36 -11.24
CA ALA C 42 13.57 -4.40 -10.39
C ALA C 42 13.51 -3.29 -9.35
N VAL C 43 14.04 -3.58 -8.17
CA VAL C 43 14.14 -2.63 -7.07
C VAL C 43 15.61 -2.56 -6.71
N THR C 44 16.15 -1.35 -6.59
CA THR C 44 17.56 -1.17 -6.24
C THR C 44 17.71 -0.48 -4.89
N ILE C 45 18.56 -1.07 -4.05
CA ILE C 45 18.94 -0.51 -2.76
C ILE C 45 20.28 0.18 -2.96
N SER C 46 20.35 1.48 -2.65
CA SER C 46 21.60 2.24 -2.80
C SER C 46 22.07 2.73 -1.43
N ALA C 47 23.37 2.59 -1.16
CA ALA C 47 23.95 3.02 0.11
C ALA C 47 25.37 3.54 -0.08
N SER C 48 25.82 4.39 0.84
CA SER C 48 27.16 4.99 0.77
C SER C 48 27.87 4.92 2.12
N TYR C 49 29.14 4.54 2.10
CA TYR C 49 30.01 4.57 3.27
C TYR C 49 31.22 5.43 2.88
N PRO C 50 31.09 6.77 3.00
CA PRO C 50 32.14 7.71 2.59
C PRO C 50 33.55 7.32 3.05
N GLY C 51 34.50 7.30 2.12
CA GLY C 51 35.91 6.97 2.41
C GLY C 51 36.26 5.51 2.59
N ALA C 52 35.29 4.61 2.50
CA ALA C 52 35.51 3.19 2.74
C ALA C 52 35.79 2.47 1.42
N ASP C 53 36.76 1.55 1.47
CA ASP C 53 37.11 0.72 0.31
C ASP C 53 36.04 -0.31 -0.01
N ALA C 54 36.11 -0.88 -1.21
CA ALA C 54 35.14 -1.87 -1.69
C ALA C 54 34.93 -3.06 -0.74
N LYS C 55 36.02 -3.58 -0.18
CA LYS C 55 35.94 -4.75 0.71
C LYS C 55 35.30 -4.43 2.06
N THR C 56 35.70 -3.31 2.66
CA THR C 56 35.13 -2.83 3.92
C THR C 56 33.63 -2.57 3.77
N VAL C 57 33.27 -1.93 2.66
CA VAL C 57 31.89 -1.65 2.30
C VAL C 57 31.09 -2.94 2.11
N GLN C 58 31.68 -3.91 1.41
CA GLN C 58 31.05 -5.21 1.19
C GLN C 58 30.77 -5.94 2.50
N ASP C 59 31.77 -5.98 3.39
CA ASP C 59 31.66 -6.68 4.66
C ASP C 59 30.69 -6.01 5.62
N THR C 60 30.72 -4.67 5.68
CA THR C 60 29.90 -3.92 6.65
C THR C 60 28.51 -3.54 6.16
N VAL C 61 28.29 -3.47 4.85
CA VAL C 61 27.01 -3.02 4.28
C VAL C 61 26.36 -4.06 3.37
N THR C 62 27.07 -4.45 2.32
CA THR C 62 26.49 -5.25 1.23
C THR C 62 26.00 -6.63 1.67
N GLN C 63 26.86 -7.37 2.37
CA GLN C 63 26.50 -8.70 2.89
C GLN C 63 25.45 -8.61 4.00
N VAL C 64 25.56 -7.59 4.85
CA VAL C 64 24.60 -7.37 5.94
C VAL C 64 23.20 -7.16 5.36
N ILE C 65 23.08 -6.33 4.31
CA ILE C 65 21.80 -6.11 3.63
C ILE C 65 21.35 -7.38 2.89
N GLU C 66 22.28 -8.03 2.18
CA GLU C 66 21.94 -9.19 1.33
C GLU C 66 21.41 -10.39 2.10
N GLN C 67 21.99 -10.68 3.27
CA GLN C 67 21.52 -11.79 4.11
C GLN C 67 20.16 -11.53 4.80
N ASN C 68 19.67 -10.29 4.72
CA ASN C 68 18.29 -9.95 5.07
C ASN C 68 17.32 -9.87 3.87
N MET C 69 17.81 -10.05 2.64
CA MET C 69 16.93 -10.09 1.46
C MET C 69 16.50 -11.52 1.12
N ASN C 70 16.00 -12.22 2.13
CA ASN C 70 15.58 -13.61 2.01
C ASN C 70 14.07 -13.69 2.20
N GLY C 71 13.43 -14.60 1.46
CA GLY C 71 11.99 -14.81 1.56
C GLY C 71 11.18 -13.59 1.18
N ILE C 72 11.58 -12.93 0.09
CA ILE C 72 10.79 -11.90 -0.54
C ILE C 72 10.04 -12.61 -1.64
N ASP C 73 8.79 -12.23 -1.88
CA ASP C 73 7.94 -12.91 -2.86
C ASP C 73 8.41 -12.61 -4.28
N ASN C 74 8.35 -13.63 -5.15
CA ASN C 74 8.65 -13.50 -6.58
C ASN C 74 10.05 -12.97 -6.93
N LEU C 75 11.04 -13.19 -6.06
CA LEU C 75 12.42 -12.79 -6.34
C LEU C 75 13.07 -13.77 -7.31
N MET C 76 13.49 -13.29 -8.49
CA MET C 76 14.17 -14.14 -9.48
C MET C 76 15.65 -14.25 -9.18
N TYR C 77 16.33 -13.09 -9.15
CA TYR C 77 17.75 -13.04 -8.82
C TYR C 77 18.13 -11.70 -8.21
N MET C 78 19.26 -11.72 -7.52
CA MET C 78 19.81 -10.54 -6.86
C MET C 78 21.24 -10.35 -7.35
N SER C 79 21.58 -9.14 -7.77
CA SER C 79 22.97 -8.77 -8.10
C SER C 79 23.35 -7.52 -7.32
N SER C 80 24.65 -7.35 -7.08
CA SER C 80 25.14 -6.18 -6.36
C SER C 80 26.61 -5.90 -6.59
N ASN C 81 27.04 -4.70 -6.23
CA ASN C 81 28.45 -4.35 -6.25
C ASN C 81 28.81 -3.29 -5.20
N SER C 82 30.04 -3.37 -4.72
CA SER C 82 30.58 -2.50 -3.68
C SER C 82 31.88 -1.93 -4.21
N ASP C 83 32.04 -0.60 -4.23
CA ASP C 83 33.19 0.04 -4.89
C ASP C 83 34.07 0.90 -3.97
N SER C 84 35.14 1.45 -4.54
CA SER C 84 36.15 2.22 -3.81
C SER C 84 35.70 3.60 -3.32
N THR C 85 34.59 4.11 -3.84
CA THR C 85 33.99 5.37 -3.34
C THR C 85 32.95 5.15 -2.23
N GLY C 86 32.93 3.95 -1.64
CA GLY C 86 31.96 3.62 -0.60
C GLY C 86 30.60 3.15 -1.07
N THR C 87 30.33 3.20 -2.38
CA THR C 87 28.98 3.01 -2.91
C THR C 87 28.59 1.53 -2.90
N VAL C 88 27.37 1.26 -2.46
CA VAL C 88 26.74 -0.06 -2.61
C VAL C 88 25.52 0.11 -3.47
N GLN C 89 25.34 -0.81 -4.41
CA GLN C 89 24.09 -0.94 -5.15
C GLN C 89 23.70 -2.41 -5.14
N ILE C 90 22.47 -2.69 -4.74
CA ILE C 90 21.93 -4.04 -4.65
C ILE C 90 20.61 -4.05 -5.42
N THR C 91 20.61 -4.69 -6.59
CA THR C 91 19.43 -4.75 -7.44
C THR C 91 18.77 -6.12 -7.33
N LEU C 92 17.46 -6.13 -7.06
CA LEU C 92 16.67 -7.34 -6.96
C LEU C 92 15.64 -7.36 -8.07
N THR C 93 15.71 -8.36 -8.95
CA THR C 93 14.80 -8.49 -10.09
C THR C 93 13.76 -9.55 -9.75
N PHE C 94 12.50 -9.29 -10.11
CA PHE C 94 11.35 -10.10 -9.69
C PHE C 94 10.71 -10.83 -10.87
N GLU C 95 9.83 -11.80 -10.58
CA GLU C 95 9.15 -12.58 -11.63
C GLU C 95 8.29 -11.63 -12.47
N SER C 96 8.10 -11.96 -13.75
CA SER C 96 7.27 -11.15 -14.63
C SER C 96 5.81 -11.16 -14.16
N GLY C 97 5.20 -9.97 -14.11
CA GLY C 97 3.85 -9.81 -13.55
C GLY C 97 3.80 -9.36 -12.09
N THR C 98 4.95 -9.33 -11.41
CA THR C 98 5.02 -8.86 -10.02
C THR C 98 4.65 -7.39 -9.93
N ASP C 99 3.85 -7.04 -8.92
CA ASP C 99 3.53 -5.64 -8.63
C ASP C 99 4.80 -5.00 -8.07
N ALA C 100 5.38 -4.07 -8.82
CA ALA C 100 6.64 -3.43 -8.44
C ALA C 100 6.54 -2.60 -7.16
N ASP C 101 5.36 -2.04 -6.90
CA ASP C 101 5.11 -1.26 -5.68
C ASP C 101 5.09 -2.14 -4.43
N ILE C 102 4.46 -3.30 -4.54
CA ILE C 102 4.48 -4.31 -3.46
C ILE C 102 5.89 -4.89 -3.29
N ALA C 103 6.60 -5.07 -4.40
CA ALA C 103 7.99 -5.53 -4.37
C ALA C 103 8.87 -4.53 -3.63
N GLN C 104 8.71 -3.25 -3.94
CA GLN C 104 9.42 -2.18 -3.24
C GLN C 104 9.14 -2.20 -1.74
N VAL C 105 7.86 -2.33 -1.38
CA VAL C 105 7.44 -2.36 0.02
C VAL C 105 8.08 -3.53 0.79
N GLN C 106 8.04 -4.73 0.19
CA GLN C 106 8.67 -5.91 0.80
C GLN C 106 10.18 -5.76 0.95
N VAL C 107 10.85 -5.21 -0.06
CA VAL C 107 12.29 -4.94 -0.01
C VAL C 107 12.61 -3.94 1.09
N GLN C 108 11.78 -2.90 1.19
CA GLN C 108 11.98 -1.84 2.18
C GLN C 108 11.86 -2.35 3.61
N ASN C 109 10.83 -3.15 3.89
CA ASN C 109 10.62 -3.75 5.20
C ASN C 109 11.77 -4.65 5.65
N LYS C 110 12.33 -5.42 4.71
CA LYS C 110 13.48 -6.28 5.01
C LYS C 110 14.77 -5.48 5.20
N LEU C 111 14.92 -4.37 4.48
CA LEU C 111 16.08 -3.49 4.66
C LEU C 111 16.14 -2.84 6.04
N GLN C 112 14.98 -2.44 6.57
CA GLN C 112 14.95 -1.70 7.84
C GLN C 112 15.38 -2.56 9.03
N LEU C 113 15.30 -3.89 8.89
CA LEU C 113 15.91 -4.83 9.84
C LEU C 113 17.43 -4.77 9.80
N ALA C 114 17.98 -4.72 8.59
CA ALA C 114 19.43 -4.58 8.40
C ALA C 114 19.95 -3.21 8.81
N MET C 115 19.17 -2.15 8.57
CA MET C 115 19.59 -0.76 8.81
C MET C 115 20.42 -0.50 10.08
N PRO C 116 19.91 -0.92 11.25
CA PRO C 116 20.70 -0.70 12.47
C PRO C 116 22.00 -1.51 12.60
N LEU C 117 22.08 -2.65 11.90
CA LEU C 117 23.33 -3.42 11.82
C LEU C 117 24.41 -2.74 10.97
N LEU C 118 24.00 -1.81 10.10
CA LEU C 118 24.93 -1.08 9.23
C LEU C 118 25.73 -0.09 10.05
N PRO C 119 26.87 0.41 9.51
CA PRO C 119 27.60 1.46 10.22
C PRO C 119 26.80 2.75 10.26
N GLN C 120 26.95 3.52 11.33
CA GLN C 120 26.10 4.69 11.54
C GLN C 120 26.41 5.84 10.59
N GLU C 121 27.62 5.88 10.03
CA GLU C 121 27.91 6.77 8.89
C GLU C 121 27.07 6.43 7.67
N VAL C 122 26.81 5.14 7.46
CA VAL C 122 25.96 4.68 6.34
C VAL C 122 24.50 5.02 6.61
N GLN C 123 24.06 4.83 7.86
CA GLN C 123 22.73 5.26 8.29
C GLN C 123 22.55 6.77 8.17
N GLN C 124 23.61 7.51 8.48
CA GLN C 124 23.64 8.97 8.35
C GLN C 124 23.44 9.46 6.90
N GLN C 125 24.00 8.76 5.93
CA GLN C 125 23.84 9.13 4.51
C GLN C 125 22.45 8.77 3.95
N GLY C 126 21.73 7.86 4.59
CA GLY C 126 20.40 7.44 4.12
C GLY C 126 20.49 6.40 3.01
N VAL C 127 19.60 5.41 3.07
CA VAL C 127 19.58 4.27 2.15
C VAL C 127 18.30 4.30 1.32
N SER C 128 18.41 4.52 0.01
CA SER C 128 17.22 4.58 -0.88
C SER C 128 16.78 3.20 -1.33
N VAL C 129 15.47 3.01 -1.43
CA VAL C 129 14.86 1.77 -1.90
C VAL C 129 13.79 2.14 -2.90
N GLU C 130 14.12 1.99 -4.17
CA GLU C 130 13.22 2.41 -5.25
C GLU C 130 13.32 1.54 -6.49
N LYS C 131 12.28 1.63 -7.32
CA LYS C 131 12.19 0.88 -8.55
C LYS C 131 13.23 1.37 -9.54
N SER C 132 13.88 0.45 -10.24
CA SER C 132 15.05 0.77 -11.07
C SER C 132 14.99 0.12 -12.44
N SER C 133 15.66 0.76 -13.39
CA SER C 133 15.86 0.22 -14.74
C SER C 133 17.28 0.55 -15.15
N SER C 134 17.84 -0.25 -16.07
CA SER C 134 19.27 -0.19 -16.39
C SER C 134 19.64 0.89 -17.41
N SER C 135 18.80 1.07 -18.43
CA SER C 135 19.16 1.93 -19.58
C SER C 135 18.44 3.28 -19.58
N PHE C 136 19.07 4.24 -20.24
CA PHE C 136 18.53 5.59 -20.37
C PHE C 136 17.53 5.62 -21.52
N LEU C 137 16.39 6.26 -21.28
CA LEU C 137 15.41 6.54 -22.33
C LEU C 137 16.03 7.50 -23.34
N MET C 138 16.62 8.57 -22.84
CA MET C 138 17.31 9.55 -23.64
C MET C 138 18.41 10.21 -22.82
N VAL C 139 19.28 10.95 -23.50
CA VAL C 139 20.23 11.86 -22.86
C VAL C 139 19.92 13.24 -23.40
N VAL C 140 19.50 14.16 -22.53
CA VAL C 140 19.29 15.56 -22.89
C VAL C 140 20.60 16.30 -22.67
N GLY C 141 21.15 16.85 -23.74
CA GLY C 141 22.44 17.55 -23.70
C GLY C 141 22.21 19.05 -23.60
N VAL C 142 23.15 19.74 -22.96
CA VAL C 142 23.10 21.20 -22.84
C VAL C 142 24.48 21.77 -23.13
N ILE C 143 24.51 22.78 -23.98
CA ILE C 143 25.75 23.44 -24.42
C ILE C 143 25.58 24.95 -24.38
N ASN C 144 26.71 25.65 -24.47
CA ASN C 144 26.73 27.12 -24.55
C ASN C 144 27.35 27.55 -25.88
N THR C 145 26.62 28.36 -26.65
CA THR C 145 27.02 28.78 -28.00
C THR C 145 27.40 30.26 -28.10
N ASP C 146 27.91 30.84 -27.01
CA ASP C 146 28.46 32.21 -27.03
C ASP C 146 29.69 32.41 -26.14
N GLY C 147 30.37 31.32 -25.76
CA GLY C 147 31.59 31.38 -24.94
C GLY C 147 31.52 32.09 -23.60
N THR C 148 30.32 32.34 -23.08
CA THR C 148 30.12 33.03 -21.80
C THR C 148 30.18 32.06 -20.62
N MET C 149 29.66 30.85 -20.82
CA MET C 149 29.56 29.82 -19.78
C MET C 149 30.46 28.64 -20.11
N THR C 150 31.28 28.21 -19.16
CA THR C 150 32.14 27.04 -19.31
C THR C 150 31.35 25.74 -19.14
N GLN C 151 32.03 24.60 -19.31
CA GLN C 151 31.50 23.28 -18.94
C GLN C 151 30.92 23.27 -17.52
N GLU C 152 31.64 23.91 -16.58
CA GLU C 152 31.24 23.96 -15.17
C GLU C 152 30.01 24.84 -14.93
N ASP C 153 29.97 26.00 -15.57
CA ASP C 153 28.79 26.88 -15.51
C ASP C 153 27.53 26.22 -16.06
N ILE C 154 27.67 25.46 -17.16
CA ILE C 154 26.53 24.77 -17.78
C ILE C 154 26.00 23.69 -16.84
N SER C 155 26.91 22.89 -16.28
CA SER C 155 26.56 21.82 -15.34
C SER C 155 25.82 22.33 -14.10
N ASP C 156 26.24 23.48 -13.57
CA ASP C 156 25.57 24.08 -12.44
C ASP C 156 24.16 24.54 -12.79
N TYR C 157 24.03 25.26 -13.90
CA TYR C 157 22.71 25.71 -14.35
C TYR C 157 21.73 24.55 -14.49
N VAL C 158 22.19 23.44 -15.07
CA VAL C 158 21.33 22.26 -15.24
C VAL C 158 20.97 21.67 -13.86
N ALA C 159 21.98 21.51 -13.01
CA ALA C 159 21.78 20.98 -11.67
C ALA C 159 20.84 21.81 -10.80
N ALA C 160 20.94 23.13 -10.91
CA ALA C 160 20.23 24.06 -10.04
C ALA C 160 18.94 24.62 -10.61
N ASN C 161 18.66 24.40 -11.90
CA ASN C 161 17.45 24.92 -12.55
C ASN C 161 16.64 23.93 -13.39
N MET C 162 17.24 22.83 -13.80
CA MET C 162 16.60 21.88 -14.71
C MET C 162 16.37 20.50 -14.10
N LYS C 163 17.38 19.97 -13.40
CA LYS C 163 17.37 18.57 -12.94
C LYS C 163 16.15 18.20 -12.08
N ASP C 164 15.88 18.99 -11.04
CA ASP C 164 14.81 18.69 -10.08
C ASP C 164 13.45 18.63 -10.75
N ALA C 165 13.11 19.63 -11.56
CA ALA C 165 11.83 19.65 -12.27
C ALA C 165 11.71 18.49 -13.27
N ILE C 166 12.81 18.15 -13.95
CA ILE C 166 12.84 16.99 -14.84
C ILE C 166 12.65 15.69 -14.03
N SER C 167 13.29 15.61 -12.87
CA SER C 167 13.20 14.41 -12.01
C SER C 167 11.82 14.18 -11.39
N ARG C 168 10.98 15.21 -11.34
CA ARG C 168 9.57 15.08 -10.90
C ARG C 168 8.56 15.04 -12.07
N THR C 169 9.04 14.96 -13.31
CA THR C 169 8.18 14.97 -14.50
C THR C 169 7.48 13.61 -14.67
N SER C 170 6.30 13.63 -15.29
CA SER C 170 5.49 12.42 -15.56
C SER C 170 6.28 11.29 -16.24
N GLY C 171 6.30 10.13 -15.59
CA GLY C 171 6.97 8.94 -16.14
C GLY C 171 8.49 8.90 -16.07
N VAL C 172 9.11 9.90 -15.45
CA VAL C 172 10.57 9.94 -15.33
C VAL C 172 10.98 9.18 -14.07
N GLY C 173 11.84 8.18 -14.22
CA GLY C 173 12.45 7.45 -13.10
C GLY C 173 13.66 8.22 -12.59
N ASP C 174 14.82 7.57 -12.58
CA ASP C 174 16.07 8.19 -12.13
C ASP C 174 16.58 9.21 -13.15
N VAL C 175 17.36 10.19 -12.68
CA VAL C 175 17.97 11.22 -13.53
C VAL C 175 19.44 11.46 -13.15
N GLN C 176 20.33 11.19 -14.10
CA GLN C 176 21.78 11.25 -13.89
C GLN C 176 22.32 12.56 -14.49
N LEU C 177 22.99 13.36 -13.66
CA LEU C 177 23.62 14.60 -14.15
C LEU C 177 25.02 14.27 -14.65
N PHE C 178 25.31 14.68 -15.89
CA PHE C 178 26.62 14.49 -16.48
C PHE C 178 27.45 15.75 -16.22
N GLY C 179 27.97 15.81 -14.99
CA GLY C 179 28.57 17.00 -14.42
C GLY C 179 28.24 17.10 -12.94
N SER C 180 28.47 18.26 -12.35
CA SER C 180 28.23 18.49 -10.93
C SER C 180 27.68 19.88 -10.69
N GLN C 181 26.87 20.00 -9.64
CA GLN C 181 26.36 21.30 -9.19
C GLN C 181 27.49 22.04 -8.49
N TYR C 182 27.44 23.37 -8.51
CA TYR C 182 28.43 24.16 -7.77
C TYR C 182 28.25 23.99 -6.26
N ALA C 183 29.37 24.11 -5.58
CA ALA C 183 29.44 24.20 -4.13
C ALA C 183 30.47 25.28 -3.83
N MET C 184 30.50 25.75 -2.59
CA MET C 184 31.51 26.69 -2.16
C MET C 184 32.76 25.89 -1.86
N ARG C 185 33.78 26.04 -2.68
CA ARG C 185 35.04 25.31 -2.50
C ARG C 185 36.06 26.17 -1.75
N ILE C 186 36.45 25.69 -0.57
CA ILE C 186 37.56 26.25 0.18
C ILE C 186 38.77 25.39 -0.17
N TRP C 187 39.64 25.91 -1.03
CA TRP C 187 40.85 25.20 -1.45
C TRP C 187 42.00 25.57 -0.52
N MET C 188 42.25 24.71 0.47
CA MET C 188 43.22 25.00 1.54
C MET C 188 44.66 24.89 1.07
N ASN C 189 45.51 25.75 1.63
CA ASN C 189 46.95 25.76 1.37
C ASN C 189 47.65 25.40 2.68
N PRO C 190 48.37 24.26 2.74
CA PRO C 190 49.03 23.85 4.00
C PRO C 190 50.22 24.69 4.44
N ASN C 191 50.88 25.40 3.52
CA ASN C 191 52.00 26.30 3.87
C ASN C 191 51.46 27.50 4.64
N GLU C 192 50.44 28.14 4.09
CA GLU C 192 49.76 29.27 4.75
C GLU C 192 49.05 28.84 6.04
N LEU C 193 48.52 27.61 6.04
CA LEU C 193 47.87 27.03 7.23
C LEU C 193 48.90 26.84 8.36
N ASN C 194 50.07 26.31 8.00
CA ASN C 194 51.17 26.11 8.96
C ASN C 194 51.79 27.42 9.44
N LYS C 195 51.82 28.44 8.58
CA LYS C 195 52.40 29.74 8.92
C LYS C 195 51.66 30.44 10.07
N PHE C 196 50.33 30.35 10.06
CA PHE C 196 49.48 30.91 11.13
C PHE C 196 49.11 29.91 12.23
N GLN C 197 49.76 28.73 12.23
CA GLN C 197 49.51 27.67 13.23
C GLN C 197 48.03 27.27 13.29
N LEU C 198 47.57 26.69 12.18
CA LEU C 198 46.18 26.29 12.01
C LEU C 198 46.07 24.97 11.25
N THR C 199 44.88 24.36 11.35
CA THR C 199 44.57 23.10 10.67
C THR C 199 43.23 23.23 9.95
N PRO C 200 42.88 22.22 9.13
CA PRO C 200 41.51 22.14 8.60
C PRO C 200 40.41 22.11 9.67
N VAL C 201 40.73 21.64 10.89
CA VAL C 201 39.77 21.63 12.01
C VAL C 201 39.36 23.05 12.38
N ASP C 202 40.33 23.96 12.39
CA ASP C 202 40.06 25.38 12.66
C ASP C 202 39.25 26.04 11.54
N VAL C 203 39.50 25.61 10.31
CA VAL C 203 38.74 26.08 9.15
C VAL C 203 37.29 25.57 9.21
N ILE C 204 37.10 24.28 9.51
CA ILE C 204 35.76 23.69 9.61
C ILE C 204 34.97 24.32 10.76
N THR C 205 35.61 24.43 11.93
CA THR C 205 35.01 25.07 13.11
C THR C 205 34.58 26.52 12.83
N ALA C 206 35.43 27.26 12.12
CA ALA C 206 35.14 28.64 11.76
C ALA C 206 33.96 28.74 10.81
N ILE C 207 33.93 27.90 9.77
CA ILE C 207 32.87 27.94 8.76
C ILE C 207 31.53 27.58 9.39
N LYS C 208 31.50 26.57 10.27
CA LYS C 208 30.27 26.22 10.97
C LYS C 208 29.75 27.37 11.84
N ALA C 209 30.66 28.03 12.55
CA ALA C 209 30.31 29.17 13.40
C ALA C 209 29.87 30.41 12.62
N GLN C 210 30.50 30.65 11.46
CA GLN C 210 30.29 31.89 10.70
C GLN C 210 29.49 31.76 9.41
N ASN C 211 29.19 30.53 8.99
CA ASN C 211 28.16 30.25 7.98
C ASN C 211 27.07 29.45 8.68
N ALA C 212 26.23 30.16 9.44
CA ALA C 212 25.20 29.55 10.28
C ALA C 212 23.84 30.18 10.02
N GLN C 213 22.79 29.42 10.33
CA GLN C 213 21.40 29.88 10.20
C GLN C 213 20.70 29.64 11.53
N VAL C 214 20.66 30.68 12.36
CA VAL C 214 20.22 30.60 13.76
C VAL C 214 18.73 30.92 13.89
N ALA C 215 17.99 30.01 14.54
CA ALA C 215 16.65 30.29 15.04
C ALA C 215 16.78 31.06 16.34
N ALA C 216 16.40 32.35 16.31
CA ALA C 216 16.61 33.28 17.45
C ALA C 216 15.33 33.74 18.14
N GLY C 217 14.16 33.31 17.68
CA GLY C 217 12.90 33.59 18.36
C GLY C 217 12.28 34.92 17.95
N GLN C 218 11.43 35.46 18.84
CA GLN C 218 10.66 36.66 18.55
C GLN C 218 10.65 37.63 19.73
N LEU C 219 10.42 38.90 19.39
CA LEU C 219 9.97 39.91 20.34
C LEU C 219 8.45 39.82 20.38
N GLY C 220 7.87 39.79 21.58
CA GLY C 220 6.42 39.74 21.74
C GLY C 220 5.78 38.45 21.29
N GLY C 221 6.53 37.34 21.39
CA GLY C 221 6.02 36.03 21.03
C GLY C 221 5.18 35.45 22.15
N THR C 222 4.39 34.42 21.84
CA THR C 222 3.52 33.79 22.81
C THR C 222 4.32 32.94 23.82
N PRO C 223 3.96 32.92 25.11
CA PRO C 223 2.88 33.73 25.70
C PRO C 223 3.37 35.17 25.97
N PRO C 224 2.58 36.18 25.55
CA PRO C 224 3.02 37.55 25.73
C PRO C 224 2.70 38.08 27.13
N VAL C 225 3.25 39.23 27.48
CA VAL C 225 2.70 40.05 28.55
C VAL C 225 1.52 40.78 27.91
N LYS C 226 0.34 40.68 28.54
CA LYS C 226 -0.88 41.24 27.95
C LYS C 226 -0.70 42.72 27.70
N GLY C 227 -1.21 43.21 26.57
CA GLY C 227 -1.00 44.59 26.15
C GLY C 227 0.24 44.80 25.29
N GLN C 228 0.91 43.71 24.89
CA GLN C 228 2.03 43.78 23.95
C GLN C 228 1.52 44.28 22.60
N GLN C 229 2.21 45.27 22.04
CA GLN C 229 1.88 45.84 20.72
C GLN C 229 2.76 45.25 19.62
N LEU C 230 4.06 45.18 19.89
CA LEU C 230 5.07 44.70 18.93
C LEU C 230 5.10 43.18 18.87
N ASN C 231 5.09 42.63 17.66
CA ASN C 231 5.43 41.23 17.43
C ASN C 231 6.34 41.14 16.21
N ALA C 232 7.60 40.77 16.43
CA ALA C 232 8.59 40.74 15.36
C ALA C 232 9.59 39.60 15.55
N SER C 233 9.98 38.96 14.44
CA SER C 233 10.99 37.91 14.46
C SER C 233 12.37 38.51 14.72
N ILE C 234 13.18 37.83 15.52
CA ILE C 234 14.58 38.19 15.68
C ILE C 234 15.37 37.43 14.62
N ILE C 235 16.01 38.15 13.72
CA ILE C 235 16.89 37.55 12.70
C ILE C 235 18.33 37.69 13.17
N ALA C 236 19.02 36.56 13.36
CA ALA C 236 20.43 36.56 13.70
C ALA C 236 21.23 36.12 12.46
N GLN C 237 22.27 35.30 12.62
CA GLN C 237 23.14 34.92 11.49
C GLN C 237 22.33 34.22 10.41
N THR C 238 22.58 34.61 9.15
CA THR C 238 22.05 33.89 7.99
C THR C 238 23.20 33.20 7.26
N ARG C 239 22.85 32.29 6.35
CA ARG C 239 23.84 31.60 5.53
C ARG C 239 24.60 32.61 4.68
N LEU C 240 25.90 32.38 4.52
CA LEU C 240 26.72 33.17 3.62
C LEU C 240 26.29 32.85 2.18
N THR C 241 26.44 33.82 1.29
CA THR C 241 25.89 33.73 -0.07
C THR C 241 26.90 33.92 -1.20
N SER C 242 28.19 34.06 -0.86
CA SER C 242 29.19 34.43 -1.86
C SER C 242 30.61 34.15 -1.40
N THR C 243 31.53 34.05 -2.36
CA THR C 243 32.96 33.83 -2.09
C THR C 243 33.58 34.94 -1.23
N GLU C 244 33.09 36.17 -1.40
CA GLU C 244 33.60 37.33 -0.66
C GLU C 244 33.30 37.19 0.84
N GLU C 245 32.07 36.79 1.16
CA GLU C 245 31.66 36.55 2.55
C GLU C 245 32.41 35.38 3.19
N PHE C 246 32.59 34.30 2.45
CA PHE C 246 33.38 33.16 2.95
C PHE C 246 34.84 33.53 3.17
N GLY C 247 35.39 34.32 2.25
CA GLY C 247 36.78 34.80 2.33
C GLY C 247 37.09 35.64 3.56
N LYS C 248 36.13 36.47 3.98
CA LYS C 248 36.30 37.32 5.17
C LYS C 248 35.95 36.65 6.51
N ILE C 249 35.62 35.34 6.50
CA ILE C 249 35.48 34.55 7.73
C ILE C 249 36.73 34.69 8.60
N LEU C 250 36.55 35.09 9.86
CA LEU C 250 37.67 35.33 10.77
C LEU C 250 38.08 34.04 11.46
N LEU C 251 39.29 33.57 11.15
CA LEU C 251 39.85 32.39 11.81
C LEU C 251 40.38 32.75 13.19
N LYS C 252 41.21 33.81 13.25
CA LYS C 252 41.72 34.31 14.54
C LYS C 252 42.25 35.74 14.47
N VAL C 253 42.55 36.29 15.65
CA VAL C 253 43.18 37.60 15.81
C VAL C 253 44.56 37.37 16.46
N ASN C 254 45.60 37.93 15.83
CA ASN C 254 46.99 37.75 16.31
C ASN C 254 47.29 38.63 17.53
N GLN C 255 48.50 38.47 18.08
CA GLN C 255 48.96 39.25 19.24
C GLN C 255 48.94 40.76 18.98
N ASP C 256 49.37 41.15 17.77
CA ASP C 256 49.39 42.57 17.37
C ASP C 256 48.07 43.10 16.76
N GLY C 257 46.94 42.44 17.06
CA GLY C 257 45.64 42.81 16.51
C GLY C 257 45.48 42.60 15.01
N SER C 258 46.31 41.73 14.43
CA SER C 258 46.32 41.46 12.99
C SER C 258 45.38 40.28 12.72
N ARG C 259 44.46 40.46 11.76
CA ARG C 259 43.42 39.45 11.48
C ARG C 259 43.87 38.42 10.44
N VAL C 260 43.66 37.14 10.76
CA VAL C 260 43.85 36.04 9.82
C VAL C 260 42.47 35.62 9.30
N LEU C 261 42.19 35.95 8.04
CA LEU C 261 40.93 35.58 7.39
C LEU C 261 41.09 34.26 6.63
N LEU C 262 39.96 33.73 6.13
CA LEU C 262 39.97 32.44 5.42
C LEU C 262 40.68 32.53 4.06
N ARG C 263 40.51 33.65 3.36
CA ARG C 263 41.21 33.90 2.10
C ARG C 263 42.74 33.97 2.23
N ASP C 264 43.25 34.20 3.43
CA ASP C 264 44.70 34.17 3.72
C ASP C 264 45.27 32.75 3.84
N VAL C 265 44.42 31.74 3.93
CA VAL C 265 44.87 30.33 3.93
C VAL C 265 44.22 29.45 2.84
N ALA C 266 43.37 30.02 1.99
CA ALA C 266 42.66 29.24 0.97
C ALA C 266 42.14 30.06 -0.20
N LYS C 267 42.01 29.42 -1.35
CA LYS C 267 41.36 30.03 -2.51
C LYS C 267 39.86 29.73 -2.42
N ILE C 268 39.06 30.79 -2.48
CA ILE C 268 37.62 30.69 -2.33
C ILE C 268 36.98 30.84 -3.70
N GLU C 269 36.28 29.80 -4.16
CA GLU C 269 35.60 29.84 -5.45
C GLU C 269 34.40 28.91 -5.50
N LEU C 270 33.44 29.25 -6.36
CA LEU C 270 32.39 28.30 -6.75
C LEU C 270 33.02 27.18 -7.59
N GLY C 271 32.53 25.97 -7.39
CA GLY C 271 33.11 24.80 -8.02
C GLY C 271 32.36 23.53 -7.69
N GLY C 272 32.51 22.51 -8.52
CA GLY C 272 31.74 21.27 -8.40
C GLY C 272 31.82 20.59 -7.04
N GLU C 273 30.73 19.92 -6.66
CA GLU C 273 30.73 19.06 -5.47
C GLU C 273 31.79 17.99 -5.65
N ASN C 274 31.79 17.36 -6.83
CA ASN C 274 32.91 16.56 -7.32
C ASN C 274 33.26 16.96 -8.75
N TYR C 275 34.48 16.60 -9.17
CA TYR C 275 35.02 16.94 -10.48
C TYR C 275 35.29 15.69 -11.33
N ASP C 276 34.59 14.59 -11.04
CA ASP C 276 34.85 13.31 -11.71
C ASP C 276 34.23 13.23 -13.11
N ILE C 277 33.01 13.73 -13.27
CA ILE C 277 32.29 13.61 -14.55
C ILE C 277 32.43 14.87 -15.41
N ILE C 278 33.04 14.72 -16.59
CA ILE C 278 33.19 15.81 -17.58
C ILE C 278 32.71 15.32 -18.95
N ALA C 279 31.69 15.98 -19.50
CA ALA C 279 31.07 15.56 -20.77
C ALA C 279 31.43 16.50 -21.91
N GLU C 280 31.31 15.98 -23.13
CA GLU C 280 31.46 16.76 -24.36
C GLU C 280 30.42 16.33 -25.41
N PHE C 281 29.91 17.29 -26.17
CA PHE C 281 28.96 17.07 -27.27
C PHE C 281 29.61 17.49 -28.59
N ASN C 282 29.92 16.52 -29.46
CA ASN C 282 30.69 16.74 -30.71
C ASN C 282 32.01 17.47 -30.45
N GLY C 283 32.71 17.11 -29.38
CA GLY C 283 33.97 17.76 -29.00
C GLY C 283 33.84 19.08 -28.24
N GLN C 284 32.63 19.64 -28.18
CA GLN C 284 32.36 20.93 -27.53
C GLN C 284 32.06 20.71 -26.05
N PRO C 285 32.48 21.63 -25.15
CA PRO C 285 32.13 21.50 -23.73
C PRO C 285 30.61 21.49 -23.48
N ALA C 286 30.16 20.59 -22.61
CA ALA C 286 28.73 20.36 -22.41
C ALA C 286 28.40 19.76 -21.05
N SER C 287 27.10 19.76 -20.73
CA SER C 287 26.55 18.96 -19.65
C SER C 287 25.29 18.27 -20.18
N GLY C 288 24.65 17.47 -19.34
CA GLY C 288 23.40 16.83 -19.72
C GLY C 288 22.74 16.04 -18.62
N LEU C 289 21.56 15.53 -18.95
CA LEU C 289 20.77 14.68 -18.06
C LEU C 289 20.49 13.36 -18.76
N GLY C 290 20.96 12.26 -18.17
CA GLY C 290 20.58 10.92 -18.58
C GLY C 290 19.30 10.55 -17.87
N ILE C 291 18.20 10.46 -18.62
CA ILE C 291 16.87 10.26 -18.07
C ILE C 291 16.45 8.80 -18.26
N LYS C 292 15.95 8.19 -17.19
CA LYS C 292 15.47 6.81 -17.22
C LYS C 292 13.95 6.77 -17.11
N LEU C 293 13.34 5.86 -17.87
CA LEU C 293 11.90 5.67 -17.86
C LEU C 293 11.47 4.92 -16.61
N ALA C 294 10.46 5.46 -15.92
CA ALA C 294 9.89 4.81 -14.74
C ALA C 294 9.18 3.50 -15.11
N THR C 295 9.31 2.50 -14.24
CA THR C 295 8.67 1.19 -14.44
C THR C 295 7.18 1.35 -14.74
N GLY C 296 6.73 0.76 -15.84
CA GLY C 296 5.32 0.85 -16.25
C GLY C 296 4.89 2.11 -17.00
N ALA C 297 5.78 3.10 -17.13
CA ALA C 297 5.44 4.38 -17.76
C ALA C 297 5.51 4.27 -19.27
N ASN C 298 4.69 5.08 -19.96
CA ASN C 298 4.65 5.11 -21.42
C ASN C 298 5.76 5.99 -21.96
N ALA C 299 6.63 5.41 -22.77
CA ALA C 299 7.86 6.06 -23.25
C ALA C 299 7.60 7.32 -24.06
N LEU C 300 6.62 7.25 -24.96
CA LEU C 300 6.27 8.39 -25.83
C LEU C 300 5.63 9.54 -25.07
N ASP C 301 4.72 9.23 -24.13
CA ASP C 301 4.12 10.24 -23.26
C ASP C 301 5.18 10.89 -22.36
N THR C 302 6.08 10.09 -21.83
CA THR C 302 7.20 10.58 -21.02
C THR C 302 8.12 11.50 -21.83
N ALA C 303 8.45 11.08 -23.05
CA ALA C 303 9.29 11.89 -23.95
C ALA C 303 8.62 13.23 -24.30
N ALA C 304 7.30 13.19 -24.55
CA ALA C 304 6.52 14.40 -24.78
C ALA C 304 6.52 15.31 -23.56
N ALA C 305 6.40 14.70 -22.38
CA ALA C 305 6.36 15.42 -21.11
C ALA C 305 7.70 16.08 -20.77
N ILE C 306 8.79 15.41 -21.12
CA ILE C 306 10.14 15.97 -20.91
C ILE C 306 10.35 17.19 -21.82
N ARG C 307 9.86 17.12 -23.06
CA ARG C 307 9.95 18.25 -23.99
C ARG C 307 9.06 19.43 -23.58
N ALA C 308 7.86 19.13 -23.09
CA ALA C 308 6.96 20.17 -22.57
C ALA C 308 7.58 20.91 -21.39
N GLU C 309 8.18 20.17 -20.46
CA GLU C 309 8.85 20.76 -19.31
C GLU C 309 10.11 21.53 -19.69
N LEU C 310 10.87 21.01 -20.66
CA LEU C 310 12.03 21.73 -21.19
C LEU C 310 11.65 23.01 -21.94
N ALA C 311 10.49 22.99 -22.61
CA ALA C 311 9.96 24.20 -23.28
C ALA C 311 9.59 25.31 -22.29
N LYS C 312 9.15 24.95 -21.09
CA LYS C 312 8.89 25.92 -20.01
C LYS C 312 10.16 26.58 -19.48
N MET C 313 11.29 25.86 -19.50
CA MET C 313 12.55 26.37 -18.97
C MET C 313 13.31 27.28 -19.94
N GLU C 314 13.23 26.99 -21.24
CA GLU C 314 14.03 27.70 -22.28
C GLU C 314 13.96 29.23 -22.24
N PRO C 315 12.76 29.82 -22.11
CA PRO C 315 12.65 31.29 -22.04
C PRO C 315 13.44 31.99 -20.93
N PHE C 316 13.79 31.27 -19.87
CA PHE C 316 14.56 31.83 -18.75
C PHE C 316 16.03 31.38 -18.75
N PHE C 317 16.53 30.82 -19.85
CA PHE C 317 17.94 30.45 -19.96
C PHE C 317 18.79 31.70 -20.09
N PRO C 318 20.05 31.64 -19.60
CA PRO C 318 20.97 32.74 -19.91
C PRO C 318 21.36 32.73 -21.39
N SER C 319 22.11 33.75 -21.81
CA SER C 319 22.49 33.91 -23.20
C SER C 319 23.28 32.71 -23.73
N GLY C 320 22.87 32.21 -24.89
CA GLY C 320 23.62 31.18 -25.62
C GLY C 320 23.46 29.75 -25.16
N LEU C 321 22.69 29.50 -24.10
CA LEU C 321 22.47 28.15 -23.61
C LEU C 321 21.47 27.49 -24.54
N LYS C 322 21.80 26.27 -24.98
CA LYS C 322 20.97 25.56 -25.95
C LYS C 322 20.85 24.09 -25.55
N ILE C 323 19.65 23.54 -25.70
CA ILE C 323 19.41 22.12 -25.50
C ILE C 323 19.73 21.40 -26.81
N VAL C 324 20.48 20.30 -26.69
CA VAL C 324 20.75 19.39 -27.79
C VAL C 324 20.26 18.01 -27.41
N TYR C 325 19.98 17.19 -28.42
CA TYR C 325 19.34 15.89 -28.24
C TYR C 325 20.21 14.76 -28.81
N PRO C 326 21.34 14.48 -28.13
CA PRO C 326 22.36 13.55 -28.64
C PRO C 326 22.05 12.04 -28.59
N TYR C 327 20.96 11.63 -27.94
CA TYR C 327 20.68 10.20 -27.74
C TYR C 327 19.23 10.04 -27.26
N ASP C 328 18.43 9.29 -28.01
CA ASP C 328 16.99 9.19 -27.75
C ASP C 328 16.42 7.98 -28.49
N THR C 329 15.81 7.05 -27.76
CA THR C 329 15.21 5.84 -28.35
C THR C 329 13.83 6.07 -28.97
N THR C 330 13.16 7.18 -28.62
CA THR C 330 11.77 7.38 -29.01
C THR C 330 11.52 7.69 -30.49
N PRO C 331 12.51 8.27 -31.21
CA PRO C 331 12.38 8.33 -32.68
C PRO C 331 12.27 6.96 -33.35
N PHE C 332 13.01 5.97 -32.84
CA PHE C 332 12.91 4.58 -33.32
C PHE C 332 11.54 3.97 -33.03
N VAL C 333 10.99 4.26 -31.86
CA VAL C 333 9.67 3.77 -31.48
C VAL C 333 8.62 4.32 -32.44
N LYS C 334 8.71 5.61 -32.75
CA LYS C 334 7.79 6.26 -33.70
C LYS C 334 7.86 5.67 -35.10
N ILE C 335 9.08 5.52 -35.63
CA ILE C 335 9.28 4.99 -36.99
C ILE C 335 8.93 3.49 -37.12
N SER C 336 9.24 2.70 -36.10
CA SER C 336 8.92 1.26 -36.11
C SER C 336 7.41 1.02 -36.20
N ILE C 337 6.62 1.79 -35.46
CA ILE C 337 5.15 1.70 -35.52
C ILE C 337 4.62 2.14 -36.88
N HIS C 338 5.16 3.24 -37.42
CA HIS C 338 4.84 3.69 -38.77
C HIS C 338 5.06 2.59 -39.82
N GLU C 339 6.20 1.90 -39.71
CA GLU C 339 6.53 0.81 -40.64
C GLU C 339 5.60 -0.39 -40.54
N VAL C 340 5.12 -0.70 -39.32
CA VAL C 340 4.15 -1.79 -39.15
C VAL C 340 2.76 -1.36 -39.65
N VAL C 341 2.40 -0.09 -39.45
CA VAL C 341 1.15 0.47 -39.99
C VAL C 341 1.17 0.46 -41.52
N LYS C 342 2.33 0.79 -42.09
CA LYS C 342 2.56 0.65 -43.53
C LYS C 342 2.41 -0.81 -43.99
N THR C 343 3.03 -1.72 -43.24
CA THR C 343 2.94 -3.18 -43.50
C THR C 343 1.48 -3.68 -43.41
N LEU C 344 0.74 -3.17 -42.44
CA LEU C 344 -0.67 -3.53 -42.24
C LEU C 344 -1.54 -3.09 -43.42
N VAL C 345 -1.36 -1.85 -43.86
CA VAL C 345 -2.10 -1.30 -45.01
C VAL C 345 -1.70 -2.03 -46.30
N GLU C 346 -0.43 -2.39 -46.43
CA GLU C 346 0.03 -3.21 -47.56
C GLU C 346 -0.58 -4.61 -47.56
N ALA C 347 -0.68 -5.22 -46.37
CA ALA C 347 -1.32 -6.53 -46.22
C ALA C 347 -2.78 -6.53 -46.66
N ILE C 348 -3.51 -5.47 -46.31
CA ILE C 348 -4.93 -5.34 -46.66
C ILE C 348 -5.11 -5.16 -48.18
N ILE C 349 -4.24 -4.36 -48.79
CA ILE C 349 -4.26 -4.15 -50.24
C ILE C 349 -3.96 -5.45 -50.99
N LEU C 350 -2.94 -6.19 -50.57
CA LEU C 350 -2.56 -7.45 -51.22
C LEU C 350 -3.64 -8.52 -51.08
N VAL C 351 -4.25 -8.62 -49.90
CA VAL C 351 -5.37 -9.55 -49.67
C VAL C 351 -6.58 -9.19 -50.55
N PHE C 352 -6.85 -7.90 -50.71
CA PHE C 352 -7.89 -7.43 -51.63
C PHE C 352 -7.63 -7.90 -53.06
N LEU C 353 -6.39 -7.78 -53.52
CA LEU C 353 -6.01 -8.20 -54.88
C LEU C 353 -6.11 -9.72 -55.07
N VAL C 354 -5.74 -10.49 -54.03
CA VAL C 354 -5.85 -11.95 -54.08
C VAL C 354 -7.31 -12.38 -54.18
N MET C 355 -8.18 -11.75 -53.39
CA MET C 355 -9.62 -12.02 -53.46
C MET C 355 -10.22 -11.54 -54.79
N TYR C 356 -9.73 -10.40 -55.29
CA TYR C 356 -10.18 -9.86 -56.58
C TYR C 356 -9.76 -10.73 -57.76
N LEU C 357 -8.58 -11.35 -57.69
CA LEU C 357 -8.12 -12.30 -58.70
C LEU C 357 -9.12 -13.45 -58.91
N PHE C 358 -9.60 -14.02 -57.81
CA PHE C 358 -10.50 -15.17 -57.84
C PHE C 358 -11.97 -14.78 -58.02
N LEU C 359 -12.42 -13.74 -57.30
CA LEU C 359 -13.84 -13.35 -57.32
C LEU C 359 -14.21 -12.46 -58.51
N GLN C 360 -13.26 -11.65 -58.99
CA GLN C 360 -13.33 -10.96 -60.30
C GLN C 360 -14.33 -9.79 -60.36
N ASN C 361 -15.59 -10.05 -60.04
CA ASN C 361 -16.60 -9.00 -59.88
C ASN C 361 -16.28 -8.13 -58.65
N PHE C 362 -16.48 -6.82 -58.78
CA PHE C 362 -16.14 -5.85 -57.72
C PHE C 362 -17.03 -5.98 -56.48
N ARG C 363 -18.33 -6.20 -56.70
CA ARG C 363 -19.29 -6.40 -55.60
C ARG C 363 -19.02 -7.67 -54.79
N ALA C 364 -18.73 -8.77 -55.49
CA ALA C 364 -18.41 -10.05 -54.83
C ALA C 364 -17.13 -9.97 -54.01
N THR C 365 -16.15 -9.17 -54.48
CA THR C 365 -14.88 -8.96 -53.78
C THR C 365 -15.05 -8.14 -52.49
N LEU C 366 -15.95 -7.16 -52.51
CA LEU C 366 -16.19 -6.31 -51.33
C LEU C 366 -16.77 -7.05 -50.12
N ILE C 367 -17.54 -8.11 -50.35
CA ILE C 367 -18.23 -8.82 -49.27
C ILE C 367 -17.25 -9.35 -48.19
N PRO C 368 -16.16 -10.04 -48.59
CA PRO C 368 -15.13 -10.40 -47.61
C PRO C 368 -14.17 -9.26 -47.26
N THR C 369 -14.02 -8.28 -48.15
CA THR C 369 -13.22 -7.08 -47.86
C THR C 369 -13.81 -6.26 -46.70
N ILE C 370 -15.13 -6.27 -46.57
CA ILE C 370 -15.85 -5.59 -45.46
C ILE C 370 -15.55 -6.26 -44.11
N ALA C 371 -15.20 -7.54 -44.11
CA ALA C 371 -14.73 -8.23 -42.88
C ALA C 371 -13.46 -7.62 -42.29
N VAL C 372 -12.64 -6.97 -43.11
CA VAL C 372 -11.38 -6.37 -42.64
C VAL C 372 -11.61 -5.18 -41.68
N PRO C 373 -12.37 -4.14 -42.10
CA PRO C 373 -12.72 -3.06 -41.16
C PRO C 373 -13.45 -3.51 -39.88
N VAL C 374 -14.43 -4.42 -40.03
CA VAL C 374 -15.28 -4.84 -38.91
C VAL C 374 -14.49 -5.65 -37.87
N VAL C 375 -13.68 -6.61 -38.33
CA VAL C 375 -12.89 -7.45 -37.43
C VAL C 375 -11.79 -6.65 -36.75
N LEU C 376 -11.05 -5.86 -37.52
CA LEU C 376 -9.90 -5.11 -37.00
C LEU C 376 -10.32 -4.04 -35.98
N LEU C 377 -11.29 -3.22 -36.34
CA LEU C 377 -11.83 -2.23 -35.41
C LEU C 377 -12.39 -2.91 -34.16
N GLY C 378 -13.14 -3.99 -34.35
CA GLY C 378 -13.60 -4.82 -33.22
C GLY C 378 -12.46 -5.28 -32.32
N THR C 379 -11.33 -5.68 -32.92
CA THR C 379 -10.15 -6.10 -32.16
C THR C 379 -9.53 -4.96 -31.35
N PHE C 380 -9.45 -3.76 -31.95
CA PHE C 380 -9.02 -2.55 -31.22
C PHE C 380 -9.90 -2.26 -30.01
N ALA C 381 -11.21 -2.43 -30.17
CA ALA C 381 -12.16 -2.29 -29.06
C ALA C 381 -11.89 -3.32 -27.96
N VAL C 382 -11.62 -4.57 -28.36
CA VAL C 382 -11.29 -5.63 -27.41
C VAL C 382 -9.96 -5.35 -26.70
N LEU C 383 -8.98 -4.79 -27.42
CA LEU C 383 -7.70 -4.42 -26.80
C LEU C 383 -7.88 -3.36 -25.72
N ALA C 384 -8.64 -2.32 -26.06
CA ALA C 384 -8.97 -1.23 -25.13
C ALA C 384 -9.72 -1.73 -23.90
N ALA C 385 -10.66 -2.64 -24.10
CA ALA C 385 -11.42 -3.25 -23.00
C ALA C 385 -10.53 -3.99 -21.98
N PHE C 386 -9.52 -4.70 -22.46
CA PHE C 386 -8.59 -5.46 -21.60
C PHE C 386 -7.31 -4.67 -21.23
N GLY C 387 -7.28 -3.37 -21.55
CA GLY C 387 -6.17 -2.50 -21.16
C GLY C 387 -4.86 -2.74 -21.90
N PHE C 388 -4.96 -3.16 -23.16
CA PHE C 388 -3.79 -3.40 -24.01
C PHE C 388 -3.46 -2.15 -24.81
N SER C 389 -2.21 -2.05 -25.25
CA SER C 389 -1.74 -0.91 -26.05
C SER C 389 -1.62 -1.27 -27.52
N ILE C 390 -1.65 -0.24 -28.36
CA ILE C 390 -1.30 -0.36 -29.77
C ILE C 390 0.23 -0.39 -29.81
N ASN C 391 0.80 -1.59 -29.91
CA ASN C 391 2.25 -1.76 -30.00
C ASN C 391 2.63 -2.64 -31.19
N THR C 392 3.93 -2.79 -31.45
CA THR C 392 4.40 -3.58 -32.57
C THR C 392 3.88 -5.01 -32.53
N LEU C 393 3.81 -5.59 -31.32
CA LEU C 393 3.38 -6.99 -31.16
C LEU C 393 1.90 -7.19 -31.46
N THR C 394 1.05 -6.32 -30.92
CA THR C 394 -0.38 -6.34 -31.24
C THR C 394 -0.67 -6.00 -32.71
N MET C 395 0.17 -5.15 -33.30
CA MET C 395 0.09 -4.83 -34.73
C MET C 395 0.53 -6.01 -35.60
N PHE C 396 1.61 -6.69 -35.21
CA PHE C 396 2.04 -7.92 -35.89
C PHE C 396 0.92 -8.95 -35.85
N GLY C 397 0.25 -9.07 -34.72
CA GLY C 397 -0.94 -9.92 -34.59
C GLY C 397 -2.01 -9.58 -35.62
N MET C 398 -2.24 -8.28 -35.82
CA MET C 398 -3.22 -7.82 -36.81
C MET C 398 -2.81 -8.03 -38.27
N VAL C 399 -1.51 -7.99 -38.57
CA VAL C 399 -1.01 -8.26 -39.92
C VAL C 399 -1.26 -9.73 -40.27
N LEU C 400 -0.88 -10.62 -39.35
CA LEU C 400 -1.15 -12.06 -39.48
C LEU C 400 -2.65 -12.36 -39.56
N ALA C 401 -3.45 -11.56 -38.86
CA ALA C 401 -4.90 -11.71 -38.86
C ALA C 401 -5.60 -11.40 -40.20
N ILE C 402 -5.00 -10.56 -41.05
CA ILE C 402 -5.70 -10.06 -42.25
C ILE C 402 -6.07 -11.21 -43.18
N GLY C 403 -5.08 -12.06 -43.48
CA GLY C 403 -5.29 -13.24 -44.32
C GLY C 403 -5.89 -14.45 -43.64
N LEU C 404 -6.29 -14.30 -42.37
CA LEU C 404 -7.05 -15.33 -41.62
C LEU C 404 -8.49 -14.90 -41.36
N LEU C 405 -8.71 -13.64 -41.00
CA LEU C 405 -10.06 -13.13 -40.71
C LEU C 405 -10.99 -13.12 -41.92
N VAL C 406 -10.42 -12.94 -43.12
CA VAL C 406 -11.21 -13.02 -44.36
C VAL C 406 -11.65 -14.44 -44.76
N ASP C 407 -11.03 -15.47 -44.17
CA ASP C 407 -11.19 -16.86 -44.63
C ASP C 407 -12.62 -17.35 -44.58
N ASP C 408 -13.26 -17.21 -43.43
CA ASP C 408 -14.66 -17.61 -43.27
C ASP C 408 -15.60 -16.87 -44.22
N ALA C 409 -15.37 -15.56 -44.40
CA ALA C 409 -16.17 -14.77 -45.35
C ALA C 409 -15.93 -15.20 -46.81
N ILE C 410 -14.68 -15.49 -47.15
CA ILE C 410 -14.34 -16.08 -48.47
C ILE C 410 -15.08 -17.41 -48.66
N VAL C 411 -14.93 -18.32 -47.70
CA VAL C 411 -15.56 -19.65 -47.76
C VAL C 411 -17.07 -19.56 -48.05
N VAL C 412 -17.75 -18.59 -47.43
CA VAL C 412 -19.18 -18.35 -47.64
C VAL C 412 -19.46 -17.87 -49.07
N VAL C 413 -18.73 -16.83 -49.49
CA VAL C 413 -18.97 -16.20 -50.80
C VAL C 413 -18.68 -17.16 -51.95
N GLU C 414 -17.60 -17.94 -51.84
CA GLU C 414 -17.24 -18.93 -52.86
C GLU C 414 -18.30 -20.03 -52.95
N ASN C 415 -18.73 -20.55 -51.81
CA ASN C 415 -19.72 -21.64 -51.77
C ASN C 415 -21.07 -21.21 -52.35
N VAL C 416 -21.43 -19.94 -52.19
CA VAL C 416 -22.62 -19.37 -52.81
C VAL C 416 -22.44 -19.33 -54.33
N GLU C 417 -21.32 -18.77 -54.80
CA GLU C 417 -21.03 -18.71 -56.24
C GLU C 417 -20.82 -20.09 -56.89
N ARG C 418 -20.43 -21.09 -56.10
CA ARG C 418 -20.37 -22.47 -56.56
C ARG C 418 -21.77 -23.01 -56.80
N VAL C 419 -22.63 -22.89 -55.79
CA VAL C 419 -24.01 -23.39 -55.85
C VAL C 419 -24.83 -22.69 -56.94
N MET C 420 -24.59 -21.39 -57.13
CA MET C 420 -25.22 -20.65 -58.24
C MET C 420 -24.78 -21.17 -59.61
N ALA C 421 -23.51 -21.58 -59.73
CA ALA C 421 -22.99 -22.16 -60.98
C ALA C 421 -23.52 -23.57 -61.25
N GLU C 422 -23.59 -24.39 -60.20
CA GLU C 422 -24.05 -25.79 -60.35
C GLU C 422 -25.55 -25.91 -60.57
N GLU C 423 -26.34 -25.24 -59.73
CA GLU C 423 -27.80 -25.40 -59.70
C GLU C 423 -28.60 -24.28 -60.36
N GLY C 424 -27.98 -23.12 -60.59
CA GLY C 424 -28.66 -21.99 -61.21
C GLY C 424 -29.67 -21.28 -60.32
N LEU C 425 -29.52 -21.41 -59.01
CA LEU C 425 -30.41 -20.76 -58.04
C LEU C 425 -30.14 -19.26 -57.98
N PRO C 426 -31.13 -18.46 -57.50
CA PRO C 426 -30.84 -17.05 -57.18
C PRO C 426 -29.86 -16.90 -55.98
N PRO C 427 -29.27 -15.70 -55.80
CA PRO C 427 -28.36 -15.47 -54.66
C PRO C 427 -28.96 -15.77 -53.28
N LYS C 428 -30.21 -15.36 -53.07
CA LYS C 428 -30.88 -15.50 -51.78
C LYS C 428 -31.22 -16.96 -51.46
N GLU C 429 -31.65 -17.72 -52.48
CA GLU C 429 -31.96 -19.14 -52.33
C GLU C 429 -30.67 -19.95 -52.16
N ALA C 430 -29.63 -19.55 -52.89
CA ALA C 430 -28.31 -20.19 -52.83
C ALA C 430 -27.64 -20.00 -51.47
N THR C 431 -27.71 -18.79 -50.93
CA THR C 431 -27.12 -18.48 -49.62
C THR C 431 -27.73 -19.33 -48.49
N ARG C 432 -29.06 -19.48 -48.50
CA ARG C 432 -29.74 -20.35 -47.53
C ARG C 432 -29.21 -21.78 -47.56
N LYS C 433 -29.12 -22.35 -48.77
CA LYS C 433 -28.54 -23.69 -48.96
C LYS C 433 -27.06 -23.72 -48.54
N SER C 434 -26.31 -22.68 -48.93
CA SER C 434 -24.88 -22.58 -48.67
C SER C 434 -24.52 -22.63 -47.18
N MET C 435 -25.09 -21.71 -46.41
CA MET C 435 -24.80 -21.60 -44.98
C MET C 435 -25.04 -22.92 -44.23
N GLY C 436 -26.09 -23.63 -44.62
CA GLY C 436 -26.40 -24.93 -44.03
C GLY C 436 -25.32 -25.99 -44.19
N GLN C 437 -24.68 -26.02 -45.35
CA GLN C 437 -23.69 -27.06 -45.68
C GLN C 437 -22.21 -26.67 -45.38
N ILE C 438 -21.97 -25.43 -44.95
CA ILE C 438 -20.60 -24.95 -44.64
C ILE C 438 -20.36 -24.55 -43.17
N GLN C 439 -21.39 -24.58 -42.33
CA GLN C 439 -21.31 -24.04 -40.98
C GLN C 439 -20.22 -24.70 -40.12
N GLY C 440 -20.06 -26.01 -40.28
CA GLY C 440 -19.01 -26.77 -39.58
C GLY C 440 -17.61 -26.32 -39.92
N ALA C 441 -17.40 -25.94 -41.18
CA ALA C 441 -16.10 -25.42 -41.63
C ALA C 441 -15.81 -24.04 -41.05
N LEU C 442 -16.81 -23.15 -41.09
CA LEU C 442 -16.65 -21.79 -40.60
C LEU C 442 -16.26 -21.76 -39.12
N VAL C 443 -16.93 -22.57 -38.32
CA VAL C 443 -16.65 -22.68 -36.88
C VAL C 443 -15.31 -23.38 -36.63
N GLY C 444 -14.99 -24.38 -37.44
CA GLY C 444 -13.73 -25.13 -37.29
C GLY C 444 -12.49 -24.31 -37.54
N ILE C 445 -12.51 -23.51 -38.61
CA ILE C 445 -11.40 -22.61 -38.97
C ILE C 445 -11.13 -21.63 -37.84
N ALA C 446 -12.18 -20.95 -37.41
CA ALA C 446 -12.11 -19.99 -36.30
C ALA C 446 -11.68 -20.62 -34.98
N MET C 447 -12.10 -21.87 -34.74
CA MET C 447 -11.75 -22.56 -33.51
C MET C 447 -10.27 -22.89 -33.45
N VAL C 448 -9.76 -23.58 -34.47
CA VAL C 448 -8.35 -24.01 -34.48
C VAL C 448 -7.34 -22.84 -34.53
N LEU C 449 -7.70 -21.77 -35.24
CA LEU C 449 -6.89 -20.54 -35.25
C LEU C 449 -7.11 -19.62 -34.02
N SER C 450 -8.04 -19.99 -33.14
CA SER C 450 -8.17 -19.37 -31.81
C SER C 450 -7.46 -20.23 -30.76
N ALA C 451 -7.87 -21.50 -30.68
CA ALA C 451 -7.43 -22.43 -29.62
C ALA C 451 -5.92 -22.61 -29.56
N VAL C 452 -5.26 -22.56 -30.71
CA VAL C 452 -3.81 -22.71 -30.77
C VAL C 452 -3.04 -21.56 -30.08
N PHE C 453 -3.66 -20.39 -29.99
CA PHE C 453 -3.09 -19.24 -29.26
C PHE C 453 -3.58 -19.09 -27.81
N VAL C 454 -4.35 -20.05 -27.28
CA VAL C 454 -4.87 -19.94 -25.91
C VAL C 454 -3.83 -20.32 -24.85
N PRO C 455 -3.16 -21.49 -24.99
CA PRO C 455 -2.15 -21.85 -23.99
C PRO C 455 -1.01 -20.85 -23.79
N MET C 456 -0.53 -20.23 -24.87
CA MET C 456 0.62 -19.31 -24.82
C MET C 456 0.40 -18.14 -23.85
N ALA C 457 -0.84 -17.67 -23.75
CA ALA C 457 -1.19 -16.55 -22.85
C ALA C 457 -0.92 -16.85 -21.38
N PHE C 458 -1.02 -18.12 -20.98
CA PHE C 458 -0.77 -18.53 -19.60
C PHE C 458 0.71 -18.77 -19.25
N PHE C 459 1.62 -18.70 -20.23
CA PHE C 459 3.05 -18.87 -19.96
C PHE C 459 3.66 -17.62 -19.33
N GLY C 460 4.84 -17.79 -18.73
CA GLY C 460 5.50 -16.76 -17.94
C GLY C 460 6.71 -16.13 -18.60
N GLY C 461 7.40 -15.29 -17.83
CA GLY C 461 8.57 -14.56 -18.31
C GLY C 461 8.20 -13.44 -19.26
N SER C 462 9.23 -12.83 -19.85
CA SER C 462 9.05 -11.81 -20.89
C SER C 462 8.43 -12.44 -22.15
N THR C 463 8.73 -13.70 -22.38
CA THR C 463 8.18 -14.47 -23.50
C THR C 463 6.66 -14.50 -23.41
N GLY C 464 6.15 -14.83 -22.22
CA GLY C 464 4.70 -14.82 -21.96
C GLY C 464 4.03 -13.49 -22.23
N ALA C 465 4.67 -12.40 -21.81
CA ALA C 465 4.17 -11.05 -22.07
C ALA C 465 4.08 -10.77 -23.57
N ILE C 466 5.08 -11.26 -24.32
CA ILE C 466 5.08 -11.18 -25.78
C ILE C 466 3.97 -12.06 -26.37
N TYR C 467 3.85 -13.29 -25.87
CA TYR C 467 2.82 -14.21 -26.35
C TYR C 467 1.41 -13.64 -26.21
N ARG C 468 1.12 -13.08 -25.04
CA ARG C 468 -0.22 -12.52 -24.75
C ARG C 468 -0.70 -11.45 -25.75
N GLN C 469 0.23 -10.73 -26.38
CA GLN C 469 -0.13 -9.68 -27.35
C GLN C 469 -0.68 -10.29 -28.63
N PHE C 470 -0.03 -11.35 -29.10
CA PHE C 470 -0.51 -12.10 -30.26
C PHE C 470 -1.79 -12.83 -29.92
N SER C 471 -1.78 -13.49 -28.76
CA SER C 471 -2.91 -14.29 -28.29
C SER C 471 -4.22 -13.52 -28.25
N ILE C 472 -4.23 -12.37 -27.58
CA ILE C 472 -5.44 -11.52 -27.49
C ILE C 472 -5.88 -10.97 -28.85
N THR C 473 -4.92 -10.60 -29.69
CA THR C 473 -5.22 -9.99 -30.99
C THR C 473 -5.85 -10.98 -31.98
N ILE C 474 -5.24 -12.16 -32.12
CA ILE C 474 -5.69 -13.16 -33.10
C ILE C 474 -6.95 -13.89 -32.64
N VAL C 475 -7.03 -14.26 -31.35
CA VAL C 475 -8.24 -14.92 -30.80
C VAL C 475 -9.48 -14.02 -30.98
N SER C 476 -9.34 -12.74 -30.68
CA SER C 476 -10.41 -11.76 -30.92
C SER C 476 -10.77 -11.69 -32.41
N ALA C 477 -9.75 -11.60 -33.26
CA ALA C 477 -9.94 -11.48 -34.70
C ALA C 477 -10.69 -12.68 -35.28
N MET C 478 -10.27 -13.89 -34.90
CA MET C 478 -10.93 -15.11 -35.37
C MET C 478 -12.34 -15.30 -34.81
N ALA C 479 -12.57 -14.86 -33.59
CA ALA C 479 -13.91 -14.85 -32.99
C ALA C 479 -14.85 -13.93 -33.76
N LEU C 480 -14.39 -12.70 -34.02
CA LEU C 480 -15.17 -11.71 -34.78
C LEU C 480 -15.36 -12.08 -36.25
N SER C 481 -14.41 -12.82 -36.82
CA SER C 481 -14.49 -13.23 -38.24
C SER C 481 -15.62 -14.23 -38.49
N VAL C 482 -15.73 -15.25 -37.64
CA VAL C 482 -16.83 -16.21 -37.70
C VAL C 482 -18.19 -15.55 -37.43
N LEU C 483 -18.24 -14.58 -36.50
CA LEU C 483 -19.46 -13.81 -36.24
C LEU C 483 -19.87 -12.97 -37.45
N VAL C 484 -18.89 -12.34 -38.09
CA VAL C 484 -19.13 -11.60 -39.35
C VAL C 484 -19.63 -12.55 -40.46
N ALA C 485 -18.99 -13.72 -40.57
CA ALA C 485 -19.37 -14.73 -41.57
C ALA C 485 -20.74 -15.38 -41.35
N LEU C 486 -21.24 -15.34 -40.11
CA LEU C 486 -22.57 -15.85 -39.78
C LEU C 486 -23.67 -14.76 -39.80
N ILE C 487 -23.29 -13.50 -39.66
CA ILE C 487 -24.23 -12.38 -39.55
C ILE C 487 -24.23 -11.54 -40.83
N LEU C 488 -23.11 -10.86 -41.08
CA LEU C 488 -23.03 -9.86 -42.16
C LEU C 488 -22.88 -10.52 -43.53
N THR C 489 -21.88 -11.38 -43.68
CA THR C 489 -21.52 -11.98 -44.97
C THR C 489 -22.69 -12.66 -45.71
N PRO C 490 -23.53 -13.46 -45.01
CA PRO C 490 -24.71 -14.05 -45.65
C PRO C 490 -25.74 -13.01 -46.11
N ALA C 491 -25.92 -11.95 -45.33
CA ALA C 491 -26.84 -10.86 -45.67
C ALA C 491 -26.43 -10.11 -46.93
N LEU C 492 -25.13 -9.97 -47.15
CA LEU C 492 -24.61 -9.31 -48.35
C LEU C 492 -24.71 -10.23 -49.57
N CYS C 493 -24.39 -11.52 -49.38
CA CYS C 493 -24.57 -12.53 -50.43
C CYS C 493 -26.01 -12.63 -50.93
N ALA C 494 -26.98 -12.41 -50.04
CA ALA C 494 -28.40 -12.43 -50.39
C ALA C 494 -28.86 -11.20 -51.18
N THR C 495 -28.23 -10.05 -50.95
CA THR C 495 -28.66 -8.76 -51.51
C THR C 495 -27.76 -8.24 -52.64
N MET C 496 -26.46 -8.09 -52.37
CA MET C 496 -25.53 -7.39 -53.29
C MET C 496 -24.67 -8.29 -54.20
N LEU C 497 -25.07 -9.55 -54.41
CA LEU C 497 -24.41 -10.45 -55.38
C LEU C 497 -25.24 -10.55 -56.66
N LYS C 498 -24.55 -10.57 -57.81
CA LYS C 498 -25.20 -10.75 -59.12
C LYS C 498 -25.55 -12.23 -59.34
N PRO C 499 -26.68 -12.51 -60.02
CA PRO C 499 -27.00 -13.89 -60.38
C PRO C 499 -25.98 -14.51 -61.36
N ILE C 500 -25.72 -15.80 -61.19
CA ILE C 500 -24.87 -16.58 -62.09
C ILE C 500 -25.70 -17.74 -62.63
N ALA C 501 -25.82 -17.83 -63.96
CA ALA C 501 -26.64 -18.85 -64.62
C ALA C 501 -26.00 -20.23 -64.54
N LYS C 502 -26.84 -21.26 -64.65
CA LYS C 502 -26.39 -22.66 -64.57
C LYS C 502 -25.41 -23.01 -65.69
N GLY C 503 -24.20 -23.42 -65.31
CA GLY C 503 -23.14 -23.76 -66.26
C GLY C 503 -21.96 -22.80 -66.24
N ASP C 504 -22.23 -21.52 -66.03
CA ASP C 504 -21.20 -20.48 -66.08
C ASP C 504 -20.17 -20.62 -64.95
N HIS C 505 -18.93 -20.96 -65.32
CA HIS C 505 -17.77 -20.96 -64.40
C HIS C 505 -16.73 -19.93 -64.85
N GLY C 506 -17.20 -18.79 -65.38
CA GLY C 506 -16.34 -17.71 -65.85
C GLY C 506 -15.43 -18.02 -67.03
N GLU C 507 -15.72 -19.09 -67.76
CA GLU C 507 -14.85 -19.53 -68.86
C GLU C 507 -15.07 -18.65 -70.11
N GLY C 508 -16.28 -18.11 -70.26
CA GLY C 508 -16.60 -17.15 -71.32
C GLY C 508 -16.40 -15.67 -70.97
N LYS C 509 -15.59 -15.38 -69.94
CA LYS C 509 -15.20 -14.00 -69.63
C LYS C 509 -14.16 -13.52 -70.66
N LYS C 510 -14.02 -12.21 -70.78
CA LYS C 510 -13.14 -11.60 -71.78
C LYS C 510 -11.84 -11.07 -71.15
N GLY C 511 -10.70 -11.49 -71.69
CA GLY C 511 -9.39 -11.01 -71.27
C GLY C 511 -8.66 -11.94 -70.31
N PHE C 512 -7.98 -11.37 -69.31
CA PHE C 512 -7.15 -12.13 -68.37
C PHE C 512 -7.97 -13.07 -67.47
N PHE C 513 -9.12 -12.61 -66.99
CA PHE C 513 -9.99 -13.42 -66.13
C PHE C 513 -10.52 -14.67 -66.85
N GLY C 514 -10.86 -14.52 -68.13
CA GLY C 514 -11.27 -15.65 -68.97
C GLY C 514 -10.19 -16.71 -69.09
N TRP C 515 -8.94 -16.28 -69.26
CA TRP C 515 -7.79 -17.18 -69.28
C TRP C 515 -7.58 -17.90 -67.93
N PHE C 516 -7.71 -17.14 -66.84
CA PHE C 516 -7.48 -17.65 -65.48
C PHE C 516 -8.50 -18.73 -65.09
N ASN C 517 -9.78 -18.47 -65.40
CA ASN C 517 -10.86 -19.42 -65.09
C ASN C 517 -10.74 -20.73 -65.88
N ARG C 518 -10.38 -20.63 -67.16
CA ARG C 518 -10.08 -21.81 -67.99
C ARG C 518 -8.89 -22.60 -67.47
N MET C 519 -7.80 -21.88 -67.16
CA MET C 519 -6.61 -22.47 -66.56
C MET C 519 -6.92 -23.17 -65.23
N PHE C 520 -7.70 -22.50 -64.38
CA PHE C 520 -7.99 -23.01 -63.05
C PHE C 520 -8.94 -24.21 -63.06
N GLU C 521 -10.03 -24.10 -63.84
CA GLU C 521 -10.96 -25.22 -64.05
C GLU C 521 -10.24 -26.44 -64.64
N LYS C 522 -9.32 -26.18 -65.56
CA LYS C 522 -8.46 -27.21 -66.13
C LYS C 522 -7.52 -27.82 -65.07
N SER C 523 -6.91 -26.97 -64.24
CA SER C 523 -6.04 -27.42 -63.14
C SER C 523 -6.79 -28.17 -62.04
N THR C 524 -8.05 -27.82 -61.82
CA THR C 524 -8.91 -28.55 -60.86
C THR C 524 -9.16 -30.00 -61.33
N HIS C 525 -9.42 -30.17 -62.63
CA HIS C 525 -9.57 -31.51 -63.22
C HIS C 525 -8.29 -32.32 -63.04
N HIS C 526 -7.15 -31.72 -63.38
CA HIS C 526 -5.83 -32.34 -63.19
C HIS C 526 -5.66 -32.79 -61.74
N TYR C 527 -5.94 -31.85 -60.83
CA TYR C 527 -5.81 -32.08 -59.39
C TYR C 527 -6.68 -33.23 -58.89
N THR C 528 -7.97 -33.20 -59.26
CA THR C 528 -8.91 -34.25 -58.82
C THR C 528 -8.47 -35.64 -59.28
N ASP C 529 -8.14 -35.76 -60.56
CA ASP C 529 -7.62 -37.02 -61.12
C ASP C 529 -6.33 -37.45 -60.41
N SER C 530 -5.47 -36.47 -60.12
CA SER C 530 -4.22 -36.72 -59.39
C SER C 530 -4.47 -37.33 -58.01
N VAL C 531 -5.41 -36.76 -57.27
CA VAL C 531 -5.77 -37.28 -55.93
C VAL C 531 -6.35 -38.69 -56.05
N GLY C 532 -7.17 -38.92 -57.09
CA GLY C 532 -7.68 -40.27 -57.39
C GLY C 532 -6.58 -41.31 -57.51
N GLY C 533 -5.50 -40.93 -58.20
CA GLY C 533 -4.32 -41.79 -58.32
C GLY C 533 -3.56 -41.93 -57.01
N ILE C 534 -3.49 -40.85 -56.24
CA ILE C 534 -2.87 -40.86 -54.90
C ILE C 534 -3.62 -41.83 -53.96
N LEU C 535 -4.96 -41.82 -54.02
CA LEU C 535 -5.78 -42.67 -53.15
C LEU C 535 -5.70 -44.18 -53.48
N ARG C 536 -5.41 -44.53 -54.73
CA ARG C 536 -5.16 -45.93 -55.11
C ARG C 536 -3.80 -46.46 -54.61
N SER C 537 -2.87 -45.56 -54.28
CA SER C 537 -1.53 -45.94 -53.80
C SER C 537 -1.15 -45.14 -52.56
N THR C 538 -1.95 -45.26 -51.50
CA THR C 538 -1.74 -44.51 -50.26
C THR C 538 -0.48 -44.95 -49.50
N GLY C 539 -0.18 -46.25 -49.53
CA GLY C 539 1.02 -46.80 -48.88
C GLY C 539 2.34 -46.17 -49.28
N ARG C 540 2.43 -45.68 -50.51
CA ARG C 540 3.61 -44.94 -50.98
C ARG C 540 3.78 -43.63 -50.23
N TYR C 541 2.69 -42.86 -50.16
CA TYR C 541 2.71 -41.53 -49.53
C TYR C 541 2.88 -41.54 -47.99
N LEU C 542 2.60 -42.67 -47.34
CA LEU C 542 2.92 -42.84 -45.92
C LEU C 542 4.43 -42.89 -45.68
N VAL C 543 5.19 -43.40 -46.65
CA VAL C 543 6.66 -43.40 -46.57
C VAL C 543 7.20 -41.97 -46.80
N LEU C 544 6.63 -41.26 -47.77
CA LEU C 544 6.98 -39.85 -48.02
C LEU C 544 6.64 -38.95 -46.83
N TYR C 545 5.56 -39.26 -46.12
CA TYR C 545 5.21 -38.56 -44.89
C TYR C 545 6.26 -38.76 -43.80
N LEU C 546 6.71 -40.01 -43.61
CA LEU C 546 7.75 -40.31 -42.62
C LEU C 546 9.11 -39.68 -42.94
N ILE C 547 9.39 -39.47 -44.22
CA ILE C 547 10.59 -38.74 -44.65
C ILE C 547 10.44 -37.25 -44.27
N ILE C 548 9.28 -36.67 -44.59
CA ILE C 548 8.98 -35.28 -44.22
C ILE C 548 9.07 -35.07 -42.71
N VAL C 549 8.57 -36.02 -41.93
CA VAL C 549 8.66 -35.99 -40.45
C VAL C 549 10.11 -36.08 -39.97
N VAL C 550 10.91 -36.94 -40.61
CA VAL C 550 12.34 -37.04 -40.29
C VAL C 550 13.08 -35.77 -40.69
N GLY C 551 12.75 -35.24 -41.88
CA GLY C 551 13.30 -33.96 -42.36
C GLY C 551 12.90 -32.78 -41.50
N MET C 552 11.68 -32.82 -40.96
CA MET C 552 11.21 -31.80 -40.01
C MET C 552 12.06 -31.83 -38.73
N ALA C 553 12.24 -33.02 -38.17
CA ALA C 553 13.01 -33.19 -36.93
C ALA C 553 14.47 -32.79 -37.09
N TYR C 554 15.07 -33.10 -38.23
CA TYR C 554 16.47 -32.74 -38.49
C TYR C 554 16.64 -31.22 -38.60
N LEU C 555 15.75 -30.57 -39.36
CA LEU C 555 15.77 -29.11 -39.52
C LEU C 555 15.51 -28.34 -38.21
N PHE C 556 14.75 -28.93 -37.28
CA PHE C 556 14.49 -28.31 -35.98
C PHE C 556 15.73 -28.28 -35.09
N VAL C 557 16.40 -29.43 -34.93
CA VAL C 557 17.62 -29.50 -34.10
C VAL C 557 18.78 -28.72 -34.70
N ARG C 558 18.81 -28.64 -36.03
CA ARG C 558 19.83 -27.91 -36.76
C ARG C 558 19.68 -26.40 -36.53
N LEU C 559 18.47 -25.88 -36.76
CA LEU C 559 18.19 -24.44 -36.68
C LEU C 559 18.61 -23.85 -35.33
N PRO C 560 19.62 -22.95 -35.30
CA PRO C 560 20.03 -22.36 -34.03
C PRO C 560 18.98 -21.42 -33.44
N SER C 561 19.05 -21.24 -32.12
CA SER C 561 18.07 -20.46 -31.37
C SER C 561 18.60 -19.11 -30.94
N SER C 562 17.69 -18.16 -30.74
CA SER C 562 18.00 -16.86 -30.14
C SER C 562 16.75 -16.34 -29.42
N PHE C 563 16.82 -15.12 -28.86
CA PHE C 563 15.67 -14.53 -28.18
C PHE C 563 14.88 -13.58 -29.08
N LEU C 564 15.45 -12.42 -29.39
CA LEU C 564 14.79 -11.43 -30.25
C LEU C 564 15.83 -10.81 -31.18
N PRO C 565 15.44 -10.47 -32.42
CA PRO C 565 16.40 -9.82 -33.34
C PRO C 565 16.85 -8.46 -32.86
N ASP C 566 18.13 -8.16 -33.08
CA ASP C 566 18.65 -6.80 -32.89
C ASP C 566 18.04 -5.88 -33.96
N GLU C 567 18.08 -4.58 -33.70
CA GLU C 567 17.55 -3.60 -34.64
C GLU C 567 18.52 -2.42 -34.78
N ASP C 568 18.33 -1.65 -35.84
CA ASP C 568 18.93 -0.32 -35.96
C ASP C 568 17.92 0.65 -35.35
N GLN C 569 18.24 1.14 -34.14
CA GLN C 569 17.42 2.11 -33.42
C GLN C 569 17.92 3.55 -33.55
N GLY C 570 18.78 3.81 -34.54
CA GLY C 570 19.33 5.15 -34.78
C GLY C 570 20.38 5.61 -33.79
N VAL C 571 20.77 4.73 -32.86
CA VAL C 571 21.64 5.07 -31.76
C VAL C 571 22.40 3.83 -31.28
N PHE C 572 23.54 4.04 -30.64
CA PHE C 572 24.26 2.97 -29.97
C PHE C 572 25.27 3.60 -29.01
N MET C 573 25.98 2.76 -28.26
CA MET C 573 26.91 3.23 -27.26
C MET C 573 28.29 2.62 -27.40
N THR C 574 29.27 3.28 -26.79
CA THR C 574 30.66 2.84 -26.79
C THR C 574 31.17 2.93 -25.35
N MET C 575 31.59 1.80 -24.77
CA MET C 575 32.18 1.79 -23.42
C MET C 575 33.69 2.01 -23.53
N VAL C 576 34.28 2.63 -22.52
CA VAL C 576 35.72 2.87 -22.44
C VAL C 576 36.21 2.55 -21.03
N GLN C 577 37.23 1.71 -20.94
CA GLN C 577 37.77 1.26 -19.65
C GLN C 577 39.30 1.20 -19.70
N LEU C 578 39.96 2.12 -19.00
CA LEU C 578 41.42 2.14 -18.94
C LEU C 578 41.94 1.26 -17.79
N PRO C 579 43.25 0.93 -17.79
CA PRO C 579 43.84 0.13 -16.70
C PRO C 579 43.70 0.73 -15.30
N ALA C 580 44.06 -0.07 -14.31
CA ALA C 580 44.06 0.37 -12.92
C ALA C 580 44.99 1.57 -12.72
N GLY C 581 44.51 2.58 -11.99
CA GLY C 581 45.28 3.78 -11.70
C GLY C 581 45.22 4.90 -12.73
N ALA C 582 44.63 4.63 -13.90
CA ALA C 582 44.66 5.57 -15.01
C ALA C 582 43.86 6.83 -14.69
N THR C 583 44.36 7.97 -15.14
CA THR C 583 43.81 9.27 -14.78
C THR C 583 42.73 9.72 -15.77
N GLN C 584 42.03 10.79 -15.36
CA GLN C 584 41.00 11.45 -16.16
C GLN C 584 41.56 12.01 -17.46
N GLU C 585 42.82 12.45 -17.44
CA GLU C 585 43.51 12.97 -18.63
C GLU C 585 43.77 11.85 -19.65
N ARG C 586 44.21 10.68 -19.18
CA ARG C 586 44.43 9.52 -20.04
C ARG C 586 43.13 8.96 -20.63
N THR C 587 42.06 8.99 -19.85
CA THR C 587 40.74 8.57 -20.33
C THR C 587 40.21 9.55 -21.38
N GLN C 588 40.52 10.84 -21.21
CA GLN C 588 40.10 11.89 -22.15
C GLN C 588 40.81 11.76 -23.50
N LYS C 589 42.05 11.29 -23.49
CA LYS C 589 42.77 11.00 -24.74
C LYS C 589 42.09 9.87 -25.52
N VAL C 590 41.69 8.81 -24.82
CA VAL C 590 41.02 7.65 -25.45
C VAL C 590 39.64 8.07 -25.95
N LEU C 591 38.92 8.86 -25.15
CA LEU C 591 37.61 9.39 -25.56
C LEU C 591 37.71 10.33 -26.77
N ASN C 592 38.82 11.06 -26.89
CA ASN C 592 39.09 11.86 -28.08
C ASN C 592 39.26 10.98 -29.31
N GLU C 593 40.08 9.94 -29.19
CA GLU C 593 40.24 8.96 -30.27
C GLU C 593 38.92 8.31 -30.70
N VAL C 594 38.04 8.03 -29.72
CA VAL C 594 36.75 7.43 -30.00
C VAL C 594 35.84 8.44 -30.70
N THR C 595 35.77 9.65 -30.15
CA THR C 595 35.00 10.74 -30.75
C THR C 595 35.52 11.08 -32.15
N HIS C 596 36.84 11.11 -32.30
CA HIS C 596 37.50 11.37 -33.58
C HIS C 596 37.05 10.40 -34.67
N TYR C 597 37.08 9.11 -34.38
CA TYR C 597 36.65 8.07 -35.33
C TYR C 597 35.24 8.35 -35.86
N TYR C 598 34.30 8.63 -34.97
CA TYR C 598 32.90 8.84 -35.36
C TYR C 598 32.70 10.12 -36.15
N LEU C 599 33.51 11.14 -35.85
CA LEU C 599 33.40 12.43 -36.52
C LEU C 599 34.20 12.50 -37.83
N THR C 600 35.16 11.59 -38.02
CA THR C 600 35.97 11.56 -39.24
C THR C 600 35.57 10.39 -40.16
N LYS C 601 35.87 9.16 -39.75
CA LYS C 601 35.58 7.97 -40.56
C LYS C 601 34.08 7.74 -40.80
N GLU C 602 33.26 7.91 -39.76
CA GLU C 602 31.82 7.62 -39.84
C GLU C 602 30.98 8.92 -39.89
N LYS C 603 31.51 9.94 -40.55
CA LYS C 603 30.83 11.24 -40.59
C LYS C 603 29.56 11.25 -41.46
N ASN C 604 29.49 10.35 -42.43
CA ASN C 604 28.27 10.20 -43.25
C ASN C 604 27.14 9.45 -42.52
N ASN C 605 27.47 8.70 -41.46
CA ASN C 605 26.47 7.98 -40.66
C ASN C 605 26.17 8.60 -39.28
N VAL C 606 27.21 9.05 -38.56
CA VAL C 606 27.05 9.60 -37.20
C VAL C 606 26.66 11.07 -37.27
N GLU C 607 25.58 11.43 -36.56
CA GLU C 607 25.14 12.83 -36.43
C GLU C 607 25.78 13.48 -35.22
N SER C 608 25.73 12.83 -34.05
CA SER C 608 26.37 13.39 -32.85
C SER C 608 26.94 12.34 -31.90
N VAL C 609 27.94 12.77 -31.14
CA VAL C 609 28.62 11.97 -30.13
C VAL C 609 28.57 12.74 -28.82
N PHE C 610 27.96 12.13 -27.79
CA PHE C 610 27.96 12.69 -26.44
C PHE C 610 28.84 11.82 -25.57
N ALA C 611 30.10 12.24 -25.42
CA ALA C 611 31.09 11.48 -24.66
C ALA C 611 31.14 11.96 -23.21
N VAL C 612 31.23 11.03 -22.28
CA VAL C 612 31.26 11.34 -20.84
C VAL C 612 32.48 10.66 -20.22
N ASN C 613 33.38 11.49 -19.69
CA ASN C 613 34.57 11.03 -18.98
C ASN C 613 34.21 10.91 -17.51
N GLY C 614 34.51 9.77 -16.90
CA GLY C 614 34.27 9.52 -15.48
C GLY C 614 32.99 8.80 -15.14
N PHE C 615 32.26 8.33 -16.15
CA PHE C 615 31.00 7.61 -15.97
C PHE C 615 30.96 6.45 -16.96
N GLY C 616 30.57 5.27 -16.47
CA GLY C 616 30.38 4.08 -17.29
C GLY C 616 29.38 3.12 -16.67
N PHE C 617 29.19 1.97 -17.30
CA PHE C 617 28.31 0.92 -16.78
C PHE C 617 29.06 -0.23 -16.09
N ALA C 618 30.36 -0.40 -16.41
CA ALA C 618 31.22 -1.38 -15.74
C ALA C 618 31.75 -0.90 -14.38
N GLY C 619 31.59 0.39 -14.09
CA GLY C 619 32.04 0.96 -12.82
C GLY C 619 32.00 2.47 -12.85
N ARG C 620 32.89 3.09 -12.07
CA ARG C 620 32.98 4.56 -11.99
C ARG C 620 34.37 4.97 -11.51
N GLY C 621 34.77 6.19 -11.88
CA GLY C 621 36.09 6.72 -11.52
C GLY C 621 36.83 7.27 -12.73
N GLN C 622 38.06 7.72 -12.49
CA GLN C 622 38.86 8.43 -13.50
C GLN C 622 39.18 7.59 -14.74
N ASN C 623 39.33 6.27 -14.56
CA ASN C 623 39.68 5.35 -15.66
C ASN C 623 38.46 4.79 -16.43
N THR C 624 37.35 5.52 -16.43
CA THR C 624 36.09 5.03 -16.97
C THR C 624 35.45 6.11 -17.85
N GLY C 625 34.85 5.69 -18.96
CA GLY C 625 34.12 6.60 -19.84
C GLY C 625 33.12 5.91 -20.73
N ILE C 626 32.23 6.69 -21.33
CA ILE C 626 31.20 6.17 -22.22
C ILE C 626 30.86 7.23 -23.28
N ALA C 627 30.43 6.78 -24.44
CA ALA C 627 30.02 7.67 -25.52
C ALA C 627 28.68 7.25 -26.10
N PHE C 628 27.73 8.18 -26.10
CA PHE C 628 26.41 7.98 -26.67
C PHE C 628 26.47 8.50 -28.09
N VAL C 629 26.25 7.62 -29.06
CA VAL C 629 26.32 7.97 -30.46
C VAL C 629 24.90 7.96 -31.05
N SER C 630 24.52 9.04 -31.71
CA SER C 630 23.26 9.10 -32.47
C SER C 630 23.59 9.19 -33.95
N LEU C 631 23.00 8.29 -34.73
CA LEU C 631 23.19 8.28 -36.17
C LEU C 631 22.24 9.23 -36.87
N LYS C 632 22.56 9.55 -38.12
CA LYS C 632 21.68 10.33 -38.99
C LYS C 632 20.46 9.48 -39.34
N ASP C 633 19.47 10.09 -39.97
CA ASP C 633 18.21 9.39 -40.25
C ASP C 633 18.42 8.17 -41.15
N TRP C 634 17.59 7.15 -40.94
CA TRP C 634 17.66 5.88 -41.68
C TRP C 634 17.63 6.07 -43.20
N ALA C 635 16.81 7.00 -43.68
CA ALA C 635 16.69 7.30 -45.12
C ALA C 635 18.02 7.74 -45.76
N ASP C 636 18.84 8.45 -45.00
CA ASP C 636 20.15 8.92 -45.46
C ASP C 636 21.30 7.91 -45.18
N ARG C 637 20.96 6.68 -44.78
CA ARG C 637 21.96 5.64 -44.51
C ARG C 637 21.56 4.33 -45.23
N PRO C 638 21.41 4.38 -46.56
CA PRO C 638 21.01 3.18 -47.30
C PRO C 638 22.13 2.16 -47.36
N GLY C 639 21.77 0.88 -47.46
CA GLY C 639 22.74 -0.21 -47.54
C GLY C 639 23.10 -0.79 -46.18
N GLU C 640 23.38 -2.08 -46.16
CA GLU C 640 23.68 -2.83 -44.93
C GLU C 640 24.93 -2.32 -44.21
N GLU C 641 25.91 -1.83 -44.97
CA GLU C 641 27.19 -1.35 -44.41
C GLU C 641 27.06 -0.05 -43.57
N ASN C 642 25.95 0.67 -43.75
CA ASN C 642 25.66 1.91 -43.03
C ASN C 642 24.62 1.76 -41.91
N LYS C 643 24.48 0.54 -41.38
CA LYS C 643 23.57 0.25 -40.27
C LYS C 643 24.37 -0.12 -39.03
N VAL C 644 23.70 -0.12 -37.89
CA VAL C 644 24.34 -0.19 -36.56
C VAL C 644 25.23 -1.43 -36.39
N GLU C 645 24.83 -2.56 -36.96
CA GLU C 645 25.61 -3.79 -36.82
C GLU C 645 26.98 -3.63 -37.48
N ALA C 646 26.97 -3.14 -38.72
CA ALA C 646 28.20 -2.90 -39.48
C ALA C 646 29.06 -1.81 -38.83
N ILE C 647 28.43 -0.71 -38.40
CA ILE C 647 29.14 0.44 -37.82
C ILE C 647 29.87 0.05 -36.53
N THR C 648 29.15 -0.61 -35.63
CA THR C 648 29.73 -1.08 -34.36
C THR C 648 30.85 -2.10 -34.54
N MET C 649 30.72 -2.96 -35.55
CA MET C 649 31.74 -3.98 -35.88
C MET C 649 33.03 -3.30 -36.34
N ARG C 650 32.91 -2.39 -37.31
CA ARG C 650 34.05 -1.62 -37.81
C ARG C 650 34.69 -0.76 -36.71
N ALA C 651 33.83 -0.09 -35.93
CA ALA C 651 34.28 0.75 -34.82
C ALA C 651 35.07 -0.04 -33.79
N THR C 652 34.52 -1.17 -33.36
CA THR C 652 35.15 -2.03 -32.36
C THR C 652 36.49 -2.58 -32.86
N ARG C 653 36.51 -3.03 -34.12
CA ARG C 653 37.75 -3.44 -34.80
C ARG C 653 38.77 -2.28 -34.82
N ALA C 654 38.30 -1.09 -35.18
CA ALA C 654 39.16 0.10 -35.20
C ALA C 654 39.74 0.45 -33.83
N PHE C 655 38.92 0.39 -32.78
CA PHE C 655 39.37 0.74 -31.43
C PHE C 655 40.23 -0.31 -30.76
N SER C 656 40.32 -1.52 -31.34
CA SER C 656 41.24 -2.54 -30.84
C SER C 656 42.71 -2.13 -30.96
N GLN C 657 43.02 -1.22 -31.89
CA GLN C 657 44.37 -0.64 -32.03
C GLN C 657 44.74 0.32 -30.89
N ILE C 658 43.76 0.86 -30.17
CA ILE C 658 44.01 1.75 -29.02
C ILE C 658 44.65 0.92 -27.91
N LYS C 659 45.92 1.20 -27.63
CA LYS C 659 46.68 0.46 -26.61
C LYS C 659 46.30 0.95 -25.21
N ASP C 660 46.42 0.04 -24.23
CA ASP C 660 46.09 0.31 -22.83
C ASP C 660 44.68 0.89 -22.65
N ALA C 661 43.70 0.21 -23.24
CA ALA C 661 42.28 0.53 -23.06
C ALA C 661 41.40 -0.56 -23.66
N MET C 662 40.40 -1.00 -22.90
CA MET C 662 39.31 -1.80 -23.43
C MET C 662 38.26 -0.83 -23.97
N VAL C 663 38.01 -0.88 -25.27
CA VAL C 663 37.03 -0.01 -25.92
C VAL C 663 36.15 -0.86 -26.84
N PHE C 664 34.84 -0.82 -26.61
CA PHE C 664 33.89 -1.62 -27.38
C PHE C 664 32.67 -0.78 -27.77
N ALA C 665 32.26 -0.88 -29.03
CA ALA C 665 31.02 -0.27 -29.52
C ALA C 665 30.00 -1.38 -29.72
N PHE C 666 28.78 -1.17 -29.22
CA PHE C 666 27.75 -2.21 -29.21
C PHE C 666 26.36 -1.66 -29.46
N ASN C 667 25.52 -2.49 -30.09
CA ASN C 667 24.11 -2.20 -30.29
C ASN C 667 23.36 -2.37 -28.97
N LEU C 668 22.11 -1.87 -28.92
CA LEU C 668 21.23 -2.09 -27.77
C LEU C 668 20.51 -3.42 -27.88
N PRO C 669 20.15 -4.04 -26.74
CA PRO C 669 19.35 -5.25 -26.78
C PRO C 669 17.87 -4.98 -27.10
N ALA C 670 17.09 -6.05 -27.23
CA ALA C 670 15.65 -5.96 -27.49
C ALA C 670 14.86 -5.35 -26.32
N ILE C 671 15.09 -5.88 -25.11
CA ILE C 671 14.45 -5.36 -23.89
C ILE C 671 15.47 -4.56 -23.07
N VAL C 672 15.44 -3.24 -23.31
CA VAL C 672 16.47 -2.32 -22.81
C VAL C 672 16.57 -2.20 -21.27
N GLU C 673 15.51 -2.59 -20.55
CA GLU C 673 15.49 -2.46 -19.09
C GLU C 673 16.45 -3.40 -18.34
N LEU C 674 16.70 -4.59 -18.89
CA LEU C 674 17.60 -5.57 -18.27
C LEU C 674 19.04 -5.43 -18.72
N GLY C 675 19.21 -5.41 -20.05
CA GLY C 675 20.53 -5.41 -20.67
C GLY C 675 21.00 -4.03 -21.09
N THR C 676 22.27 -3.75 -20.79
CA THR C 676 22.97 -2.58 -21.32
C THR C 676 23.19 -2.73 -22.82
N ALA C 677 23.69 -3.90 -23.22
CA ALA C 677 24.16 -4.16 -24.57
C ALA C 677 23.60 -5.45 -25.13
N THR C 678 23.72 -5.60 -26.45
CA THR C 678 23.33 -6.83 -27.14
C THR C 678 24.28 -7.98 -26.78
N GLY C 679 23.91 -9.18 -27.22
CA GLY C 679 24.69 -10.39 -26.92
C GLY C 679 24.26 -11.04 -25.62
N PHE C 680 25.22 -11.58 -24.87
CA PHE C 680 24.92 -12.39 -23.68
C PHE C 680 25.46 -11.77 -22.39
N ASP C 681 24.87 -12.22 -21.28
CA ASP C 681 25.18 -11.69 -19.95
C ASP C 681 25.48 -12.86 -18.99
N PHE C 682 26.77 -13.15 -18.81
CA PHE C 682 27.24 -14.33 -18.08
C PHE C 682 27.68 -13.92 -16.69
N GLU C 683 27.36 -14.72 -15.69
CA GLU C 683 27.79 -14.49 -14.31
C GLU C 683 28.65 -15.66 -13.88
N LEU C 684 29.93 -15.40 -13.63
CA LEU C 684 30.83 -16.40 -13.06
C LEU C 684 30.76 -16.25 -11.56
N ILE C 685 30.59 -17.36 -10.83
CA ILE C 685 30.26 -17.32 -9.39
C ILE C 685 31.21 -18.19 -8.57
N ASP C 686 31.62 -17.66 -7.41
CA ASP C 686 32.42 -18.38 -6.41
C ASP C 686 31.46 -19.10 -5.48
N GLN C 687 31.29 -20.41 -5.72
CA GLN C 687 30.33 -21.23 -5.00
C GLN C 687 30.92 -22.09 -3.88
N ALA C 688 32.21 -21.92 -3.56
CA ALA C 688 32.90 -22.74 -2.55
C ALA C 688 33.90 -21.98 -1.68
N GLY C 689 33.69 -20.68 -1.50
CA GLY C 689 34.56 -19.85 -0.67
C GLY C 689 36.01 -19.80 -1.11
N LEU C 690 36.23 -19.81 -2.42
CA LEU C 690 37.58 -19.74 -2.99
C LEU C 690 38.26 -18.41 -2.71
N GLY C 691 37.55 -17.32 -2.95
CA GLY C 691 38.06 -15.95 -2.72
C GLY C 691 38.22 -15.17 -4.01
N HIS C 692 38.54 -13.89 -3.87
CA HIS C 692 38.65 -12.96 -5.00
C HIS C 692 39.78 -13.32 -5.99
N GLU C 693 40.98 -13.55 -5.46
CA GLU C 693 42.15 -13.89 -6.27
CA GLU C 693 42.15 -13.87 -6.29
C GLU C 693 41.90 -15.12 -7.13
N LYS C 694 41.37 -16.18 -6.50
CA LYS C 694 41.07 -17.42 -7.22
C LYS C 694 39.89 -17.32 -8.19
N LEU C 695 38.94 -16.43 -7.89
CA LEU C 695 37.84 -16.15 -8.81
C LEU C 695 38.31 -15.33 -10.03
N THR C 696 39.27 -14.43 -9.79
CA THR C 696 39.94 -13.68 -10.89
C THR C 696 40.71 -14.63 -11.81
N GLN C 697 41.43 -15.59 -11.23
CA GLN C 697 42.15 -16.62 -12.01
C GLN C 697 41.22 -17.43 -12.88
N ALA C 698 40.13 -17.92 -12.30
CA ALA C 698 39.10 -18.65 -13.02
C ALA C 698 38.50 -17.84 -14.18
N ARG C 699 38.22 -16.56 -13.94
CA ARG C 699 37.71 -15.65 -14.97
C ARG C 699 38.70 -15.54 -16.13
N ASN C 700 39.96 -15.28 -15.82
CA ASN C 700 41.02 -15.14 -16.83
C ASN C 700 41.19 -16.41 -17.68
N GLN C 701 41.07 -17.56 -17.03
CA GLN C 701 41.11 -18.86 -17.69
C GLN C 701 39.94 -19.02 -18.68
N LEU C 702 38.75 -18.60 -18.26
CA LEU C 702 37.57 -18.62 -19.14
C LEU C 702 37.72 -17.66 -20.32
N LEU C 703 38.18 -16.44 -20.03
CA LEU C 703 38.43 -15.43 -21.06
C LEU C 703 39.49 -15.88 -22.08
N ALA C 704 40.55 -16.53 -21.60
CA ALA C 704 41.61 -17.08 -22.46
C ALA C 704 41.09 -18.16 -23.40
N GLU C 705 40.37 -19.12 -22.84
CA GLU C 705 39.73 -20.20 -23.63
C GLU C 705 38.68 -19.68 -24.62
N ALA C 706 37.94 -18.64 -24.22
CA ALA C 706 36.96 -18.00 -25.08
C ALA C 706 37.60 -17.32 -26.29
N ALA C 707 38.75 -16.67 -26.07
CA ALA C 707 39.53 -16.01 -27.13
C ALA C 707 40.01 -16.97 -28.25
N LYS C 708 40.20 -18.24 -27.91
CA LYS C 708 40.55 -19.27 -28.88
C LYS C 708 39.42 -19.65 -29.85
N HIS C 709 38.19 -19.19 -29.59
CA HIS C 709 37.05 -19.40 -30.49
C HIS C 709 36.52 -18.07 -31.05
N PRO C 710 37.32 -17.36 -31.87
CA PRO C 710 36.84 -16.12 -32.48
C PRO C 710 35.74 -16.33 -33.52
N ASP C 711 35.64 -17.54 -34.06
CA ASP C 711 34.54 -17.92 -34.96
C ASP C 711 33.17 -17.96 -34.30
N MET C 712 33.13 -18.13 -32.97
CA MET C 712 31.88 -18.15 -32.20
C MET C 712 31.66 -16.92 -31.32
N LEU C 713 32.69 -16.51 -30.57
CA LEU C 713 32.58 -15.43 -29.59
C LEU C 713 33.41 -14.20 -29.99
N THR C 714 32.81 -13.01 -29.91
CA THR C 714 33.54 -11.75 -30.10
C THR C 714 33.14 -10.71 -29.05
N SER C 715 34.05 -9.77 -28.79
CA SER C 715 33.91 -8.72 -27.77
C SER C 715 33.59 -9.29 -26.38
N VAL C 716 34.28 -10.36 -26.03
CA VAL C 716 34.11 -10.98 -24.72
C VAL C 716 34.95 -10.17 -23.73
N ARG C 717 34.29 -9.52 -22.77
CA ARG C 717 34.95 -8.71 -21.75
C ARG C 717 34.28 -8.84 -20.38
N PRO C 718 35.04 -8.61 -19.29
CA PRO C 718 34.38 -8.50 -17.99
C PRO C 718 33.72 -7.14 -17.87
N ASN C 719 32.55 -7.10 -17.21
CA ASN C 719 31.86 -5.84 -16.93
C ASN C 719 32.22 -5.45 -15.50
N GLY C 720 33.49 -5.15 -15.31
CA GLY C 720 34.05 -4.88 -14.00
C GLY C 720 35.47 -4.37 -14.08
N LEU C 721 36.00 -3.92 -12.94
CA LEU C 721 37.31 -3.29 -12.87
C LEU C 721 38.34 -4.26 -12.35
N GLU C 722 39.60 -4.06 -12.75
CA GLU C 722 40.71 -4.87 -12.24
C GLU C 722 41.16 -4.37 -10.89
N ASP C 723 41.98 -5.18 -10.22
CA ASP C 723 42.57 -4.81 -8.93
C ASP C 723 43.43 -3.55 -9.09
N THR C 724 43.39 -2.69 -8.09
CA THR C 724 44.11 -1.41 -8.09
C THR C 724 45.15 -1.35 -6.97
N PRO C 725 46.27 -0.67 -7.20
CA PRO C 725 47.20 -0.41 -6.09
C PRO C 725 46.63 0.65 -5.14
N GLN C 726 46.76 0.42 -3.84
CA GLN C 726 46.22 1.29 -2.80
C GLN C 726 47.35 1.86 -1.95
N PHE C 727 47.24 3.13 -1.58
CA PHE C 727 48.22 3.79 -0.72
C PHE C 727 47.77 3.69 0.75
N LYS C 728 48.45 2.83 1.51
CA LYS C 728 48.07 2.52 2.90
C LYS C 728 48.90 3.33 3.89
N ILE C 729 48.32 4.45 4.36
CA ILE C 729 48.95 5.26 5.42
C ILE C 729 48.59 4.72 6.80
N ASP C 730 49.59 4.63 7.68
CA ASP C 730 49.45 4.09 9.04
C ASP C 730 49.79 5.17 10.07
N ILE C 731 48.77 5.63 10.80
CA ILE C 731 48.96 6.62 11.86
C ILE C 731 49.45 5.92 13.13
N ASP C 732 50.52 6.43 13.73
CA ASP C 732 51.05 5.93 15.00
C ASP C 732 50.48 6.78 16.13
N GLN C 733 49.47 6.25 16.83
CA GLN C 733 48.76 7.01 17.87
C GLN C 733 49.55 7.24 19.15
N GLU C 734 50.49 6.34 19.45
CA GLU C 734 51.37 6.50 20.62
C GLU C 734 52.41 7.61 20.40
N LYS C 735 53.00 7.65 19.20
CA LYS C 735 53.89 8.77 18.80
C LYS C 735 53.14 10.11 18.79
N ALA C 736 51.90 10.10 18.32
CA ALA C 736 51.04 11.28 18.34
C ALA C 736 50.71 11.74 19.75
N GLN C 737 50.36 10.80 20.63
CA GLN C 737 50.06 11.10 22.04
C GLN C 737 51.30 11.57 22.81
N ALA C 738 52.48 11.07 22.43
CA ALA C 738 53.75 11.55 22.96
C ALA C 738 54.03 13.01 22.56
N LEU C 739 53.79 13.34 21.29
CA LEU C 739 53.96 14.72 20.78
C LEU C 739 52.78 15.67 21.10
N GLY C 740 51.69 15.13 21.66
CA GLY C 740 50.61 15.95 22.19
C GLY C 740 49.59 16.41 21.17
N VAL C 741 49.37 15.59 20.13
CA VAL C 741 48.41 15.90 19.06
C VAL C 741 47.23 14.94 19.12
N SER C 742 46.02 15.48 18.93
CA SER C 742 44.80 14.69 18.99
C SER C 742 44.65 13.81 17.75
N ILE C 743 44.04 12.64 17.93
CA ILE C 743 43.81 11.69 16.83
C ILE C 743 42.63 12.15 15.97
N ASN C 744 41.70 12.91 16.59
CA ASN C 744 40.60 13.53 15.86
C ASN C 744 41.10 14.65 14.95
N ASP C 745 42.11 15.40 15.41
CA ASP C 745 42.75 16.44 14.60
C ASP C 745 43.53 15.85 13.42
N ILE C 746 44.21 14.72 13.64
CA ILE C 746 44.92 14.00 12.57
C ILE C 746 43.95 13.48 11.52
N ASN C 747 42.94 12.74 11.97
CA ASN C 747 41.93 12.13 11.09
C ASN C 747 41.16 13.17 10.27
N THR C 748 40.81 14.29 10.90
CA THR C 748 40.10 15.38 10.23
C THR C 748 40.99 16.11 9.24
N THR C 749 42.26 16.33 9.60
CA THR C 749 43.21 17.00 8.72
C THR C 749 43.46 16.18 7.44
N LEU C 750 43.80 14.90 7.62
CA LEU C 750 44.05 13.99 6.49
C LEU C 750 42.83 13.84 5.59
N GLY C 751 41.66 13.64 6.20
CA GLY C 751 40.41 13.45 5.47
C GLY C 751 39.94 14.71 4.77
N ALA C 752 40.00 15.83 5.48
CA ALA C 752 39.60 17.12 4.91
C ALA C 752 40.48 17.51 3.74
N ALA C 753 41.79 17.30 3.88
CA ALA C 753 42.77 17.69 2.86
C ALA C 753 42.67 16.84 1.60
N TRP C 754 42.86 15.53 1.75
CA TRP C 754 43.01 14.62 0.62
C TRP C 754 41.70 14.12 0.01
N GLY C 755 40.68 13.91 0.85
CA GLY C 755 39.37 13.43 0.39
C GLY C 755 38.35 14.52 0.16
N GLY C 756 38.54 15.67 0.80
CA GLY C 756 37.51 16.71 0.85
C GLY C 756 36.58 16.47 2.03
N SER C 757 35.82 17.50 2.39
CA SER C 757 34.92 17.38 3.55
C SER C 757 33.73 18.34 3.46
N TYR C 758 32.54 17.76 3.40
CA TYR C 758 31.29 18.50 3.42
C TYR C 758 31.09 19.07 4.82
N VAL C 759 31.05 20.40 4.93
CA VAL C 759 30.99 21.10 6.22
C VAL C 759 29.55 21.40 6.58
N ASN C 760 28.89 22.17 5.72
CA ASN C 760 27.49 22.58 5.92
C ASN C 760 26.96 23.17 4.61
N ASP C 761 25.74 23.69 4.62
CA ASP C 761 25.15 24.30 3.43
C ASP C 761 25.31 25.82 3.41
N PHE C 762 25.06 26.40 2.23
CA PHE C 762 25.04 27.84 2.01
C PHE C 762 24.01 28.14 0.91
N ILE C 763 23.70 29.41 0.69
CA ILE C 763 22.67 29.78 -0.30
C ILE C 763 23.28 30.50 -1.50
N ASP C 764 23.27 29.83 -2.66
CA ASP C 764 23.75 30.40 -3.91
C ASP C 764 22.52 30.81 -4.75
N ARG C 765 22.25 32.11 -4.80
CA ARG C 765 21.20 32.69 -5.65
C ARG C 765 19.83 32.04 -5.42
N GLY C 766 19.44 31.98 -4.14
CA GLY C 766 18.15 31.40 -3.74
C GLY C 766 18.14 29.90 -3.41
N ARG C 767 19.12 29.15 -3.89
CA ARG C 767 19.13 27.70 -3.76
C ARG C 767 20.17 27.22 -2.75
N VAL C 768 19.79 26.23 -1.94
CA VAL C 768 20.69 25.62 -0.97
C VAL C 768 21.70 24.79 -1.76
N LYS C 769 22.98 24.96 -1.44
CA LYS C 769 24.07 24.16 -2.01
C LYS C 769 25.09 23.87 -0.92
N LYS C 770 26.04 23.00 -1.21
CA LYS C 770 26.98 22.50 -0.21
C LYS C 770 28.23 23.38 -0.09
N VAL C 771 28.95 23.22 1.02
CA VAL C 771 30.24 23.86 1.24
C VAL C 771 31.26 22.75 1.48
N TYR C 772 32.34 22.75 0.71
CA TYR C 772 33.40 21.76 0.85
C TYR C 772 34.72 22.43 1.22
N VAL C 773 35.47 21.79 2.13
CA VAL C 773 36.87 22.15 2.38
C VAL C 773 37.76 21.00 1.90
N MET C 774 38.76 21.35 1.11
CA MET C 774 39.69 20.38 0.56
C MET C 774 41.02 21.07 0.32
N SER C 775 42.08 20.29 0.21
CA SER C 775 43.37 20.83 -0.18
C SER C 775 43.32 21.31 -1.63
N GLU C 776 44.07 22.37 -1.94
CA GLU C 776 44.29 22.78 -3.33
C GLU C 776 45.04 21.66 -4.05
N ALA C 777 44.72 21.44 -5.33
CA ALA C 777 45.19 20.27 -6.09
C ALA C 777 46.66 19.92 -5.87
N LYS C 778 47.53 20.91 -6.00
CA LYS C 778 48.99 20.66 -5.99
C LYS C 778 49.57 20.11 -4.68
N TYR C 779 48.87 20.31 -3.56
CA TYR C 779 49.32 19.75 -2.27
C TYR C 779 48.74 18.35 -1.93
N ARG C 780 48.01 17.73 -2.87
CA ARG C 780 47.42 16.39 -2.66
C ARG C 780 47.60 15.45 -3.86
N MET C 781 48.71 15.61 -4.59
CA MET C 781 49.00 14.81 -5.79
C MET C 781 49.93 13.65 -5.51
N LEU C 782 51.02 13.90 -4.78
CA LEU C 782 52.11 12.93 -4.63
C LEU C 782 52.15 12.33 -3.22
N PRO C 783 52.66 11.10 -3.09
CA PRO C 783 52.87 10.47 -1.77
C PRO C 783 53.61 11.32 -0.75
N ASP C 784 54.67 12.02 -1.17
CA ASP C 784 55.48 12.84 -0.27
C ASP C 784 54.78 14.13 0.22
N ASP C 785 53.74 14.56 -0.48
CA ASP C 785 52.92 15.71 -0.03
C ASP C 785 52.21 15.49 1.32
N ILE C 786 52.08 14.22 1.75
CA ILE C 786 51.53 13.85 3.07
C ILE C 786 52.25 14.58 4.21
N GLY C 787 53.57 14.54 4.20
CA GLY C 787 54.40 15.19 5.23
C GLY C 787 54.37 16.70 5.30
N ASP C 788 53.84 17.36 4.25
CA ASP C 788 53.66 18.82 4.24
C ASP C 788 52.45 19.31 5.06
N TRP C 789 51.61 18.39 5.56
CA TRP C 789 50.47 18.75 6.40
C TRP C 789 50.83 18.74 7.88
N TYR C 790 50.48 19.83 8.57
CA TYR C 790 50.82 20.02 9.98
C TYR C 790 49.56 20.06 10.84
N VAL C 791 49.68 19.50 12.05
CA VAL C 791 48.62 19.49 13.06
C VAL C 791 49.14 20.24 14.30
N ARG C 792 48.26 21.03 14.94
CA ARG C 792 48.63 21.78 16.14
C ARG C 792 48.50 20.90 17.39
N ALA C 793 49.58 20.82 18.18
CA ALA C 793 49.57 20.10 19.45
C ALA C 793 49.01 20.96 20.56
N ALA C 794 48.70 20.34 21.70
CA ALA C 794 48.15 21.05 22.87
C ALA C 794 49.10 22.16 23.39
N ASP C 795 50.40 21.91 23.30
CA ASP C 795 51.43 22.90 23.72
C ASP C 795 51.69 24.04 22.70
N GLY C 796 51.03 24.00 21.54
CA GLY C 796 51.11 25.09 20.55
C GLY C 796 51.95 24.79 19.32
N GLN C 797 52.93 23.90 19.44
CA GLN C 797 53.81 23.52 18.31
C GLN C 797 53.06 22.81 17.20
N MET C 798 53.49 23.06 15.96
CA MET C 798 52.97 22.38 14.78
C MET C 798 53.83 21.14 14.50
N VAL C 799 53.17 20.01 14.28
CA VAL C 799 53.83 18.72 14.08
C VAL C 799 53.45 18.18 12.71
N PRO C 800 54.44 17.88 11.85
CA PRO C 800 54.12 17.32 10.53
C PRO C 800 53.71 15.85 10.59
N PHE C 801 52.96 15.40 9.59
CA PHE C 801 52.54 13.99 9.48
C PHE C 801 53.72 13.01 9.49
N SER C 802 54.85 13.42 8.94
CA SER C 802 56.09 12.63 8.93
C SER C 802 56.54 12.18 10.34
N ALA C 803 56.26 13.00 11.35
CA ALA C 803 56.61 12.69 12.74
C ALA C 803 55.83 11.52 13.36
N PHE C 804 54.64 11.20 12.83
CA PHE C 804 53.78 10.17 13.41
C PHE C 804 53.11 9.22 12.41
N SER C 805 53.68 9.08 11.21
CA SER C 805 53.08 8.21 10.18
C SER C 805 54.09 7.58 9.23
N SER C 806 53.69 6.45 8.65
CA SER C 806 54.45 5.75 7.61
C SER C 806 53.47 5.23 6.56
N SER C 807 53.99 4.82 5.41
CA SER C 807 53.14 4.35 4.31
C SER C 807 53.70 3.13 3.59
N ARG C 808 52.84 2.52 2.79
CA ARG C 808 53.19 1.36 1.96
C ARG C 808 52.07 1.12 0.94
N TRP C 809 52.35 0.26 -0.04
CA TRP C 809 51.41 0.00 -1.12
C TRP C 809 50.75 -1.37 -0.99
N GLU C 810 49.47 -1.39 -0.64
CA GLU C 810 48.65 -2.60 -0.64
C GLU C 810 48.06 -2.81 -2.04
N TYR C 811 47.39 -3.95 -2.20
CA TYR C 811 46.67 -4.30 -3.43
C TYR C 811 45.24 -4.70 -3.03
N GLY C 812 44.24 -4.21 -3.78
CA GLY C 812 42.84 -4.52 -3.48
C GLY C 812 41.89 -4.18 -4.61
N SER C 813 40.68 -4.74 -4.54
CA SER C 813 39.67 -4.53 -5.58
C SER C 813 39.00 -3.16 -5.39
N PRO C 814 38.82 -2.38 -6.48
CA PRO C 814 37.97 -1.19 -6.47
C PRO C 814 36.49 -1.47 -6.78
N ARG C 815 36.13 -2.71 -7.13
CA ARG C 815 34.73 -3.08 -7.38
C ARG C 815 34.51 -4.58 -7.22
N LEU C 816 33.92 -4.96 -6.08
CA LEU C 816 33.57 -6.36 -5.80
C LEU C 816 32.11 -6.58 -6.16
N GLU C 817 31.83 -7.63 -6.93
CA GLU C 817 30.46 -7.95 -7.36
C GLU C 817 29.95 -9.19 -6.65
N ARG C 818 28.63 -9.32 -6.56
CA ARG C 818 27.99 -10.52 -5.99
C ARG C 818 26.73 -10.87 -6.77
N TYR C 819 26.46 -12.17 -6.90
CA TYR C 819 25.26 -12.65 -7.58
C TYR C 819 24.57 -13.71 -6.73
N ASN C 820 23.27 -13.53 -6.48
CA ASN C 820 22.50 -14.35 -5.54
C ASN C 820 23.29 -14.63 -4.26
N GLY C 821 23.81 -13.57 -3.67
CA GLY C 821 24.47 -13.63 -2.36
C GLY C 821 25.92 -14.08 -2.33
N LEU C 822 26.48 -14.47 -3.48
CA LEU C 822 27.82 -15.05 -3.53
C LEU C 822 28.75 -14.22 -4.42
N PRO C 823 30.08 -14.23 -4.13
CA PRO C 823 31.02 -13.47 -4.97
C PRO C 823 30.95 -13.88 -6.43
N SER C 824 30.99 -12.88 -7.32
CA SER C 824 30.75 -13.12 -8.73
C SER C 824 31.50 -12.14 -9.61
N MET C 825 31.58 -12.46 -10.90
CA MET C 825 32.13 -11.57 -11.91
C MET C 825 31.30 -11.66 -13.18
N GLU C 826 30.64 -10.56 -13.53
CA GLU C 826 29.83 -10.49 -14.74
C GLU C 826 30.74 -10.45 -15.97
N ILE C 827 30.37 -11.19 -17.01
CA ILE C 827 31.10 -11.20 -18.27
C ILE C 827 30.10 -10.98 -19.39
N LEU C 828 30.36 -10.00 -20.24
CA LEU C 828 29.52 -9.72 -21.40
C LEU C 828 30.22 -10.22 -22.66
N GLY C 829 29.48 -10.22 -23.77
CA GLY C 829 30.01 -10.74 -25.02
C GLY C 829 28.92 -10.90 -26.07
N GLN C 830 29.35 -11.18 -27.31
CA GLN C 830 28.46 -11.34 -28.44
C GLN C 830 28.74 -12.64 -29.18
N ALA C 831 27.75 -13.12 -29.92
CA ALA C 831 27.95 -14.17 -30.88
C ALA C 831 28.67 -13.57 -32.08
N ALA C 832 29.57 -14.33 -32.69
CA ALA C 832 30.35 -13.85 -33.83
C ALA C 832 29.42 -13.75 -35.03
N PRO C 833 29.78 -12.92 -36.04
CA PRO C 833 28.90 -12.75 -37.20
C PRO C 833 28.58 -14.10 -37.85
N GLY C 834 27.30 -14.32 -38.19
CA GLY C 834 26.84 -15.60 -38.72
C GLY C 834 26.31 -16.57 -37.68
N LYS C 835 26.79 -16.45 -36.44
CA LYS C 835 26.34 -17.30 -35.32
C LYS C 835 25.23 -16.60 -34.53
N SER C 836 24.54 -17.39 -33.69
CA SER C 836 23.45 -16.89 -32.85
C SER C 836 23.86 -16.82 -31.38
N THR C 837 23.08 -16.06 -30.60
CA THR C 837 23.28 -15.97 -29.14
C THR C 837 23.13 -17.32 -28.45
N GLY C 838 22.22 -18.16 -28.95
CA GLY C 838 22.03 -19.52 -28.46
C GLY C 838 23.28 -20.38 -28.61
N GLU C 839 23.92 -20.30 -29.76
CA GLU C 839 25.19 -21.01 -30.00
C GLU C 839 26.29 -20.47 -29.09
N ALA C 840 26.39 -19.15 -28.98
CA ALA C 840 27.34 -18.50 -28.08
C ALA C 840 27.14 -18.91 -26.62
N MET C 841 25.89 -18.98 -26.19
CA MET C 841 25.56 -19.46 -24.85
C MET C 841 26.03 -20.91 -24.64
N GLU C 842 25.74 -21.78 -25.62
CA GLU C 842 26.14 -23.19 -25.56
C GLU C 842 27.65 -23.37 -25.36
N LEU C 843 28.44 -22.65 -26.15
CA LEU C 843 29.90 -22.72 -26.04
C LEU C 843 30.38 -22.21 -24.68
N MET C 844 29.84 -21.06 -24.25
CA MET C 844 30.19 -20.50 -22.93
C MET C 844 29.93 -21.48 -21.79
N GLU C 845 28.84 -22.25 -21.87
CA GLU C 845 28.54 -23.30 -20.88
C GLU C 845 29.56 -24.44 -20.91
N GLN C 846 29.93 -24.88 -22.12
CA GLN C 846 30.95 -25.93 -22.31
C GLN C 846 32.32 -25.50 -21.75
N LEU C 847 32.70 -24.26 -22.05
CA LEU C 847 33.95 -23.70 -21.54
C LEU C 847 33.90 -23.57 -20.02
N ALA C 848 32.76 -23.15 -19.49
CA ALA C 848 32.57 -22.96 -18.05
C ALA C 848 32.64 -24.26 -17.24
N SER C 849 32.30 -25.39 -17.86
CA SER C 849 32.39 -26.71 -17.21
C SER C 849 33.83 -27.17 -16.96
N LYS C 850 34.78 -26.65 -17.74
CA LYS C 850 36.21 -26.99 -17.59
C LYS C 850 36.90 -26.24 -16.44
N LEU C 851 36.21 -25.30 -15.80
CA LEU C 851 36.81 -24.42 -14.79
C LEU C 851 36.99 -25.16 -13.47
N PRO C 852 37.85 -24.65 -12.55
CA PRO C 852 38.10 -25.32 -11.27
C PRO C 852 36.85 -25.64 -10.43
N THR C 853 36.98 -26.64 -9.56
CA THR C 853 35.88 -27.07 -8.70
C THR C 853 35.59 -25.97 -7.66
N GLY C 854 34.31 -25.60 -7.55
CA GLY C 854 33.89 -24.47 -6.72
C GLY C 854 33.46 -23.25 -7.52
N VAL C 855 33.88 -23.16 -8.79
CA VAL C 855 33.50 -22.06 -9.67
C VAL C 855 32.32 -22.50 -10.54
N GLY C 856 31.15 -21.90 -10.29
CA GLY C 856 29.95 -22.13 -11.09
C GLY C 856 29.57 -20.91 -11.90
N TYR C 857 28.40 -20.95 -12.52
CA TYR C 857 27.91 -19.85 -13.33
C TYR C 857 26.40 -19.74 -13.39
N ASP C 858 25.91 -18.68 -14.02
CA ASP C 858 24.48 -18.52 -14.30
C ASP C 858 24.27 -17.47 -15.39
N TRP C 859 23.16 -17.58 -16.11
CA TRP C 859 22.76 -16.59 -17.11
C TRP C 859 21.80 -15.60 -16.46
N THR C 860 22.08 -14.30 -16.63
CA THR C 860 21.28 -13.24 -16.03
C THR C 860 20.70 -12.32 -17.10
N GLY C 861 19.84 -11.40 -16.65
CA GLY C 861 19.25 -10.40 -17.50
C GLY C 861 18.65 -10.95 -18.78
N MET C 862 19.34 -10.68 -19.87
CA MET C 862 18.85 -10.96 -21.22
C MET C 862 18.99 -12.44 -21.58
N SER C 863 20.10 -13.05 -21.16
CA SER C 863 20.35 -14.48 -21.37
C SER C 863 19.46 -15.36 -20.48
N TYR C 864 19.13 -14.87 -19.28
CA TYR C 864 18.15 -15.53 -18.41
C TYR C 864 16.83 -15.72 -19.14
N GLN C 865 16.32 -14.65 -19.74
CA GLN C 865 15.06 -14.69 -20.50
C GLN C 865 15.13 -15.61 -21.72
N GLU C 866 16.28 -15.62 -22.39
CA GLU C 866 16.52 -16.48 -23.56
C GLU C 866 16.50 -17.96 -23.20
N ARG C 867 17.19 -18.32 -22.11
CA ARG C 867 17.19 -19.68 -21.56
C ARG C 867 15.77 -20.14 -21.28
N LEU C 868 15.05 -19.30 -20.52
CA LEU C 868 13.66 -19.55 -20.14
C LEU C 868 12.78 -19.79 -21.37
N SER C 869 12.92 -18.92 -22.37
CA SER C 869 12.12 -18.99 -23.61
C SER C 869 12.24 -20.33 -24.33
N GLY C 870 13.45 -20.86 -24.40
CA GLY C 870 13.72 -22.15 -25.04
C GLY C 870 13.31 -23.34 -24.20
N ASN C 871 13.54 -23.26 -22.89
CA ASN C 871 13.17 -24.32 -21.96
C ASN C 871 11.68 -24.66 -21.99
N GLN C 872 10.83 -23.64 -22.12
CA GLN C 872 9.36 -23.81 -22.05
C GLN C 872 8.66 -24.04 -23.40
N ALA C 873 9.38 -23.88 -24.51
CA ALA C 873 8.77 -24.02 -25.85
C ALA C 873 8.23 -25.43 -26.17
N PRO C 874 8.94 -26.51 -25.77
CA PRO C 874 8.40 -27.87 -25.98
C PRO C 874 7.05 -28.11 -25.31
N SER C 875 6.90 -27.67 -24.07
CA SER C 875 5.64 -27.75 -23.33
C SER C 875 4.54 -26.92 -24.01
N LEU C 876 4.90 -25.74 -24.49
CA LEU C 876 3.98 -24.87 -25.20
C LEU C 876 3.41 -25.53 -26.47
N TYR C 877 4.28 -26.22 -27.21
CA TYR C 877 3.86 -26.94 -28.42
C TYR C 877 3.02 -28.17 -28.06
N ALA C 878 3.50 -28.97 -27.12
CA ALA C 878 2.79 -30.17 -26.67
C ALA C 878 1.35 -29.88 -26.23
N ILE C 879 1.20 -28.86 -25.37
CA ILE C 879 -0.10 -28.46 -24.84
C ILE C 879 -1.01 -27.87 -25.93
N SER C 880 -0.44 -27.03 -26.79
CA SER C 880 -1.20 -26.41 -27.90
C SER C 880 -1.73 -27.42 -28.90
N LEU C 881 -0.97 -28.50 -29.14
CA LEU C 881 -1.41 -29.60 -30.01
C LEU C 881 -2.52 -30.42 -29.36
N ILE C 882 -2.35 -30.73 -28.07
CA ILE C 882 -3.37 -31.45 -27.30
C ILE C 882 -4.68 -30.64 -27.24
N VAL C 883 -4.58 -29.33 -27.03
CA VAL C 883 -5.76 -28.47 -26.97
C VAL C 883 -6.51 -28.38 -28.31
N VAL C 884 -5.77 -28.26 -29.42
CA VAL C 884 -6.39 -28.20 -30.76
C VAL C 884 -7.07 -29.53 -31.12
N PHE C 885 -6.40 -30.64 -30.80
CA PHE C 885 -6.96 -31.99 -30.98
C PHE C 885 -8.30 -32.18 -30.27
N LEU C 886 -8.34 -31.83 -28.99
CA LEU C 886 -9.53 -32.02 -28.15
C LEU C 886 -10.68 -31.08 -28.56
N CYS C 887 -10.34 -29.83 -28.86
CA CYS C 887 -11.31 -28.87 -29.42
C CYS C 887 -11.98 -29.41 -30.69
N LEU C 888 -11.20 -30.05 -31.55
CA LEU C 888 -11.73 -30.65 -32.78
C LEU C 888 -12.59 -31.87 -32.48
N ALA C 889 -12.11 -32.73 -31.59
CA ALA C 889 -12.87 -33.92 -31.17
C ALA C 889 -14.24 -33.56 -30.62
N ALA C 890 -14.30 -32.52 -29.80
CA ALA C 890 -15.56 -32.03 -29.24
C ALA C 890 -16.46 -31.39 -30.31
N LEU C 891 -15.86 -30.59 -31.20
CA LEU C 891 -16.61 -29.88 -32.23
C LEU C 891 -17.27 -30.83 -33.23
N TYR C 892 -16.49 -31.74 -33.77
CA TYR C 892 -16.94 -32.67 -34.80
C TYR C 892 -17.36 -34.06 -34.28
N GLU C 893 -17.38 -34.23 -32.95
CA GLU C 893 -17.87 -35.45 -32.31
C GLU C 893 -17.20 -36.68 -32.93
N SER C 894 -15.87 -36.70 -32.82
CA SER C 894 -15.07 -37.71 -33.50
C SER C 894 -13.69 -37.83 -32.88
N TRP C 895 -13.04 -38.98 -33.12
CA TRP C 895 -11.60 -39.15 -32.87
C TRP C 895 -10.81 -39.26 -34.18
N SER C 896 -11.42 -39.81 -35.22
CA SER C 896 -10.79 -39.96 -36.54
C SER C 896 -10.63 -38.61 -37.27
N ILE C 897 -11.64 -37.75 -37.18
CA ILE C 897 -11.58 -36.42 -37.83
C ILE C 897 -10.47 -35.55 -37.21
N PRO C 898 -10.34 -35.52 -35.87
CA PRO C 898 -9.17 -34.91 -35.24
C PRO C 898 -7.84 -35.51 -35.65
N PHE C 899 -7.70 -36.83 -35.56
CA PHE C 899 -6.42 -37.50 -35.86
C PHE C 899 -6.03 -37.38 -37.35
N SER C 900 -7.02 -37.36 -38.24
CA SER C 900 -6.80 -37.08 -39.66
C SER C 900 -6.23 -35.67 -39.87
N VAL C 901 -6.83 -34.70 -39.20
CA VAL C 901 -6.40 -33.30 -39.27
C VAL C 901 -5.00 -33.12 -38.68
N MET C 902 -4.78 -33.57 -37.45
CA MET C 902 -3.51 -33.32 -36.73
C MET C 902 -2.25 -33.87 -37.41
N LEU C 903 -2.39 -34.88 -38.27
CA LEU C 903 -1.26 -35.36 -39.10
C LEU C 903 -0.75 -34.34 -40.13
N VAL C 904 -1.55 -33.32 -40.45
CA VAL C 904 -1.15 -32.24 -41.36
C VAL C 904 -0.09 -31.29 -40.78
N VAL C 905 0.09 -31.28 -39.46
CA VAL C 905 0.98 -30.31 -38.78
C VAL C 905 2.43 -30.32 -39.29
N PRO C 906 3.06 -31.52 -39.42
CA PRO C 906 4.40 -31.59 -40.02
C PRO C 906 4.54 -30.99 -41.42
N LEU C 907 3.47 -31.06 -42.22
CA LEU C 907 3.48 -30.46 -43.57
C LEU C 907 3.66 -28.94 -43.53
N GLY C 908 3.18 -28.29 -42.47
CA GLY C 908 3.42 -26.86 -42.25
C GLY C 908 4.75 -26.56 -41.56
N VAL C 909 5.09 -27.35 -40.54
CA VAL C 909 6.30 -27.09 -39.74
C VAL C 909 7.57 -27.22 -40.59
N ILE C 910 7.58 -28.17 -41.52
CA ILE C 910 8.70 -28.34 -42.45
C ILE C 910 8.93 -27.04 -43.25
N GLY C 911 7.86 -26.42 -43.74
CA GLY C 911 7.97 -25.21 -44.55
C GLY C 911 8.41 -23.97 -43.78
N ALA C 912 8.00 -23.88 -42.51
CA ALA C 912 8.49 -22.84 -41.62
C ALA C 912 9.97 -23.02 -41.31
N LEU C 913 10.37 -24.24 -40.99
CA LEU C 913 11.79 -24.56 -40.79
C LEU C 913 12.63 -24.35 -42.05
N LEU C 914 12.08 -24.68 -43.23
CA LEU C 914 12.77 -24.46 -44.49
C LEU C 914 12.98 -22.98 -44.75
N ALA C 915 11.92 -22.19 -44.63
CA ALA C 915 11.98 -20.73 -44.89
C ALA C 915 12.95 -20.01 -43.95
N ALA C 916 12.94 -20.38 -42.67
CA ALA C 916 13.88 -19.82 -41.70
C ALA C 916 15.33 -20.20 -42.01
N THR C 917 15.54 -21.46 -42.36
CA THR C 917 16.90 -21.97 -42.63
C THR C 917 17.53 -21.35 -43.89
N PHE C 918 16.77 -21.21 -44.96
CA PHE C 918 17.27 -20.61 -46.21
C PHE C 918 17.30 -19.07 -46.22
N ARG C 919 16.52 -18.43 -45.35
CA ARG C 919 16.61 -16.97 -45.17
C ARG C 919 17.69 -16.60 -44.12
N GLY C 920 18.22 -17.58 -43.40
CA GLY C 920 19.29 -17.36 -42.43
C GLY C 920 18.82 -16.87 -41.06
N LEU C 921 17.52 -17.02 -40.76
CA LEU C 921 16.96 -16.60 -39.48
C LEU C 921 17.13 -17.70 -38.44
N THR C 922 16.80 -17.38 -37.19
CA THR C 922 16.95 -18.30 -36.05
C THR C 922 15.62 -18.75 -35.47
N ASN C 923 15.69 -19.72 -34.57
CA ASN C 923 14.56 -20.18 -33.78
C ASN C 923 14.39 -19.20 -32.60
N ASP C 924 13.69 -18.10 -32.86
CA ASP C 924 13.50 -17.01 -31.89
C ASP C 924 12.05 -16.97 -31.36
N VAL C 925 11.78 -16.02 -30.47
CA VAL C 925 10.43 -15.84 -29.89
C VAL C 925 9.38 -15.66 -31.00
N TYR C 926 9.73 -14.92 -32.04
CA TYR C 926 8.83 -14.70 -33.18
C TYR C 926 8.58 -15.99 -34.00
N PHE C 927 9.59 -16.85 -34.10
CA PHE C 927 9.44 -18.15 -34.77
C PHE C 927 8.54 -19.10 -33.98
N GLN C 928 8.73 -19.13 -32.65
CA GLN C 928 7.87 -19.90 -31.75
C GLN C 928 6.39 -19.56 -31.95
N VAL C 929 6.09 -18.27 -32.08
CA VAL C 929 4.74 -17.82 -32.41
C VAL C 929 4.35 -18.33 -33.81
N GLY C 930 5.29 -18.26 -34.75
CA GLY C 930 5.09 -18.76 -36.10
C GLY C 930 4.76 -20.23 -36.19
N LEU C 931 5.45 -21.06 -35.40
CA LEU C 931 5.17 -22.50 -35.34
C LEU C 931 3.77 -22.79 -34.81
N LEU C 932 3.34 -22.05 -33.78
CA LEU C 932 1.98 -22.14 -33.26
C LEU C 932 0.98 -21.69 -34.31
N THR C 933 1.25 -20.56 -34.96
CA THR C 933 0.41 -20.08 -36.06
C THR C 933 0.31 -21.11 -37.19
N THR C 934 1.42 -21.81 -37.45
CA THR C 934 1.49 -22.85 -38.48
C THR C 934 0.61 -24.06 -38.15
N ILE C 935 0.57 -24.46 -36.87
CA ILE C 935 -0.34 -25.54 -36.44
C ILE C 935 -1.78 -25.19 -36.80
N GLY C 936 -2.17 -23.95 -36.55
CA GLY C 936 -3.51 -23.46 -36.91
C GLY C 936 -3.74 -23.38 -38.40
N LEU C 937 -2.76 -22.83 -39.12
CA LEU C 937 -2.83 -22.73 -40.59
C LEU C 937 -2.97 -24.09 -41.26
N SER C 938 -2.17 -25.04 -40.79
CA SER C 938 -2.18 -26.40 -41.32
C SER C 938 -3.53 -27.07 -41.12
N ALA C 939 -4.01 -27.03 -39.88
CA ALA C 939 -5.31 -27.63 -39.53
C ALA C 939 -6.48 -26.93 -40.22
N LYS C 940 -6.34 -25.62 -40.47
CA LYS C 940 -7.35 -24.86 -41.22
C LYS C 940 -7.55 -25.42 -42.64
N ASN C 941 -6.46 -25.64 -43.36
CA ASN C 941 -6.55 -26.25 -44.70
C ASN C 941 -7.06 -27.70 -44.64
N ALA C 942 -6.55 -28.48 -43.69
CA ALA C 942 -6.98 -29.88 -43.52
C ALA C 942 -8.48 -30.01 -43.23
N ILE C 943 -8.99 -29.17 -42.33
CA ILE C 943 -10.43 -29.13 -41.98
C ILE C 943 -11.31 -28.92 -43.21
N LEU C 944 -10.92 -28.01 -44.09
CA LEU C 944 -11.68 -27.72 -45.32
C LEU C 944 -11.93 -28.97 -46.20
N ILE C 945 -10.98 -29.91 -46.19
CA ILE C 945 -11.13 -31.20 -46.88
C ILE C 945 -11.86 -32.21 -45.98
N VAL C 946 -11.33 -32.45 -44.78
CA VAL C 946 -11.80 -33.55 -43.91
C VAL C 946 -13.24 -33.37 -43.41
N GLU C 947 -13.59 -32.15 -43.00
CA GLU C 947 -14.94 -31.85 -42.50
C GLU C 947 -15.99 -32.07 -43.57
N PHE C 948 -15.78 -31.45 -44.73
CA PHE C 948 -16.72 -31.54 -45.86
C PHE C 948 -16.76 -32.93 -46.50
N ALA C 949 -15.69 -33.72 -46.35
CA ALA C 949 -15.68 -35.11 -46.81
C ALA C 949 -16.57 -35.99 -45.95
N LYS C 950 -16.39 -35.92 -44.63
CA LYS C 950 -17.23 -36.66 -43.68
C LYS C 950 -18.71 -36.22 -43.75
N ASP C 951 -18.93 -34.93 -44.00
CA ASP C 951 -20.28 -34.38 -44.12
C ASP C 951 -21.03 -34.97 -45.33
N LEU C 952 -20.30 -35.19 -46.44
CA LEU C 952 -20.87 -35.87 -47.61
C LEU C 952 -21.19 -37.35 -47.32
N MET C 953 -20.30 -38.03 -46.60
CA MET C 953 -20.49 -39.44 -46.25
C MET C 953 -21.77 -39.68 -45.44
N ASP C 954 -22.05 -38.80 -44.49
CA ASP C 954 -23.19 -38.97 -43.58
C ASP C 954 -24.50 -38.39 -44.16
N LYS C 955 -24.47 -37.14 -44.59
CA LYS C 955 -25.68 -36.46 -45.11
C LYS C 955 -26.17 -36.97 -46.47
N GLU C 956 -25.26 -37.49 -47.31
CA GLU C 956 -25.61 -37.96 -48.66
C GLU C 956 -25.23 -39.43 -48.97
N GLY C 957 -24.78 -40.18 -47.96
CA GLY C 957 -24.52 -41.62 -48.10
C GLY C 957 -23.46 -42.06 -49.10
N LYS C 958 -22.52 -41.17 -49.42
CA LYS C 958 -21.44 -41.49 -50.38
C LYS C 958 -20.36 -42.35 -49.72
N GLY C 959 -19.62 -43.08 -50.55
CA GLY C 959 -18.52 -43.93 -50.09
C GLY C 959 -17.31 -43.12 -49.65
N LEU C 960 -16.33 -43.80 -49.07
CA LEU C 960 -15.12 -43.15 -48.56
C LEU C 960 -14.36 -42.37 -49.64
N ILE C 961 -14.14 -43.02 -50.78
CA ILE C 961 -13.34 -42.45 -51.86
C ILE C 961 -14.13 -41.36 -52.62
N GLU C 962 -15.40 -41.61 -52.90
CA GLU C 962 -16.23 -40.64 -53.65
C GLU C 962 -16.39 -39.33 -52.91
N ALA C 963 -16.57 -39.42 -51.59
CA ALA C 963 -16.74 -38.23 -50.74
C ALA C 963 -15.45 -37.41 -50.62
N THR C 964 -14.34 -38.11 -50.41
CA THR C 964 -13.00 -37.49 -50.40
C THR C 964 -12.75 -36.72 -51.70
N LEU C 965 -12.97 -37.39 -52.83
CA LEU C 965 -12.75 -36.79 -54.16
C LEU C 965 -13.73 -35.66 -54.48
N ASP C 966 -14.97 -35.77 -54.00
CA ASP C 966 -15.94 -34.68 -54.10
C ASP C 966 -15.58 -33.50 -53.19
N ALA C 967 -15.01 -33.80 -52.02
CA ALA C 967 -14.57 -32.76 -51.09
C ALA C 967 -13.43 -31.92 -51.69
N VAL C 968 -12.35 -32.59 -52.09
CA VAL C 968 -11.17 -31.91 -52.66
C VAL C 968 -11.47 -31.12 -53.94
N ARG C 969 -12.40 -31.61 -54.75
CA ARG C 969 -12.83 -30.92 -55.98
C ARG C 969 -13.52 -29.59 -55.68
N MET C 970 -14.50 -29.63 -54.77
CA MET C 970 -15.25 -28.44 -54.37
C MET C 970 -14.45 -27.47 -53.49
N ARG C 971 -13.49 -28.00 -52.73
CA ARG C 971 -12.73 -27.21 -51.74
C ARG C 971 -11.32 -26.74 -52.15
N LEU C 972 -10.88 -27.03 -53.38
CA LEU C 972 -9.57 -26.54 -53.85
C LEU C 972 -9.56 -25.01 -53.93
N ARG C 973 -10.53 -24.47 -54.65
CA ARG C 973 -10.64 -23.02 -54.88
C ARG C 973 -10.65 -22.17 -53.59
N PRO C 974 -11.49 -22.52 -52.59
CA PRO C 974 -11.42 -21.78 -51.32
C PRO C 974 -10.12 -22.01 -50.53
N ILE C 975 -9.54 -23.22 -50.58
CA ILE C 975 -8.25 -23.48 -49.93
C ILE C 975 -7.15 -22.58 -50.50
N LEU C 976 -7.08 -22.48 -51.83
CA LEU C 976 -6.07 -21.65 -52.47
C LEU C 976 -6.35 -20.15 -52.34
N MET C 977 -7.64 -19.77 -52.33
CA MET C 977 -8.02 -18.36 -52.07
C MET C 977 -7.51 -17.92 -50.71
N THR C 978 -7.94 -18.65 -49.68
CA THR C 978 -7.62 -18.30 -48.29
C THR C 978 -6.15 -18.48 -47.95
N SER C 979 -5.48 -19.43 -48.60
CA SER C 979 -4.05 -19.68 -48.37
C SER C 979 -3.17 -18.59 -48.98
N LEU C 980 -3.47 -18.21 -50.22
CA LEU C 980 -2.75 -17.13 -50.89
C LEU C 980 -2.99 -15.77 -50.24
N ALA C 981 -4.21 -15.59 -49.69
CA ALA C 981 -4.52 -14.39 -48.91
C ALA C 981 -3.56 -14.23 -47.73
N PHE C 982 -3.29 -15.34 -47.02
CA PHE C 982 -2.33 -15.31 -45.92
C PHE C 982 -0.89 -15.16 -46.41
N ILE C 983 -0.52 -15.91 -47.45
CA ILE C 983 0.86 -15.90 -47.97
C ILE C 983 1.24 -14.51 -48.45
N LEU C 984 0.39 -13.89 -49.28
CA LEU C 984 0.61 -12.52 -49.74
C LEU C 984 0.31 -11.48 -48.65
N GLY C 985 -0.60 -11.82 -47.73
CA GLY C 985 -0.89 -10.96 -46.57
C GLY C 985 0.31 -10.73 -45.64
N VAL C 986 1.10 -11.78 -45.41
CA VAL C 986 2.32 -11.69 -44.59
C VAL C 986 3.60 -11.42 -45.39
N MET C 987 3.49 -11.24 -46.71
CA MET C 987 4.67 -10.94 -47.53
C MET C 987 5.31 -9.58 -47.20
N PRO C 988 4.48 -8.52 -46.99
CA PRO C 988 5.05 -7.23 -46.56
C PRO C 988 6.00 -7.33 -45.37
N LEU C 989 5.68 -8.19 -44.40
CA LEU C 989 6.59 -8.49 -43.29
C LEU C 989 7.89 -9.14 -43.77
N VAL C 990 7.76 -10.16 -44.63
CA VAL C 990 8.91 -10.92 -45.15
C VAL C 990 9.92 -10.04 -45.92
N ILE C 991 9.42 -9.14 -46.78
CA ILE C 991 10.27 -8.27 -47.61
C ILE C 991 10.64 -6.90 -47.00
N SER C 992 10.30 -6.68 -45.73
CA SER C 992 10.54 -5.40 -45.07
C SER C 992 12.04 -5.16 -44.88
N THR C 993 12.49 -3.96 -45.26
CA THR C 993 13.88 -3.51 -45.05
C THR C 993 14.00 -2.23 -44.19
N GLY C 994 12.88 -1.67 -43.74
CA GLY C 994 12.90 -0.44 -42.97
C GLY C 994 13.34 -0.61 -41.53
N ALA C 995 13.07 0.40 -40.70
CA ALA C 995 13.38 0.33 -39.28
C ALA C 995 12.46 -0.67 -38.59
N GLY C 996 13.04 -1.52 -37.75
CA GLY C 996 12.28 -2.60 -37.11
C GLY C 996 11.97 -3.76 -38.04
N SER C 997 12.75 -3.91 -39.11
CA SER C 997 12.58 -5.02 -40.06
C SER C 997 13.07 -6.34 -39.50
N GLY C 998 14.00 -6.31 -38.55
CA GLY C 998 14.45 -7.51 -37.86
C GLY C 998 13.31 -8.31 -37.29
N ALA C 999 12.40 -7.61 -36.60
CA ALA C 999 11.18 -8.21 -36.07
C ALA C 999 10.23 -8.66 -37.18
N GLN C 1000 9.98 -7.78 -38.16
CA GLN C 1000 9.03 -8.08 -39.25
C GLN C 1000 9.43 -9.33 -40.03
N ASN C 1001 10.71 -9.42 -40.38
CA ASN C 1001 11.24 -10.58 -41.11
C ASN C 1001 11.12 -11.85 -40.26
N ALA C 1002 11.41 -11.74 -38.96
CA ALA C 1002 11.28 -12.88 -38.04
C ALA C 1002 9.83 -13.37 -37.90
N VAL C 1003 8.87 -12.44 -37.90
CA VAL C 1003 7.45 -12.80 -37.69
C VAL C 1003 6.86 -13.48 -38.92
N GLY C 1004 7.09 -12.88 -40.09
CA GLY C 1004 6.45 -13.32 -41.33
C GLY C 1004 7.05 -14.50 -42.06
N THR C 1005 8.36 -14.71 -41.92
CA THR C 1005 9.09 -15.68 -42.78
C THR C 1005 8.70 -17.13 -42.52
N GLY C 1006 8.76 -17.55 -41.25
CA GLY C 1006 8.35 -18.90 -40.86
C GLY C 1006 6.91 -19.21 -41.23
N VAL C 1007 6.00 -18.30 -40.90
CA VAL C 1007 4.58 -18.48 -41.24
C VAL C 1007 4.27 -18.47 -42.75
N MET C 1008 5.05 -17.72 -43.52
CA MET C 1008 4.86 -17.70 -44.98
C MET C 1008 5.24 -19.05 -45.58
N GLY C 1009 6.45 -19.51 -45.26
CA GLY C 1009 6.91 -20.83 -45.66
C GLY C 1009 6.06 -21.96 -45.10
N GLY C 1010 5.54 -21.75 -43.89
CA GLY C 1010 4.61 -22.70 -43.27
C GLY C 1010 3.33 -22.90 -44.06
N MET C 1011 2.72 -21.79 -44.47
CA MET C 1011 1.47 -21.84 -45.25
C MET C 1011 1.66 -22.32 -46.70
N VAL C 1012 2.84 -22.06 -47.27
CA VAL C 1012 3.19 -22.57 -48.61
C VAL C 1012 3.16 -24.10 -48.62
N THR C 1013 3.92 -24.72 -47.71
CA THR C 1013 3.98 -26.18 -47.64
C THR C 1013 2.70 -26.78 -47.06
N ALA C 1014 2.06 -26.07 -46.13
CA ALA C 1014 0.77 -26.51 -45.58
C ALA C 1014 -0.41 -26.35 -46.54
N THR C 1015 -0.20 -25.73 -47.71
CA THR C 1015 -1.17 -25.70 -48.80
C THR C 1015 -0.78 -26.70 -49.88
N VAL C 1016 0.42 -26.53 -50.43
CA VAL C 1016 0.90 -27.37 -51.54
C VAL C 1016 0.91 -28.86 -51.16
N LEU C 1017 1.53 -29.21 -50.03
CA LEU C 1017 1.56 -30.62 -49.60
C LEU C 1017 0.21 -31.12 -49.08
N ALA C 1018 -0.54 -30.26 -48.40
CA ALA C 1018 -1.77 -30.69 -47.73
C ALA C 1018 -2.85 -31.16 -48.68
N ILE C 1019 -3.05 -30.43 -49.78
CA ILE C 1019 -4.07 -30.81 -50.78
C ILE C 1019 -3.88 -32.22 -51.38
N PHE C 1020 -2.65 -32.73 -51.36
CA PHE C 1020 -2.36 -34.12 -51.76
C PHE C 1020 -2.33 -35.10 -50.58
N PHE C 1021 -1.75 -34.69 -49.45
CA PHE C 1021 -1.58 -35.59 -48.29
C PHE C 1021 -2.79 -35.72 -47.35
N VAL C 1022 -3.64 -34.69 -47.29
CA VAL C 1022 -4.83 -34.71 -46.40
C VAL C 1022 -5.84 -35.81 -46.78
N PRO C 1023 -6.13 -35.98 -48.10
CA PRO C 1023 -6.96 -37.12 -48.52
C PRO C 1023 -6.39 -38.47 -48.13
N VAL C 1024 -5.06 -38.61 -48.15
CA VAL C 1024 -4.42 -39.85 -47.73
C VAL C 1024 -4.68 -40.07 -46.23
N PHE C 1025 -4.43 -39.05 -45.42
CA PHE C 1025 -4.62 -39.14 -43.96
C PHE C 1025 -6.04 -39.57 -43.61
N PHE C 1026 -7.02 -38.89 -44.20
CA PHE C 1026 -8.43 -39.15 -43.97
C PHE C 1026 -8.84 -40.58 -44.39
N VAL C 1027 -8.43 -40.97 -45.59
CA VAL C 1027 -8.76 -42.29 -46.15
C VAL C 1027 -8.04 -43.43 -45.40
N VAL C 1028 -6.76 -43.25 -45.06
CA VAL C 1028 -6.00 -44.26 -44.31
C VAL C 1028 -6.55 -44.42 -42.88
N VAL C 1029 -6.88 -43.31 -42.22
CA VAL C 1029 -7.36 -43.33 -40.84
C VAL C 1029 -8.79 -43.92 -40.73
N ARG C 1030 -9.67 -43.54 -41.64
CA ARG C 1030 -11.06 -44.05 -41.66
C ARG C 1030 -11.12 -45.56 -41.91
N ARG C 1031 -10.31 -46.04 -42.85
CA ARG C 1031 -10.18 -47.48 -43.13
C ARG C 1031 -9.62 -48.27 -41.94
N ARG C 1032 -8.71 -47.66 -41.18
CA ARG C 1032 -8.11 -48.31 -40.01
C ARG C 1032 -9.07 -48.29 -38.80
N PHE C 1033 -9.81 -47.19 -38.64
CA PHE C 1033 -10.76 -47.02 -37.52
C PHE C 1033 -12.15 -46.65 -38.05
N GLY D 11 14.92 -20.74 56.05
CA GLY D 11 13.87 -20.75 54.99
C GLY D 11 12.95 -21.96 55.04
N SER D 12 12.00 -21.91 55.98
CA SER D 12 11.02 -22.98 56.16
C SER D 12 9.91 -22.94 55.11
N ASP D 13 9.07 -23.97 55.10
CA ASP D 13 7.94 -24.05 54.16
C ASP D 13 6.88 -22.97 54.43
N LEU D 14 6.52 -22.81 55.70
CA LEU D 14 5.51 -21.82 56.11
C LEU D 14 6.05 -20.39 56.18
N GLY D 15 7.36 -20.24 56.36
CA GLY D 15 8.02 -18.92 56.33
C GLY D 15 7.82 -18.18 55.03
N LYS D 16 7.97 -18.90 53.90
CA LYS D 16 7.77 -18.32 52.57
C LYS D 16 6.31 -17.93 52.34
N LYS D 17 5.39 -18.76 52.82
CA LYS D 17 3.95 -18.48 52.71
C LYS D 17 3.51 -17.30 53.58
N LEU D 18 4.17 -17.09 54.72
CA LEU D 18 3.89 -15.94 55.57
C LEU D 18 4.39 -14.64 54.94
N LEU D 19 5.58 -14.69 54.34
CA LEU D 19 6.13 -13.55 53.59
C LEU D 19 5.18 -13.13 52.46
N GLU D 20 4.75 -14.09 51.65
CA GLU D 20 3.82 -13.82 50.55
C GLU D 20 2.43 -13.37 51.03
N ALA D 21 1.96 -13.93 52.14
CA ALA D 21 0.66 -13.56 52.71
C ALA D 21 0.69 -12.17 53.36
N ALA D 22 1.76 -11.87 54.08
CA ALA D 22 1.94 -10.57 54.73
C ALA D 22 2.05 -9.43 53.70
N ARG D 23 2.69 -9.73 52.57
CA ARG D 23 2.78 -8.80 51.44
C ARG D 23 1.40 -8.53 50.85
N ALA D 24 0.70 -9.60 50.49
CA ALA D 24 -0.60 -9.51 49.83
C ALA D 24 -1.74 -9.00 50.72
N GLY D 25 -1.55 -9.01 52.04
CA GLY D 25 -2.56 -8.52 52.96
C GLY D 25 -3.67 -9.50 53.26
N ARG D 26 -3.45 -10.79 52.96
CA ARG D 26 -4.44 -11.83 53.24
C ARG D 26 -4.46 -12.10 54.74
N ASP D 27 -5.33 -11.38 55.44
CA ASP D 27 -5.40 -11.42 56.91
C ASP D 27 -5.75 -12.80 57.45
N ASP D 28 -6.65 -13.50 56.76
CA ASP D 28 -7.09 -14.83 57.18
C ASP D 28 -6.01 -15.91 57.04
N GLU D 29 -5.17 -15.81 56.02
CA GLU D 29 -4.05 -16.75 55.84
C GLU D 29 -2.93 -16.51 56.86
N VAL D 30 -2.73 -15.24 57.25
CA VAL D 30 -1.74 -14.92 58.28
C VAL D 30 -2.19 -15.48 59.62
N ARG D 31 -3.48 -15.32 59.93
CA ARG D 31 -4.08 -15.86 61.17
C ARG D 31 -3.82 -17.36 61.32
N ILE D 32 -4.04 -18.12 60.24
CA ILE D 32 -3.84 -19.57 60.24
C ILE D 32 -2.35 -19.90 60.39
N LEU D 33 -1.50 -19.18 59.66
CA LEU D 33 -0.04 -19.36 59.74
C LEU D 33 0.53 -18.98 61.11
N MET D 34 -0.10 -18.04 61.80
CA MET D 34 0.24 -17.75 63.21
C MET D 34 -0.13 -18.92 64.11
N ALA D 35 -1.29 -19.53 63.88
CA ALA D 35 -1.71 -20.72 64.64
C ALA D 35 -0.75 -21.90 64.45
N ASN D 36 -0.32 -22.12 63.20
CA ASN D 36 0.55 -23.25 62.85
C ASN D 36 2.04 -23.02 63.13
N GLY D 37 2.40 -21.82 63.60
CA GLY D 37 3.78 -21.52 64.00
C GLY D 37 4.73 -21.16 62.87
N ALA D 38 4.23 -20.47 61.85
CA ALA D 38 5.06 -20.00 60.74
C ALA D 38 6.08 -19.00 61.26
N ASP D 39 7.31 -19.07 60.75
CA ASP D 39 8.41 -18.27 61.29
C ASP D 39 8.22 -16.78 60.99
N VAL D 40 7.92 -16.03 62.04
CA VAL D 40 7.73 -14.57 61.94
C VAL D 40 9.01 -13.79 61.63
N ASN D 41 10.17 -14.42 61.87
CA ASN D 41 11.46 -13.81 61.55
C ASN D 41 12.07 -14.33 60.22
N ALA D 42 11.27 -15.01 59.40
CA ALA D 42 11.68 -15.44 58.06
C ALA D 42 11.99 -14.21 57.19
N ALA D 43 13.02 -14.31 56.35
CA ALA D 43 13.50 -13.15 55.58
C ALA D 43 13.77 -13.47 54.11
N ASP D 44 13.53 -12.46 53.26
CA ASP D 44 13.90 -12.50 51.82
C ASP D 44 15.40 -12.59 51.62
N VAL D 45 15.80 -12.67 50.35
CA VAL D 45 17.21 -12.48 49.97
C VAL D 45 17.69 -11.09 50.38
N VAL D 46 16.80 -10.09 50.27
CA VAL D 46 17.10 -8.70 50.66
C VAL D 46 16.93 -8.40 52.17
N GLY D 47 16.46 -9.37 52.95
CA GLY D 47 16.42 -9.27 54.41
C GLY D 47 15.13 -8.73 55.02
N TRP D 48 14.04 -8.85 54.25
CA TRP D 48 12.73 -8.33 54.66
C TRP D 48 11.90 -9.42 55.33
N THR D 49 11.57 -9.18 56.61
CA THR D 49 10.60 -9.98 57.36
C THR D 49 9.15 -9.72 56.89
N PRO D 50 8.18 -10.54 57.34
CA PRO D 50 6.77 -10.22 57.10
C PRO D 50 6.36 -8.83 57.59
N LEU D 51 6.96 -8.39 58.70
CA LEU D 51 6.67 -7.06 59.25
C LEU D 51 7.12 -5.94 58.33
N HIS D 52 8.31 -6.07 57.74
CA HIS D 52 8.77 -5.15 56.68
C HIS D 52 7.72 -5.06 55.58
N LEU D 53 7.35 -6.23 55.05
CA LEU D 53 6.38 -6.33 53.96
C LEU D 53 5.01 -5.74 54.32
N ALA D 54 4.53 -6.00 55.53
CA ALA D 54 3.27 -5.43 55.99
C ALA D 54 3.37 -3.91 56.19
N ALA D 55 4.52 -3.45 56.70
CA ALA D 55 4.79 -2.03 56.89
C ALA D 55 4.88 -1.26 55.56
N TYR D 56 5.49 -1.90 54.56
CA TYR D 56 5.66 -1.31 53.23
C TYR D 56 4.30 -1.15 52.55
N TRP D 57 3.61 -2.28 52.36
CA TRP D 57 2.34 -2.30 51.64
C TRP D 57 1.14 -1.78 52.45
N GLY D 58 1.37 -1.40 53.71
CA GLY D 58 0.38 -0.65 54.49
C GLY D 58 -0.73 -1.47 55.14
N HIS D 59 -0.49 -2.77 55.34
CA HIS D 59 -1.48 -3.66 55.95
C HIS D 59 -1.39 -3.60 57.47
N LEU D 60 -2.37 -2.93 58.08
CA LEU D 60 -2.34 -2.57 59.51
C LEU D 60 -2.59 -3.76 60.43
N GLU D 61 -3.69 -4.48 60.18
CA GLU D 61 -4.08 -5.63 61.00
C GLU D 61 -2.94 -6.65 61.12
N ILE D 62 -2.25 -6.92 60.01
CA ILE D 62 -1.14 -7.87 59.98
C ILE D 62 0.07 -7.38 60.79
N VAL D 63 0.39 -6.09 60.72
CA VAL D 63 1.46 -5.52 61.55
C VAL D 63 1.18 -5.84 63.01
N GLU D 64 -0.06 -5.58 63.44
CA GLU D 64 -0.49 -5.85 64.82
C GLU D 64 -0.44 -7.35 65.18
N VAL D 65 -0.87 -8.20 64.25
CA VAL D 65 -0.86 -9.65 64.45
C VAL D 65 0.57 -10.20 64.59
N LEU D 66 1.49 -9.71 63.76
CA LEU D 66 2.88 -10.15 63.80
C LEU D 66 3.60 -9.75 65.10
N LEU D 67 3.30 -8.56 65.61
CA LEU D 67 3.90 -8.08 66.87
C LEU D 67 3.36 -8.83 68.09
N LYS D 68 2.07 -9.16 68.07
CA LYS D 68 1.47 -10.08 69.06
C LYS D 68 2.21 -11.43 69.10
N ASN D 69 2.60 -11.93 67.92
CA ASN D 69 3.32 -13.20 67.79
C ASN D 69 4.86 -13.02 67.76
N GLY D 70 5.38 -12.08 68.54
CA GLY D 70 6.82 -12.00 68.81
C GLY D 70 7.71 -11.70 67.62
N ALA D 71 7.24 -10.84 66.72
CA ALA D 71 8.05 -10.41 65.57
C ALA D 71 9.03 -9.33 66.02
N ASP D 72 10.22 -9.36 65.44
CA ASP D 72 11.26 -8.38 65.74
C ASP D 72 10.84 -7.04 65.12
N VAL D 73 10.44 -6.11 65.98
CA VAL D 73 10.00 -4.77 65.58
C VAL D 73 11.15 -3.91 65.03
N ASN D 74 12.39 -4.23 65.41
CA ASN D 74 13.59 -3.54 64.93
C ASN D 74 14.45 -4.42 64.02
N ALA D 75 13.82 -5.33 63.29
CA ALA D 75 14.52 -6.16 62.30
C ALA D 75 15.08 -5.25 61.22
N TYR D 76 16.29 -5.53 60.75
CA TYR D 76 16.93 -4.71 59.73
C TYR D 76 17.31 -5.54 58.50
N ASP D 77 17.07 -4.96 57.32
CA ASP D 77 17.36 -5.61 56.04
C ASP D 77 18.87 -5.49 55.70
N THR D 78 19.26 -5.96 54.52
CA THR D 78 20.68 -5.99 54.15
C THR D 78 21.36 -4.61 54.03
N LEU D 79 20.56 -3.53 54.01
CA LEU D 79 21.06 -2.15 53.96
C LEU D 79 20.73 -1.31 55.21
N GLY D 80 20.21 -1.96 56.26
CA GLY D 80 19.98 -1.31 57.56
C GLY D 80 18.58 -0.75 57.82
N SER D 81 17.65 -0.96 56.89
CA SER D 81 16.30 -0.39 56.99
C SER D 81 15.35 -1.28 57.79
N THR D 82 14.54 -0.62 58.62
CA THR D 82 13.60 -1.26 59.56
C THR D 82 12.16 -1.11 59.07
N PRO D 83 11.19 -1.80 59.72
CA PRO D 83 9.78 -1.56 59.37
C PRO D 83 9.29 -0.13 59.60
N LEU D 84 9.87 0.58 60.57
CA LEU D 84 9.53 1.98 60.83
C LEU D 84 9.99 2.90 59.70
N HIS D 85 11.19 2.65 59.18
CA HIS D 85 11.69 3.36 57.98
C HIS D 85 10.67 3.25 56.85
N LEU D 86 10.20 2.03 56.59
CA LEU D 86 9.28 1.76 55.49
C LEU D 86 7.91 2.39 55.70
N ALA D 87 7.38 2.29 56.92
CA ALA D 87 6.06 2.85 57.24
C ALA D 87 6.04 4.38 57.21
N ALA D 88 7.09 4.98 57.77
CA ALA D 88 7.24 6.44 57.78
C ALA D 88 7.43 7.02 56.40
N HIS D 89 8.18 6.31 55.55
CA HIS D 89 8.47 6.77 54.19
C HIS D 89 7.24 6.72 53.29
N PHE D 90 6.43 5.67 53.41
CA PHE D 90 5.25 5.45 52.57
C PHE D 90 3.93 5.94 53.17
N GLY D 91 4.00 6.78 54.21
CA GLY D 91 2.83 7.50 54.69
C GLY D 91 1.78 6.70 55.44
N HIS D 92 2.20 5.62 56.09
CA HIS D 92 1.28 4.73 56.83
C HIS D 92 1.27 5.11 58.31
N LEU D 93 0.50 6.13 58.64
CA LEU D 93 0.48 6.74 59.98
C LEU D 93 0.11 5.74 61.09
N GLU D 94 -0.91 4.92 60.84
CA GLU D 94 -1.40 3.97 61.84
C GLU D 94 -0.33 2.94 62.21
N ILE D 95 0.39 2.45 61.20
CA ILE D 95 1.48 1.48 61.40
C ILE D 95 2.67 2.14 62.12
N VAL D 96 2.95 3.41 61.82
CA VAL D 96 4.03 4.13 62.49
C VAL D 96 3.76 4.19 63.99
N GLU D 97 2.53 4.56 64.35
CA GLU D 97 2.11 4.63 65.75
C GLU D 97 2.18 3.27 66.44
N VAL D 98 1.67 2.23 65.78
CA VAL D 98 1.70 0.86 66.31
C VAL D 98 3.13 0.35 66.55
N LEU D 99 4.02 0.58 65.57
CA LEU D 99 5.41 0.14 65.70
C LEU D 99 6.15 0.85 66.83
N LEU D 100 5.96 2.17 66.92
CA LEU D 100 6.52 2.97 68.01
C LEU D 100 5.98 2.54 69.37
N LYS D 101 4.67 2.26 69.42
CA LYS D 101 4.01 1.75 70.63
C LYS D 101 4.60 0.41 71.10
N ASN D 102 4.99 -0.45 70.16
CA ASN D 102 5.61 -1.74 70.47
C ASN D 102 7.16 -1.70 70.49
N GLY D 103 7.73 -0.53 70.79
CA GLY D 103 9.16 -0.42 71.09
C GLY D 103 10.09 -0.23 69.91
N ALA D 104 9.59 0.33 68.81
CA ALA D 104 10.42 0.57 67.61
C ALA D 104 11.42 1.70 67.88
N ASP D 105 12.65 1.52 67.40
CA ASP D 105 13.72 2.49 67.59
C ASP D 105 13.46 3.67 66.66
N VAL D 106 12.93 4.76 67.23
CA VAL D 106 12.56 5.94 66.46
C VAL D 106 13.76 6.64 65.78
N ASN D 107 14.95 6.49 66.36
CA ASN D 107 16.20 7.03 65.80
C ASN D 107 17.04 6.00 65.02
N ALA D 108 16.43 4.90 64.61
CA ALA D 108 17.13 3.85 63.85
C ALA D 108 17.75 4.42 62.59
N LYS D 109 19.02 4.11 62.36
CA LYS D 109 19.75 4.56 61.17
C LYS D 109 20.02 3.37 60.26
N ASP D 110 19.78 3.55 58.96
CA ASP D 110 20.21 2.58 57.95
C ASP D 110 21.69 2.79 57.64
N ASP D 111 22.25 2.03 56.69
CA ASP D 111 23.68 2.14 56.34
C ASP D 111 24.09 3.51 55.76
N ASN D 112 23.10 4.28 55.29
CA ASN D 112 23.32 5.65 54.79
C ASN D 112 23.24 6.74 55.88
N GLY D 113 22.89 6.37 57.11
CA GLY D 113 22.58 7.34 58.17
C GLY D 113 21.18 7.94 58.07
N ILE D 114 20.30 7.34 57.26
CA ILE D 114 18.95 7.84 57.05
C ILE D 114 18.03 7.29 58.14
N THR D 115 17.25 8.17 58.75
CA THR D 115 16.33 7.81 59.84
C THR D 115 14.90 7.83 59.31
N PRO D 116 13.93 7.32 60.10
CA PRO D 116 12.52 7.48 59.75
C PRO D 116 12.04 8.94 59.65
N LEU D 117 12.68 9.84 60.41
CA LEU D 117 12.36 11.27 60.35
C LEU D 117 12.75 11.86 58.99
N HIS D 118 13.96 11.55 58.53
CA HIS D 118 14.45 12.01 57.22
C HIS D 118 13.52 11.58 56.09
N LEU D 119 13.12 10.30 56.10
CA LEU D 119 12.23 9.75 55.09
C LEU D 119 10.83 10.37 55.13
N ALA D 120 10.29 10.49 56.34
CA ALA D 120 8.97 11.11 56.55
C ALA D 120 8.97 12.56 56.11
N ALA D 121 10.01 13.29 56.48
CA ALA D 121 10.23 14.68 56.06
C ALA D 121 10.29 14.79 54.54
N ASN D 122 11.12 13.96 53.91
CA ASN D 122 11.37 14.04 52.47
C ASN D 122 10.12 13.90 51.59
N ARG D 123 9.14 13.13 52.05
CA ARG D 123 7.85 12.99 51.33
C ARG D 123 6.70 13.77 51.98
N GLY D 124 7.04 14.74 52.82
CA GLY D 124 6.07 15.68 53.38
C GLY D 124 4.94 15.09 54.21
N HIS D 125 5.20 13.96 54.86
CA HIS D 125 4.20 13.31 55.71
C HIS D 125 4.21 14.02 57.06
N LEU D 126 3.39 15.07 57.16
CA LEU D 126 3.38 16.00 58.29
C LEU D 126 2.99 15.32 59.59
N GLU D 127 1.89 14.55 59.54
CA GLU D 127 1.35 13.85 60.70
C GLU D 127 2.39 12.89 61.29
N ILE D 128 3.02 12.10 60.43
CA ILE D 128 4.07 11.15 60.84
C ILE D 128 5.28 11.84 61.48
N VAL D 129 5.73 12.96 60.91
CA VAL D 129 6.88 13.69 61.46
C VAL D 129 6.61 14.15 62.90
N GLU D 130 5.38 14.60 63.16
CA GLU D 130 4.97 15.00 64.51
C GLU D 130 4.94 13.81 65.48
N VAL D 131 4.40 12.68 65.02
CA VAL D 131 4.37 11.46 65.83
C VAL D 131 5.78 11.01 66.21
N LEU D 132 6.67 10.97 65.22
CA LEU D 132 8.08 10.59 65.44
C LEU D 132 8.75 11.51 66.45
N LEU D 133 8.50 12.82 66.33
CA LEU D 133 8.99 13.81 67.28
C LEU D 133 8.45 13.55 68.69
N LYS D 134 7.14 13.26 68.78
CA LYS D 134 6.47 12.96 70.05
C LYS D 134 7.07 11.74 70.77
N TYR D 135 7.50 10.73 70.00
CA TYR D 135 8.18 9.55 70.55
C TYR D 135 9.71 9.72 70.69
N GLY D 136 10.22 10.94 70.52
CA GLY D 136 11.62 11.26 70.81
C GLY D 136 12.55 11.15 69.61
N ALA D 137 12.09 11.59 68.44
CA ALA D 137 12.95 11.63 67.25
C ALA D 137 13.98 12.75 67.37
N ASP D 138 15.24 12.42 67.13
CA ASP D 138 16.33 13.40 67.16
C ASP D 138 16.26 14.27 65.89
N VAL D 139 15.81 15.51 66.07
CA VAL D 139 15.67 16.47 64.96
C VAL D 139 17.02 16.87 64.33
N ASN D 140 18.10 16.83 65.11
CA ASN D 140 19.45 17.17 64.63
C ASN D 140 20.23 15.99 64.03
N ALA D 141 19.60 14.81 63.94
CA ALA D 141 20.25 13.64 63.34
C ALA D 141 20.66 13.89 61.89
N GLN D 142 21.95 13.71 61.61
CA GLN D 142 22.50 13.91 60.27
C GLN D 142 22.72 12.57 59.57
N ASP D 143 22.50 12.54 58.26
CA ASP D 143 22.81 11.36 57.44
C ASP D 143 24.29 11.38 57.04
N LYS D 144 24.69 10.48 56.13
CA LYS D 144 26.07 10.46 55.61
C LYS D 144 26.52 11.75 54.91
N PHE D 145 25.57 12.53 54.38
CA PHE D 145 25.85 13.82 53.74
C PHE D 145 25.59 15.03 54.65
N GLY D 146 25.55 14.80 55.97
CA GLY D 146 25.37 15.88 56.94
C GLY D 146 23.99 16.52 56.98
N LYS D 147 22.99 15.90 56.35
CA LYS D 147 21.67 16.51 56.18
C LYS D 147 20.70 16.14 57.30
N THR D 148 20.13 17.17 57.93
CA THR D 148 19.03 17.01 58.88
C THR D 148 17.71 16.90 58.14
N ALA D 149 16.64 16.61 58.86
CA ALA D 149 15.29 16.66 58.31
C ALA D 149 14.89 18.09 57.94
N PHE D 150 15.43 19.07 58.68
CA PHE D 150 15.21 20.48 58.38
C PHE D 150 15.81 20.87 57.03
N ASP D 151 17.04 20.42 56.77
CA ASP D 151 17.71 20.66 55.49
C ASP D 151 16.90 20.11 54.31
N ILE D 152 16.26 18.97 54.51
CA ILE D 152 15.42 18.35 53.49
C ILE D 152 14.17 19.20 53.21
N SER D 153 13.55 19.72 54.27
CA SER D 153 12.31 20.49 54.14
C SER D 153 12.49 21.82 53.40
N ILE D 154 13.61 22.52 53.64
CA ILE D 154 13.89 23.77 52.92
C ILE D 154 14.35 23.52 51.48
N ASN D 155 15.07 22.42 51.22
CA ASN D 155 15.47 22.06 49.85
C ASN D 155 14.28 21.63 49.00
N ASN D 156 13.32 20.93 49.61
CA ASN D 156 12.05 20.56 48.96
C ASN D 156 11.07 21.74 48.86
N GLY D 157 11.30 22.78 49.65
CA GLY D 157 10.46 23.97 49.64
C GLY D 157 9.15 23.77 50.38
N ASN D 158 9.15 22.87 51.37
CA ASN D 158 7.96 22.59 52.18
C ASN D 158 7.87 23.64 53.28
N GLU D 159 6.86 24.51 53.19
CA GLU D 159 6.69 25.63 54.13
C GLU D 159 6.28 25.13 55.51
N ASP D 160 5.22 24.32 55.54
CA ASP D 160 4.58 23.86 56.78
C ASP D 160 5.51 22.96 57.60
N LEU D 161 6.16 22.02 56.91
CA LEU D 161 7.11 21.10 57.52
C LEU D 161 8.31 21.81 58.16
N ALA D 162 8.83 22.83 57.48
CA ALA D 162 9.97 23.60 57.98
C ALA D 162 9.65 24.31 59.30
N GLU D 163 8.41 24.79 59.45
CA GLU D 163 7.93 25.41 60.69
C GLU D 163 7.94 24.43 61.88
N ILE D 164 7.57 23.18 61.62
CA ILE D 164 7.51 22.14 62.67
C ILE D 164 8.91 21.74 63.12
N LEU D 165 9.79 21.48 62.15
CA LEU D 165 11.16 21.03 62.43
C LEU D 165 12.10 22.13 62.95
N GLN D 166 11.72 23.40 62.81
CA GLN D 166 12.51 24.52 63.36
C GLN D 166 12.26 24.65 64.87
N LYS D 167 12.77 23.66 65.60
CA LYS D 167 12.65 23.56 67.06
C LYS D 167 13.94 22.92 67.56
N LEU D 168 15.05 23.61 67.32
CA LEU D 168 16.39 23.08 67.55
C LEU D 168 16.73 23.03 69.03
N ASP E 13 -4.75 58.01 12.91
CA ASP E 13 -5.67 57.43 11.88
C ASP E 13 -5.21 57.79 10.46
N LEU E 14 -5.08 59.09 10.19
CA LEU E 14 -4.59 59.58 8.90
C LEU E 14 -3.11 59.28 8.70
N GLY E 15 -2.32 59.50 9.76
CA GLY E 15 -0.89 59.14 9.77
C GLY E 15 -0.64 57.65 9.58
N LYS E 16 -1.57 56.83 10.05
CA LYS E 16 -1.53 55.38 9.85
C LYS E 16 -1.73 55.02 8.37
N LYS E 17 -2.67 55.67 7.70
CA LYS E 17 -2.84 55.53 6.23
C LYS E 17 -1.63 56.06 5.45
N LEU E 18 -1.03 57.14 5.93
CA LEU E 18 0.16 57.73 5.31
C LEU E 18 1.38 56.80 5.39
N LEU E 19 1.50 56.05 6.47
CA LEU E 19 2.57 55.05 6.61
C LEU E 19 2.41 53.92 5.60
N GLU E 20 1.18 53.43 5.44
CA GLU E 20 0.87 52.39 4.46
C GLU E 20 1.09 52.87 3.02
N ALA E 21 0.65 54.10 2.73
CA ALA E 21 0.79 54.70 1.40
C ALA E 21 2.24 55.02 1.02
N ALA E 22 3.01 55.49 2.00
CA ALA E 22 4.44 55.76 1.80
C ALA E 22 5.25 54.49 1.55
N ARG E 23 4.91 53.41 2.25
CA ARG E 23 5.54 52.10 2.05
C ARG E 23 5.17 51.53 0.69
N ALA E 24 3.86 51.54 0.38
CA ALA E 24 3.33 50.92 -0.83
C ALA E 24 3.67 51.65 -2.13
N GLY E 25 4.23 52.87 -2.04
CA GLY E 25 4.60 53.64 -3.22
C GLY E 25 3.44 54.30 -3.93
N ARG E 26 2.31 54.47 -3.24
CA ARG E 26 1.14 55.14 -3.81
C ARG E 26 1.38 56.65 -3.82
N ASP E 27 1.88 57.15 -4.95
CA ASP E 27 2.20 58.57 -5.12
C ASP E 27 0.97 59.48 -4.99
N ASP E 28 -0.13 59.07 -5.60
CA ASP E 28 -1.36 59.89 -5.64
C ASP E 28 -1.99 60.04 -4.24
N GLU E 29 -2.03 58.96 -3.46
CA GLU E 29 -2.61 59.00 -2.11
C GLU E 29 -1.81 59.81 -1.09
N VAL E 30 -0.48 59.81 -1.21
CA VAL E 30 0.38 60.59 -0.29
C VAL E 30 0.11 62.11 -0.43
N ARG E 31 -0.21 62.54 -1.64
CA ARG E 31 -0.63 63.93 -1.89
C ARG E 31 -2.00 64.19 -1.26
N ILE E 32 -2.94 63.30 -1.54
CA ILE E 32 -4.33 63.41 -1.06
C ILE E 32 -4.43 63.34 0.47
N LEU E 33 -3.64 62.47 1.09
CA LEU E 33 -3.64 62.31 2.56
C LEU E 33 -3.07 63.54 3.28
N MET E 34 -1.93 64.04 2.80
CA MET E 34 -1.31 65.25 3.39
C MET E 34 -2.05 66.56 3.07
N ALA E 35 -2.84 66.56 1.99
CA ALA E 35 -3.75 67.68 1.69
C ALA E 35 -4.84 67.85 2.74
N ASN E 36 -5.28 66.73 3.35
CA ASN E 36 -6.25 66.75 4.45
C ASN E 36 -5.60 66.64 5.85
N GLY E 37 -4.41 67.21 6.00
CA GLY E 37 -3.76 67.38 7.31
C GLY E 37 -3.23 66.12 7.98
N ALA E 38 -2.75 65.16 7.20
CA ALA E 38 -2.16 63.93 7.74
C ALA E 38 -0.76 64.18 8.31
N ASP E 39 -0.48 63.57 9.45
CA ASP E 39 0.76 63.84 10.21
C ASP E 39 1.97 63.28 9.46
N VAL E 40 2.85 64.19 9.02
CA VAL E 40 4.04 63.82 8.23
C VAL E 40 5.10 63.04 9.04
N ASN E 41 5.12 63.24 10.35
CA ASN E 41 6.05 62.52 11.25
C ASN E 41 5.35 61.44 12.09
N ALA E 42 4.35 60.77 11.49
CA ALA E 42 3.60 59.70 12.17
C ALA E 42 4.46 58.44 12.29
N ALA E 43 4.74 58.02 13.52
CA ALA E 43 5.59 56.86 13.78
C ALA E 43 4.77 55.56 13.90
N ASP E 44 5.33 54.46 13.40
CA ASP E 44 4.75 53.12 13.57
C ASP E 44 5.35 52.45 14.82
N VAL E 45 5.15 51.14 14.98
CA VAL E 45 5.56 50.43 16.20
C VAL E 45 7.09 50.46 16.42
N VAL E 46 7.85 50.31 15.35
CA VAL E 46 9.33 50.30 15.43
C VAL E 46 9.98 51.69 15.37
N GLY E 47 9.18 52.73 15.12
CA GLY E 47 9.63 54.12 15.09
C GLY E 47 9.86 54.69 13.69
N TRP E 48 9.25 54.07 12.68
CA TRP E 48 9.48 54.45 11.29
C TRP E 48 8.41 55.44 10.82
N THR E 49 8.88 56.65 10.50
CA THR E 49 8.11 57.66 9.77
C THR E 49 7.78 57.20 8.35
N PRO E 50 6.89 57.93 7.64
CA PRO E 50 6.73 57.69 6.20
C PRO E 50 8.03 57.88 5.40
N LEU E 51 8.86 58.81 5.84
CA LEU E 51 10.16 59.07 5.20
C LEU E 51 11.11 57.88 5.33
N HIS E 52 11.05 57.14 6.45
CA HIS E 52 11.79 55.88 6.60
C HIS E 52 11.34 54.84 5.57
N LEU E 53 10.04 54.63 5.49
CA LEU E 53 9.46 53.62 4.60
C LEU E 53 9.73 53.95 3.13
N ALA E 54 9.56 55.21 2.76
CA ALA E 54 9.85 55.69 1.39
C ALA E 54 11.35 55.59 1.06
N ALA E 55 12.21 55.92 2.02
CA ALA E 55 13.67 55.78 1.84
C ALA E 55 14.13 54.32 1.74
N TYR E 56 13.43 53.43 2.44
CA TYR E 56 13.76 52.00 2.47
C TYR E 56 13.38 51.31 1.17
N TRP E 57 12.13 51.47 0.75
CA TRP E 57 11.62 50.79 -0.44
C TRP E 57 11.99 51.48 -1.78
N GLY E 58 12.67 52.62 -1.71
CA GLY E 58 13.20 53.30 -2.89
C GLY E 58 12.23 54.18 -3.65
N HIS E 59 11.29 54.80 -2.92
CA HIS E 59 10.28 55.68 -3.52
C HIS E 59 10.77 57.13 -3.49
N LEU E 60 11.45 57.53 -4.57
CA LEU E 60 12.02 58.88 -4.70
C LEU E 60 10.96 59.97 -4.69
N GLU E 61 9.87 59.73 -5.42
CA GLU E 61 8.80 60.73 -5.57
C GLU E 61 8.20 61.10 -4.21
N ILE E 62 7.94 60.08 -3.39
CA ILE E 62 7.37 60.27 -2.05
C ILE E 62 8.36 60.90 -1.07
N VAL E 63 9.65 60.57 -1.18
CA VAL E 63 10.70 61.21 -0.35
C VAL E 63 10.69 62.73 -0.56
N GLU E 64 10.61 63.15 -1.83
CA GLU E 64 10.55 64.58 -2.19
C GLU E 64 9.25 65.25 -1.71
N VAL E 65 8.12 64.58 -1.93
CA VAL E 65 6.81 65.10 -1.51
C VAL E 65 6.69 65.20 0.02
N LEU E 66 7.31 64.27 0.76
CA LEU E 66 7.32 64.32 2.23
C LEU E 66 8.17 65.48 2.76
N LEU E 67 9.37 65.64 2.22
CA LEU E 67 10.27 66.74 2.59
C LEU E 67 9.72 68.12 2.17
N LYS E 68 9.02 68.15 1.04
CA LYS E 68 8.27 69.33 0.57
C LYS E 68 7.24 69.81 1.61
N ASN E 69 6.59 68.87 2.29
CA ASN E 69 5.64 69.17 3.37
C ASN E 69 6.29 69.08 4.77
N GLY E 70 7.57 69.46 4.87
CA GLY E 70 8.26 69.62 6.15
C GLY E 70 8.40 68.39 7.01
N ALA E 71 8.67 67.24 6.39
CA ALA E 71 8.92 65.99 7.11
C ALA E 71 10.27 66.05 7.81
N ASP E 72 10.35 65.48 9.01
CA ASP E 72 11.58 65.52 9.79
C ASP E 72 12.64 64.63 9.13
N VAL E 73 13.67 65.28 8.58
CA VAL E 73 14.73 64.61 7.81
C VAL E 73 15.67 63.78 8.69
N ASN E 74 15.79 64.15 9.96
CA ASN E 74 16.55 63.37 10.95
C ASN E 74 15.65 62.77 12.03
N ALA E 75 14.49 62.28 11.61
CA ALA E 75 13.68 61.40 12.44
C ALA E 75 14.48 60.12 12.65
N TYR E 76 14.48 59.58 13.86
CA TYR E 76 15.18 58.34 14.16
C TYR E 76 14.25 57.32 14.82
N ASP E 77 14.38 56.06 14.40
CA ASP E 77 13.54 54.97 14.92
C ASP E 77 14.00 54.52 16.32
N THR E 78 13.34 53.50 16.87
CA THR E 78 13.63 53.03 18.24
C THR E 78 15.08 52.52 18.48
N LEU E 79 15.86 52.34 17.40
CA LEU E 79 17.28 52.00 17.49
C LEU E 79 18.23 53.12 16.99
N GLY E 80 17.71 54.32 16.71
CA GLY E 80 18.53 55.46 16.31
C GLY E 80 18.81 55.66 14.82
N SER E 81 18.22 54.81 13.98
CA SER E 81 18.47 54.86 12.53
C SER E 81 17.52 55.84 11.84
N THR E 82 18.09 56.59 10.89
CA THR E 82 17.41 57.67 10.15
C THR E 82 17.12 57.26 8.71
N PRO E 83 16.26 58.03 7.99
CA PRO E 83 16.03 57.72 6.57
C PRO E 83 17.28 57.75 5.67
N LEU E 84 18.29 58.54 6.06
CA LEU E 84 19.58 58.54 5.36
C LEU E 84 20.34 57.23 5.56
N HIS E 85 20.33 56.69 6.79
CA HIS E 85 20.90 55.35 7.07
C HIS E 85 20.33 54.30 6.12
N LEU E 86 19.01 54.34 5.92
CA LEU E 86 18.31 53.36 5.09
C LEU E 86 18.62 53.54 3.60
N ALA E 87 18.64 54.79 3.14
CA ALA E 87 18.94 55.10 1.73
C ALA E 87 20.37 54.72 1.35
N ALA E 88 21.31 55.03 2.23
CA ALA E 88 22.73 54.70 2.01
C ALA E 88 22.99 53.20 2.01
N HIS E 89 22.25 52.47 2.85
CA HIS E 89 22.42 51.02 3.03
C HIS E 89 21.88 50.22 1.85
N PHE E 90 20.72 50.62 1.33
CA PHE E 90 20.08 49.91 0.21
C PHE E 90 20.40 50.45 -1.20
N GLY E 91 21.45 51.27 -1.32
CA GLY E 91 21.95 51.70 -2.62
C GLY E 91 21.04 52.64 -3.41
N HIS E 92 20.23 53.43 -2.72
CA HIS E 92 19.37 54.41 -3.36
C HIS E 92 20.10 55.75 -3.46
N LEU E 93 20.73 55.97 -4.62
CA LEU E 93 21.60 57.13 -4.86
C LEU E 93 20.84 58.45 -4.85
N GLU E 94 19.80 58.53 -5.68
CA GLU E 94 18.96 59.73 -5.80
C GLU E 94 18.38 60.18 -4.45
N ILE E 95 17.91 59.21 -3.67
CA ILE E 95 17.29 59.48 -2.36
C ILE E 95 18.32 60.00 -1.35
N VAL E 96 19.57 59.56 -1.44
CA VAL E 96 20.65 60.09 -0.58
C VAL E 96 20.89 61.58 -0.86
N GLU E 97 20.93 61.95 -2.15
CA GLU E 97 21.12 63.35 -2.56
CA GLU E 97 21.11 63.35 -2.57
C GLU E 97 19.95 64.22 -2.07
N VAL E 98 18.72 63.77 -2.32
CA VAL E 98 17.51 64.50 -1.92
C VAL E 98 17.45 64.73 -0.40
N LEU E 99 17.81 63.71 0.38
CA LEU E 99 17.85 63.83 1.85
C LEU E 99 18.96 64.77 2.31
N LEU E 100 20.16 64.63 1.73
CA LEU E 100 21.29 65.50 2.04
C LEU E 100 21.05 66.95 1.62
N LYS E 101 20.35 67.15 0.49
CA LYS E 101 19.91 68.49 0.07
C LYS E 101 19.01 69.17 1.10
N ASN E 102 18.13 68.40 1.74
CA ASN E 102 17.24 68.93 2.78
C ASN E 102 17.84 68.86 4.20
N GLY E 103 19.16 68.85 4.31
CA GLY E 103 19.86 68.98 5.58
C GLY E 103 19.84 67.74 6.46
N ALA E 104 20.00 66.57 5.85
CA ALA E 104 20.13 65.31 6.60
C ALA E 104 21.49 65.27 7.27
N ASP E 105 21.54 64.71 8.49
CA ASP E 105 22.77 64.63 9.27
C ASP E 105 23.62 63.50 8.68
N VAL E 106 24.65 63.88 7.94
CA VAL E 106 25.53 62.94 7.26
C VAL E 106 26.37 62.09 8.22
N ASN E 107 26.65 62.64 9.42
CA ASN E 107 27.39 61.92 10.47
C ASN E 107 26.48 61.36 11.58
N ALA E 108 25.21 61.11 11.27
CA ALA E 108 24.25 60.56 12.24
C ALA E 108 24.68 59.16 12.67
N LYS E 109 24.46 58.84 13.93
CA LYS E 109 24.81 57.54 14.50
C LYS E 109 23.57 56.91 15.11
N ASP E 110 23.29 55.66 14.73
CA ASP E 110 22.28 54.85 15.43
C ASP E 110 22.86 54.41 16.78
N ASP E 111 22.05 53.68 17.56
CA ASP E 111 22.47 53.21 18.90
C ASP E 111 23.76 52.37 18.89
N ASN E 112 24.12 51.82 17.74
CA ASN E 112 25.35 51.03 17.56
C ASN E 112 26.59 51.86 17.22
N GLY E 113 26.42 53.16 16.95
CA GLY E 113 27.49 54.02 16.46
C GLY E 113 27.75 53.91 14.96
N ILE E 114 26.77 53.37 14.23
CA ILE E 114 26.90 53.10 12.80
C ILE E 114 26.32 54.28 12.03
N THR E 115 27.08 54.78 11.04
CA THR E 115 26.71 55.93 10.22
C THR E 115 26.25 55.49 8.82
N PRO E 116 25.65 56.41 8.03
CA PRO E 116 25.32 56.06 6.64
C PRO E 116 26.53 55.72 5.76
N LEU E 117 27.72 56.23 6.11
CA LEU E 117 28.95 55.87 5.41
C LEU E 117 29.33 54.42 5.69
N HIS E 118 29.30 54.04 6.97
CA HIS E 118 29.59 52.65 7.38
C HIS E 118 28.75 51.64 6.61
N LEU E 119 27.45 51.94 6.47
CA LEU E 119 26.50 51.07 5.79
C LEU E 119 26.77 51.02 4.29
N ALA E 120 26.86 52.18 3.65
CA ALA E 120 27.17 52.27 2.22
C ALA E 120 28.53 51.62 1.88
N ALA E 121 29.50 51.78 2.77
CA ALA E 121 30.79 51.10 2.64
C ALA E 121 30.65 49.58 2.68
N ASN E 122 29.88 49.07 3.64
CA ASN E 122 29.68 47.62 3.82
C ASN E 122 28.96 46.95 2.64
N ARG E 123 27.99 47.65 2.05
CA ARG E 123 27.24 47.13 0.89
C ARG E 123 27.88 47.45 -0.46
N GLY E 124 29.07 48.06 -0.45
CA GLY E 124 29.82 48.34 -1.67
C GLY E 124 29.23 49.39 -2.59
N HIS E 125 28.39 50.27 -2.04
CA HIS E 125 27.74 51.31 -2.83
C HIS E 125 28.71 52.48 -3.03
N LEU E 126 29.62 52.28 -3.99
CA LEU E 126 30.77 53.18 -4.23
C LEU E 126 30.35 54.60 -4.61
N GLU E 127 29.27 54.74 -5.37
CA GLU E 127 28.76 56.04 -5.80
C GLU E 127 28.19 56.86 -4.64
N ILE E 128 27.48 56.18 -3.74
CA ILE E 128 26.90 56.83 -2.55
C ILE E 128 27.98 57.26 -1.56
N VAL E 129 29.03 56.45 -1.42
CA VAL E 129 30.19 56.80 -0.56
C VAL E 129 30.83 58.13 -0.99
N GLU E 130 30.90 58.35 -2.31
CA GLU E 130 31.39 59.63 -2.86
C GLU E 130 30.48 60.81 -2.52
N VAL E 131 29.15 60.61 -2.59
CA VAL E 131 28.19 61.67 -2.27
C VAL E 131 28.22 62.01 -0.77
N LEU E 132 28.28 60.98 0.08
CA LEU E 132 28.39 61.19 1.53
C LEU E 132 29.67 61.94 1.89
N LEU E 133 30.78 61.58 1.24
CA LEU E 133 32.07 62.27 1.42
C LEU E 133 32.01 63.74 0.98
N LYS E 134 31.31 64.00 -0.12
CA LYS E 134 31.13 65.36 -0.65
C LYS E 134 30.39 66.27 0.36
N TYR E 135 29.33 65.75 0.97
CA TYR E 135 28.57 66.49 2.00
C TYR E 135 29.20 66.51 3.40
N GLY E 136 30.40 65.95 3.54
CA GLY E 136 31.20 66.10 4.76
C GLY E 136 31.10 64.93 5.72
N ALA E 137 31.26 63.73 5.20
CA ALA E 137 31.23 62.51 6.02
C ALA E 137 32.56 62.36 6.76
N ASP E 138 32.49 62.16 8.08
CA ASP E 138 33.67 61.93 8.90
C ASP E 138 34.18 60.50 8.65
N VAL E 139 35.21 60.38 7.82
CA VAL E 139 35.84 59.08 7.51
C VAL E 139 36.39 58.36 8.74
N ASN E 140 36.95 59.12 9.67
CA ASN E 140 37.57 58.56 10.87
C ASN E 140 36.55 58.08 11.93
N ALA E 141 35.27 58.45 11.75
CA ALA E 141 34.19 58.07 12.67
C ALA E 141 34.12 56.55 12.89
N GLN E 142 34.03 56.16 14.15
CA GLN E 142 33.98 54.75 14.55
C GLN E 142 32.59 54.33 15.02
N ASP E 143 32.36 53.03 15.03
CA ASP E 143 31.16 52.43 15.64
C ASP E 143 31.56 51.82 17.00
N LYS E 144 30.59 51.24 17.70
CA LYS E 144 30.83 50.67 19.05
C LYS E 144 31.98 49.65 19.16
N PHE E 145 32.37 49.03 18.05
CA PHE E 145 33.50 48.10 17.99
C PHE E 145 34.82 48.73 17.54
N GLY E 146 34.80 50.03 17.21
CA GLY E 146 36.00 50.78 16.80
C GLY E 146 36.38 50.66 15.34
N LYS E 147 35.38 50.50 14.47
CA LYS E 147 35.60 50.28 13.03
C LYS E 147 35.22 51.51 12.21
N THR E 148 36.15 51.95 11.35
CA THR E 148 35.90 52.99 10.36
C THR E 148 35.36 52.35 9.09
N ALA E 149 34.94 53.17 8.14
CA ALA E 149 34.53 52.70 6.81
C ALA E 149 35.71 52.09 6.03
N PHE E 150 36.92 52.54 6.33
CA PHE E 150 38.15 51.96 5.77
C PHE E 150 38.35 50.52 6.26
N ASP E 151 38.16 50.30 7.57
CA ASP E 151 38.24 48.95 8.15
C ASP E 151 37.22 47.99 7.54
N ILE E 152 36.04 48.51 7.23
CA ILE E 152 35.00 47.77 6.50
C ILE E 152 35.50 47.35 5.10
N SER E 153 36.05 48.31 4.36
CA SER E 153 36.53 48.08 2.99
C SER E 153 37.71 47.10 2.91
N ILE E 154 38.63 47.20 3.87
CA ILE E 154 39.76 46.27 3.95
C ILE E 154 39.27 44.85 4.27
N ASN E 155 38.36 44.73 5.24
CA ASN E 155 37.84 43.43 5.65
C ASN E 155 36.97 42.77 4.56
N ASN E 156 36.17 43.58 3.87
CA ASN E 156 35.38 43.10 2.72
C ASN E 156 36.19 42.87 1.42
N GLY E 157 37.45 43.29 1.40
CA GLY E 157 38.34 43.08 0.26
C GLY E 157 38.00 43.93 -0.95
N ASN E 158 37.31 45.05 -0.73
CA ASN E 158 36.87 45.95 -1.79
C ASN E 158 37.99 46.96 -2.05
N GLU E 159 38.76 46.71 -3.12
CA GLU E 159 39.95 47.53 -3.45
C GLU E 159 39.58 48.93 -3.92
N ASP E 160 38.54 49.03 -4.75
CA ASP E 160 38.04 50.32 -5.26
C ASP E 160 37.61 51.25 -4.12
N LEU E 161 36.88 50.70 -3.15
CA LEU E 161 36.40 51.47 -1.99
C LEU E 161 37.54 51.92 -1.08
N ALA E 162 38.46 51.00 -0.75
CA ALA E 162 39.64 51.31 0.06
C ALA E 162 40.51 52.41 -0.56
N GLU E 163 40.61 52.42 -1.88
CA GLU E 163 41.31 53.46 -2.63
C GLU E 163 40.59 54.82 -2.53
N ILE E 164 39.26 54.82 -2.66
CA ILE E 164 38.45 56.04 -2.54
C ILE E 164 38.60 56.66 -1.15
N LEU E 165 38.54 55.83 -0.11
CA LEU E 165 38.65 56.31 1.28
C LEU E 165 40.05 56.83 1.64
N GLN E 166 41.09 56.31 0.98
CA GLN E 166 42.44 56.87 1.09
C GLN E 166 42.60 58.08 0.17
#